data_1MX5
#
_entry.id   1MX5
#
_cell.length_a   55.400
_cell.length_b   178.800
_cell.length_c   199.600
_cell.angle_alpha   90.00
_cell.angle_beta   90.20
_cell.angle_gamma   90.00
#
_symmetry.space_group_name_H-M   'P 1 21 1'
#
loop_
_entity.id
_entity.type
_entity.pdbx_description
1 polymer 'liver Carboxylesterase I'
2 non-polymer 2-acetamido-2-deoxy-beta-D-glucopyranose
3 non-polymer 'N-acetyl-alpha-neuraminic acid'
4 non-polymer 'CHLORIDE ION'
5 non-polymer HOMOTROPINE
6 water water
#
_entity_poly.entity_id   1
_entity_poly.type   'polypeptide(L)'
_entity_poly.pdbx_seq_one_letter_code
;HPSSPPVVDTVHGKVLGKFVSLEGFAQPVAIFLGIPFAKPPLGPLRFTPPQPAEPWSFVKNATSYPPMCTQDPKAGQLLS
ELFTNRKENIPLKLSEDCLYLNIYTPADLTKKNRLPVMVWIHGGGLMVGAASTYDGLALAAHENVVVVTIQYRLGIWGFF
STGDEHSRGNWGHLDQVAALRWVQDNIASFGGNPGSVTIFGESAGGESVSVLVLSPLAKNLFHRAISESGVALTSVLVKK
GDVKPLAEQIAITAGCKTTTSAVMVHCLRQKTEEELLETTLKMKFLSLDLQGDPRESQPLLGTVIDGMLLLKTPEELQAE
RNFHTVPYMVGINKQEFGWLIPMLMSYPLSEGQLDQKTAMSLLWKSYPLVCIAKELIPEATEKYLGGTDDTVKKKDLFLD
LIADVMFGVPSVIVARNHRDAGAPTYMYEFQYRPSFSSDMKPKTVIGDHGDELFSVFGAPFLKEGASEEEIRLSKMVMKF
WANFARNGNPNGEGLPHWPEYNQKEGYLQIGANTQAAQKLKDKEVAFWTNLFAKKAVEKPPQTEHIEL
;
_entity_poly.pdbx_strand_id   A,B,C,D,E,F
#
# COMPACT_ATOMS: atom_id res chain seq x y z
N SER A 3 34.45 21.64 -73.14
CA SER A 3 35.54 21.05 -72.30
C SER A 3 35.08 20.87 -70.86
N SER A 4 35.97 20.36 -70.02
CA SER A 4 35.67 20.15 -68.60
C SER A 4 35.15 21.46 -68.00
N PRO A 5 33.84 21.53 -67.74
CA PRO A 5 33.13 22.69 -67.18
C PRO A 5 33.76 23.29 -65.93
N PRO A 6 33.76 24.63 -65.84
CA PRO A 6 34.31 25.41 -64.72
C PRO A 6 33.52 25.19 -63.44
N VAL A 7 34.21 24.89 -62.35
CA VAL A 7 33.54 24.69 -61.08
C VAL A 7 34.18 25.57 -60.02
N VAL A 8 33.50 26.67 -59.68
CA VAL A 8 34.01 27.59 -58.69
C VAL A 8 33.39 27.28 -57.34
N ASP A 9 34.19 27.40 -56.29
CA ASP A 9 33.70 27.13 -54.95
C ASP A 9 33.38 28.47 -54.30
N THR A 10 32.15 28.62 -53.83
CA THR A 10 31.73 29.87 -53.19
C THR A 10 31.42 29.57 -51.73
N VAL A 11 31.10 30.62 -50.98
CA VAL A 11 30.79 30.49 -49.56
C VAL A 11 29.61 29.54 -49.30
N HIS A 12 28.56 29.67 -50.10
CA HIS A 12 27.39 28.84 -49.93
C HIS A 12 27.43 27.50 -50.66
N GLY A 13 28.50 27.24 -51.41
CA GLY A 13 28.60 25.98 -52.13
C GLY A 13 29.19 26.09 -53.52
N LYS A 14 29.49 24.94 -54.13
CA LYS A 14 30.08 24.90 -55.47
C LYS A 14 29.08 25.23 -56.58
N VAL A 15 29.55 25.96 -57.59
CA VAL A 15 28.73 26.33 -58.73
C VAL A 15 29.43 25.89 -60.02
N LEU A 16 28.67 25.23 -60.88
CA LEU A 16 29.18 24.74 -62.15
C LEU A 16 28.66 25.66 -63.25
N GLY A 17 29.56 26.16 -64.08
CA GLY A 17 29.17 27.02 -65.18
C GLY A 17 29.58 26.42 -66.50
N LYS A 18 29.89 27.27 -67.48
CA LYS A 18 30.31 26.78 -68.78
C LYS A 18 31.24 27.75 -69.50
N PHE A 19 32.10 27.21 -70.37
CA PHE A 19 33.04 28.01 -71.14
C PHE A 19 32.44 28.43 -72.46
N VAL A 20 32.70 29.67 -72.85
CA VAL A 20 32.21 30.19 -74.12
C VAL A 20 33.32 31.04 -74.70
N SER A 21 33.72 30.72 -75.92
CA SER A 21 34.78 31.47 -76.56
C SER A 21 34.24 32.63 -77.36
N LEU A 22 35.03 33.68 -77.47
CA LEU A 22 34.66 34.85 -78.23
C LEU A 22 35.68 35.01 -79.34
N GLU A 23 35.19 35.16 -80.55
CA GLU A 23 36.01 35.33 -81.73
C GLU A 23 37.17 36.28 -81.42
N GLY A 24 38.40 35.79 -81.53
CA GLY A 24 39.55 36.65 -81.26
C GLY A 24 40.19 36.53 -79.90
N PHE A 25 39.72 35.59 -79.08
CA PHE A 25 40.31 35.42 -77.76
C PHE A 25 40.52 33.94 -77.45
N ALA A 26 41.76 33.57 -77.17
CA ALA A 26 42.12 32.18 -76.87
C ALA A 26 41.42 31.73 -75.58
N GLN A 27 41.74 32.38 -74.48
CA GLN A 27 41.13 32.04 -73.20
C GLN A 27 39.63 32.23 -73.26
N PRO A 28 38.87 31.13 -73.18
CA PRO A 28 37.41 31.23 -73.23
C PRO A 28 36.92 31.87 -71.94
N VAL A 29 35.72 32.46 -72.00
CA VAL A 29 35.15 33.11 -70.83
C VAL A 29 34.28 32.12 -70.06
N ALA A 30 34.46 32.06 -68.75
CA ALA A 30 33.67 31.19 -67.88
C ALA A 30 32.39 31.94 -67.54
N ILE A 31 31.24 31.41 -67.93
CA ILE A 31 29.97 32.07 -67.67
C ILE A 31 29.11 31.31 -66.66
N PHE A 32 28.74 31.97 -65.58
CA PHE A 32 27.89 31.37 -64.56
C PHE A 32 26.54 32.06 -64.56
N LEU A 33 25.48 31.29 -64.79
CA LEU A 33 24.13 31.83 -64.85
C LEU A 33 23.21 31.44 -63.69
N GLY A 34 22.55 32.43 -63.12
CA GLY A 34 21.61 32.19 -62.05
C GLY A 34 22.18 31.82 -60.70
N ILE A 35 23.18 32.56 -60.26
CA ILE A 35 23.75 32.29 -58.95
C ILE A 35 22.91 33.09 -57.95
N PRO A 36 22.30 32.41 -56.98
CA PRO A 36 21.46 33.11 -55.98
C PRO A 36 22.32 33.91 -55.03
N PHE A 37 22.00 35.20 -54.86
CA PHE A 37 22.75 36.04 -53.95
C PHE A 37 21.97 36.33 -52.69
N ALA A 38 20.77 35.75 -52.60
CA ALA A 38 19.90 35.92 -51.45
C ALA A 38 18.76 34.90 -51.43
N LYS A 39 18.14 34.75 -50.27
CA LYS A 39 17.04 33.84 -50.10
C LYS A 39 15.83 34.37 -50.84
N PRO A 40 15.13 33.50 -51.59
CA PRO A 40 13.95 33.95 -52.34
C PRO A 40 13.01 34.77 -51.45
N PRO A 41 12.73 36.03 -51.81
CA PRO A 41 11.84 36.88 -51.00
C PRO A 41 10.37 36.45 -51.08
N LEU A 42 10.11 35.20 -50.72
CA LEU A 42 8.75 34.66 -50.76
C LEU A 42 8.07 34.67 -49.40
N GLY A 43 6.76 34.44 -49.40
CA GLY A 43 6.00 34.42 -48.17
C GLY A 43 6.17 35.63 -47.27
N PRO A 44 6.54 35.43 -46.00
CA PRO A 44 6.72 36.55 -45.07
C PRO A 44 7.93 37.42 -45.38
N LEU A 45 8.74 37.03 -46.36
CA LEU A 45 9.93 37.81 -46.72
C LEU A 45 9.61 38.95 -47.70
N ARG A 46 8.39 38.96 -48.21
CA ARG A 46 7.97 40.01 -49.14
C ARG A 46 7.94 41.31 -48.34
N PHE A 47 8.40 42.39 -48.97
CA PHE A 47 8.43 43.70 -48.32
C PHE A 47 9.37 43.77 -47.12
N THR A 48 10.51 43.08 -47.19
CA THR A 48 11.49 43.10 -46.10
C THR A 48 12.87 43.03 -46.71
N PRO A 49 13.90 43.43 -45.95
CA PRO A 49 15.27 43.40 -46.47
C PRO A 49 15.61 42.00 -46.92
N PRO A 50 16.49 41.87 -47.92
CA PRO A 50 16.86 40.53 -48.42
C PRO A 50 17.71 39.78 -47.40
N GLN A 51 17.55 38.46 -47.38
CA GLN A 51 18.31 37.62 -46.47
C GLN A 51 19.32 36.76 -47.20
N PRO A 52 20.38 36.35 -46.49
CA PRO A 52 21.44 35.51 -47.05
C PRO A 52 20.88 34.24 -47.67
N ALA A 53 21.48 33.80 -48.77
CA ALA A 53 21.02 32.58 -49.42
C ALA A 53 21.47 31.37 -48.59
N GLU A 54 20.60 30.38 -48.46
CA GLU A 54 20.96 29.18 -47.71
C GLU A 54 22.05 28.43 -48.50
N PRO A 55 23.00 27.80 -47.78
CA PRO A 55 24.08 27.06 -48.45
C PRO A 55 23.54 25.76 -49.00
N TRP A 56 24.17 25.25 -50.05
CA TRP A 56 23.73 24.00 -50.67
C TRP A 56 24.84 22.96 -50.69
N SER A 57 24.42 21.71 -50.85
CA SER A 57 25.34 20.58 -50.91
C SER A 57 25.63 20.32 -52.38
N PHE A 58 26.63 19.47 -52.64
CA PHE A 58 26.99 19.12 -54.01
C PHE A 58 27.25 20.34 -54.88
N VAL A 59 27.24 20.12 -56.20
CA VAL A 59 27.50 21.21 -57.12
C VAL A 59 26.25 21.80 -57.77
N LYS A 60 26.11 23.13 -57.66
CA LYS A 60 24.97 23.81 -58.26
C LYS A 60 25.24 24.13 -59.72
N ASN A 61 24.34 23.68 -60.58
CA ASN A 61 24.42 23.89 -62.02
C ASN A 61 24.00 25.33 -62.33
N ALA A 62 24.95 26.25 -62.50
CA ALA A 62 24.58 27.63 -62.82
C ALA A 62 24.60 27.81 -64.33
N THR A 63 23.77 27.04 -65.04
CA THR A 63 23.75 27.07 -66.49
C THR A 63 22.43 27.44 -67.17
N SER A 64 21.45 27.89 -66.40
CA SER A 64 20.17 28.29 -66.98
C SER A 64 19.90 29.73 -66.61
N TYR A 65 19.25 30.48 -67.49
CA TYR A 65 18.94 31.86 -67.19
C TYR A 65 17.90 31.94 -66.09
N PRO A 66 18.10 32.84 -65.11
CA PRO A 66 17.14 32.97 -64.00
C PRO A 66 15.89 33.71 -64.41
N PRO A 67 14.82 33.60 -63.61
CA PRO A 67 13.57 34.28 -63.90
C PRO A 67 13.78 35.78 -63.70
N MET A 68 12.92 36.59 -64.30
CA MET A 68 13.03 38.02 -64.08
C MET A 68 11.92 38.31 -63.06
N CYS A 69 12.20 39.22 -62.13
CA CYS A 69 11.25 39.59 -61.07
C CYS A 69 9.89 39.93 -61.66
N THR A 70 8.82 39.51 -60.99
CA THR A 70 7.47 39.77 -61.46
C THR A 70 7.34 41.17 -62.02
N GLN A 71 6.74 41.28 -63.20
CA GLN A 71 6.55 42.56 -63.87
C GLN A 71 5.63 42.34 -65.06
N ASP A 72 5.27 43.43 -65.73
CA ASP A 72 4.44 43.36 -66.91
C ASP A 72 5.25 42.51 -67.90
N PRO A 73 4.82 41.27 -68.16
CA PRO A 73 5.55 40.40 -69.09
C PRO A 73 5.73 40.96 -70.50
N LYS A 74 4.75 41.75 -70.95
CA LYS A 74 4.83 42.34 -72.29
C LYS A 74 5.82 43.49 -72.30
N ALA A 75 5.64 44.44 -71.38
CA ALA A 75 6.54 45.58 -71.27
C ALA A 75 7.94 45.05 -71.04
N GLY A 76 8.05 44.13 -70.10
CA GLY A 76 9.34 43.54 -69.77
C GLY A 76 10.06 42.99 -70.98
N GLN A 77 9.38 42.13 -71.72
CA GLN A 77 10.00 41.56 -72.91
C GLN A 77 10.32 42.62 -73.97
N LEU A 78 9.38 43.54 -74.18
CA LEU A 78 9.60 44.59 -75.15
C LEU A 78 10.92 45.29 -74.89
N LEU A 79 11.10 45.75 -73.65
CA LEU A 79 12.33 46.44 -73.29
C LEU A 79 13.54 45.54 -73.43
N SER A 80 13.40 44.29 -73.02
CA SER A 80 14.51 43.34 -73.11
C SER A 80 14.99 43.21 -74.57
N GLU A 81 14.04 43.11 -75.50
CA GLU A 81 14.36 42.98 -76.92
C GLU A 81 15.00 44.26 -77.46
N LEU A 82 14.49 45.40 -77.01
CA LEU A 82 15.00 46.70 -77.43
C LEU A 82 16.39 47.03 -76.88
N PHE A 83 16.72 46.46 -75.72
CA PHE A 83 18.01 46.74 -75.06
C PHE A 83 19.08 45.65 -75.11
N THR A 84 18.66 44.41 -75.32
CA THR A 84 19.61 43.30 -75.35
C THR A 84 20.77 43.53 -76.31
N ASN A 85 21.96 43.06 -75.93
CA ASN A 85 23.15 43.22 -76.76
C ASN A 85 23.47 41.93 -77.51
N ARG A 86 22.61 40.93 -77.35
CA ARG A 86 22.79 39.66 -78.05
C ARG A 86 21.84 39.59 -79.24
N LYS A 87 22.20 38.81 -80.26
CA LYS A 87 21.39 38.70 -81.48
C LYS A 87 20.03 38.04 -81.32
N GLU A 88 19.92 37.21 -80.29
CA GLU A 88 18.69 36.48 -80.02
C GLU A 88 18.20 36.86 -78.62
N ASN A 89 17.13 37.64 -78.53
CA ASN A 89 16.66 38.00 -77.20
C ASN A 89 16.17 36.75 -76.49
N ILE A 90 16.63 36.57 -75.26
CA ILE A 90 16.25 35.42 -74.45
C ILE A 90 14.89 35.67 -73.82
N PRO A 91 13.92 34.77 -74.07
CA PRO A 91 12.60 34.99 -73.46
C PRO A 91 12.71 34.59 -71.98
N LEU A 92 12.22 35.43 -71.09
CA LEU A 92 12.33 35.12 -69.67
C LEU A 92 11.01 34.78 -68.99
N LYS A 93 11.13 34.03 -67.89
CA LYS A 93 10.01 33.60 -67.08
C LYS A 93 9.87 34.55 -65.89
N LEU A 94 8.64 34.79 -65.44
CA LEU A 94 8.40 35.68 -64.30
C LEU A 94 8.41 34.93 -62.98
N SER A 95 8.93 35.55 -61.94
CA SER A 95 8.96 34.93 -60.62
C SER A 95 9.44 35.87 -59.52
N GLU A 96 8.89 35.67 -58.32
CA GLU A 96 9.28 36.46 -57.16
C GLU A 96 10.65 35.97 -56.71
N ASP A 97 10.98 34.74 -57.10
CA ASP A 97 12.27 34.14 -56.80
C ASP A 97 13.15 34.57 -57.98
N CYS A 98 13.69 35.78 -57.86
CA CYS A 98 14.51 36.36 -58.90
C CYS A 98 15.79 36.99 -58.39
N LEU A 99 16.10 36.83 -57.11
CA LEU A 99 17.33 37.45 -56.61
C LEU A 99 18.59 36.69 -57.00
N TYR A 100 18.90 36.75 -58.29
CA TYR A 100 20.09 36.09 -58.83
C TYR A 100 20.98 37.09 -59.53
N LEU A 101 22.13 36.60 -59.97
CA LEU A 101 23.10 37.42 -60.68
C LEU A 101 23.86 36.51 -61.63
N ASN A 102 24.32 37.07 -62.73
CA ASN A 102 25.07 36.30 -63.72
C ASN A 102 26.50 36.81 -63.75
N ILE A 103 27.45 35.88 -63.84
CA ILE A 103 28.86 36.26 -63.88
C ILE A 103 29.52 35.84 -65.19
N TYR A 104 30.44 36.68 -65.64
CA TYR A 104 31.21 36.45 -66.86
C TYR A 104 32.65 36.78 -66.48
N THR A 105 33.48 35.76 -66.33
CA THR A 105 34.86 35.98 -65.95
C THR A 105 35.83 35.53 -67.04
N PRO A 106 36.64 36.46 -67.56
CA PRO A 106 37.62 36.17 -68.61
C PRO A 106 38.91 35.58 -68.03
N ALA A 107 38.97 35.52 -66.71
CA ALA A 107 40.14 35.01 -66.02
C ALA A 107 40.27 33.49 -66.07
N ASP A 108 41.52 33.03 -65.99
CA ASP A 108 41.82 31.60 -66.00
C ASP A 108 41.71 31.13 -64.55
N LEU A 109 40.55 30.57 -64.21
CA LEU A 109 40.26 30.10 -62.86
C LEU A 109 41.18 29.05 -62.28
N THR A 110 42.15 28.58 -63.07
CA THR A 110 43.11 27.58 -62.60
C THR A 110 44.25 28.26 -61.88
N LYS A 111 44.30 29.58 -61.98
CA LYS A 111 45.31 30.39 -61.34
C LYS A 111 44.56 31.49 -60.63
N LYS A 112 45.20 32.20 -59.71
CA LYS A 112 44.50 33.26 -59.00
C LYS A 112 44.67 34.60 -59.69
N ASN A 113 43.54 35.25 -59.94
CA ASN A 113 43.50 36.52 -60.61
C ASN A 113 42.69 37.53 -59.81
N ARG A 114 43.01 38.80 -60.01
CA ARG A 114 42.30 39.90 -59.36
C ARG A 114 41.95 40.89 -60.47
N LEU A 115 41.02 40.49 -61.33
CA LEU A 115 40.61 41.36 -62.42
C LEU A 115 39.61 42.37 -61.87
N PRO A 116 39.55 43.57 -62.48
CA PRO A 116 38.59 44.54 -61.97
C PRO A 116 37.15 44.06 -62.21
N VAL A 117 36.27 44.30 -61.24
CA VAL A 117 34.88 43.87 -61.36
C VAL A 117 33.92 45.01 -61.69
N MET A 118 33.00 44.73 -62.61
CA MET A 118 31.99 45.70 -63.01
C MET A 118 30.63 45.06 -62.77
N VAL A 119 29.85 45.67 -61.90
CA VAL A 119 28.53 45.16 -61.55
C VAL A 119 27.48 46.02 -62.24
N TRP A 120 26.73 45.40 -63.14
CA TRP A 120 25.70 46.11 -63.90
C TRP A 120 24.31 46.04 -63.31
N ILE A 121 23.68 47.20 -63.17
CA ILE A 121 22.34 47.28 -62.63
C ILE A 121 21.42 47.73 -63.76
N HIS A 122 20.61 46.82 -64.26
CA HIS A 122 19.72 47.14 -65.37
C HIS A 122 18.69 48.22 -65.06
N GLY A 123 18.24 48.90 -66.11
CA GLY A 123 17.24 49.93 -65.97
C GLY A 123 15.88 49.31 -66.21
N GLY A 124 14.84 50.13 -66.30
CA GLY A 124 13.50 49.60 -66.50
C GLY A 124 12.49 50.34 -65.65
N GLY A 125 12.86 51.56 -65.23
CA GLY A 125 11.99 52.38 -64.42
C GLY A 125 11.65 51.77 -63.07
N LEU A 126 12.45 50.80 -62.66
CA LEU A 126 12.24 50.12 -61.39
C LEU A 126 10.93 49.33 -61.44
N MET A 127 10.39 49.15 -62.63
CA MET A 127 9.15 48.42 -62.80
C MET A 127 9.38 47.14 -63.59
N VAL A 128 10.32 47.17 -64.53
CA VAL A 128 10.61 46.00 -65.36
C VAL A 128 12.10 45.84 -65.63
N GLY A 129 12.46 44.83 -66.42
CA GLY A 129 13.86 44.61 -66.75
C GLY A 129 14.44 43.35 -66.14
N ALA A 130 15.68 43.04 -66.52
CA ALA A 130 16.35 41.83 -66.02
C ALA A 130 17.85 41.86 -66.30
N ALA A 131 18.59 41.02 -65.60
CA ALA A 131 20.03 40.96 -65.81
C ALA A 131 20.35 40.18 -67.08
N SER A 132 19.59 39.12 -67.33
CA SER A 132 19.84 38.30 -68.50
C SER A 132 19.78 39.03 -69.84
N THR A 133 19.12 40.18 -69.87
CA THR A 133 19.02 40.96 -71.10
C THR A 133 20.41 41.38 -71.55
N TYR A 134 21.33 41.51 -70.60
CA TYR A 134 22.68 41.94 -70.89
C TYR A 134 23.71 40.82 -70.83
N ASP A 135 24.34 40.57 -71.97
CA ASP A 135 25.37 39.54 -72.09
C ASP A 135 26.72 40.21 -71.85
N GLY A 136 27.47 39.73 -70.87
CA GLY A 136 28.76 40.32 -70.55
C GLY A 136 30.00 39.70 -71.20
N LEU A 137 29.77 38.71 -72.06
CA LEU A 137 30.85 38.01 -72.74
C LEU A 137 31.84 38.94 -73.47
N ALA A 138 31.32 39.79 -74.34
CA ALA A 138 32.16 40.69 -75.10
C ALA A 138 33.02 41.60 -74.22
N LEU A 139 32.38 42.31 -73.30
CA LEU A 139 33.10 43.23 -72.40
C LEU A 139 34.16 42.54 -71.55
N ALA A 140 33.85 41.32 -71.09
CA ALA A 140 34.78 40.57 -70.25
C ALA A 140 36.05 40.19 -71.01
N ALA A 141 35.88 39.59 -72.18
CA ALA A 141 37.00 39.15 -73.01
C ALA A 141 37.83 40.33 -73.52
N HIS A 142 37.15 41.26 -74.17
CA HIS A 142 37.80 42.44 -74.72
C HIS A 142 38.61 43.25 -73.72
N GLU A 143 37.99 43.60 -72.59
CA GLU A 143 38.69 44.40 -71.60
C GLU A 143 39.25 43.65 -70.41
N ASN A 144 39.19 42.32 -70.49
CA ASN A 144 39.69 41.45 -69.43
C ASN A 144 39.20 41.88 -68.05
N VAL A 145 37.89 41.93 -67.89
CA VAL A 145 37.27 42.31 -66.62
C VAL A 145 36.13 41.36 -66.26
N VAL A 146 35.89 41.18 -64.98
CA VAL A 146 34.79 40.32 -64.54
C VAL A 146 33.50 41.14 -64.56
N VAL A 147 32.53 40.72 -65.39
CA VAL A 147 31.25 41.41 -65.47
C VAL A 147 30.19 40.63 -64.70
N VAL A 148 29.44 41.35 -63.88
CA VAL A 148 28.37 40.75 -63.08
C VAL A 148 27.09 41.53 -63.30
N THR A 149 26.07 40.88 -63.87
CA THR A 149 24.78 41.55 -64.07
C THR A 149 23.91 41.02 -62.94
N ILE A 150 23.26 41.92 -62.21
CA ILE A 150 22.44 41.52 -61.07
C ILE A 150 20.97 41.88 -61.23
N GLN A 151 20.13 41.20 -60.47
CA GLN A 151 18.70 41.48 -60.50
C GLN A 151 18.24 41.89 -59.12
N TYR A 152 17.16 42.66 -59.08
CA TYR A 152 16.59 43.17 -57.84
C TYR A 152 15.08 43.31 -58.00
N ARG A 153 14.36 43.18 -56.88
CA ARG A 153 12.91 43.30 -56.89
C ARG A 153 12.46 44.61 -57.51
N LEU A 154 11.37 44.52 -58.26
CA LEU A 154 10.83 45.68 -58.96
C LEU A 154 9.39 45.96 -58.57
N GLY A 155 8.90 47.13 -58.96
CA GLY A 155 7.54 47.52 -58.69
C GLY A 155 7.08 47.27 -57.27
N ILE A 156 5.84 46.80 -57.14
CA ILE A 156 5.26 46.53 -55.84
C ILE A 156 6.17 45.72 -54.93
N TRP A 157 6.77 44.65 -55.46
CA TRP A 157 7.66 43.81 -54.66
C TRP A 157 8.91 44.49 -54.13
N GLY A 158 9.50 45.37 -54.93
CA GLY A 158 10.72 46.02 -54.48
C GLY A 158 10.65 47.46 -53.98
N PHE A 159 9.50 48.10 -54.08
CA PHE A 159 9.42 49.50 -53.63
C PHE A 159 8.18 49.91 -52.87
N PHE A 160 7.30 48.96 -52.57
CA PHE A 160 6.10 49.30 -51.84
C PHE A 160 6.53 49.88 -50.51
N SER A 161 5.99 51.04 -50.19
CA SER A 161 6.32 51.73 -48.95
C SER A 161 5.07 52.27 -48.28
N THR A 162 5.08 52.28 -46.95
CA THR A 162 3.96 52.81 -46.18
C THR A 162 4.38 54.13 -45.56
N GLY A 163 5.65 54.49 -45.75
CA GLY A 163 6.14 55.73 -45.19
C GLY A 163 6.64 55.52 -43.77
N ASP A 164 6.41 54.32 -43.24
CA ASP A 164 6.85 54.00 -41.87
C ASP A 164 7.61 52.67 -41.75
N GLU A 165 7.93 52.29 -40.51
CA GLU A 165 8.69 51.08 -40.23
C GLU A 165 8.00 49.76 -40.58
N HIS A 166 6.70 49.82 -40.83
CA HIS A 166 5.99 48.60 -41.18
C HIS A 166 6.31 48.15 -42.60
N SER A 167 6.88 49.07 -43.38
CA SER A 167 7.28 48.80 -44.77
C SER A 167 8.00 50.03 -45.35
N ARG A 168 9.20 50.29 -44.85
CA ARG A 168 9.98 51.44 -45.28
C ARG A 168 10.04 51.67 -46.78
N GLY A 169 10.35 50.62 -47.54
CA GLY A 169 10.43 50.73 -48.98
C GLY A 169 11.86 50.46 -49.45
N ASN A 170 12.14 50.72 -50.72
CA ASN A 170 13.47 50.53 -51.28
C ASN A 170 13.99 49.09 -51.24
N TRP A 171 13.09 48.12 -51.17
CA TRP A 171 13.52 46.72 -51.11
C TRP A 171 14.48 46.38 -52.25
N GLY A 172 14.16 46.86 -53.45
CA GLY A 172 15.01 46.60 -54.60
C GLY A 172 16.42 47.14 -54.39
N HIS A 173 16.51 48.32 -53.80
CA HIS A 173 17.81 48.91 -53.53
C HIS A 173 18.58 48.06 -52.54
N LEU A 174 17.89 47.54 -51.53
CA LEU A 174 18.58 46.69 -50.56
C LEU A 174 19.06 45.42 -51.29
N ASP A 175 18.29 44.97 -52.27
CA ASP A 175 18.68 43.79 -53.03
C ASP A 175 20.01 44.09 -53.71
N GLN A 176 20.12 45.30 -54.24
CA GLN A 176 21.34 45.73 -54.92
C GLN A 176 22.53 45.74 -53.97
N VAL A 177 22.35 46.27 -52.77
CA VAL A 177 23.45 46.30 -51.79
C VAL A 177 23.85 44.88 -51.38
N ALA A 178 22.86 44.00 -51.24
CA ALA A 178 23.10 42.62 -50.86
C ALA A 178 23.93 41.93 -51.93
N ALA A 179 23.64 42.24 -53.19
CA ALA A 179 24.37 41.66 -54.32
C ALA A 179 25.82 42.18 -54.29
N LEU A 180 26.01 43.41 -53.83
CA LEU A 180 27.35 43.98 -53.73
C LEU A 180 28.16 43.33 -52.61
N ARG A 181 27.50 42.92 -51.53
CA ARG A 181 28.19 42.25 -50.43
C ARG A 181 28.59 40.87 -50.88
N TRP A 182 27.73 40.22 -51.64
CA TRP A 182 28.00 38.90 -52.15
C TRP A 182 29.25 38.97 -53.02
N VAL A 183 29.34 40.02 -53.82
CA VAL A 183 30.50 40.19 -54.68
C VAL A 183 31.74 40.36 -53.81
N GLN A 184 31.60 41.07 -52.70
CA GLN A 184 32.73 41.28 -51.78
C GLN A 184 33.24 39.96 -51.23
N ASP A 185 32.29 39.09 -50.90
CA ASP A 185 32.60 37.79 -50.30
C ASP A 185 32.90 36.64 -51.26
N ASN A 186 32.50 36.76 -52.51
CA ASN A 186 32.71 35.65 -53.45
C ASN A 186 33.44 35.96 -54.76
N ILE A 187 33.49 37.22 -55.16
CA ILE A 187 34.11 37.51 -56.44
C ILE A 187 35.55 37.03 -56.61
N ALA A 188 36.33 36.96 -55.54
CA ALA A 188 37.69 36.49 -55.68
C ALA A 188 37.71 35.09 -56.28
N SER A 189 36.76 34.25 -55.89
CA SER A 189 36.70 32.89 -56.41
C SER A 189 36.55 32.84 -57.92
N PHE A 190 35.98 33.90 -58.50
CA PHE A 190 35.81 33.95 -59.94
C PHE A 190 36.91 34.77 -60.59
N GLY A 191 38.03 34.92 -59.87
CA GLY A 191 39.16 35.67 -60.39
C GLY A 191 38.98 37.16 -60.41
N GLY A 192 38.11 37.67 -59.55
CA GLY A 192 37.88 39.09 -59.50
C GLY A 192 38.50 39.69 -58.25
N ASN A 193 38.80 40.98 -58.31
CA ASN A 193 39.40 41.68 -57.19
C ASN A 193 38.34 42.46 -56.43
N PRO A 194 37.91 41.93 -55.27
CA PRO A 194 36.90 42.59 -54.44
C PRO A 194 37.33 44.01 -54.09
N GLY A 195 38.64 44.25 -54.22
CA GLY A 195 39.19 45.55 -53.92
C GLY A 195 38.90 46.59 -54.99
N SER A 196 38.42 46.16 -56.15
CA SER A 196 38.11 47.08 -57.22
C SER A 196 36.76 46.78 -57.87
N VAL A 197 35.69 47.10 -57.17
CA VAL A 197 34.36 46.86 -57.68
C VAL A 197 33.79 48.17 -58.19
N THR A 198 33.33 48.16 -59.44
CA THR A 198 32.74 49.33 -60.07
C THR A 198 31.26 49.08 -60.32
N ILE A 199 30.40 49.95 -59.83
CA ILE A 199 28.98 49.78 -60.07
C ILE A 199 28.59 50.71 -61.22
N PHE A 200 27.82 50.17 -62.17
CA PHE A 200 27.35 50.99 -63.29
C PHE A 200 25.98 50.52 -63.76
N GLY A 201 25.15 51.50 -64.16
CA GLY A 201 23.82 51.19 -64.62
C GLY A 201 23.26 52.25 -65.55
N GLU A 202 22.17 51.90 -66.22
CA GLU A 202 21.53 52.79 -67.17
C GLU A 202 20.09 53.06 -66.71
N SER A 203 19.66 54.32 -66.86
CA SER A 203 18.31 54.73 -66.50
C SER A 203 18.02 54.52 -65.00
N ALA A 204 17.06 53.64 -64.68
CA ALA A 204 16.74 53.37 -63.28
C ALA A 204 18.00 52.74 -62.66
N GLY A 205 18.79 52.09 -63.50
CA GLY A 205 20.02 51.48 -63.04
C GLY A 205 21.01 52.59 -62.75
N GLY A 206 20.99 53.63 -63.58
CA GLY A 206 21.89 54.74 -63.35
C GLY A 206 21.50 55.40 -62.04
N GLU A 207 20.19 55.57 -61.86
CA GLU A 207 19.64 56.18 -60.66
C GLU A 207 19.98 55.34 -59.42
N SER A 208 20.00 54.02 -59.58
CA SER A 208 20.34 53.13 -58.46
C SER A 208 21.79 53.39 -58.08
N VAL A 209 22.66 53.50 -59.09
CA VAL A 209 24.07 53.75 -58.86
C VAL A 209 24.22 55.07 -58.12
N SER A 210 23.52 56.09 -58.63
CA SER A 210 23.54 57.41 -58.04
C SER A 210 23.12 57.35 -56.57
N VAL A 211 22.16 56.48 -56.27
CA VAL A 211 21.66 56.32 -54.92
C VAL A 211 22.64 55.61 -53.98
N LEU A 212 23.25 54.52 -54.45
CA LEU A 212 24.20 53.80 -53.62
C LEU A 212 25.36 54.73 -53.25
N VAL A 213 25.76 55.56 -54.21
CA VAL A 213 26.83 56.52 -54.00
C VAL A 213 26.49 57.44 -52.81
N LEU A 214 25.20 57.63 -52.57
CA LEU A 214 24.73 58.50 -51.48
C LEU A 214 24.30 57.72 -50.24
N SER A 215 24.37 56.41 -50.29
CA SER A 215 23.94 55.61 -49.15
C SER A 215 25.06 55.00 -48.32
N PRO A 216 24.95 55.16 -46.99
CA PRO A 216 25.94 54.63 -46.05
C PRO A 216 25.97 53.11 -46.10
N LEU A 217 24.83 52.50 -46.39
CA LEU A 217 24.74 51.05 -46.47
C LEU A 217 25.63 50.48 -47.56
N ALA A 218 25.83 51.26 -48.62
CA ALA A 218 26.65 50.83 -49.74
C ALA A 218 28.14 51.13 -49.55
N LYS A 219 28.45 51.92 -48.53
CA LYS A 219 29.84 52.30 -48.25
C LYS A 219 30.82 51.12 -48.24
N ASN A 220 31.96 51.30 -48.91
CA ASN A 220 33.01 50.28 -49.00
C ASN A 220 32.64 49.04 -49.81
N LEU A 221 31.48 49.08 -50.46
CA LEU A 221 31.04 47.97 -51.29
C LEU A 221 31.43 48.20 -52.74
N PHE A 222 31.81 49.44 -53.06
CA PHE A 222 32.25 49.77 -54.41
C PHE A 222 33.32 50.85 -54.33
N HIS A 223 34.10 50.97 -55.40
CA HIS A 223 35.20 51.93 -55.46
C HIS A 223 35.11 52.93 -56.60
N ARG A 224 34.16 52.71 -57.52
CA ARG A 224 33.96 53.60 -58.66
C ARG A 224 32.54 53.41 -59.18
N ALA A 225 31.93 54.48 -59.66
CA ALA A 225 30.56 54.38 -60.15
C ALA A 225 30.29 55.05 -61.50
N ILE A 226 29.32 54.52 -62.24
CA ILE A 226 28.95 55.07 -63.54
C ILE A 226 27.43 55.09 -63.72
N SER A 227 26.89 56.29 -63.95
CA SER A 227 25.46 56.44 -64.18
C SER A 227 25.21 56.83 -65.64
N GLU A 228 24.48 55.97 -66.34
CA GLU A 228 24.16 56.21 -67.74
C GLU A 228 22.71 56.60 -67.85
N SER A 229 22.48 57.82 -68.33
CA SER A 229 21.12 58.34 -68.51
C SER A 229 20.24 58.07 -67.28
N GLY A 230 20.62 58.62 -66.13
CA GLY A 230 19.84 58.43 -64.91
C GLY A 230 20.58 58.71 -63.59
N VAL A 231 20.02 59.58 -62.76
CA VAL A 231 20.62 59.93 -61.47
C VAL A 231 19.58 60.15 -60.38
N ALA A 232 20.06 60.34 -59.15
CA ALA A 232 19.19 60.55 -57.99
C ALA A 232 18.29 61.79 -58.08
N LEU A 233 18.69 62.78 -58.87
CA LEU A 233 17.88 63.99 -59.02
C LEU A 233 16.86 63.86 -60.17
N THR A 234 16.81 62.69 -60.80
CA THR A 234 15.86 62.43 -61.88
C THR A 234 14.55 62.16 -61.13
N SER A 235 13.95 63.25 -60.64
CA SER A 235 12.72 63.23 -59.84
C SER A 235 11.69 62.11 -60.01
N VAL A 236 11.34 61.76 -61.25
CA VAL A 236 10.34 60.73 -61.48
C VAL A 236 10.60 59.40 -60.73
N LEU A 237 11.86 59.10 -60.46
CA LEU A 237 12.20 57.86 -59.76
C LEU A 237 12.30 57.98 -58.25
N VAL A 238 12.31 59.21 -57.73
CA VAL A 238 12.40 59.41 -56.28
C VAL A 238 11.12 60.03 -55.75
N LYS A 239 10.54 59.39 -54.75
CA LYS A 239 9.30 59.84 -54.14
C LYS A 239 9.53 60.76 -52.96
N LYS A 240 9.30 62.06 -53.19
CA LYS A 240 9.45 63.04 -52.12
C LYS A 240 8.08 63.30 -51.50
N GLY A 241 8.06 63.56 -50.20
CA GLY A 241 6.79 63.83 -49.54
C GLY A 241 6.12 62.58 -49.00
N ASP A 242 4.92 62.75 -48.44
CA ASP A 242 4.17 61.64 -47.88
C ASP A 242 3.81 60.61 -48.94
N VAL A 243 4.25 59.38 -48.72
CA VAL A 243 3.99 58.30 -49.67
C VAL A 243 2.80 57.44 -49.26
N LYS A 244 2.16 57.82 -48.16
CA LYS A 244 1.01 57.06 -47.65
C LYS A 244 -0.12 56.89 -48.67
N PRO A 245 -0.47 57.94 -49.41
CA PRO A 245 -1.56 57.86 -50.39
C PRO A 245 -1.33 56.77 -51.45
N LEU A 246 -0.13 56.71 -52.00
CA LEU A 246 0.17 55.71 -53.01
C LEU A 246 -0.04 54.32 -52.42
N ALA A 247 0.51 54.10 -51.23
CA ALA A 247 0.40 52.82 -50.55
C ALA A 247 -1.05 52.38 -50.44
N GLU A 248 -1.91 53.28 -49.97
CA GLU A 248 -3.32 52.98 -49.81
C GLU A 248 -3.99 52.64 -51.13
N GLN A 249 -3.70 53.44 -52.15
CA GLN A 249 -4.28 53.19 -53.47
C GLN A 249 -3.92 51.77 -53.93
N ILE A 250 -2.66 51.38 -53.72
CA ILE A 250 -2.23 50.04 -54.10
C ILE A 250 -3.02 48.98 -53.32
N ALA A 251 -3.10 49.18 -52.01
CA ALA A 251 -3.81 48.23 -51.14
C ALA A 251 -5.27 48.10 -51.56
N ILE A 252 -5.91 49.24 -51.81
CA ILE A 252 -7.32 49.23 -52.21
C ILE A 252 -7.52 48.50 -53.53
N THR A 253 -6.66 48.79 -54.51
CA THR A 253 -6.74 48.14 -55.81
C THR A 253 -6.54 46.64 -55.68
N ALA A 254 -5.80 46.23 -54.66
CA ALA A 254 -5.53 44.82 -54.42
C ALA A 254 -6.62 44.16 -53.56
N GLY A 255 -7.58 44.97 -53.11
CA GLY A 255 -8.66 44.45 -52.29
C GLY A 255 -8.28 44.28 -50.83
N CYS A 256 -7.54 45.26 -50.31
CA CYS A 256 -7.09 45.24 -48.93
C CYS A 256 -7.57 46.47 -48.18
N LYS A 257 -7.90 46.31 -46.90
CA LYS A 257 -8.31 47.45 -46.11
C LYS A 257 -7.07 48.31 -45.85
N THR A 258 -7.29 49.54 -45.42
CA THR A 258 -6.20 50.45 -45.13
C THR A 258 -6.29 50.93 -43.68
N THR A 259 -6.98 50.15 -42.85
CA THR A 259 -7.17 50.49 -41.44
C THR A 259 -5.90 51.05 -40.81
N THR A 260 -4.78 50.38 -41.05
CA THR A 260 -3.50 50.83 -40.52
C THR A 260 -2.42 50.32 -41.46
N SER A 261 -1.19 50.77 -41.24
CA SER A 261 -0.06 50.35 -42.07
C SER A 261 0.17 48.85 -41.97
N ALA A 262 0.33 48.35 -40.76
CA ALA A 262 0.57 46.93 -40.54
C ALA A 262 -0.53 46.08 -41.16
N VAL A 263 -1.77 46.55 -41.07
CA VAL A 263 -2.89 45.80 -41.64
C VAL A 263 -2.78 45.75 -43.16
N MET A 264 -2.35 46.85 -43.77
CA MET A 264 -2.18 46.91 -45.23
C MET A 264 -1.12 45.93 -45.70
N VAL A 265 0.05 45.99 -45.07
CA VAL A 265 1.18 45.13 -45.41
C VAL A 265 0.86 43.66 -45.16
N HIS A 266 0.18 43.38 -44.06
CA HIS A 266 -0.17 42.00 -43.76
C HIS A 266 -1.06 41.43 -44.86
N CYS A 267 -2.00 42.23 -45.33
CA CYS A 267 -2.91 41.79 -46.38
C CYS A 267 -2.21 41.62 -47.72
N LEU A 268 -1.32 42.55 -48.06
CA LEU A 268 -0.61 42.46 -49.33
C LEU A 268 0.34 41.26 -49.35
N ARG A 269 0.76 40.80 -48.18
CA ARG A 269 1.66 39.64 -48.09
C ARG A 269 0.88 38.36 -48.32
N GLN A 270 -0.38 38.37 -47.95
CA GLN A 270 -1.23 37.20 -48.11
C GLN A 270 -1.59 37.03 -49.57
N LYS A 271 -1.62 38.13 -50.31
CA LYS A 271 -1.95 38.09 -51.73
C LYS A 271 -0.93 37.27 -52.52
N THR A 272 -1.41 36.60 -53.57
CA THR A 272 -0.54 35.79 -54.40
C THR A 272 0.18 36.69 -55.38
N GLU A 273 1.16 36.12 -56.07
CA GLU A 273 1.95 36.85 -57.06
C GLU A 273 1.02 37.31 -58.19
N GLU A 274 0.22 36.38 -58.69
CA GLU A 274 -0.71 36.68 -59.78
C GLU A 274 -1.63 37.83 -59.41
N GLU A 275 -1.98 37.90 -58.13
CA GLU A 275 -2.85 38.96 -57.66
C GLU A 275 -2.14 40.30 -57.66
N LEU A 276 -0.90 40.33 -57.17
CA LEU A 276 -0.15 41.57 -57.13
C LEU A 276 0.24 42.00 -58.53
N LEU A 277 0.29 41.04 -59.47
CA LEU A 277 0.62 41.35 -60.85
C LEU A 277 -0.59 42.01 -61.50
N GLU A 278 -1.77 41.44 -61.25
CA GLU A 278 -3.00 41.98 -61.80
C GLU A 278 -3.19 43.40 -61.27
N THR A 279 -2.83 43.61 -60.02
CA THR A 279 -2.94 44.93 -59.42
C THR A 279 -1.98 45.85 -60.15
N THR A 280 -0.78 45.34 -60.45
CA THR A 280 0.22 46.12 -61.15
C THR A 280 -0.35 46.55 -62.49
N LEU A 281 -0.95 45.62 -63.21
CA LEU A 281 -1.52 45.92 -64.51
C LEU A 281 -2.66 46.92 -64.47
N LYS A 282 -3.45 46.89 -63.40
CA LYS A 282 -4.56 47.83 -63.26
C LYS A 282 -4.05 49.25 -63.03
N MET A 283 -2.92 49.37 -62.33
CA MET A 283 -2.32 50.68 -62.03
C MET A 283 -1.76 51.38 -63.28
N LYS A 284 -1.60 50.63 -64.37
CA LYS A 284 -1.07 51.18 -65.62
C LYS A 284 0.18 52.01 -65.39
N PHE A 285 1.17 51.44 -64.72
CA PHE A 285 2.43 52.14 -64.49
C PHE A 285 3.19 52.28 -65.81
N LEU A 286 4.15 53.20 -65.85
CA LEU A 286 4.96 53.41 -67.05
C LEU A 286 4.12 53.82 -68.26
N SER A 287 2.92 54.32 -68.00
CA SER A 287 2.04 54.72 -69.08
C SER A 287 1.51 56.12 -68.82
N LEU A 288 1.77 57.03 -69.75
CA LEU A 288 1.32 58.42 -69.61
C LEU A 288 -0.19 58.52 -69.41
N ASP A 289 -0.60 58.99 -68.24
CA ASP A 289 -2.00 59.15 -67.90
C ASP A 289 -2.52 60.49 -68.42
N LEU A 290 -3.36 60.44 -69.46
CA LEU A 290 -3.92 61.64 -70.06
C LEU A 290 -5.27 61.99 -69.46
N GLN A 291 -6.04 60.95 -69.13
CA GLN A 291 -7.35 61.13 -68.56
C GLN A 291 -7.23 61.14 -67.03
N GLY A 292 -7.22 62.35 -66.44
CA GLY A 292 -7.07 62.48 -65.01
C GLY A 292 -6.07 63.55 -64.65
N ASP A 293 -6.16 64.10 -63.44
CA ASP A 293 -5.24 65.16 -62.99
C ASP A 293 -3.78 64.69 -63.05
N PRO A 294 -2.92 65.47 -63.73
CA PRO A 294 -1.49 65.19 -63.90
C PRO A 294 -0.73 65.05 -62.58
N ARG A 295 -1.08 65.86 -61.60
CA ARG A 295 -0.41 65.83 -60.31
C ARG A 295 -0.66 64.56 -59.50
N GLU A 296 -1.76 63.87 -59.79
CA GLU A 296 -2.07 62.64 -59.06
C GLU A 296 -1.54 61.39 -59.77
N SER A 297 -1.27 61.51 -61.07
CA SER A 297 -0.76 60.39 -61.84
C SER A 297 0.48 59.79 -61.18
N GLN A 298 0.48 58.46 -61.04
CA GLN A 298 1.61 57.77 -60.43
C GLN A 298 2.31 56.92 -61.48
N PRO A 299 3.42 57.43 -62.04
CA PRO A 299 4.20 56.75 -63.08
C PRO A 299 4.79 55.41 -62.63
N LEU A 300 5.21 55.36 -61.38
CA LEU A 300 5.82 54.14 -60.85
C LEU A 300 6.03 54.22 -59.34
N LEU A 301 6.50 53.11 -58.78
CA LEU A 301 6.79 53.04 -57.36
C LEU A 301 8.30 53.15 -57.36
N GLY A 302 8.86 54.10 -56.64
CA GLY A 302 10.30 54.23 -56.65
C GLY A 302 11.05 54.43 -55.35
N THR A 303 12.24 54.98 -55.47
CA THR A 303 13.10 55.26 -54.33
C THR A 303 12.44 56.24 -53.36
N VAL A 304 12.44 55.90 -52.08
CA VAL A 304 11.86 56.75 -51.05
C VAL A 304 12.95 57.09 -50.06
N ILE A 305 12.66 58.00 -49.14
CA ILE A 305 13.62 58.37 -48.10
C ILE A 305 13.25 57.52 -46.90
N ASP A 306 13.75 56.30 -46.87
CA ASP A 306 13.42 55.36 -45.81
C ASP A 306 14.11 55.50 -44.46
N GLY A 307 15.20 56.28 -44.40
CA GLY A 307 15.88 56.43 -43.14
C GLY A 307 16.81 55.28 -42.84
N MET A 308 17.01 54.42 -43.82
CA MET A 308 17.93 53.28 -43.67
C MET A 308 18.96 53.41 -44.78
N LEU A 309 18.48 53.35 -46.02
CA LEU A 309 19.31 53.48 -47.21
C LEU A 309 19.60 54.96 -47.44
N LEU A 310 18.54 55.74 -47.54
CA LEU A 310 18.66 57.16 -47.74
C LEU A 310 18.13 57.84 -46.49
N LEU A 311 19.01 58.53 -45.77
CA LEU A 311 18.66 59.21 -44.55
C LEU A 311 17.89 60.50 -44.82
N LYS A 312 18.09 61.05 -46.01
CA LYS A 312 17.39 62.26 -46.40
C LYS A 312 17.41 62.37 -47.92
N THR A 313 16.81 63.42 -48.46
CA THR A 313 16.76 63.59 -49.90
C THR A 313 18.12 63.73 -50.56
N PRO A 314 18.24 63.28 -51.83
CA PRO A 314 19.47 63.35 -52.62
C PRO A 314 20.02 64.76 -52.68
N GLU A 315 19.14 65.73 -52.87
CA GLU A 315 19.51 67.14 -52.94
C GLU A 315 20.24 67.52 -51.66
N GLU A 316 19.74 67.07 -50.52
CA GLU A 316 20.36 67.37 -49.24
C GLU A 316 21.62 66.53 -49.03
N LEU A 317 21.55 65.26 -49.39
CA LEU A 317 22.68 64.36 -49.22
C LEU A 317 23.93 64.81 -49.96
N GLN A 318 23.77 65.16 -51.24
CA GLN A 318 24.90 65.60 -52.05
C GLN A 318 25.42 66.96 -51.64
N ALA A 319 24.71 67.60 -50.73
CA ALA A 319 25.11 68.91 -50.25
C ALA A 319 26.18 68.76 -49.18
N GLU A 320 26.19 67.64 -48.48
CA GLU A 320 27.18 67.38 -47.44
C GLU A 320 28.52 67.07 -48.10
N ARG A 321 29.60 67.18 -47.34
CA ARG A 321 30.93 66.91 -47.87
C ARG A 321 31.77 66.08 -46.90
N ASN A 322 31.11 65.35 -46.01
CA ASN A 322 31.80 64.52 -45.03
C ASN A 322 31.48 63.05 -45.20
N PHE A 323 31.52 62.57 -46.44
CA PHE A 323 31.23 61.15 -46.71
C PHE A 323 32.22 60.53 -47.69
N HIS A 324 32.29 59.20 -47.67
CA HIS A 324 33.18 58.43 -48.53
C HIS A 324 32.92 58.75 -50.01
N THR A 325 33.96 59.23 -50.70
CA THR A 325 33.83 59.58 -52.11
C THR A 325 34.54 58.58 -53.03
N VAL A 326 34.07 58.48 -54.27
CA VAL A 326 34.67 57.59 -55.27
C VAL A 326 34.58 58.21 -56.66
N PRO A 327 35.45 57.78 -57.59
CA PRO A 327 35.42 58.31 -58.96
C PRO A 327 34.01 58.07 -59.52
N TYR A 328 33.36 59.13 -59.95
CA TYR A 328 32.01 59.00 -60.46
C TYR A 328 31.90 59.54 -61.89
N MET A 329 31.36 58.72 -62.78
CA MET A 329 31.17 59.10 -64.17
C MET A 329 29.66 59.23 -64.44
N VAL A 330 29.25 60.40 -64.92
CA VAL A 330 27.84 60.64 -65.20
C VAL A 330 27.72 61.06 -66.66
N GLY A 331 26.83 60.41 -67.40
CA GLY A 331 26.66 60.75 -68.79
C GLY A 331 25.22 60.72 -69.23
N ILE A 332 24.97 61.25 -70.43
CA ILE A 332 23.63 61.25 -71.01
C ILE A 332 23.72 61.06 -72.52
N ASN A 333 22.59 60.78 -73.14
CA ASN A 333 22.51 60.58 -74.57
C ASN A 333 22.02 61.89 -75.19
N LYS A 334 22.29 62.09 -76.48
CA LYS A 334 21.88 63.31 -77.16
C LYS A 334 20.39 63.58 -77.08
N GLN A 335 19.58 62.57 -77.38
CA GLN A 335 18.13 62.71 -77.36
C GLN A 335 17.49 61.68 -76.43
N GLU A 336 17.69 61.88 -75.12
CA GLU A 336 17.17 60.99 -74.10
C GLU A 336 15.67 60.75 -74.21
N PHE A 337 14.96 61.65 -74.88
CA PHE A 337 13.53 61.50 -75.01
C PHE A 337 13.12 61.54 -76.48
N GLY A 338 14.06 61.16 -77.35
CA GLY A 338 13.80 61.17 -78.78
C GLY A 338 12.79 60.15 -79.30
N TRP A 339 12.83 58.92 -78.79
CA TRP A 339 11.90 57.89 -79.27
C TRP A 339 11.50 56.83 -78.26
N LEU A 340 12.49 56.10 -77.75
CA LEU A 340 12.25 55.00 -76.80
C LEU A 340 11.21 55.24 -75.70
N ILE A 341 11.52 56.16 -74.79
CA ILE A 341 10.62 56.44 -73.68
C ILE A 341 9.22 56.91 -74.12
N PRO A 342 9.15 57.94 -74.98
CA PRO A 342 7.83 58.40 -75.42
C PRO A 342 7.03 57.24 -76.02
N MET A 343 7.76 56.33 -76.65
CA MET A 343 7.15 55.18 -77.29
C MET A 343 6.49 54.25 -76.28
N LEU A 344 7.29 53.77 -75.34
CA LEU A 344 6.83 52.84 -74.32
C LEU A 344 5.71 53.37 -73.44
N MET A 345 5.69 54.67 -73.20
CA MET A 345 4.65 55.26 -72.36
C MET A 345 3.44 55.70 -73.16
N SER A 346 3.50 55.48 -74.47
CA SER A 346 2.41 55.82 -75.36
C SER A 346 2.13 57.32 -75.39
N TYR A 347 3.15 58.10 -75.71
CA TYR A 347 3.00 59.55 -75.78
C TYR A 347 2.19 59.96 -76.99
N PRO A 348 1.28 60.94 -76.81
CA PRO A 348 0.41 61.46 -77.88
C PRO A 348 1.19 62.27 -78.92
N LEU A 349 1.94 61.60 -79.78
CA LEU A 349 2.73 62.28 -80.79
C LEU A 349 2.58 61.64 -82.16
N SER A 350 1.40 61.08 -82.42
CA SER A 350 1.12 60.43 -83.69
C SER A 350 0.95 61.44 -84.82
N GLU A 351 1.21 62.71 -84.51
CA GLU A 351 1.07 63.78 -85.48
C GLU A 351 2.37 64.08 -86.21
N GLY A 352 3.44 64.30 -85.46
CA GLY A 352 4.73 64.61 -86.07
C GLY A 352 5.05 66.08 -85.88
N GLN A 353 4.07 66.85 -85.44
CA GLN A 353 4.25 68.27 -85.21
C GLN A 353 3.57 68.64 -83.90
N LEU A 354 3.78 69.88 -83.47
CA LEU A 354 3.20 70.35 -82.22
C LEU A 354 3.26 71.87 -82.17
N ASP A 355 2.22 72.49 -81.61
CA ASP A 355 2.17 73.95 -81.50
C ASP A 355 2.25 74.41 -80.06
N GLN A 356 2.70 75.64 -79.89
CA GLN A 356 2.82 76.25 -78.56
C GLN A 356 1.69 75.84 -77.63
N LYS A 357 0.47 76.11 -78.05
CA LYS A 357 -0.71 75.80 -77.26
C LYS A 357 -0.81 74.35 -76.82
N THR A 358 -0.74 73.43 -77.78
CA THR A 358 -0.82 72.01 -77.43
C THR A 358 0.37 71.61 -76.56
N ALA A 359 1.54 72.17 -76.88
CA ALA A 359 2.77 71.89 -76.15
C ALA A 359 2.60 72.11 -74.65
N MET A 360 1.96 73.20 -74.28
CA MET A 360 1.73 73.51 -72.86
C MET A 360 0.80 72.49 -72.21
N SER A 361 0.04 71.80 -73.06
CA SER A 361 -0.90 70.78 -72.61
C SER A 361 -0.17 69.51 -72.20
N LEU A 362 0.66 68.98 -73.10
CA LEU A 362 1.43 67.78 -72.80
C LEU A 362 2.39 68.01 -71.64
N LEU A 363 3.05 69.17 -71.62
CA LEU A 363 3.99 69.48 -70.54
C LEU A 363 3.31 69.35 -69.19
N TRP A 364 2.02 69.70 -69.14
CA TRP A 364 1.25 69.61 -67.91
C TRP A 364 0.95 68.14 -67.63
N LYS A 365 0.41 67.45 -68.63
CA LYS A 365 0.07 66.03 -68.52
C LYS A 365 1.31 65.23 -68.12
N SER A 366 2.47 65.75 -68.50
CA SER A 366 3.75 65.12 -68.22
C SER A 366 4.22 65.47 -66.82
N TYR A 367 3.35 66.08 -66.03
CA TYR A 367 3.71 66.49 -64.68
C TYR A 367 4.42 65.41 -63.86
N PRO A 368 3.92 64.15 -63.91
CA PRO A 368 4.57 63.09 -63.15
C PRO A 368 6.02 62.81 -63.52
N LEU A 369 6.42 63.17 -64.74
CA LEU A 369 7.78 62.94 -65.21
C LEU A 369 8.69 64.16 -65.04
N VAL A 370 8.15 65.34 -65.35
CA VAL A 370 8.90 66.59 -65.27
C VAL A 370 8.66 67.38 -63.98
N CYS A 371 7.41 67.39 -63.53
CA CYS A 371 7.02 68.12 -62.32
C CYS A 371 7.07 69.62 -62.49
N ILE A 372 6.57 70.13 -63.61
CA ILE A 372 6.57 71.56 -63.86
C ILE A 372 5.17 72.11 -63.53
N ALA A 373 5.12 73.01 -62.55
CA ALA A 373 3.86 73.63 -62.13
C ALA A 373 3.10 74.23 -63.30
N LYS A 374 1.78 74.06 -63.28
CA LYS A 374 0.92 74.57 -64.34
C LYS A 374 1.07 76.08 -64.52
N GLU A 375 1.70 76.72 -63.55
CA GLU A 375 1.92 78.15 -63.59
C GLU A 375 3.27 78.50 -64.25
N LEU A 376 4.11 77.49 -64.41
CA LEU A 376 5.42 77.69 -65.03
C LEU A 376 5.43 77.12 -66.45
N ILE A 377 4.46 76.26 -66.74
CA ILE A 377 4.35 75.62 -68.06
C ILE A 377 4.53 76.62 -69.20
N PRO A 378 3.75 77.71 -69.20
CA PRO A 378 3.84 78.72 -70.25
C PRO A 378 5.28 79.20 -70.46
N GLU A 379 5.93 79.59 -69.36
CA GLU A 379 7.30 80.07 -69.41
C GLU A 379 8.28 79.05 -69.95
N ALA A 380 8.11 77.80 -69.52
CA ALA A 380 8.98 76.72 -69.95
C ALA A 380 8.83 76.48 -71.45
N THR A 381 7.61 76.16 -71.86
CA THR A 381 7.32 75.87 -73.25
C THR A 381 7.80 76.96 -74.21
N GLU A 382 7.72 78.21 -73.76
CA GLU A 382 8.15 79.34 -74.57
C GLU A 382 9.66 79.33 -74.73
N LYS A 383 10.36 79.20 -73.60
CA LYS A 383 11.81 79.16 -73.58
C LYS A 383 12.40 78.13 -74.54
N TYR A 384 11.56 77.22 -75.00
CA TYR A 384 12.01 76.17 -75.91
C TYR A 384 11.42 76.26 -77.30
N LEU A 385 10.11 76.45 -77.40
CA LEU A 385 9.44 76.51 -78.70
C LEU A 385 9.22 77.91 -79.26
N GLY A 386 9.58 78.94 -78.50
CA GLY A 386 9.40 80.30 -78.97
C GLY A 386 10.39 80.72 -80.05
N GLY A 387 11.27 79.81 -80.44
CA GLY A 387 12.25 80.12 -81.45
C GLY A 387 11.72 80.11 -82.87
N THR A 388 11.21 78.97 -83.31
CA THR A 388 10.69 78.84 -84.67
C THR A 388 9.16 78.78 -84.73
N ASP A 389 8.63 78.93 -85.94
CA ASP A 389 7.19 78.88 -86.15
C ASP A 389 6.86 77.48 -86.64
N ASP A 390 7.91 76.73 -86.96
CA ASP A 390 7.78 75.36 -87.44
C ASP A 390 7.18 74.46 -86.36
N THR A 391 6.07 73.81 -86.68
CA THR A 391 5.41 72.91 -85.72
C THR A 391 6.23 71.65 -85.54
N VAL A 392 6.90 71.22 -86.61
CA VAL A 392 7.72 70.02 -86.55
C VAL A 392 8.97 70.27 -85.70
N LYS A 393 9.63 71.42 -85.91
CA LYS A 393 10.81 71.72 -85.12
C LYS A 393 10.41 71.97 -83.67
N LYS A 394 9.16 72.35 -83.43
CA LYS A 394 8.68 72.57 -82.08
C LYS A 394 8.66 71.24 -81.34
N LYS A 395 8.12 70.21 -82.00
CA LYS A 395 8.05 68.88 -81.40
C LYS A 395 9.45 68.45 -80.98
N ASP A 396 10.42 68.66 -81.86
CA ASP A 396 11.79 68.27 -81.56
C ASP A 396 12.35 69.01 -80.35
N LEU A 397 11.97 70.28 -80.20
CA LEU A 397 12.43 71.08 -79.07
C LEU A 397 11.66 70.68 -77.81
N PHE A 398 10.50 70.05 -78.00
CA PHE A 398 9.69 69.61 -76.87
C PHE A 398 10.33 68.38 -76.25
N LEU A 399 10.77 67.46 -77.10
CA LEU A 399 11.43 66.26 -76.61
C LEU A 399 12.76 66.67 -75.99
N ASP A 400 13.26 67.85 -76.37
CA ASP A 400 14.51 68.36 -75.81
C ASP A 400 14.19 68.88 -74.43
N LEU A 401 13.05 69.58 -74.34
CA LEU A 401 12.57 70.16 -73.10
C LEU A 401 12.52 69.08 -72.01
N ILE A 402 11.80 68.01 -72.32
CA ILE A 402 11.61 66.90 -71.39
C ILE A 402 12.90 66.15 -71.02
N ALA A 403 13.76 65.91 -72.01
CA ALA A 403 15.03 65.20 -71.76
C ALA A 403 15.93 65.97 -70.80
N ASP A 404 15.95 67.28 -70.95
CA ASP A 404 16.77 68.14 -70.09
C ASP A 404 16.33 68.10 -68.64
N VAL A 405 15.01 68.20 -68.44
CA VAL A 405 14.42 68.18 -67.10
C VAL A 405 14.68 66.83 -66.45
N MET A 406 14.42 65.77 -67.20
CA MET A 406 14.58 64.41 -66.72
C MET A 406 16.00 63.90 -66.56
N PHE A 407 16.85 64.14 -67.55
CA PHE A 407 18.21 63.64 -67.46
C PHE A 407 19.30 64.69 -67.53
N GLY A 408 19.25 65.52 -68.56
CA GLY A 408 20.27 66.56 -68.75
C GLY A 408 20.69 67.33 -67.52
N VAL A 409 19.82 68.23 -67.04
CA VAL A 409 20.11 69.05 -65.87
C VAL A 409 20.39 68.27 -64.60
N PRO A 410 19.54 67.28 -64.28
CA PRO A 410 19.78 66.49 -63.06
C PRO A 410 21.17 65.84 -63.05
N SER A 411 21.64 65.42 -64.23
CA SER A 411 22.95 64.78 -64.34
C SER A 411 24.09 65.76 -64.15
N VAL A 412 24.00 66.92 -64.81
CA VAL A 412 25.04 67.92 -64.67
C VAL A 412 25.15 68.41 -63.23
N ILE A 413 24.00 68.64 -62.60
CA ILE A 413 23.98 69.10 -61.22
C ILE A 413 24.66 68.07 -60.32
N VAL A 414 24.24 66.81 -60.43
CA VAL A 414 24.85 65.77 -59.63
C VAL A 414 26.35 65.77 -59.92
N ALA A 415 26.67 65.87 -61.21
CA ALA A 415 28.06 65.89 -61.65
C ALA A 415 28.84 67.01 -60.96
N ARG A 416 28.25 68.20 -60.93
CA ARG A 416 28.89 69.34 -60.29
C ARG A 416 29.13 69.13 -58.81
N ASN A 417 28.07 68.77 -58.09
CA ASN A 417 28.18 68.54 -56.64
C ASN A 417 29.23 67.50 -56.29
N HIS A 418 29.28 66.40 -57.04
CA HIS A 418 30.26 65.37 -56.77
C HIS A 418 31.63 66.01 -56.96
N ARG A 419 31.75 66.83 -58.00
CA ARG A 419 32.98 67.53 -58.30
C ARG A 419 33.35 68.46 -57.13
N ASP A 420 32.41 69.28 -56.70
CA ASP A 420 32.65 70.21 -55.60
C ASP A 420 32.86 69.49 -54.26
N ALA A 421 32.69 68.18 -54.25
CA ALA A 421 32.85 67.40 -53.02
C ALA A 421 34.27 66.85 -52.90
N GLY A 422 35.12 67.15 -53.89
CA GLY A 422 36.49 66.69 -53.85
C GLY A 422 36.78 65.29 -54.39
N ALA A 423 35.92 64.79 -55.27
CA ALA A 423 36.11 63.46 -55.85
C ALA A 423 36.18 63.53 -57.39
N PRO A 424 37.00 62.65 -58.00
CA PRO A 424 37.13 62.63 -59.45
C PRO A 424 35.75 62.48 -60.10
N THR A 425 35.44 63.37 -61.03
CA THR A 425 34.16 63.33 -61.73
C THR A 425 34.37 63.38 -63.24
N TYR A 426 33.56 62.63 -63.96
CA TYR A 426 33.67 62.60 -65.41
C TYR A 426 32.31 62.64 -66.06
N MET A 427 32.22 63.29 -67.22
CA MET A 427 30.96 63.37 -67.94
C MET A 427 31.14 63.04 -69.41
N TYR A 428 30.03 62.75 -70.08
CA TYR A 428 30.03 62.43 -71.48
C TYR A 428 28.63 62.60 -72.07
N GLU A 429 28.57 62.84 -73.37
CA GLU A 429 27.30 62.98 -74.05
C GLU A 429 27.38 62.04 -75.24
N PHE A 430 26.57 60.98 -75.20
CA PHE A 430 26.57 60.00 -76.26
C PHE A 430 25.66 60.38 -77.40
N GLN A 431 26.24 60.49 -78.59
CA GLN A 431 25.48 60.85 -79.78
C GLN A 431 25.83 59.90 -80.90
N TYR A 432 24.97 58.91 -81.13
CA TYR A 432 25.20 57.92 -82.19
C TYR A 432 24.00 57.02 -82.34
N ARG A 433 23.53 56.86 -83.58
CA ARG A 433 22.39 56.01 -83.84
C ARG A 433 22.89 54.61 -84.13
N PRO A 434 22.63 53.67 -83.21
CA PRO A 434 23.09 52.30 -83.43
C PRO A 434 22.34 51.59 -84.57
N SER A 435 23.05 50.68 -85.24
CA SER A 435 22.46 49.91 -86.33
C SER A 435 21.45 48.89 -85.81
N PHE A 436 21.48 48.66 -84.50
CA PHE A 436 20.58 47.71 -83.88
C PHE A 436 19.34 48.40 -83.34
N SER A 437 19.01 49.56 -83.87
CA SER A 437 17.83 50.29 -83.43
C SER A 437 16.58 49.54 -83.86
N SER A 438 15.42 50.04 -83.47
CA SER A 438 14.16 49.41 -83.84
C SER A 438 13.81 49.83 -85.26
N ASP A 439 12.90 49.09 -85.88
CA ASP A 439 12.49 49.42 -87.24
C ASP A 439 11.54 50.60 -87.20
N MET A 440 10.83 50.75 -86.09
CA MET A 440 9.86 51.82 -85.93
C MET A 440 10.49 53.15 -85.50
N LYS A 441 11.74 53.10 -85.06
CA LYS A 441 12.45 54.29 -84.61
C LYS A 441 12.90 55.14 -85.79
N PRO A 442 12.41 56.40 -85.88
CA PRO A 442 12.79 57.29 -86.98
C PRO A 442 14.31 57.39 -87.11
N LYS A 443 14.79 57.50 -88.34
CA LYS A 443 16.23 57.55 -88.60
C LYS A 443 16.91 58.84 -88.14
N THR A 444 16.14 59.87 -87.89
CA THR A 444 16.70 61.14 -87.48
C THR A 444 17.07 61.20 -86.00
N VAL A 445 16.70 60.17 -85.24
CA VAL A 445 16.99 60.14 -83.81
C VAL A 445 18.40 59.58 -83.57
N ILE A 446 19.25 60.40 -82.97
CA ILE A 446 20.63 60.01 -82.69
C ILE A 446 20.91 60.22 -81.22
N GLY A 447 21.31 59.15 -80.53
CA GLY A 447 21.59 59.26 -79.11
C GLY A 447 20.32 59.17 -78.31
N ASP A 448 19.46 58.24 -78.69
CA ASP A 448 18.21 58.02 -77.99
C ASP A 448 18.52 57.35 -76.67
N HIS A 449 17.56 57.36 -75.75
CA HIS A 449 17.76 56.74 -74.46
C HIS A 449 18.14 55.27 -74.67
N GLY A 450 19.28 54.88 -74.11
CA GLY A 450 19.74 53.50 -74.23
C GLY A 450 20.67 53.18 -75.39
N ASP A 451 20.91 54.13 -76.29
CA ASP A 451 21.76 53.88 -77.44
C ASP A 451 23.21 53.55 -77.11
N GLU A 452 23.69 54.03 -75.96
CA GLU A 452 25.07 53.75 -75.57
C GLU A 452 25.22 52.30 -75.08
N LEU A 453 24.11 51.66 -74.74
CA LEU A 453 24.16 50.30 -74.24
C LEU A 453 24.88 49.36 -75.18
N PHE A 454 24.59 49.48 -76.47
CA PHE A 454 25.20 48.63 -77.48
C PHE A 454 26.72 48.80 -77.62
N SER A 455 27.23 49.98 -77.30
CA SER A 455 28.66 50.23 -77.36
C SER A 455 29.29 49.70 -76.06
N VAL A 456 28.62 49.98 -74.95
CA VAL A 456 29.10 49.55 -73.64
C VAL A 456 29.20 48.03 -73.51
N PHE A 457 28.17 47.30 -73.93
CA PHE A 457 28.20 45.85 -73.84
C PHE A 457 28.66 45.14 -75.11
N GLY A 458 29.50 45.82 -75.90
CA GLY A 458 30.02 45.26 -77.13
C GLY A 458 29.02 44.56 -78.03
N ALA A 459 27.86 45.17 -78.27
CA ALA A 459 26.85 44.57 -79.14
C ALA A 459 27.41 44.18 -80.52
N PRO A 460 28.31 45.00 -81.09
CA PRO A 460 28.90 44.74 -82.40
C PRO A 460 29.60 43.38 -82.52
N PHE A 461 30.04 42.83 -81.39
CA PHE A 461 30.74 41.55 -81.40
C PHE A 461 29.86 40.36 -81.09
N LEU A 462 28.55 40.56 -81.10
CA LEU A 462 27.61 39.47 -80.81
C LEU A 462 26.48 39.49 -81.82
N LYS A 463 26.07 40.69 -82.24
CA LYS A 463 25.02 40.85 -83.23
C LYS A 463 25.65 41.14 -84.58
N GLU A 464 24.91 40.88 -85.65
CA GLU A 464 25.43 41.09 -87.00
C GLU A 464 25.02 42.44 -87.58
N GLY A 465 25.75 42.89 -88.59
CA GLY A 465 25.44 44.16 -89.23
C GLY A 465 26.36 45.31 -88.84
N ALA A 466 26.98 45.19 -87.66
CA ALA A 466 27.88 46.24 -87.20
C ALA A 466 28.90 46.59 -88.27
N SER A 467 28.95 47.87 -88.63
CA SER A 467 29.91 48.35 -89.61
C SER A 467 31.22 48.52 -88.88
N GLU A 468 32.33 48.62 -89.61
CA GLU A 468 33.64 48.78 -89.01
C GLU A 468 33.64 49.99 -88.07
N GLU A 469 32.83 51.00 -88.41
CA GLU A 469 32.75 52.21 -87.60
C GLU A 469 32.14 51.91 -86.25
N GLU A 470 31.02 51.18 -86.27
CA GLU A 470 30.31 50.81 -85.06
C GLU A 470 31.16 49.87 -84.20
N ILE A 471 31.95 49.01 -84.84
CA ILE A 471 32.82 48.08 -84.13
C ILE A 471 33.86 48.84 -83.30
N ARG A 472 34.55 49.76 -83.96
CA ARG A 472 35.57 50.55 -83.29
C ARG A 472 34.96 51.39 -82.18
N LEU A 473 33.79 51.99 -82.43
CA LEU A 473 33.14 52.80 -81.41
C LEU A 473 33.00 52.00 -80.12
N SER A 474 32.45 50.80 -80.21
CA SER A 474 32.28 49.93 -79.06
C SER A 474 33.62 49.59 -78.42
N LYS A 475 34.62 49.36 -79.26
CA LYS A 475 35.94 49.04 -78.74
C LYS A 475 36.42 50.19 -77.86
N MET A 476 36.25 51.42 -78.36
CA MET A 476 36.67 52.60 -77.62
C MET A 476 35.88 52.80 -76.33
N VAL A 477 34.57 52.58 -76.41
CA VAL A 477 33.70 52.74 -75.25
C VAL A 477 34.05 51.79 -74.13
N MET A 478 34.34 50.53 -74.47
CA MET A 478 34.68 49.56 -73.44
C MET A 478 36.03 49.89 -72.82
N LYS A 479 36.96 50.42 -73.62
CA LYS A 479 38.28 50.82 -73.12
C LYS A 479 38.11 51.85 -72.01
N PHE A 480 37.29 52.86 -72.29
CA PHE A 480 37.03 53.92 -71.32
C PHE A 480 36.41 53.36 -70.05
N TRP A 481 35.29 52.66 -70.18
CA TRP A 481 34.63 52.07 -69.03
C TRP A 481 35.61 51.19 -68.23
N ALA A 482 36.31 50.30 -68.94
CA ALA A 482 37.27 49.41 -68.29
C ALA A 482 38.48 50.13 -67.67
N ASN A 483 38.97 51.19 -68.33
CA ASN A 483 40.09 51.92 -67.74
C ASN A 483 39.57 52.60 -66.49
N PHE A 484 38.35 53.11 -66.56
CA PHE A 484 37.75 53.77 -65.43
C PHE A 484 37.63 52.79 -64.27
N ALA A 485 37.11 51.60 -64.57
CA ALA A 485 36.97 50.56 -63.58
C ALA A 485 38.35 50.30 -62.97
N ARG A 486 39.37 50.25 -63.81
CA ARG A 486 40.73 50.02 -63.35
C ARG A 486 41.35 51.17 -62.55
N ASN A 487 41.44 52.35 -63.15
CA ASN A 487 42.09 53.47 -62.48
C ASN A 487 41.26 54.61 -61.89
N GLY A 488 39.95 54.64 -62.14
CA GLY A 488 39.16 55.73 -61.63
C GLY A 488 39.35 56.93 -62.55
N ASN A 489 39.95 56.64 -63.70
CA ASN A 489 40.23 57.60 -64.76
C ASN A 489 40.06 56.81 -66.05
N PRO A 490 39.17 57.26 -66.94
CA PRO A 490 38.93 56.55 -68.20
C PRO A 490 40.07 56.58 -69.21
N ASN A 491 40.89 57.63 -69.13
CA ASN A 491 42.01 57.81 -70.03
C ASN A 491 43.00 56.66 -70.12
N GLY A 492 43.52 56.48 -71.34
CA GLY A 492 44.49 55.44 -71.63
C GLY A 492 45.09 55.75 -73.00
N GLU A 493 46.22 55.15 -73.30
CA GLU A 493 46.88 55.40 -74.59
C GLU A 493 46.04 54.92 -75.76
N GLY A 494 46.08 55.67 -76.86
CA GLY A 494 45.32 55.30 -78.05
C GLY A 494 43.86 55.70 -78.00
N LEU A 495 43.46 56.40 -76.95
CA LEU A 495 42.08 56.83 -76.80
C LEU A 495 42.03 58.35 -76.73
N PRO A 496 40.99 58.97 -77.31
CA PRO A 496 40.82 60.42 -77.30
C PRO A 496 40.96 60.89 -75.87
N HIS A 497 41.50 62.08 -75.66
CA HIS A 497 41.64 62.55 -74.27
C HIS A 497 40.31 62.92 -73.66
N TRP A 498 40.05 62.36 -72.48
CA TRP A 498 38.82 62.64 -71.77
C TRP A 498 39.22 63.50 -70.57
N PRO A 499 38.83 64.79 -70.56
CA PRO A 499 39.17 65.66 -69.44
C PRO A 499 38.33 65.37 -68.22
N GLU A 500 38.81 65.76 -67.04
CA GLU A 500 38.04 65.57 -65.82
C GLU A 500 36.99 66.67 -65.78
N TYR A 501 35.90 66.42 -65.07
CA TYR A 501 34.84 67.42 -64.95
C TYR A 501 35.16 68.33 -63.77
N ASN A 502 36.16 69.19 -63.95
CA ASN A 502 36.56 70.11 -62.90
C ASN A 502 35.84 71.45 -63.08
N GLN A 503 36.53 72.53 -62.73
CA GLN A 503 35.95 73.86 -62.86
C GLN A 503 35.64 74.26 -64.30
N LYS A 504 36.45 73.80 -65.25
CA LYS A 504 36.21 74.13 -66.65
C LYS A 504 35.04 73.30 -67.20
N GLU A 505 34.58 72.34 -66.42
CA GLU A 505 33.47 71.48 -66.82
C GLU A 505 33.71 70.78 -68.15
N GLY A 506 34.89 70.18 -68.31
CA GLY A 506 35.17 69.47 -69.54
C GLY A 506 34.45 68.14 -69.55
N TYR A 507 33.98 67.72 -70.73
CA TYR A 507 33.30 66.44 -70.87
C TYR A 507 33.66 65.83 -72.21
N LEU A 508 33.26 64.59 -72.44
CA LEU A 508 33.61 63.93 -73.69
C LEU A 508 32.40 63.59 -74.55
N GLN A 509 32.39 64.10 -75.78
CA GLN A 509 31.29 63.80 -76.67
C GLN A 509 31.70 62.50 -77.36
N ILE A 510 30.89 61.46 -77.17
CA ILE A 510 31.17 60.16 -77.75
C ILE A 510 30.23 59.89 -78.92
N GLY A 511 30.83 59.62 -80.07
CA GLY A 511 30.04 59.36 -81.26
C GLY A 511 31.00 59.13 -82.41
N ALA A 512 30.51 59.27 -83.63
CA ALA A 512 31.35 59.09 -84.81
C ALA A 512 32.64 59.88 -84.63
N ASN A 513 32.51 61.05 -84.02
CA ASN A 513 33.61 61.96 -83.77
C ASN A 513 33.73 62.16 -82.26
N THR A 514 34.54 61.35 -81.60
CA THR A 514 34.70 61.47 -80.16
C THR A 514 35.77 62.48 -79.81
N GLN A 515 35.38 63.55 -79.14
CA GLN A 515 36.30 64.59 -78.74
C GLN A 515 35.77 65.34 -77.51
N ALA A 516 36.67 65.98 -76.79
CA ALA A 516 36.30 66.72 -75.59
C ALA A 516 35.59 68.02 -75.93
N ALA A 517 34.76 68.48 -75.00
CA ALA A 517 34.01 69.71 -75.15
C ALA A 517 33.91 70.35 -73.77
N GLN A 518 33.13 71.42 -73.65
CA GLN A 518 32.99 72.10 -72.37
C GLN A 518 31.60 72.63 -72.02
N LYS A 519 31.40 72.85 -70.72
CA LYS A 519 30.16 73.35 -70.15
C LYS A 519 28.91 72.64 -70.65
N LEU A 520 28.79 71.35 -70.34
CA LEU A 520 27.63 70.57 -70.77
C LEU A 520 26.34 71.10 -70.13
N LYS A 521 25.34 71.33 -70.98
CA LYS A 521 24.03 71.82 -70.55
C LYS A 521 24.06 73.03 -69.63
N ASP A 522 25.16 73.79 -69.68
CA ASP A 522 25.30 74.97 -68.83
C ASP A 522 24.10 75.91 -68.90
N LYS A 523 23.66 76.21 -70.12
CA LYS A 523 22.53 77.10 -70.34
C LYS A 523 21.24 76.62 -69.68
N GLU A 524 20.95 75.32 -69.82
CA GLU A 524 19.74 74.73 -69.26
C GLU A 524 19.75 74.62 -67.74
N VAL A 525 20.88 74.22 -67.17
CA VAL A 525 20.95 74.10 -65.72
C VAL A 525 20.58 75.44 -65.07
N ALA A 526 21.03 76.55 -65.65
CA ALA A 526 20.71 77.86 -65.10
C ALA A 526 19.24 78.21 -65.32
N PHE A 527 18.72 77.92 -66.51
CA PHE A 527 17.32 78.24 -66.81
C PHE A 527 16.38 77.53 -65.85
N TRP A 528 16.57 76.23 -65.69
CA TRP A 528 15.71 75.45 -64.81
C TRP A 528 15.96 75.75 -63.34
N THR A 529 17.22 75.87 -62.95
CA THR A 529 17.52 76.16 -61.55
C THR A 529 16.74 77.40 -61.13
N ASN A 530 16.53 78.32 -62.07
CA ASN A 530 15.79 79.53 -61.78
C ASN A 530 14.29 79.30 -61.91
N LEU A 531 13.87 78.74 -63.03
CA LEU A 531 12.45 78.48 -63.27
C LEU A 531 11.84 77.67 -62.12
N PHE A 532 12.57 76.66 -61.66
CA PHE A 532 12.11 75.82 -60.58
C PHE A 532 12.11 76.58 -59.26
N ALA A 533 13.12 77.44 -59.08
CA ALA A 533 13.21 78.24 -57.86
C ALA A 533 11.94 79.07 -57.73
N LYS A 534 11.11 79.03 -58.77
CA LYS A 534 9.84 79.75 -58.81
C LYS A 534 10.05 81.25 -58.71
N SER B 4 -0.88 3.29 -9.01
CA SER B 4 -0.97 4.78 -9.12
C SER B 4 -0.22 5.31 -10.35
N PRO B 5 -0.89 6.15 -11.16
CA PRO B 5 -0.33 6.76 -12.37
C PRO B 5 1.15 7.10 -12.29
N PRO B 6 1.95 6.55 -13.21
CA PRO B 6 3.38 6.83 -13.21
C PRO B 6 3.61 8.18 -13.88
N VAL B 7 4.43 9.03 -13.27
CA VAL B 7 4.75 10.33 -13.87
C VAL B 7 6.25 10.36 -14.05
N VAL B 8 6.71 11.02 -15.10
CA VAL B 8 8.14 11.10 -15.37
C VAL B 8 8.59 12.47 -15.89
N ASP B 9 9.72 12.94 -15.39
CA ASP B 9 10.28 14.22 -15.82
C ASP B 9 11.11 14.05 -17.10
N THR B 10 10.67 14.68 -18.17
CA THR B 10 11.39 14.61 -19.43
C THR B 10 12.07 15.96 -19.57
N VAL B 11 12.93 16.10 -20.55
CA VAL B 11 13.63 17.37 -20.75
C VAL B 11 12.69 18.55 -20.94
N HIS B 12 11.52 18.31 -21.54
CA HIS B 12 10.55 19.38 -21.80
C HIS B 12 9.32 19.41 -20.90
N GLY B 13 9.35 18.68 -19.80
CA GLY B 13 8.21 18.68 -18.90
C GLY B 13 7.77 17.31 -18.45
N LYS B 14 6.88 17.29 -17.47
CA LYS B 14 6.38 16.05 -16.90
C LYS B 14 5.31 15.40 -17.78
N VAL B 15 5.34 14.07 -17.86
CA VAL B 15 4.35 13.32 -18.64
C VAL B 15 3.73 12.24 -17.75
N LEU B 16 2.44 12.01 -17.92
CA LEU B 16 1.69 11.03 -17.15
C LEU B 16 1.25 9.87 -18.03
N GLY B 17 1.61 8.66 -17.64
CA GLY B 17 1.24 7.48 -18.40
C GLY B 17 0.35 6.56 -17.60
N LYS B 18 0.22 5.32 -18.07
CA LYS B 18 -0.61 4.34 -17.38
C LYS B 18 0.06 2.98 -17.22
N PHE B 19 -0.32 2.26 -16.18
CA PHE B 19 0.22 0.95 -15.91
C PHE B 19 -0.69 -0.11 -16.54
N VAL B 20 -0.07 -1.03 -17.27
CA VAL B 20 -0.79 -2.11 -17.91
C VAL B 20 -0.06 -3.41 -17.59
N SER B 21 -0.78 -4.38 -17.07
CA SER B 21 -0.17 -5.66 -16.74
C SER B 21 -0.47 -6.67 -17.81
N LEU B 22 0.52 -7.50 -18.12
CA LEU B 22 0.34 -8.53 -19.13
C LEU B 22 0.21 -9.83 -18.36
N GLU B 23 -0.65 -10.72 -18.86
CA GLU B 23 -0.91 -12.03 -18.27
C GLU B 23 0.21 -12.54 -17.35
N GLY B 24 -0.15 -13.01 -16.17
CA GLY B 24 0.84 -13.56 -15.25
C GLY B 24 1.97 -12.69 -14.74
N PHE B 25 2.21 -11.55 -15.37
CA PHE B 25 3.30 -10.68 -14.91
C PHE B 25 2.89 -9.75 -13.77
N ALA B 26 3.66 -9.79 -12.70
CA ALA B 26 3.39 -8.95 -11.55
C ALA B 26 3.87 -7.54 -11.84
N GLN B 27 5.12 -7.42 -12.32
CA GLN B 27 5.71 -6.13 -12.66
C GLN B 27 4.90 -5.49 -13.79
N PRO B 28 4.23 -4.38 -13.51
CA PRO B 28 3.41 -3.70 -14.52
C PRO B 28 4.25 -2.89 -15.51
N VAL B 29 3.79 -2.84 -16.76
CA VAL B 29 4.49 -2.07 -17.78
C VAL B 29 3.95 -0.65 -17.80
N ALA B 30 4.84 0.32 -17.64
CA ALA B 30 4.45 1.73 -17.67
C ALA B 30 4.42 2.16 -19.12
N ILE B 31 3.23 2.51 -19.59
CA ILE B 31 3.03 2.92 -20.98
C ILE B 31 2.73 4.40 -21.15
N PHE B 32 3.42 5.02 -22.12
CA PHE B 32 3.23 6.43 -22.43
C PHE B 32 2.96 6.54 -23.93
N LEU B 33 1.78 7.02 -24.27
CA LEU B 33 1.39 7.15 -25.66
C LEU B 33 1.32 8.60 -26.11
N GLY B 34 1.93 8.88 -27.26
CA GLY B 34 1.90 10.22 -27.82
C GLY B 34 2.73 11.27 -27.14
N ILE B 35 4.02 11.00 -27.00
CA ILE B 35 4.94 11.96 -26.40
C ILE B 35 5.60 12.69 -27.56
N PRO B 36 5.56 14.03 -27.56
CA PRO B 36 6.18 14.81 -28.64
C PRO B 36 7.71 14.78 -28.54
N PHE B 37 8.37 14.64 -29.68
CA PHE B 37 9.83 14.62 -29.69
C PHE B 37 10.33 15.73 -30.63
N ALA B 38 9.39 16.40 -31.28
CA ALA B 38 9.69 17.49 -32.20
C ALA B 38 8.51 18.47 -32.27
N LYS B 39 8.77 19.65 -32.83
CA LYS B 39 7.73 20.64 -32.95
C LYS B 39 6.82 20.23 -34.10
N PRO B 40 5.50 20.41 -33.95
CA PRO B 40 4.60 20.03 -35.05
C PRO B 40 5.05 20.67 -36.35
N PRO B 41 5.43 19.85 -37.34
CA PRO B 41 5.89 20.30 -38.67
C PRO B 41 4.78 20.91 -39.51
N LEU B 42 4.17 21.98 -39.01
CA LEU B 42 3.08 22.66 -39.70
C LEU B 42 3.49 23.98 -40.35
N GLY B 43 2.70 24.41 -41.33
CA GLY B 43 2.98 25.66 -42.01
C GLY B 43 4.39 25.76 -42.55
N PRO B 44 5.13 26.81 -42.16
CA PRO B 44 6.50 27.01 -42.63
C PRO B 44 7.38 25.80 -42.39
N LEU B 45 7.14 25.10 -41.28
CA LEU B 45 7.95 23.94 -40.90
C LEU B 45 7.79 22.71 -41.80
N ARG B 46 6.85 22.74 -42.73
CA ARG B 46 6.65 21.63 -43.63
C ARG B 46 7.85 21.57 -44.59
N PHE B 47 8.30 20.36 -44.90
CA PHE B 47 9.44 20.19 -45.80
C PHE B 47 10.68 20.83 -45.22
N THR B 48 10.84 20.72 -43.91
CA THR B 48 12.01 21.28 -43.24
C THR B 48 12.36 20.34 -42.08
N PRO B 49 13.64 20.30 -41.70
CA PRO B 49 14.15 19.45 -40.61
C PRO B 49 13.36 19.56 -39.33
N PRO B 50 13.14 18.42 -38.64
CA PRO B 50 12.38 18.46 -37.39
C PRO B 50 13.02 19.41 -36.39
N GLN B 51 12.18 20.10 -35.63
CA GLN B 51 12.67 21.04 -34.63
C GLN B 51 12.35 20.61 -33.22
N PRO B 52 13.22 20.99 -32.27
CA PRO B 52 12.99 20.62 -30.87
C PRO B 52 11.58 21.04 -30.42
N ALA B 53 10.91 20.16 -29.68
CA ALA B 53 9.58 20.47 -29.17
C ALA B 53 9.67 21.55 -28.10
N GLU B 54 8.59 22.28 -27.91
CA GLU B 54 8.54 23.34 -26.90
C GLU B 54 8.16 22.69 -25.59
N PRO B 55 8.73 23.18 -24.47
CA PRO B 55 8.44 22.64 -23.13
C PRO B 55 7.05 23.06 -22.65
N TRP B 56 6.38 22.17 -21.92
CA TRP B 56 5.04 22.48 -21.41
C TRP B 56 5.13 22.71 -19.91
N SER B 57 4.26 23.58 -19.40
CA SER B 57 4.30 23.95 -17.99
C SER B 57 3.99 22.89 -16.94
N PHE B 58 2.81 22.29 -16.97
CA PHE B 58 2.49 21.33 -15.94
C PHE B 58 2.69 19.87 -16.36
N VAL B 59 1.78 18.98 -15.96
CA VAL B 59 1.91 17.56 -16.32
C VAL B 59 1.17 17.26 -17.62
N LYS B 60 1.90 16.77 -18.62
CA LYS B 60 1.30 16.43 -19.90
C LYS B 60 0.78 14.99 -19.86
N ASN B 61 -0.52 14.87 -20.13
CA ASN B 61 -1.20 13.57 -20.14
C ASN B 61 -0.84 12.81 -21.41
N ALA B 62 -0.20 11.67 -21.26
CA ALA B 62 0.19 10.85 -22.42
C ALA B 62 -0.51 9.50 -22.35
N THR B 63 -1.84 9.52 -22.43
CA THR B 63 -2.61 8.29 -22.34
C THR B 63 -3.51 8.03 -23.55
N SER B 64 -3.31 8.77 -24.63
CA SER B 64 -4.10 8.56 -25.84
C SER B 64 -3.19 8.41 -27.05
N TYR B 65 -3.56 7.54 -27.98
CA TYR B 65 -2.75 7.29 -29.17
C TYR B 65 -2.65 8.52 -30.08
N PRO B 66 -1.45 8.76 -30.64
CA PRO B 66 -1.24 9.89 -31.54
C PRO B 66 -1.81 9.63 -32.90
N PRO B 67 -2.00 10.69 -33.69
CA PRO B 67 -2.52 10.52 -35.04
C PRO B 67 -1.35 9.95 -35.84
N MET B 68 -1.63 9.26 -36.93
CA MET B 68 -0.55 8.77 -37.76
C MET B 68 -0.34 9.85 -38.81
N CYS B 69 0.88 9.97 -39.32
CA CYS B 69 1.17 10.97 -40.32
C CYS B 69 0.23 10.83 -41.52
N THR B 70 -0.13 11.97 -42.11
CA THR B 70 -1.03 11.96 -43.25
C THR B 70 -0.59 10.93 -44.29
N GLN B 71 -1.58 10.15 -44.74
CA GLN B 71 -1.39 9.08 -45.71
C GLN B 71 -2.76 8.65 -46.24
N ASP B 72 -2.76 7.65 -47.11
CA ASP B 72 -3.98 7.11 -47.69
C ASP B 72 -4.75 6.43 -46.54
N PRO B 73 -5.83 7.06 -46.05
CA PRO B 73 -6.62 6.48 -44.95
C PRO B 73 -6.92 4.99 -45.14
N LYS B 74 -7.36 4.65 -46.35
CA LYS B 74 -7.69 3.28 -46.66
C LYS B 74 -6.47 2.39 -46.49
N ALA B 75 -5.48 2.54 -47.36
CA ALA B 75 -4.25 1.73 -47.32
C ALA B 75 -3.60 1.72 -45.95
N GLY B 76 -3.63 2.86 -45.28
CA GLY B 76 -3.05 2.96 -43.96
C GLY B 76 -3.75 2.08 -42.95
N GLN B 77 -5.09 2.07 -42.98
CA GLN B 77 -5.85 1.24 -42.05
C GLN B 77 -5.64 -0.23 -42.36
N LEU B 78 -5.74 -0.56 -43.64
CA LEU B 78 -5.55 -1.94 -44.08
C LEU B 78 -4.23 -2.50 -43.56
N LEU B 79 -3.16 -1.74 -43.75
CA LEU B 79 -1.84 -2.18 -43.30
C LEU B 79 -1.75 -2.30 -41.78
N SER B 80 -2.39 -1.40 -41.07
CA SER B 80 -2.34 -1.45 -39.62
C SER B 80 -3.06 -2.70 -39.13
N GLU B 81 -4.08 -3.13 -39.88
CA GLU B 81 -4.84 -4.32 -39.51
C GLU B 81 -4.10 -5.61 -39.81
N LEU B 82 -3.37 -5.63 -40.92
CA LEU B 82 -2.62 -6.80 -41.33
C LEU B 82 -1.35 -7.01 -40.52
N PHE B 83 -0.74 -5.92 -40.06
CA PHE B 83 0.50 -5.99 -39.31
C PHE B 83 0.39 -5.90 -37.80
N THR B 84 -0.71 -5.36 -37.30
CA THR B 84 -0.87 -5.21 -35.87
C THR B 84 -0.78 -6.52 -35.10
N ASN B 85 -0.44 -6.43 -33.81
CA ASN B 85 -0.30 -7.60 -32.97
C ASN B 85 -1.17 -7.52 -31.71
N ARG B 86 -1.97 -6.46 -31.60
CA ARG B 86 -2.86 -6.31 -30.45
C ARG B 86 -4.18 -7.03 -30.79
N LYS B 87 -5.06 -7.23 -29.81
CA LYS B 87 -6.32 -7.92 -30.06
C LYS B 87 -7.16 -7.23 -31.13
N GLU B 88 -7.70 -6.06 -30.83
CA GLU B 88 -8.49 -5.33 -31.80
C GLU B 88 -7.64 -4.19 -32.36
N ASN B 89 -7.82 -3.87 -33.63
CA ASN B 89 -7.04 -2.79 -34.21
C ASN B 89 -7.69 -1.50 -33.75
N ILE B 90 -6.88 -0.53 -33.37
CA ILE B 90 -7.39 0.75 -32.90
C ILE B 90 -7.52 1.73 -34.05
N PRO B 91 -8.59 2.54 -34.04
CA PRO B 91 -8.79 3.51 -35.11
C PRO B 91 -7.78 4.63 -34.92
N LEU B 92 -7.21 5.12 -36.02
CA LEU B 92 -6.24 6.19 -35.90
C LEU B 92 -6.66 7.44 -36.65
N LYS B 93 -6.17 8.58 -36.17
CA LYS B 93 -6.49 9.86 -36.79
C LYS B 93 -5.31 10.29 -37.65
N LEU B 94 -5.60 11.08 -38.68
CA LEU B 94 -4.57 11.56 -39.56
C LEU B 94 -4.24 12.99 -39.17
N SER B 95 -2.98 13.37 -39.34
CA SER B 95 -2.54 14.72 -39.05
C SER B 95 -1.08 14.91 -39.44
N GLU B 96 -0.69 16.15 -39.67
CA GLU B 96 0.69 16.46 -40.02
C GLU B 96 1.35 16.54 -38.67
N ASP B 97 0.52 16.68 -37.65
CA ASP B 97 0.97 16.76 -36.27
C ASP B 97 1.04 15.31 -35.81
N CYS B 98 2.08 14.61 -36.28
CA CYS B 98 2.29 13.19 -35.99
C CYS B 98 3.67 12.85 -35.42
N LEU B 99 4.48 13.85 -35.14
CA LEU B 99 5.81 13.57 -34.62
C LEU B 99 5.83 13.16 -33.14
N TYR B 100 5.31 11.97 -32.88
CA TYR B 100 5.25 11.41 -31.54
C TYR B 100 5.86 10.03 -31.49
N LEU B 101 6.12 9.56 -30.28
CA LEU B 101 6.68 8.23 -30.07
C LEU B 101 5.99 7.63 -28.83
N ASN B 102 5.77 6.31 -28.85
CA ASN B 102 5.11 5.65 -27.72
C ASN B 102 6.14 4.88 -26.94
N ILE B 103 6.05 4.93 -25.61
CA ILE B 103 7.00 4.22 -24.77
C ILE B 103 6.33 3.11 -23.95
N TYR B 104 6.99 1.96 -23.91
CA TYR B 104 6.53 0.81 -23.13
C TYR B 104 7.71 0.41 -22.28
N THR B 105 7.65 0.70 -20.98
CA THR B 105 8.76 0.37 -20.10
C THR B 105 8.40 -0.59 -18.98
N PRO B 106 9.16 -1.69 -18.86
CA PRO B 106 8.92 -2.71 -17.83
C PRO B 106 9.68 -2.37 -16.55
N ALA B 107 10.54 -1.37 -16.65
CA ALA B 107 11.36 -0.93 -15.52
C ALA B 107 10.56 -0.41 -14.34
N ASP B 108 11.19 -0.44 -13.17
CA ASP B 108 10.59 0.05 -11.93
C ASP B 108 10.98 1.55 -11.89
N LEU B 109 10.06 2.41 -12.27
CA LEU B 109 10.35 3.83 -12.30
C LEU B 109 10.71 4.47 -10.95
N THR B 110 10.44 3.76 -9.85
CA THR B 110 10.73 4.30 -8.52
C THR B 110 12.22 4.28 -8.23
N LYS B 111 12.88 3.20 -8.64
CA LYS B 111 14.31 3.04 -8.45
C LYS B 111 15.02 3.39 -9.75
N LYS B 112 16.34 3.21 -9.81
CA LYS B 112 17.09 3.50 -11.03
C LYS B 112 17.26 2.25 -11.86
N ASN B 113 17.05 2.38 -13.16
CA ASN B 113 17.20 1.25 -14.07
C ASN B 113 17.87 1.69 -15.35
N ARG B 114 18.49 0.75 -16.03
CA ARG B 114 19.15 1.02 -17.29
C ARG B 114 18.96 -0.20 -18.19
N LEU B 115 17.70 -0.53 -18.43
CA LEU B 115 17.35 -1.65 -19.27
C LEU B 115 17.72 -1.32 -20.71
N PRO B 116 17.93 -2.35 -21.55
CA PRO B 116 18.29 -2.07 -22.94
C PRO B 116 17.07 -1.48 -23.65
N VAL B 117 17.31 -0.48 -24.49
CA VAL B 117 16.25 0.19 -25.23
C VAL B 117 16.20 -0.29 -26.68
N MET B 118 14.98 -0.58 -27.14
CA MET B 118 14.75 -1.01 -28.51
C MET B 118 13.77 -0.02 -29.15
N VAL B 119 14.22 0.68 -30.17
CA VAL B 119 13.37 1.66 -30.85
C VAL B 119 12.86 1.08 -32.15
N TRP B 120 11.53 1.05 -32.30
CA TRP B 120 10.89 0.49 -33.48
C TRP B 120 10.49 1.47 -34.58
N ILE B 121 10.92 1.16 -35.81
CA ILE B 121 10.60 1.99 -36.97
C ILE B 121 9.71 1.19 -37.92
N HIS B 122 8.41 1.47 -37.87
CA HIS B 122 7.44 0.79 -38.71
C HIS B 122 7.70 0.92 -40.21
N GLY B 123 7.23 -0.06 -40.96
CA GLY B 123 7.38 -0.05 -42.40
C GLY B 123 6.13 0.52 -43.02
N GLY B 124 6.06 0.49 -44.35
CA GLY B 124 4.91 1.03 -45.03
C GLY B 124 5.30 1.75 -46.31
N GLY B 125 6.45 1.38 -46.87
CA GLY B 125 6.93 1.98 -48.11
C GLY B 125 7.22 3.46 -47.99
N LEU B 126 7.23 3.94 -46.75
CA LEU B 126 7.47 5.35 -46.47
C LEU B 126 6.25 6.16 -46.88
N MET B 127 5.19 5.47 -47.28
CA MET B 127 3.95 6.12 -47.71
C MET B 127 2.87 6.09 -46.65
N VAL B 128 2.75 4.94 -45.97
CA VAL B 128 1.75 4.76 -44.93
C VAL B 128 2.38 4.11 -43.69
N GLY B 129 1.60 3.93 -42.64
CA GLY B 129 2.13 3.30 -41.43
C GLY B 129 2.01 4.14 -40.18
N ALA B 130 2.22 3.50 -39.03
CA ALA B 130 2.12 4.19 -37.76
C ALA B 130 2.78 3.38 -36.64
N ALA B 131 3.19 4.07 -35.59
CA ALA B 131 3.84 3.41 -34.46
C ALA B 131 2.83 2.69 -33.58
N SER B 132 1.64 3.29 -33.45
CA SER B 132 0.58 2.74 -32.61
C SER B 132 0.10 1.37 -33.08
N THR B 133 0.40 1.05 -34.33
CA THR B 133 0.04 -0.23 -34.90
C THR B 133 0.72 -1.33 -34.07
N TYR B 134 1.89 -1.03 -33.55
CA TYR B 134 2.66 -2.01 -32.79
C TYR B 134 2.64 -1.78 -31.29
N ASP B 135 2.08 -2.74 -30.56
CA ASP B 135 1.98 -2.69 -29.11
C ASP B 135 3.23 -3.37 -28.56
N GLY B 136 3.99 -2.66 -27.75
CA GLY B 136 5.21 -3.24 -27.21
C GLY B 136 5.07 -3.82 -25.82
N LEU B 137 3.83 -4.05 -25.40
CA LEU B 137 3.57 -4.60 -24.06
C LEU B 137 4.23 -5.97 -23.87
N ALA B 138 3.92 -6.92 -24.74
CA ALA B 138 4.47 -8.27 -24.63
C ALA B 138 6.00 -8.31 -24.64
N LEU B 139 6.61 -7.66 -25.61
CA LEU B 139 8.06 -7.65 -25.73
C LEU B 139 8.71 -7.00 -24.52
N ALA B 140 8.09 -5.93 -24.02
CA ALA B 140 8.63 -5.23 -22.86
C ALA B 140 8.68 -6.15 -21.64
N ALA B 141 7.52 -6.69 -21.26
CA ALA B 141 7.44 -7.57 -20.11
C ALA B 141 8.26 -8.85 -20.27
N HIS B 142 8.04 -9.57 -21.36
CA HIS B 142 8.75 -10.83 -21.59
C HIS B 142 10.28 -10.77 -21.60
N GLU B 143 10.87 -9.79 -22.27
CA GLU B 143 12.32 -9.72 -22.32
C GLU B 143 12.93 -8.60 -21.49
N ASN B 144 12.09 -7.92 -20.74
CA ASN B 144 12.53 -6.85 -19.86
C ASN B 144 13.37 -5.78 -20.55
N VAL B 145 12.86 -5.25 -21.65
CA VAL B 145 13.54 -4.20 -22.39
C VAL B 145 12.54 -3.07 -22.51
N VAL B 146 13.03 -1.84 -22.67
CA VAL B 146 12.13 -0.72 -22.85
C VAL B 146 11.91 -0.64 -24.36
N VAL B 147 10.66 -0.60 -24.77
CA VAL B 147 10.33 -0.55 -26.18
C VAL B 147 9.77 0.81 -26.54
N VAL B 148 10.35 1.41 -27.56
CA VAL B 148 9.89 2.70 -28.03
C VAL B 148 9.47 2.57 -29.47
N THR B 149 8.28 3.06 -29.81
CA THR B 149 7.79 3.03 -31.18
C THR B 149 7.76 4.48 -31.63
N ILE B 150 8.44 4.78 -32.73
CA ILE B 150 8.48 6.16 -33.21
C ILE B 150 7.79 6.37 -34.54
N GLN B 151 7.32 7.59 -34.76
CA GLN B 151 6.67 7.90 -36.01
C GLN B 151 7.53 8.92 -36.74
N TYR B 152 7.29 9.03 -38.05
CA TYR B 152 8.05 9.95 -38.88
C TYR B 152 7.20 10.38 -40.07
N ARG B 153 7.51 11.53 -40.63
CA ARG B 153 6.77 12.05 -41.76
C ARG B 153 6.82 11.09 -42.94
N LEU B 154 5.68 10.91 -43.58
CA LEU B 154 5.53 10.00 -44.71
C LEU B 154 5.21 10.68 -46.05
N GLY B 155 5.40 9.94 -47.13
CA GLY B 155 5.13 10.43 -48.47
C GLY B 155 5.56 11.85 -48.75
N ILE B 156 4.67 12.61 -49.41
CA ILE B 156 4.96 14.00 -49.74
C ILE B 156 5.57 14.76 -48.57
N TRP B 157 4.91 14.69 -47.42
CA TRP B 157 5.37 15.38 -46.21
C TRP B 157 6.79 15.02 -45.74
N GLY B 158 7.14 13.73 -45.76
CA GLY B 158 8.46 13.35 -45.30
C GLY B 158 9.55 13.13 -46.32
N PHE B 159 9.22 13.11 -47.61
CA PHE B 159 10.24 12.85 -48.62
C PHE B 159 10.26 13.71 -49.89
N PHE B 160 9.50 14.81 -49.92
CA PHE B 160 9.51 15.64 -51.11
C PHE B 160 10.88 16.29 -51.26
N SER B 161 11.47 16.14 -52.45
CA SER B 161 12.79 16.70 -52.72
C SER B 161 12.90 17.40 -54.07
N THR B 162 13.45 18.61 -54.07
CA THR B 162 13.65 19.38 -55.29
C THR B 162 15.06 19.12 -55.78
N GLY B 163 15.78 18.26 -55.05
CA GLY B 163 17.12 17.91 -55.42
C GLY B 163 18.15 18.97 -55.07
N ASP B 164 17.73 20.01 -54.34
CA ASP B 164 18.64 21.07 -53.94
C ASP B 164 18.31 21.61 -52.56
N GLU B 165 18.99 22.68 -52.16
CA GLU B 165 18.82 23.27 -50.83
C GLU B 165 17.41 23.73 -50.44
N HIS B 166 16.57 24.05 -51.43
CA HIS B 166 15.21 24.50 -51.14
C HIS B 166 14.38 23.40 -50.50
N SER B 167 14.65 22.15 -50.88
CA SER B 167 13.96 21.00 -50.31
C SER B 167 14.83 19.77 -50.59
N ARG B 168 15.80 19.53 -49.71
CA ARG B 168 16.72 18.43 -49.85
C ARG B 168 16.03 17.08 -49.77
N GLY B 169 15.09 16.96 -48.84
CA GLY B 169 14.39 15.70 -48.67
C GLY B 169 14.86 14.90 -47.47
N ASN B 170 14.35 13.67 -47.35
CA ASN B 170 14.68 12.77 -46.26
C ASN B 170 14.21 13.34 -44.93
N TRP B 171 13.10 14.10 -44.96
CA TRP B 171 12.57 14.70 -43.75
C TRP B 171 12.21 13.59 -42.74
N GLY B 172 11.59 12.53 -43.25
CA GLY B 172 11.20 11.42 -42.39
C GLY B 172 12.38 10.76 -41.70
N HIS B 173 13.49 10.63 -42.43
CA HIS B 173 14.70 10.04 -41.86
C HIS B 173 15.23 10.99 -40.80
N LEU B 174 15.07 12.30 -41.03
CA LEU B 174 15.53 13.28 -40.06
C LEU B 174 14.67 13.19 -38.81
N ASP B 175 13.40 12.86 -38.98
CA ASP B 175 12.50 12.69 -37.83
C ASP B 175 12.98 11.47 -37.05
N GLN B 176 13.35 10.41 -37.76
CA GLN B 176 13.85 9.20 -37.12
C GLN B 176 15.06 9.59 -36.28
N VAL B 177 15.94 10.41 -36.85
CA VAL B 177 17.13 10.84 -36.14
C VAL B 177 16.75 11.69 -34.93
N ALA B 178 15.83 12.62 -35.10
CA ALA B 178 15.41 13.47 -34.00
C ALA B 178 14.80 12.60 -32.90
N ALA B 179 14.04 11.59 -33.31
CA ALA B 179 13.41 10.68 -32.36
C ALA B 179 14.51 9.96 -31.56
N LEU B 180 15.55 9.52 -32.25
CA LEU B 180 16.64 8.82 -31.58
C LEU B 180 17.36 9.80 -30.66
N ARG B 181 17.49 11.04 -31.13
CA ARG B 181 18.12 12.08 -30.35
C ARG B 181 17.35 12.24 -29.04
N TRP B 182 16.02 12.27 -29.13
CA TRP B 182 15.17 12.42 -27.96
C TRP B 182 15.35 11.28 -26.97
N VAL B 183 15.57 10.07 -27.48
CA VAL B 183 15.75 8.92 -26.62
C VAL B 183 17.04 9.04 -25.81
N GLN B 184 18.09 9.55 -26.46
CA GLN B 184 19.38 9.71 -25.76
C GLN B 184 19.30 10.75 -24.64
N ASP B 185 18.38 11.71 -24.77
CA ASP B 185 18.26 12.74 -23.76
C ASP B 185 17.21 12.48 -22.69
N ASN B 186 16.30 11.55 -22.94
CA ASN B 186 15.24 11.29 -21.98
C ASN B 186 15.04 9.86 -21.50
N ILE B 187 15.42 8.89 -22.33
CA ILE B 187 15.19 7.49 -21.99
C ILE B 187 15.58 7.07 -20.59
N ALA B 188 16.66 7.63 -20.04
CA ALA B 188 17.08 7.27 -18.69
C ALA B 188 15.90 7.42 -17.72
N SER B 189 15.19 8.54 -17.82
CA SER B 189 14.04 8.80 -16.95
C SER B 189 13.00 7.68 -17.04
N PHE B 190 12.98 6.97 -18.16
CA PHE B 190 12.01 5.89 -18.34
C PHE B 190 12.60 4.52 -18.04
N GLY B 191 13.68 4.50 -17.27
CA GLY B 191 14.31 3.24 -16.90
C GLY B 191 15.19 2.63 -17.98
N GLY B 192 15.38 3.35 -19.07
CA GLY B 192 16.19 2.84 -20.17
C GLY B 192 17.63 3.34 -20.15
N ASN B 193 18.53 2.51 -20.66
CA ASN B 193 19.94 2.87 -20.72
C ASN B 193 20.26 3.50 -22.07
N PRO B 194 20.49 4.81 -22.09
CA PRO B 194 20.81 5.49 -23.34
C PRO B 194 22.11 4.99 -23.95
N GLY B 195 22.90 4.29 -23.14
CA GLY B 195 24.16 3.79 -23.64
C GLY B 195 24.04 2.48 -24.39
N SER B 196 22.82 1.96 -24.44
CA SER B 196 22.54 0.70 -25.10
C SER B 196 21.18 0.82 -25.79
N VAL B 197 21.21 1.27 -27.04
CA VAL B 197 20.02 1.48 -27.85
C VAL B 197 20.07 0.66 -29.13
N THR B 198 19.00 -0.08 -29.38
CA THR B 198 18.93 -0.90 -30.57
C THR B 198 17.82 -0.40 -31.47
N ILE B 199 18.15 -0.12 -32.72
CA ILE B 199 17.14 0.32 -33.66
C ILE B 199 16.76 -0.89 -34.50
N PHE B 200 15.47 -1.03 -34.78
CA PHE B 200 14.99 -2.12 -35.60
C PHE B 200 13.64 -1.77 -36.20
N GLY B 201 13.39 -2.30 -37.39
CA GLY B 201 12.15 -2.05 -38.09
C GLY B 201 12.09 -3.00 -39.26
N GLU B 202 10.93 -3.12 -39.89
CA GLU B 202 10.83 -4.00 -41.03
C GLU B 202 10.36 -3.24 -42.26
N SER B 203 10.68 -3.80 -43.43
CA SER B 203 10.31 -3.18 -44.70
C SER B 203 10.99 -1.80 -44.80
N ALA B 204 10.21 -0.75 -45.00
CA ALA B 204 10.78 0.59 -45.11
C ALA B 204 11.50 0.97 -43.82
N GLY B 205 10.96 0.50 -42.70
CA GLY B 205 11.57 0.76 -41.41
C GLY B 205 12.88 0.00 -41.36
N GLY B 206 12.93 -1.09 -42.12
CA GLY B 206 14.14 -1.87 -42.18
C GLY B 206 15.16 -1.11 -42.99
N GLU B 207 14.69 -0.50 -44.08
CA GLU B 207 15.55 0.30 -44.95
C GLU B 207 16.04 1.52 -44.19
N SER B 208 15.19 2.03 -43.32
CA SER B 208 15.53 3.20 -42.53
C SER B 208 16.70 2.83 -41.63
N VAL B 209 16.56 1.72 -40.92
CA VAL B 209 17.62 1.25 -40.03
C VAL B 209 18.91 1.15 -40.85
N SER B 210 18.77 0.63 -42.06
CA SER B 210 19.89 0.46 -42.96
C SER B 210 20.51 1.83 -43.32
N VAL B 211 19.65 2.79 -43.66
CA VAL B 211 20.09 4.12 -44.03
C VAL B 211 20.78 4.80 -42.85
N LEU B 212 20.21 4.65 -41.66
CA LEU B 212 20.79 5.26 -40.47
C LEU B 212 22.14 4.65 -40.17
N VAL B 213 22.27 3.34 -40.44
CA VAL B 213 23.52 2.64 -40.19
C VAL B 213 24.64 3.14 -41.11
N LEU B 214 24.29 3.88 -42.16
CA LEU B 214 25.29 4.42 -43.09
C LEU B 214 25.46 5.92 -42.93
N SER B 215 24.51 6.56 -42.25
CA SER B 215 24.54 8.01 -42.06
C SER B 215 25.40 8.44 -40.89
N PRO B 216 26.23 9.47 -41.09
CA PRO B 216 27.10 9.97 -40.03
C PRO B 216 26.34 10.79 -38.99
N LEU B 217 25.13 11.21 -39.32
CA LEU B 217 24.30 11.98 -38.39
C LEU B 217 23.85 11.15 -37.20
N ALA B 218 23.63 9.85 -37.44
CA ALA B 218 23.16 8.96 -36.39
C ALA B 218 24.29 8.25 -35.63
N LYS B 219 25.52 8.71 -35.87
CA LYS B 219 26.72 8.17 -35.24
C LYS B 219 26.57 7.56 -33.84
N ASN B 220 26.23 8.41 -32.88
CA ASN B 220 26.14 7.95 -31.50
C ASN B 220 24.70 7.83 -31.00
N LEU B 221 23.77 7.60 -31.91
CA LEU B 221 22.37 7.50 -31.52
C LEU B 221 21.83 6.09 -31.30
N PHE B 222 22.61 5.07 -31.67
CA PHE B 222 22.20 3.68 -31.45
C PHE B 222 23.44 2.80 -31.34
N HIS B 223 23.28 1.61 -30.75
CA HIS B 223 24.39 0.70 -30.52
C HIS B 223 24.32 -0.68 -31.15
N ARG B 224 23.16 -1.00 -31.70
CA ARG B 224 22.94 -2.27 -32.41
C ARG B 224 21.88 -1.95 -33.45
N ALA B 225 21.82 -2.74 -34.51
CA ALA B 225 20.84 -2.47 -35.55
C ALA B 225 20.27 -3.76 -36.12
N ILE B 226 18.94 -3.76 -36.34
CA ILE B 226 18.25 -4.91 -36.90
C ILE B 226 17.31 -4.49 -38.03
N SER B 227 17.59 -4.98 -39.24
CA SER B 227 16.73 -4.66 -40.37
C SER B 227 15.95 -5.91 -40.80
N GLU B 228 14.62 -5.84 -40.67
CA GLU B 228 13.74 -6.94 -41.04
C GLU B 228 13.16 -6.70 -42.42
N SER B 229 13.45 -7.59 -43.36
CA SER B 229 12.91 -7.49 -44.72
C SER B 229 13.05 -6.10 -45.37
N GLY B 230 14.26 -5.55 -45.38
CA GLY B 230 14.46 -4.24 -45.99
C GLY B 230 15.79 -3.59 -45.63
N VAL B 231 16.51 -3.15 -46.66
CA VAL B 231 17.81 -2.50 -46.49
C VAL B 231 18.02 -1.37 -47.49
N ALA B 232 19.05 -0.55 -47.28
CA ALA B 232 19.32 0.56 -48.16
C ALA B 232 19.55 0.14 -49.61
N LEU B 233 19.70 -1.15 -49.86
CA LEU B 233 19.89 -1.60 -51.23
C LEU B 233 18.61 -2.14 -51.89
N THR B 234 17.46 -1.88 -51.26
CA THR B 234 16.17 -2.27 -51.82
C THR B 234 15.85 -1.05 -52.71
N SER B 235 16.42 -1.07 -53.91
CA SER B 235 16.30 0.02 -54.89
C SER B 235 14.98 0.76 -55.00
N VAL B 236 13.88 0.11 -54.64
CA VAL B 236 12.58 0.78 -54.74
C VAL B 236 12.48 1.98 -53.79
N LEU B 237 13.07 1.82 -52.61
CA LEU B 237 13.04 2.86 -51.57
C LEU B 237 14.03 4.01 -51.71
N VAL B 238 15.11 3.77 -52.45
CA VAL B 238 16.12 4.81 -52.64
C VAL B 238 16.13 5.34 -54.06
N LYS B 239 15.84 6.63 -54.20
CA LYS B 239 15.79 7.30 -55.49
C LYS B 239 17.17 7.75 -55.90
N LYS B 240 17.67 7.16 -56.98
CA LYS B 240 18.99 7.52 -57.49
C LYS B 240 18.85 8.56 -58.61
N GLY B 241 19.90 9.34 -58.82
CA GLY B 241 19.89 10.34 -59.87
C GLY B 241 19.14 11.63 -59.59
N ASP B 242 18.76 12.33 -60.65
CA ASP B 242 18.03 13.59 -60.56
C ASP B 242 16.57 13.32 -60.23
N VAL B 243 16.11 13.88 -59.12
CA VAL B 243 14.73 13.70 -58.65
C VAL B 243 13.81 14.87 -59.02
N LYS B 244 14.36 15.85 -59.72
CA LYS B 244 13.61 17.03 -60.13
C LYS B 244 12.31 16.68 -60.88
N PRO B 245 12.37 15.69 -61.78
CA PRO B 245 11.18 15.29 -62.54
C PRO B 245 9.99 14.90 -61.65
N LEU B 246 10.22 14.06 -60.65
CA LEU B 246 9.14 13.65 -59.76
C LEU B 246 8.68 14.81 -58.88
N ALA B 247 9.60 15.70 -58.56
CA ALA B 247 9.24 16.84 -57.75
C ALA B 247 8.24 17.66 -58.56
N GLU B 248 8.62 17.94 -59.81
CA GLU B 248 7.80 18.70 -60.73
C GLU B 248 6.45 18.07 -61.01
N GLN B 249 6.42 16.76 -61.14
CA GLN B 249 5.16 16.07 -61.42
C GLN B 249 4.23 16.23 -60.21
N ILE B 250 4.80 16.21 -59.01
CA ILE B 250 4.02 16.34 -57.80
C ILE B 250 3.46 17.76 -57.68
N ALA B 251 4.29 18.75 -58.00
CA ALA B 251 3.88 20.14 -57.95
C ALA B 251 2.74 20.39 -58.94
N ILE B 252 2.90 19.87 -60.15
CA ILE B 252 1.89 20.04 -61.18
C ILE B 252 0.58 19.38 -60.76
N THR B 253 0.66 18.15 -60.25
CA THR B 253 -0.53 17.43 -59.81
C THR B 253 -1.24 18.22 -58.73
N ALA B 254 -0.48 18.93 -57.91
CA ALA B 254 -1.05 19.72 -56.83
C ALA B 254 -1.48 21.12 -57.27
N GLY B 255 -1.30 21.43 -58.55
CA GLY B 255 -1.70 22.74 -59.03
C GLY B 255 -0.69 23.83 -58.72
N CYS B 256 0.58 23.47 -58.78
CA CYS B 256 1.65 24.42 -58.52
C CYS B 256 2.50 24.63 -59.76
N LYS B 257 3.08 25.81 -59.88
CA LYS B 257 3.94 26.11 -61.01
C LYS B 257 5.28 25.46 -60.71
N THR B 258 6.03 25.13 -61.76
CA THR B 258 7.33 24.51 -61.56
C THR B 258 8.44 25.46 -61.97
N THR B 259 8.16 26.77 -61.93
CA THR B 259 9.12 27.80 -62.31
C THR B 259 10.53 27.56 -61.78
N THR B 260 10.63 27.38 -60.47
CA THR B 260 11.92 27.10 -59.82
C THR B 260 11.63 26.23 -58.60
N SER B 261 12.69 25.70 -57.99
CA SER B 261 12.53 24.86 -56.82
C SER B 261 11.82 25.64 -55.71
N ALA B 262 12.32 26.85 -55.44
CA ALA B 262 11.76 27.71 -54.40
C ALA B 262 10.29 27.95 -54.67
N VAL B 263 9.93 28.17 -55.94
CA VAL B 263 8.53 28.39 -56.27
C VAL B 263 7.68 27.18 -55.92
N MET B 264 8.12 25.99 -56.30
CA MET B 264 7.40 24.75 -56.02
C MET B 264 7.23 24.56 -54.51
N VAL B 265 8.35 24.59 -53.80
CA VAL B 265 8.36 24.42 -52.35
C VAL B 265 7.35 25.37 -51.72
N HIS B 266 7.53 26.66 -51.97
CA HIS B 266 6.64 27.67 -51.41
C HIS B 266 5.16 27.40 -51.70
N CYS B 267 4.86 27.03 -52.93
CA CYS B 267 3.49 26.75 -53.30
C CYS B 267 2.99 25.54 -52.51
N LEU B 268 3.76 24.45 -52.54
CA LEU B 268 3.39 23.24 -51.83
C LEU B 268 3.13 23.50 -50.34
N ARG B 269 3.86 24.46 -49.76
CA ARG B 269 3.66 24.79 -48.35
C ARG B 269 2.33 25.51 -48.10
N GLN B 270 1.85 26.24 -49.10
CA GLN B 270 0.60 26.99 -48.98
C GLN B 270 -0.61 26.08 -49.11
N LYS B 271 -0.37 24.81 -49.45
CA LYS B 271 -1.45 23.85 -49.61
C LYS B 271 -1.92 23.26 -48.29
N THR B 272 -3.21 23.00 -48.19
CA THR B 272 -3.77 22.42 -46.98
C THR B 272 -3.36 20.96 -46.89
N GLU B 273 -3.41 20.40 -45.69
CA GLU B 273 -3.05 18.99 -45.53
C GLU B 273 -3.89 18.14 -46.47
N GLU B 274 -5.17 18.48 -46.55
CA GLU B 274 -6.13 17.75 -47.36
C GLU B 274 -5.87 17.83 -48.86
N GLU B 275 -5.38 18.98 -49.33
CA GLU B 275 -5.10 19.12 -50.76
C GLU B 275 -3.91 18.23 -51.10
N LEU B 276 -2.92 18.17 -50.20
CA LEU B 276 -1.74 17.34 -50.42
C LEU B 276 -2.08 15.87 -50.35
N LEU B 277 -3.02 15.50 -49.48
CA LEU B 277 -3.43 14.11 -49.38
C LEU B 277 -4.17 13.77 -50.68
N GLU B 278 -4.98 14.71 -51.17
CA GLU B 278 -5.72 14.48 -52.41
C GLU B 278 -4.72 14.31 -53.56
N THR B 279 -3.64 15.08 -53.52
CA THR B 279 -2.60 14.99 -54.52
C THR B 279 -2.01 13.58 -54.44
N THR B 280 -1.79 13.13 -53.21
CA THR B 280 -1.23 11.81 -52.97
C THR B 280 -2.11 10.77 -53.63
N LEU B 281 -3.40 10.79 -53.30
CA LEU B 281 -4.35 9.83 -53.88
C LEU B 281 -4.33 9.89 -55.40
N LYS B 282 -4.11 11.08 -55.95
CA LYS B 282 -4.05 11.23 -57.41
C LYS B 282 -2.85 10.48 -57.99
N MET B 283 -1.70 10.61 -57.35
CA MET B 283 -0.47 9.97 -57.80
C MET B 283 -0.54 8.45 -57.84
N LYS B 284 -1.52 7.88 -57.15
CA LYS B 284 -1.68 6.43 -57.09
C LYS B 284 -0.38 5.66 -56.80
N PHE B 285 0.23 5.96 -55.66
CA PHE B 285 1.46 5.30 -55.24
C PHE B 285 1.16 3.89 -54.73
N LEU B 286 2.21 3.08 -54.57
CA LEU B 286 2.06 1.72 -54.06
C LEU B 286 1.14 0.81 -54.89
N SER B 287 0.89 1.20 -56.13
CA SER B 287 0.04 0.41 -57.03
C SER B 287 0.77 0.09 -58.32
N LEU B 288 0.65 -1.15 -58.76
CA LEU B 288 1.30 -1.59 -59.99
C LEU B 288 0.63 -0.88 -61.16
N ASP B 289 1.37 0.00 -61.81
CA ASP B 289 0.88 0.74 -62.96
C ASP B 289 1.07 -0.12 -64.20
N LEU B 290 -0.01 -0.72 -64.68
CA LEU B 290 0.04 -1.60 -65.84
C LEU B 290 -0.04 -0.84 -67.18
N GLN B 291 -0.31 0.45 -67.11
CA GLN B 291 -0.42 1.26 -68.31
C GLN B 291 0.61 2.38 -68.31
N GLY B 292 1.13 2.70 -69.48
CA GLY B 292 2.14 3.73 -69.55
C GLY B 292 3.48 3.07 -69.34
N ASP B 293 4.54 3.68 -69.87
CA ASP B 293 5.88 3.14 -69.74
C ASP B 293 6.24 2.87 -68.27
N PRO B 294 6.69 1.64 -67.96
CA PRO B 294 7.07 1.24 -66.61
C PRO B 294 8.24 2.03 -66.02
N ARG B 295 9.12 2.49 -66.90
CA ARG B 295 10.29 3.24 -66.47
C ARG B 295 9.96 4.63 -65.96
N GLU B 296 8.72 5.07 -66.18
CA GLU B 296 8.32 6.39 -65.73
C GLU B 296 7.16 6.36 -64.72
N SER B 297 7.22 5.40 -63.81
CA SER B 297 6.19 5.27 -62.78
C SER B 297 6.86 5.21 -61.42
N GLN B 298 6.48 6.12 -60.54
CA GLN B 298 7.03 6.19 -59.20
C GLN B 298 6.05 5.63 -58.20
N PRO B 299 6.21 4.36 -57.81
CA PRO B 299 5.27 3.79 -56.85
C PRO B 299 5.50 4.38 -55.46
N LEU B 300 6.63 5.09 -55.29
CA LEU B 300 6.98 5.68 -54.01
C LEU B 300 7.77 6.98 -54.11
N LEU B 301 7.82 7.68 -52.98
CA LEU B 301 8.58 8.91 -52.81
C LEU B 301 9.51 8.44 -51.71
N GLY B 302 10.75 8.13 -52.05
CA GLY B 302 11.64 7.63 -51.03
C GLY B 302 12.86 8.41 -50.61
N THR B 303 13.87 7.66 -50.17
CA THR B 303 15.13 8.21 -49.73
C THR B 303 15.92 8.76 -50.90
N VAL B 304 16.66 9.85 -50.65
CA VAL B 304 17.47 10.47 -51.68
C VAL B 304 18.84 10.77 -51.09
N ILE B 305 19.78 11.14 -51.94
CA ILE B 305 21.10 11.51 -51.48
C ILE B 305 20.98 13.01 -51.24
N ASP B 306 20.55 13.36 -50.03
CA ASP B 306 20.33 14.76 -49.68
C ASP B 306 21.57 15.59 -49.38
N GLY B 307 22.61 14.97 -48.85
CA GLY B 307 23.83 15.71 -48.54
C GLY B 307 23.96 16.14 -47.09
N MET B 308 23.04 15.68 -46.25
CA MET B 308 23.05 16.00 -44.82
C MET B 308 22.98 14.68 -44.08
N LEU B 309 22.05 13.84 -44.51
CA LEU B 309 21.84 12.51 -43.94
C LEU B 309 22.70 11.52 -44.71
N LEU B 310 22.65 11.61 -46.04
CA LEU B 310 23.43 10.73 -46.91
C LEU B 310 24.23 11.60 -47.87
N LEU B 311 25.55 11.42 -47.87
CA LEU B 311 26.42 12.21 -48.74
C LEU B 311 26.72 11.50 -50.05
N LYS B 312 26.47 10.20 -50.06
CA LYS B 312 26.69 9.40 -51.26
C LYS B 312 25.60 8.35 -51.33
N THR B 313 25.62 7.57 -52.40
CA THR B 313 24.65 6.51 -52.57
C THR B 313 24.99 5.43 -51.55
N PRO B 314 23.99 4.68 -51.08
CA PRO B 314 24.28 3.62 -50.10
C PRO B 314 25.39 2.69 -50.58
N GLU B 315 25.46 2.42 -51.87
CA GLU B 315 26.51 1.56 -52.41
C GLU B 315 27.88 2.16 -52.14
N GLU B 316 28.11 3.37 -52.62
CA GLU B 316 29.38 4.05 -52.44
C GLU B 316 29.75 4.15 -50.96
N LEU B 317 28.74 4.21 -50.10
CA LEU B 317 28.99 4.33 -48.67
C LEU B 317 29.44 3.04 -48.01
N GLN B 318 29.17 1.91 -48.64
CA GLN B 318 29.57 0.62 -48.09
C GLN B 318 31.03 0.41 -48.40
N ALA B 319 31.38 0.67 -49.66
CA ALA B 319 32.75 0.51 -50.15
C ALA B 319 33.76 1.20 -49.24
N GLU B 320 33.53 2.47 -48.97
CA GLU B 320 34.41 3.26 -48.13
C GLU B 320 34.57 2.67 -46.73
N ARG B 321 33.91 1.53 -46.47
CA ARG B 321 33.95 0.91 -45.15
C ARG B 321 33.95 2.07 -44.16
N ASN B 322 33.06 3.01 -44.46
CA ASN B 322 32.85 4.23 -43.71
C ASN B 322 31.40 4.29 -43.24
N PHE B 323 31.15 3.80 -42.02
CA PHE B 323 29.81 3.80 -41.44
C PHE B 323 29.80 3.26 -40.02
N HIS B 324 28.61 3.05 -39.48
CA HIS B 324 28.46 2.56 -38.11
C HIS B 324 28.88 1.11 -37.93
N THR B 325 30.03 0.94 -37.29
CA THR B 325 30.56 -0.37 -37.02
C THR B 325 29.92 -0.89 -35.74
N VAL B 326 28.61 -1.15 -35.81
CA VAL B 326 27.85 -1.65 -34.68
C VAL B 326 27.25 -3.00 -35.05
N PRO B 327 26.93 -3.85 -34.06
CA PRO B 327 26.35 -5.15 -34.37
C PRO B 327 25.11 -4.96 -35.24
N TYR B 328 25.11 -5.58 -36.40
CA TYR B 328 23.99 -5.44 -37.34
C TYR B 328 23.40 -6.79 -37.69
N MET B 329 22.07 -6.91 -37.59
CA MET B 329 21.36 -8.14 -37.91
C MET B 329 20.44 -7.94 -39.10
N VAL B 330 20.72 -8.62 -40.20
CA VAL B 330 19.91 -8.50 -41.41
C VAL B 330 19.25 -9.82 -41.74
N GLY B 331 17.92 -9.84 -41.81
CA GLY B 331 17.23 -11.08 -42.12
C GLY B 331 16.10 -10.88 -43.11
N ILE B 332 15.63 -11.99 -43.68
CA ILE B 332 14.55 -11.94 -44.64
C ILE B 332 13.56 -13.07 -44.36
N ASN B 333 12.44 -13.08 -45.07
CA ASN B 333 11.44 -14.10 -44.89
C ASN B 333 11.38 -14.99 -46.12
N LYS B 334 10.91 -16.22 -45.93
CA LYS B 334 10.83 -17.21 -47.00
C LYS B 334 10.21 -16.72 -48.31
N GLN B 335 9.07 -16.06 -48.21
CA GLN B 335 8.37 -15.55 -49.39
C GLN B 335 8.01 -14.07 -49.19
N GLU B 336 8.96 -13.19 -49.48
CA GLU B 336 8.76 -11.75 -49.34
C GLU B 336 7.66 -11.21 -50.25
N PHE B 337 7.56 -11.79 -51.44
CA PHE B 337 6.54 -11.35 -52.37
C PHE B 337 5.42 -12.41 -52.38
N GLY B 338 5.34 -13.14 -51.26
CA GLY B 338 4.35 -14.17 -51.11
C GLY B 338 2.93 -13.75 -51.43
N TRP B 339 2.33 -12.90 -50.60
CA TRP B 339 0.95 -12.46 -50.80
C TRP B 339 0.77 -10.96 -50.61
N LEU B 340 1.01 -10.53 -49.37
CA LEU B 340 0.85 -9.15 -48.95
C LEU B 340 1.15 -8.06 -49.96
N ILE B 341 2.41 -7.92 -50.37
CA ILE B 341 2.77 -6.86 -51.32
C ILE B 341 2.04 -6.94 -52.67
N PRO B 342 2.15 -8.06 -53.38
CA PRO B 342 1.42 -8.06 -54.66
C PRO B 342 -0.08 -7.81 -54.45
N MET B 343 -0.59 -8.27 -53.31
CA MET B 343 -2.01 -8.08 -52.99
C MET B 343 -2.31 -6.59 -52.82
N LEU B 344 -1.40 -5.88 -52.15
CA LEU B 344 -1.57 -4.46 -51.92
C LEU B 344 -1.31 -3.61 -53.15
N MET B 345 -0.50 -4.13 -54.07
CA MET B 345 -0.18 -3.40 -55.29
C MET B 345 -1.06 -3.76 -56.46
N SER B 346 -2.10 -4.54 -56.19
CA SER B 346 -3.04 -4.95 -57.21
C SER B 346 -2.39 -5.68 -58.39
N TYR B 347 -1.54 -6.64 -58.06
CA TYR B 347 -0.87 -7.45 -59.07
C TYR B 347 -1.88 -8.37 -59.74
N PRO B 348 -1.91 -8.38 -61.08
CA PRO B 348 -2.82 -9.20 -61.90
C PRO B 348 -2.48 -10.69 -61.96
N LEU B 349 -2.77 -11.41 -60.88
CA LEU B 349 -2.48 -12.84 -60.81
C LEU B 349 -3.71 -13.69 -60.47
N SER B 350 -4.88 -13.16 -60.78
CA SER B 350 -6.17 -13.81 -60.53
C SER B 350 -6.23 -15.28 -60.97
N GLU B 351 -5.63 -15.59 -62.12
CA GLU B 351 -5.61 -16.94 -62.65
C GLU B 351 -4.91 -17.89 -61.69
N GLY B 352 -3.89 -17.38 -60.99
CA GLY B 352 -3.15 -18.19 -60.05
C GLY B 352 -2.11 -19.04 -60.78
N GLN B 353 -1.87 -18.70 -62.04
CA GLN B 353 -0.90 -19.42 -62.86
C GLN B 353 -0.08 -18.38 -63.60
N LEU B 354 0.77 -18.83 -64.53
CA LEU B 354 1.62 -17.90 -65.26
C LEU B 354 2.58 -18.61 -66.21
N ASP B 355 2.51 -18.27 -67.49
CA ASP B 355 3.40 -18.87 -68.49
C ASP B 355 4.63 -17.97 -68.64
N GLN B 356 5.60 -18.42 -69.45
CA GLN B 356 6.83 -17.68 -69.67
C GLN B 356 6.64 -16.24 -70.16
N LYS B 357 5.97 -16.08 -71.30
CA LYS B 357 5.75 -14.75 -71.88
C LYS B 357 5.09 -13.76 -70.92
N THR B 358 3.98 -14.16 -70.33
CA THR B 358 3.28 -13.29 -69.40
C THR B 358 4.20 -12.88 -68.25
N ALA B 359 5.13 -13.79 -67.91
CA ALA B 359 6.08 -13.55 -66.85
C ALA B 359 7.04 -12.42 -67.21
N MET B 360 7.59 -12.47 -68.42
CA MET B 360 8.51 -11.44 -68.89
C MET B 360 7.80 -10.11 -68.99
N SER B 361 6.58 -10.14 -69.52
CA SER B 361 5.78 -8.94 -69.67
C SER B 361 5.48 -8.33 -68.30
N LEU B 362 5.13 -9.17 -67.34
CA LEU B 362 4.83 -8.67 -66.01
C LEU B 362 6.09 -8.15 -65.33
N LEU B 363 7.21 -8.84 -65.57
CA LEU B 363 8.47 -8.45 -64.97
C LEU B 363 8.87 -7.06 -65.44
N TRP B 364 8.55 -6.73 -66.69
CA TRP B 364 8.86 -5.42 -67.22
C TRP B 364 8.04 -4.36 -66.49
N LYS B 365 6.72 -4.58 -66.40
CA LYS B 365 5.83 -3.65 -65.70
C LYS B 365 6.30 -3.44 -64.25
N SER B 366 6.96 -4.45 -63.70
CA SER B 366 7.46 -4.43 -62.34
C SER B 366 8.76 -3.64 -62.26
N TYR B 367 9.14 -3.02 -63.37
CA TYR B 367 10.38 -2.25 -63.43
C TYR B 367 10.60 -1.35 -62.21
N PRO B 368 9.61 -0.53 -61.85
CA PRO B 368 9.76 0.35 -60.69
C PRO B 368 10.12 -0.35 -59.38
N LEU B 369 9.87 -1.66 -59.30
CA LEU B 369 10.18 -2.42 -58.10
C LEU B 369 11.53 -3.15 -58.17
N VAL B 370 11.91 -3.63 -59.34
CA VAL B 370 13.16 -4.37 -59.49
C VAL B 370 14.22 -3.77 -60.43
N CYS B 371 13.83 -2.82 -61.27
CA CYS B 371 14.77 -2.17 -62.17
C CYS B 371 15.53 -3.11 -63.14
N ILE B 372 14.82 -4.06 -63.74
CA ILE B 372 15.46 -4.98 -64.67
C ILE B 372 15.31 -4.52 -66.11
N ALA B 373 16.41 -4.06 -66.70
CA ALA B 373 16.40 -3.58 -68.08
C ALA B 373 15.66 -4.56 -68.98
N LYS B 374 14.85 -4.04 -69.87
CA LYS B 374 14.06 -4.85 -70.79
C LYS B 374 14.89 -5.91 -71.50
N GLU B 375 16.15 -5.58 -71.78
CA GLU B 375 17.07 -6.49 -72.47
C GLU B 375 17.56 -7.64 -71.63
N LEU B 376 17.39 -7.56 -70.32
CA LEU B 376 17.83 -8.62 -69.43
C LEU B 376 16.67 -9.46 -68.91
N ILE B 377 15.44 -9.00 -69.17
CA ILE B 377 14.24 -9.70 -68.73
C ILE B 377 14.21 -11.19 -69.05
N PRO B 378 14.61 -11.58 -70.28
CA PRO B 378 14.62 -12.99 -70.67
C PRO B 378 15.55 -13.86 -69.84
N GLU B 379 16.81 -13.46 -69.73
CA GLU B 379 17.76 -14.24 -68.93
C GLU B 379 17.17 -14.45 -67.55
N ALA B 380 16.62 -13.37 -67.00
CA ALA B 380 16.02 -13.40 -65.68
C ALA B 380 14.89 -14.41 -65.63
N THR B 381 13.90 -14.23 -66.49
CA THR B 381 12.75 -15.12 -66.52
C THR B 381 13.12 -16.57 -66.79
N GLU B 382 14.13 -16.77 -67.65
CA GLU B 382 14.58 -18.11 -67.98
C GLU B 382 15.27 -18.75 -66.78
N LYS B 383 16.18 -18.01 -66.18
CA LYS B 383 16.92 -18.50 -65.02
C LYS B 383 15.98 -18.96 -63.90
N TYR B 384 14.87 -18.24 -63.72
CA TYR B 384 13.93 -18.59 -62.66
C TYR B 384 12.78 -19.51 -63.11
N LEU B 385 12.28 -19.34 -64.34
CA LEU B 385 11.15 -20.14 -64.80
C LEU B 385 11.39 -21.25 -65.82
N GLY B 386 12.45 -21.16 -66.60
CA GLY B 386 12.71 -22.21 -67.58
C GLY B 386 12.93 -23.60 -67.01
N GLY B 387 12.73 -23.76 -65.70
CA GLY B 387 12.96 -25.05 -65.09
C GLY B 387 11.74 -25.96 -64.97
N THR B 388 10.55 -25.39 -64.98
CA THR B 388 9.34 -26.18 -64.86
C THR B 388 8.30 -25.80 -65.91
N ASP B 389 7.48 -26.77 -66.30
CA ASP B 389 6.43 -26.54 -67.29
C ASP B 389 5.13 -26.31 -66.53
N ASP B 390 5.22 -26.30 -65.21
CA ASP B 390 4.08 -26.11 -64.34
C ASP B 390 3.82 -24.61 -64.19
N THR B 391 2.76 -24.13 -64.86
CA THR B 391 2.43 -22.70 -64.82
C THR B 391 2.23 -22.16 -63.41
N VAL B 392 1.85 -23.01 -62.47
CA VAL B 392 1.66 -22.57 -61.09
C VAL B 392 3.01 -22.38 -60.41
N LYS B 393 3.96 -23.27 -60.71
CA LYS B 393 5.29 -23.15 -60.13
C LYS B 393 5.99 -21.96 -60.75
N LYS B 394 5.75 -21.73 -62.03
CA LYS B 394 6.35 -20.59 -62.70
C LYS B 394 5.88 -19.32 -61.99
N LYS B 395 4.59 -19.30 -61.65
CA LYS B 395 4.01 -18.15 -60.97
C LYS B 395 4.63 -17.97 -59.58
N ASP B 396 4.91 -19.07 -58.88
CA ASP B 396 5.53 -18.95 -57.57
C ASP B 396 7.00 -18.58 -57.73
N LEU B 397 7.64 -19.14 -58.76
CA LEU B 397 9.04 -18.87 -59.02
C LEU B 397 9.21 -17.41 -59.45
N PHE B 398 8.12 -16.83 -59.94
CA PHE B 398 8.11 -15.44 -60.38
C PHE B 398 8.13 -14.56 -59.13
N LEU B 399 7.41 -14.99 -58.09
CA LEU B 399 7.38 -14.23 -56.85
C LEU B 399 8.71 -14.38 -56.11
N ASP B 400 9.41 -15.47 -56.38
CA ASP B 400 10.71 -15.73 -55.78
C ASP B 400 11.70 -14.75 -56.37
N LEU B 401 11.63 -14.60 -57.69
CA LEU B 401 12.52 -13.70 -58.42
C LEU B 401 12.35 -12.27 -57.92
N ILE B 402 11.11 -11.80 -57.83
CA ILE B 402 10.87 -10.44 -57.36
C ILE B 402 11.40 -10.30 -55.94
N ALA B 403 11.15 -11.32 -55.13
CA ALA B 403 11.59 -11.31 -53.73
C ALA B 403 13.11 -11.21 -53.61
N ASP B 404 13.84 -12.00 -54.39
CA ASP B 404 15.29 -11.97 -54.35
C ASP B 404 15.87 -10.62 -54.76
N VAL B 405 15.26 -9.99 -55.77
CA VAL B 405 15.74 -8.71 -56.24
C VAL B 405 15.46 -7.60 -55.23
N MET B 406 14.33 -7.69 -54.54
CA MET B 406 13.97 -6.66 -53.58
C MET B 406 14.53 -6.83 -52.17
N PHE B 407 14.60 -8.06 -51.69
CA PHE B 407 15.08 -8.29 -50.34
C PHE B 407 16.24 -9.29 -50.17
N GLY B 408 16.05 -10.49 -50.68
CA GLY B 408 17.07 -11.53 -50.54
C GLY B 408 18.46 -11.09 -50.92
N VAL B 409 18.66 -10.75 -52.18
CA VAL B 409 19.97 -10.31 -52.66
C VAL B 409 20.44 -9.04 -51.95
N PRO B 410 19.62 -7.97 -51.96
CA PRO B 410 20.00 -6.72 -51.31
C PRO B 410 20.45 -6.93 -49.87
N SER B 411 19.65 -7.67 -49.09
CA SER B 411 19.98 -7.96 -47.70
C SER B 411 21.36 -8.61 -47.56
N VAL B 412 21.61 -9.68 -48.30
CA VAL B 412 22.88 -10.40 -48.20
C VAL B 412 24.10 -9.57 -48.56
N ILE B 413 24.01 -8.78 -49.63
CA ILE B 413 25.15 -7.94 -50.02
C ILE B 413 25.47 -6.99 -48.86
N VAL B 414 24.43 -6.44 -48.25
CA VAL B 414 24.61 -5.52 -47.13
C VAL B 414 25.36 -6.23 -46.00
N ALA B 415 24.83 -7.37 -45.56
CA ALA B 415 25.44 -8.14 -44.49
C ALA B 415 26.93 -8.38 -44.76
N ARG B 416 27.22 -8.89 -45.96
CA ARG B 416 28.60 -9.17 -46.36
C ARG B 416 29.50 -7.95 -46.22
N ASN B 417 29.04 -6.82 -46.72
CA ASN B 417 29.83 -5.60 -46.63
C ASN B 417 29.98 -5.18 -45.18
N HIS B 418 28.89 -5.23 -44.43
CA HIS B 418 28.93 -4.86 -43.02
C HIS B 418 29.96 -5.77 -42.33
N ARG B 419 29.92 -7.05 -42.69
CA ARG B 419 30.83 -8.04 -42.15
C ARG B 419 32.27 -7.68 -42.46
N ASP B 420 32.56 -7.48 -43.74
CA ASP B 420 33.91 -7.16 -44.19
C ASP B 420 34.46 -5.84 -43.65
N ALA B 421 33.61 -5.01 -43.07
CA ALA B 421 34.08 -3.74 -42.51
C ALA B 421 34.55 -3.99 -41.06
N GLY B 422 34.38 -5.21 -40.59
CA GLY B 422 34.84 -5.56 -39.26
C GLY B 422 33.82 -5.50 -38.14
N ALA B 423 32.58 -5.22 -38.46
CA ALA B 423 31.55 -5.15 -37.44
C ALA B 423 30.82 -6.49 -37.32
N PRO B 424 30.34 -6.82 -36.12
CA PRO B 424 29.62 -8.08 -35.92
C PRO B 424 28.36 -8.10 -36.78
N THR B 425 28.12 -9.21 -37.47
CA THR B 425 26.97 -9.35 -38.34
C THR B 425 26.24 -10.67 -38.13
N TYR B 426 24.92 -10.65 -38.30
CA TYR B 426 24.09 -11.84 -38.16
C TYR B 426 23.00 -11.80 -39.22
N MET B 427 22.55 -12.96 -39.66
CA MET B 427 21.49 -13.02 -40.64
C MET B 427 20.51 -14.11 -40.28
N TYR B 428 19.32 -14.03 -40.88
CA TYR B 428 18.29 -15.04 -40.65
C TYR B 428 17.32 -15.09 -41.82
N GLU B 429 16.57 -16.19 -41.90
CA GLU B 429 15.55 -16.38 -42.92
C GLU B 429 14.39 -16.98 -42.14
N PHE B 430 13.35 -16.17 -41.93
CA PHE B 430 12.15 -16.58 -41.19
C PHE B 430 11.19 -17.30 -42.12
N GLN B 431 10.78 -18.49 -41.72
CA GLN B 431 9.86 -19.28 -42.52
C GLN B 431 8.79 -19.88 -41.65
N TYR B 432 7.65 -19.20 -41.55
CA TYR B 432 6.53 -19.66 -40.74
C TYR B 432 5.26 -18.94 -41.17
N ARG B 433 4.10 -19.57 -40.96
CA ARG B 433 2.83 -18.94 -41.30
C ARG B 433 2.12 -18.58 -40.01
N PRO B 434 2.14 -17.29 -39.63
CA PRO B 434 1.47 -16.90 -38.39
C PRO B 434 -0.01 -17.24 -38.48
N SER B 435 -0.60 -17.65 -37.36
CA SER B 435 -2.02 -18.01 -37.35
C SER B 435 -2.87 -16.78 -37.49
N PHE B 436 -2.22 -15.62 -37.37
CA PHE B 436 -2.91 -14.34 -37.45
C PHE B 436 -2.96 -13.77 -38.86
N SER B 437 -2.45 -14.53 -39.83
CA SER B 437 -2.47 -14.11 -41.22
C SER B 437 -3.88 -13.82 -41.68
N SER B 438 -4.03 -12.89 -42.61
CA SER B 438 -5.36 -12.54 -43.14
C SER B 438 -6.00 -13.77 -43.78
N ASP B 439 -7.30 -13.95 -43.55
CA ASP B 439 -8.01 -15.10 -44.11
C ASP B 439 -7.99 -15.12 -45.63
N MET B 440 -7.62 -13.99 -46.24
CA MET B 440 -7.57 -13.90 -47.69
C MET B 440 -6.25 -14.42 -48.25
N LYS B 441 -5.28 -14.59 -47.37
CA LYS B 441 -3.96 -15.08 -47.75
C LYS B 441 -3.96 -16.60 -47.79
N PRO B 442 -3.57 -17.19 -48.94
CA PRO B 442 -3.55 -18.65 -49.04
C PRO B 442 -2.70 -19.31 -47.95
N LYS B 443 -3.22 -20.40 -47.39
CA LYS B 443 -2.56 -21.13 -46.31
C LYS B 443 -1.23 -21.75 -46.73
N THR B 444 -0.92 -21.69 -48.02
CA THR B 444 0.34 -22.23 -48.51
C THR B 444 1.47 -21.22 -48.47
N VAL B 445 1.12 -19.94 -48.38
CA VAL B 445 2.13 -18.89 -48.30
C VAL B 445 2.80 -18.99 -46.94
N ILE B 446 4.08 -19.33 -46.92
CA ILE B 446 4.80 -19.46 -45.66
C ILE B 446 5.92 -18.43 -45.61
N GLY B 447 5.88 -17.59 -44.59
CA GLY B 447 6.91 -16.56 -44.47
C GLY B 447 6.66 -15.43 -45.44
N ASP B 448 5.43 -14.92 -45.44
CA ASP B 448 5.07 -13.81 -46.30
C ASP B 448 5.72 -12.55 -45.71
N HIS B 449 5.67 -11.44 -46.45
CA HIS B 449 6.25 -10.19 -45.98
C HIS B 449 5.59 -9.76 -44.67
N GLY B 450 6.38 -9.54 -43.64
CA GLY B 450 5.82 -9.11 -42.37
C GLY B 450 5.37 -10.24 -41.45
N ASP B 451 5.59 -11.48 -41.88
CA ASP B 451 5.19 -12.64 -41.10
C ASP B 451 5.95 -12.82 -39.79
N GLU B 452 7.15 -12.26 -39.69
CA GLU B 452 7.95 -12.40 -38.48
C GLU B 452 7.48 -11.43 -37.38
N LEU B 453 6.79 -10.37 -37.80
CA LEU B 453 6.31 -9.37 -36.86
C LEU B 453 5.53 -9.95 -35.69
N PHE B 454 4.74 -10.99 -35.97
CA PHE B 454 3.93 -11.60 -34.92
C PHE B 454 4.74 -12.32 -33.87
N SER B 455 5.94 -12.76 -34.24
CA SER B 455 6.82 -13.44 -33.29
C SER B 455 7.57 -12.37 -32.51
N VAL B 456 8.10 -11.40 -33.23
CA VAL B 456 8.87 -10.31 -32.63
C VAL B 456 8.09 -9.47 -31.63
N PHE B 457 6.81 -9.22 -31.90
CA PHE B 457 6.01 -8.42 -30.99
C PHE B 457 5.04 -9.17 -30.09
N GLY B 458 5.30 -10.46 -29.88
CA GLY B 458 4.46 -11.25 -29.01
C GLY B 458 2.98 -11.36 -29.34
N ALA B 459 2.64 -11.36 -30.62
CA ALA B 459 1.23 -11.49 -31.01
C ALA B 459 0.58 -12.64 -30.23
N PRO B 460 1.28 -13.79 -30.13
CA PRO B 460 0.71 -14.93 -29.40
C PRO B 460 0.28 -14.62 -27.96
N PHE B 461 0.86 -13.58 -27.38
CA PHE B 461 0.54 -13.21 -26.01
C PHE B 461 -0.48 -12.08 -25.86
N LEU B 462 -0.85 -11.45 -26.95
CA LEU B 462 -1.83 -10.37 -26.92
C LEU B 462 -3.07 -10.73 -27.72
N LYS B 463 -2.87 -11.48 -28.80
CA LYS B 463 -3.97 -11.92 -29.63
C LYS B 463 -4.42 -13.30 -29.14
N GLU B 464 -5.26 -13.96 -29.91
CA GLU B 464 -5.78 -15.25 -29.50
C GLU B 464 -5.60 -16.36 -30.53
N GLY B 465 -5.65 -17.60 -30.05
CA GLY B 465 -5.51 -18.75 -30.94
C GLY B 465 -4.13 -19.33 -31.20
N ALA B 466 -3.09 -18.68 -30.70
CA ALA B 466 -1.74 -19.19 -30.93
C ALA B 466 -1.61 -20.62 -30.39
N SER B 467 -1.00 -21.51 -31.17
CA SER B 467 -0.81 -22.88 -30.73
C SER B 467 0.44 -22.90 -29.84
N GLU B 468 0.76 -24.07 -29.29
CA GLU B 468 1.94 -24.15 -28.43
C GLU B 468 3.17 -23.85 -29.26
N GLU B 469 3.23 -24.47 -30.43
CA GLU B 469 4.34 -24.28 -31.36
C GLU B 469 4.57 -22.79 -31.63
N GLU B 470 3.50 -22.07 -31.95
CA GLU B 470 3.59 -20.65 -32.24
C GLU B 470 4.05 -19.85 -31.02
N ILE B 471 3.43 -20.14 -29.88
CA ILE B 471 3.79 -19.47 -28.63
C ILE B 471 5.28 -19.60 -28.39
N ARG B 472 5.81 -20.80 -28.62
CA ARG B 472 7.23 -21.07 -28.43
C ARG B 472 8.06 -20.24 -29.40
N LEU B 473 7.63 -20.19 -30.66
CA LEU B 473 8.33 -19.45 -31.70
C LEU B 473 8.52 -17.99 -31.32
N SER B 474 7.47 -17.38 -30.78
CA SER B 474 7.53 -15.99 -30.37
C SER B 474 8.53 -15.81 -29.21
N LYS B 475 8.43 -16.69 -28.23
CA LYS B 475 9.32 -16.64 -27.07
C LYS B 475 10.77 -16.63 -27.53
N MET B 476 11.07 -17.54 -28.43
CA MET B 476 12.42 -17.68 -28.97
C MET B 476 12.87 -16.40 -29.68
N VAL B 477 12.09 -15.96 -30.67
CA VAL B 477 12.43 -14.76 -31.43
C VAL B 477 12.63 -13.55 -30.51
N MET B 478 11.70 -13.31 -29.59
CA MET B 478 11.84 -12.18 -28.69
C MET B 478 13.12 -12.27 -27.88
N LYS B 479 13.45 -13.47 -27.42
CA LYS B 479 14.68 -13.65 -26.64
C LYS B 479 15.89 -13.39 -27.52
N PHE B 480 15.90 -13.99 -28.72
CA PHE B 480 16.98 -13.79 -29.68
C PHE B 480 17.16 -12.29 -29.91
N TRP B 481 16.05 -11.60 -30.10
CA TRP B 481 16.07 -10.16 -30.34
C TRP B 481 16.56 -9.36 -29.12
N ALA B 482 15.97 -9.63 -27.96
CA ALA B 482 16.34 -8.94 -26.73
C ALA B 482 17.81 -9.21 -26.37
N ASN B 483 18.25 -10.44 -26.60
CA ASN B 483 19.65 -10.80 -26.32
C ASN B 483 20.57 -9.94 -27.18
N PHE B 484 20.17 -9.75 -28.45
CA PHE B 484 20.96 -8.96 -29.38
C PHE B 484 21.10 -7.53 -28.84
N ALA B 485 19.98 -6.96 -28.40
CA ALA B 485 19.99 -5.60 -27.87
C ALA B 485 20.92 -5.52 -26.66
N ARG B 486 20.96 -6.57 -25.87
CA ARG B 486 21.80 -6.58 -24.69
C ARG B 486 23.28 -6.74 -25.01
N ASN B 487 23.62 -7.70 -25.87
CA ASN B 487 25.01 -7.97 -26.17
C ASN B 487 25.48 -7.80 -27.62
N GLY B 488 24.58 -7.41 -28.51
CA GLY B 488 24.99 -7.28 -29.89
C GLY B 488 25.28 -8.69 -30.38
N ASN B 489 24.63 -9.64 -29.71
CA ASN B 489 24.76 -11.06 -29.99
C ASN B 489 23.43 -11.71 -29.56
N PRO B 490 22.80 -12.48 -30.45
CA PRO B 490 21.52 -13.12 -30.12
C PRO B 490 21.57 -14.39 -29.29
N ASN B 491 22.71 -15.06 -29.25
CA ASN B 491 22.83 -16.31 -28.50
C ASN B 491 22.57 -16.24 -27.01
N GLY B 492 22.05 -17.34 -26.48
CA GLY B 492 21.75 -17.43 -25.06
C GLY B 492 21.41 -18.85 -24.66
N GLU B 493 21.35 -19.09 -23.35
CA GLU B 493 21.04 -20.41 -22.84
C GLU B 493 19.63 -20.84 -23.26
N GLY B 494 19.51 -22.09 -23.71
CA GLY B 494 18.23 -22.64 -24.13
C GLY B 494 17.76 -22.22 -25.51
N LEU B 495 18.63 -21.56 -26.27
CA LEU B 495 18.28 -21.10 -27.60
C LEU B 495 19.14 -21.77 -28.66
N PRO B 496 18.53 -22.18 -29.77
CA PRO B 496 19.34 -22.83 -30.81
C PRO B 496 20.50 -21.88 -31.17
N HIS B 497 21.68 -22.45 -31.37
CA HIS B 497 22.84 -21.64 -31.69
C HIS B 497 22.71 -20.90 -33.01
N TRP B 498 23.06 -19.62 -32.99
CA TRP B 498 23.00 -18.75 -34.15
C TRP B 498 24.44 -18.35 -34.48
N PRO B 499 25.03 -18.98 -35.50
CA PRO B 499 26.41 -18.63 -35.85
C PRO B 499 26.51 -17.19 -36.33
N GLU B 500 27.65 -16.57 -36.06
CA GLU B 500 27.87 -15.20 -36.49
C GLU B 500 28.07 -15.24 -37.99
N TYR B 501 27.42 -14.33 -38.71
CA TYR B 501 27.54 -14.28 -40.16
C TYR B 501 28.94 -13.81 -40.54
N ASN B 502 29.88 -14.75 -40.63
CA ASN B 502 31.26 -14.42 -41.01
C ASN B 502 31.51 -14.89 -42.44
N GLN B 503 32.75 -15.23 -42.76
CA GLN B 503 33.08 -15.67 -44.10
C GLN B 503 32.42 -17.00 -44.47
N LYS B 504 31.99 -17.78 -43.47
CA LYS B 504 31.33 -19.04 -43.73
C LYS B 504 29.86 -18.78 -44.08
N GLU B 505 29.42 -17.55 -43.81
CA GLU B 505 28.04 -17.12 -44.11
C GLU B 505 26.98 -17.96 -43.42
N GLY B 506 27.20 -18.22 -42.14
CA GLY B 506 26.24 -18.98 -41.38
C GLY B 506 25.11 -18.06 -41.02
N TYR B 507 23.89 -18.58 -41.02
CA TYR B 507 22.72 -17.79 -40.68
C TYR B 507 21.71 -18.72 -40.02
N LEU B 508 20.73 -18.12 -39.34
CA LEU B 508 19.71 -18.90 -38.65
C LEU B 508 18.42 -19.02 -39.45
N GLN B 509 17.96 -20.25 -39.64
CA GLN B 509 16.70 -20.51 -40.34
C GLN B 509 15.68 -20.63 -39.23
N ILE B 510 14.93 -19.55 -39.00
CA ILE B 510 13.93 -19.49 -37.95
C ILE B 510 12.56 -19.98 -38.40
N GLY B 511 12.01 -20.93 -37.65
CA GLY B 511 10.69 -21.47 -37.97
C GLY B 511 10.21 -22.51 -36.97
N ALA B 512 9.25 -23.33 -37.40
CA ALA B 512 8.69 -24.39 -36.55
C ALA B 512 9.88 -25.20 -36.07
N ASN B 513 10.78 -25.43 -37.00
CA ASN B 513 12.02 -26.14 -36.73
C ASN B 513 13.08 -25.09 -37.01
N THR B 514 13.80 -24.68 -35.98
CA THR B 514 14.84 -23.67 -36.12
C THR B 514 16.22 -24.29 -36.03
N GLN B 515 17.03 -24.07 -37.07
CA GLN B 515 18.39 -24.60 -37.12
C GLN B 515 19.32 -23.73 -37.97
N ALA B 516 20.60 -23.78 -37.66
CA ALA B 516 21.59 -23.01 -38.40
C ALA B 516 21.85 -23.62 -39.77
N ALA B 517 22.25 -22.77 -40.71
CA ALA B 517 22.57 -23.16 -42.08
C ALA B 517 23.61 -22.18 -42.60
N GLN B 518 24.03 -22.34 -43.85
CA GLN B 518 25.05 -21.45 -44.43
C GLN B 518 24.73 -21.03 -45.87
N LYS B 519 25.43 -20.02 -46.36
CA LYS B 519 25.26 -19.55 -47.74
C LYS B 519 23.82 -19.14 -48.11
N LEU B 520 23.33 -18.08 -47.48
CA LEU B 520 21.98 -17.60 -47.75
C LEU B 520 21.93 -16.90 -49.11
N LYS B 521 20.96 -17.26 -49.94
CA LYS B 521 20.79 -16.66 -51.26
C LYS B 521 22.12 -16.47 -51.98
N ASP B 522 23.11 -17.30 -51.63
CA ASP B 522 24.45 -17.22 -52.21
C ASP B 522 24.49 -17.28 -53.73
N LYS B 523 23.79 -18.24 -54.31
CA LYS B 523 23.79 -18.36 -55.76
C LYS B 523 23.05 -17.22 -56.43
N GLU B 524 21.90 -16.84 -55.85
CA GLU B 524 21.08 -15.74 -56.37
C GLU B 524 21.90 -14.46 -56.43
N VAL B 525 22.58 -14.13 -55.33
CA VAL B 525 23.42 -12.94 -55.30
C VAL B 525 24.38 -12.98 -56.47
N ALA B 526 25.01 -14.13 -56.66
CA ALA B 526 25.97 -14.32 -57.76
C ALA B 526 25.33 -14.05 -59.11
N PHE B 527 24.16 -14.63 -59.36
CA PHE B 527 23.45 -14.46 -60.63
C PHE B 527 23.09 -13.00 -60.93
N TRP B 528 22.50 -12.33 -59.96
CA TRP B 528 22.09 -10.96 -60.15
C TRP B 528 23.24 -9.99 -60.25
N THR B 529 24.28 -10.21 -59.47
CA THR B 529 25.44 -9.34 -59.51
C THR B 529 26.00 -9.37 -60.93
N ASN B 530 25.94 -10.54 -61.55
CA ASN B 530 26.43 -10.73 -62.90
C ASN B 530 25.51 -10.10 -63.95
N LEU B 531 24.22 -10.39 -63.84
CA LEU B 531 23.22 -9.87 -64.76
C LEU B 531 23.25 -8.34 -64.81
N PHE B 532 23.40 -7.73 -63.65
CA PHE B 532 23.44 -6.27 -63.55
C PHE B 532 24.79 -5.68 -63.92
N ALA B 533 25.80 -6.54 -64.03
CA ALA B 533 27.14 -6.10 -64.38
C ALA B 533 27.16 -5.75 -65.86
N LYS B 534 26.04 -5.99 -66.53
CA LYS B 534 25.88 -5.73 -67.96
C LYS B 534 25.18 -4.39 -68.20
N SER C 4 3.81 75.25 -30.90
CA SER C 4 4.73 74.20 -31.44
C SER C 4 4.45 72.87 -30.75
N PRO C 5 3.96 71.86 -31.51
CA PRO C 5 3.62 70.52 -31.04
C PRO C 5 4.72 69.79 -30.27
N PRO C 6 4.31 68.96 -29.29
CA PRO C 6 5.24 68.18 -28.47
C PRO C 6 5.92 67.05 -29.25
N VAL C 7 7.26 67.05 -29.25
CA VAL C 7 8.03 66.02 -29.92
C VAL C 7 8.97 65.38 -28.90
N VAL C 8 8.68 64.13 -28.56
CA VAL C 8 9.46 63.40 -27.58
C VAL C 8 10.28 62.28 -28.22
N ASP C 9 11.46 62.04 -27.67
CA ASP C 9 12.34 60.99 -28.17
C ASP C 9 12.27 59.77 -27.26
N THR C 10 12.04 58.61 -27.86
CA THR C 10 11.94 57.38 -27.09
C THR C 10 12.92 56.38 -27.68
N VAL C 11 13.16 55.29 -26.95
CA VAL C 11 14.09 54.26 -27.42
C VAL C 11 13.85 53.85 -28.87
N HIS C 12 12.58 53.69 -29.24
CA HIS C 12 12.21 53.29 -30.59
C HIS C 12 12.09 54.38 -31.63
N GLY C 13 12.06 55.63 -31.19
CA GLY C 13 11.97 56.72 -32.14
C GLY C 13 11.25 57.93 -31.58
N LYS C 14 11.11 58.95 -32.40
CA LYS C 14 10.47 60.19 -31.99
C LYS C 14 8.96 60.19 -32.21
N VAL C 15 8.24 60.68 -31.21
CA VAL C 15 6.78 60.78 -31.28
C VAL C 15 6.36 62.25 -31.24
N LEU C 16 5.26 62.55 -31.90
CA LEU C 16 4.73 63.90 -32.00
C LEU C 16 3.29 63.97 -31.50
N GLY C 17 3.08 64.76 -30.44
CA GLY C 17 1.75 64.91 -29.86
C GLY C 17 1.08 66.24 -30.10
N LYS C 18 0.22 66.65 -29.18
CA LYS C 18 -0.48 67.93 -29.29
C LYS C 18 -0.77 68.49 -27.92
N PHE C 19 -0.87 69.80 -27.84
CA PHE C 19 -1.16 70.47 -26.58
C PHE C 19 -2.64 70.66 -26.41
N VAL C 20 -3.12 70.38 -25.21
CA VAL C 20 -4.53 70.58 -24.89
C VAL C 20 -4.53 71.29 -23.56
N SER C 21 -5.14 72.46 -23.52
CA SER C 21 -5.20 73.23 -22.28
C SER C 21 -6.44 72.90 -21.48
N LEU C 22 -6.30 72.90 -20.15
CA LEU C 22 -7.42 72.62 -19.29
C LEU C 22 -7.65 73.82 -18.37
N GLU C 23 -8.92 74.21 -18.24
CA GLU C 23 -9.34 75.35 -17.42
C GLU C 23 -8.72 75.37 -16.04
N GLY C 24 -8.02 76.46 -15.72
CA GLY C 24 -7.39 76.59 -14.42
C GLY C 24 -5.96 76.09 -14.33
N PHE C 25 -5.33 75.81 -15.46
CA PHE C 25 -3.97 75.32 -15.49
C PHE C 25 -3.18 75.94 -16.64
N ALA C 26 -2.20 76.75 -16.28
CA ALA C 26 -1.38 77.44 -17.27
C ALA C 26 -0.63 76.51 -18.23
N GLN C 27 0.05 75.51 -17.68
CA GLN C 27 0.78 74.56 -18.51
C GLN C 27 -0.14 73.64 -19.31
N PRO C 28 -0.02 73.67 -20.65
CA PRO C 28 -0.84 72.82 -21.51
C PRO C 28 -0.45 71.39 -21.22
N VAL C 29 -1.36 70.46 -21.41
CA VAL C 29 -1.03 69.07 -21.19
C VAL C 29 -0.66 68.48 -22.54
N ALA C 30 0.51 67.85 -22.61
CA ALA C 30 0.96 67.22 -23.86
C ALA C 30 0.29 65.86 -23.94
N ILE C 31 -0.40 65.63 -25.05
CA ILE C 31 -1.12 64.37 -25.26
C ILE C 31 -0.62 63.60 -26.48
N PHE C 32 -0.28 62.33 -26.26
CA PHE C 32 0.23 61.48 -27.34
C PHE C 32 -0.69 60.28 -27.52
N LEU C 33 -1.28 60.16 -28.70
CA LEU C 33 -2.22 59.08 -29.00
C LEU C 33 -1.73 57.99 -29.94
N GLY C 34 -1.91 56.74 -29.52
CA GLY C 34 -1.53 55.63 -30.35
C GLY C 34 -0.05 55.36 -30.54
N ILE C 35 0.68 55.28 -29.44
CA ILE C 35 2.09 54.95 -29.51
C ILE C 35 2.13 53.43 -29.37
N PRO C 36 2.85 52.74 -30.27
CA PRO C 36 2.93 51.29 -30.20
C PRO C 36 3.93 50.82 -29.15
N PHE C 37 3.52 49.87 -28.31
CA PHE C 37 4.40 49.34 -27.27
C PHE C 37 4.74 47.88 -27.55
N ALA C 38 4.25 47.40 -28.68
CA ALA C 38 4.49 46.02 -29.09
C ALA C 38 4.34 45.94 -30.60
N LYS C 39 4.77 44.82 -31.17
CA LYS C 39 4.66 44.62 -32.60
C LYS C 39 3.25 44.08 -32.86
N PRO C 40 2.56 44.60 -33.89
CA PRO C 40 1.21 44.16 -34.22
C PRO C 40 1.11 42.63 -34.16
N PRO C 41 0.20 42.10 -33.34
CA PRO C 41 -0.01 40.67 -33.18
C PRO C 41 -0.77 40.02 -34.33
N LEU C 42 -0.22 40.14 -35.53
CA LEU C 42 -0.84 39.60 -36.74
C LEU C 42 -0.17 38.33 -37.30
N GLY C 43 -0.88 37.64 -38.19
CA GLY C 43 -0.35 36.42 -38.79
C GLY C 43 0.04 35.38 -37.78
N PRO C 44 1.28 34.88 -37.85
CA PRO C 44 1.77 33.85 -36.93
C PRO C 44 1.88 34.37 -35.50
N LEU C 45 1.99 35.69 -35.34
CA LEU C 45 2.10 36.30 -34.02
C LEU C 45 0.81 36.19 -33.20
N ARG C 46 -0.26 35.71 -33.84
CA ARG C 46 -1.53 35.54 -33.14
C ARG C 46 -1.37 34.40 -32.13
N PHE C 47 -1.95 34.56 -30.95
CA PHE C 47 -1.84 33.57 -29.89
C PHE C 47 -0.39 33.32 -29.49
N THR C 48 0.41 34.39 -29.40
CA THR C 48 1.80 34.28 -28.98
C THR C 48 2.10 35.52 -28.13
N PRO C 49 3.08 35.43 -27.22
CA PRO C 49 3.33 36.63 -26.42
C PRO C 49 3.76 37.85 -27.24
N PRO C 50 3.39 39.05 -26.78
CA PRO C 50 3.74 40.27 -27.49
C PRO C 50 5.24 40.43 -27.68
N GLN C 51 5.60 40.95 -28.84
CA GLN C 51 7.00 41.18 -29.15
C GLN C 51 7.22 42.67 -29.21
N PRO C 52 8.47 43.10 -28.98
CA PRO C 52 8.79 44.53 -29.03
C PRO C 52 8.55 45.15 -30.40
N ALA C 53 8.02 46.37 -30.39
CA ALA C 53 7.75 47.09 -31.63
C ALA C 53 9.06 47.41 -32.34
N GLU C 54 8.98 47.61 -33.65
CA GLU C 54 10.15 47.95 -34.44
C GLU C 54 10.39 49.45 -34.39
N PRO C 55 11.66 49.88 -34.35
CA PRO C 55 12.03 51.30 -34.30
C PRO C 55 11.68 52.00 -35.61
N TRP C 56 11.25 53.26 -35.55
CA TRP C 56 10.92 54.01 -36.76
C TRP C 56 11.98 55.06 -37.05
N SER C 57 12.13 55.39 -38.33
CA SER C 57 13.17 56.31 -38.78
C SER C 57 13.02 57.83 -38.66
N PHE C 58 11.82 58.36 -38.47
CA PHE C 58 11.73 59.81 -38.34
C PHE C 58 10.85 60.25 -37.17
N VAL C 59 9.75 60.94 -37.45
CA VAL C 59 8.86 61.35 -36.38
C VAL C 59 7.48 60.77 -36.60
N LYS C 60 7.08 59.86 -35.73
CA LYS C 60 5.77 59.23 -35.84
C LYS C 60 4.73 60.17 -35.30
N ASN C 61 3.64 60.33 -36.05
CA ASN C 61 2.56 61.21 -35.67
C ASN C 61 1.64 60.46 -34.71
N ALA C 62 1.58 60.92 -33.47
CA ALA C 62 0.74 60.31 -32.44
C ALA C 62 -0.34 61.28 -32.00
N THR C 63 -1.16 61.71 -32.96
CA THR C 63 -2.21 62.68 -32.68
C THR C 63 -3.59 62.17 -33.09
N SER C 64 -3.71 60.87 -33.32
CA SER C 64 -4.99 60.30 -33.70
C SER C 64 -5.21 59.00 -32.97
N TYR C 65 -6.42 58.85 -32.43
CA TYR C 65 -6.77 57.65 -31.69
C TYR C 65 -6.46 56.39 -32.46
N PRO C 66 -6.05 55.33 -31.76
CA PRO C 66 -5.74 54.06 -32.39
C PRO C 66 -6.98 53.20 -32.43
N PRO C 67 -6.93 52.10 -33.21
CA PRO C 67 -8.12 51.25 -33.26
C PRO C 67 -8.21 50.48 -31.95
N MET C 68 -9.39 49.96 -31.65
CA MET C 68 -9.55 49.18 -30.45
C MET C 68 -9.47 47.71 -30.87
N CYS C 69 -8.92 46.85 -30.01
CA CYS C 69 -8.81 45.43 -30.35
C CYS C 69 -10.15 44.85 -30.82
N THR C 70 -10.08 43.96 -31.80
CA THR C 70 -11.28 43.34 -32.35
C THR C 70 -12.22 42.91 -31.23
N GLN C 71 -13.51 43.21 -31.39
CA GLN C 71 -14.51 42.89 -30.39
C GLN C 71 -15.88 43.19 -30.98
N ASP C 72 -16.92 42.82 -30.24
CA ASP C 72 -18.28 43.10 -30.67
C ASP C 72 -18.36 44.62 -30.77
N PRO C 73 -18.36 45.16 -31.99
CA PRO C 73 -18.41 46.61 -32.23
C PRO C 73 -19.55 47.33 -31.52
N LYS C 74 -20.68 46.63 -31.39
CA LYS C 74 -21.85 47.22 -30.72
C LYS C 74 -21.66 47.29 -29.22
N ALA C 75 -21.30 46.17 -28.61
CA ALA C 75 -21.08 46.12 -27.16
C ALA C 75 -19.96 47.11 -26.82
N GLY C 76 -18.91 47.09 -27.63
CA GLY C 76 -17.80 47.97 -27.42
C GLY C 76 -18.17 49.43 -27.42
N GLN C 77 -18.82 49.89 -28.48
CA GLN C 77 -19.21 51.28 -28.56
C GLN C 77 -20.12 51.67 -27.40
N LEU C 78 -21.04 50.77 -27.06
CA LEU C 78 -21.98 51.01 -25.99
C LEU C 78 -21.27 51.21 -24.66
N LEU C 79 -20.44 50.24 -24.27
CA LEU C 79 -19.71 50.33 -23.02
C LEU C 79 -18.83 51.58 -22.98
N SER C 80 -18.37 52.02 -24.16
CA SER C 80 -17.52 53.19 -24.21
C SER C 80 -18.32 54.44 -23.84
N GLU C 81 -19.48 54.59 -24.46
CA GLU C 81 -20.37 55.72 -24.20
C GLU C 81 -20.74 55.78 -22.72
N LEU C 82 -21.04 54.62 -22.14
CA LEU C 82 -21.43 54.53 -20.74
C LEU C 82 -20.33 54.85 -19.74
N PHE C 83 -19.09 54.50 -20.09
CA PHE C 83 -17.98 54.73 -19.17
C PHE C 83 -17.16 55.98 -19.45
N THR C 84 -17.11 56.41 -20.71
CA THR C 84 -16.32 57.57 -21.08
C THR C 84 -16.52 58.78 -20.15
N ASN C 85 -15.42 59.50 -19.89
CA ASN C 85 -15.47 60.67 -19.03
C ASN C 85 -15.41 61.96 -19.84
N ARG C 86 -15.26 61.83 -21.15
CA ARG C 86 -15.20 63.01 -22.00
C ARG C 86 -16.60 63.41 -22.45
N LYS C 87 -16.73 64.65 -22.92
CA LYS C 87 -18.01 65.21 -23.37
C LYS C 87 -18.77 64.31 -24.33
N GLU C 88 -18.11 63.93 -25.42
CA GLU C 88 -18.75 63.10 -26.43
C GLU C 88 -17.91 61.86 -26.69
N ASN C 89 -18.54 60.69 -26.70
CA ASN C 89 -17.82 59.45 -26.93
C ASN C 89 -17.18 59.43 -28.31
N ILE C 90 -15.95 58.95 -28.37
CA ILE C 90 -15.21 58.88 -29.61
C ILE C 90 -15.36 57.53 -30.30
N PRO C 91 -15.90 57.52 -31.52
CA PRO C 91 -16.11 56.30 -32.31
C PRO C 91 -14.76 55.66 -32.62
N LEU C 92 -14.66 54.35 -32.41
CA LEU C 92 -13.40 53.66 -32.65
C LEU C 92 -13.48 52.59 -33.73
N LYS C 93 -12.31 52.21 -34.25
CA LYS C 93 -12.21 51.22 -35.31
C LYS C 93 -11.74 49.88 -34.75
N LEU C 94 -12.09 48.80 -35.44
CA LEU C 94 -11.67 47.49 -34.99
C LEU C 94 -10.44 47.03 -35.77
N SER C 95 -9.49 46.44 -35.05
CA SER C 95 -8.27 45.94 -35.68
C SER C 95 -7.51 45.01 -34.74
N GLU C 96 -6.82 44.04 -35.33
CA GLU C 96 -6.02 43.13 -34.55
C GLU C 96 -4.75 43.90 -34.17
N ASP C 97 -4.44 44.93 -34.98
CA ASP C 97 -3.29 45.80 -34.75
C ASP C 97 -3.80 46.85 -33.76
N CYS C 98 -3.84 46.48 -32.49
CA CYS C 98 -4.36 47.34 -31.44
C CYS C 98 -3.49 47.56 -30.21
N LEU C 99 -2.27 47.02 -30.21
CA LEU C 99 -1.39 47.17 -29.07
C LEU C 99 -0.76 48.56 -28.94
N TYR C 100 -1.59 49.53 -28.56
CA TYR C 100 -1.14 50.90 -28.39
C TYR C 100 -1.45 51.44 -27.00
N LEU C 101 -0.88 52.59 -26.70
CA LEU C 101 -1.14 53.25 -25.43
C LEU C 101 -1.21 54.76 -25.66
N ASN C 102 -1.97 55.45 -24.81
CA ASN C 102 -2.10 56.89 -24.92
C ASN C 102 -1.48 57.50 -23.66
N ILE C 103 -0.76 58.60 -23.84
CA ILE C 103 -0.11 59.30 -22.75
C ILE C 103 -0.65 60.73 -22.54
N TYR C 104 -0.81 61.11 -21.28
CA TYR C 104 -1.28 62.44 -20.90
C TYR C 104 -0.34 62.94 -19.84
N THR C 105 0.57 63.84 -20.22
CA THR C 105 1.54 64.38 -19.26
C THR C 105 1.37 65.87 -19.05
N PRO C 106 1.24 66.30 -17.80
CA PRO C 106 1.06 67.72 -17.47
C PRO C 106 2.40 68.44 -17.34
N ALA C 107 3.48 67.67 -17.39
CA ALA C 107 4.82 68.21 -17.24
C ALA C 107 5.28 69.11 -18.39
N ASP C 108 6.10 70.10 -18.04
CA ASP C 108 6.67 70.99 -19.04
C ASP C 108 7.79 70.17 -19.64
N LEU C 109 7.60 69.72 -20.87
CA LEU C 109 8.58 68.87 -21.53
C LEU C 109 9.90 69.55 -21.88
N THR C 110 9.96 70.87 -21.73
CA THR C 110 11.19 71.60 -22.02
C THR C 110 12.01 71.65 -20.72
N LYS C 111 11.46 71.07 -19.67
CA LYS C 111 12.11 71.02 -18.37
C LYS C 111 12.37 69.54 -18.09
N LYS C 112 12.91 69.24 -16.91
CA LYS C 112 13.21 67.87 -16.56
C LYS C 112 12.33 67.40 -15.42
N ASN C 113 11.09 67.02 -15.73
CA ASN C 113 10.21 66.57 -14.67
C ASN C 113 10.16 65.07 -14.55
N ARG C 114 9.86 64.62 -13.34
CA ARG C 114 9.75 63.20 -13.05
C ARG C 114 8.58 63.03 -12.09
N LEU C 115 7.37 63.04 -12.66
CA LEU C 115 6.12 62.91 -11.91
C LEU C 115 5.65 61.46 -11.82
N PRO C 116 4.85 61.14 -10.81
CA PRO C 116 4.35 59.77 -10.66
C PRO C 116 3.52 59.35 -11.88
N VAL C 117 3.61 58.07 -12.25
CA VAL C 117 2.89 57.56 -13.40
C VAL C 117 1.75 56.60 -13.03
N MET C 118 0.60 56.83 -13.64
CA MET C 118 -0.57 55.99 -13.40
C MET C 118 -1.05 55.35 -14.71
N VAL C 119 -0.86 54.04 -14.81
CA VAL C 119 -1.27 53.29 -15.99
C VAL C 119 -2.63 52.67 -15.80
N TRP C 120 -3.58 53.06 -16.65
CA TRP C 120 -4.95 52.58 -16.59
C TRP C 120 -5.25 51.38 -17.47
N ILE C 121 -5.81 50.34 -16.85
CA ILE C 121 -6.18 49.12 -17.58
C ILE C 121 -7.72 49.06 -17.62
N HIS C 122 -8.30 49.42 -18.76
CA HIS C 122 -9.76 49.42 -18.89
C HIS C 122 -10.38 48.06 -18.67
N GLY C 123 -11.70 48.04 -18.51
CA GLY C 123 -12.42 46.80 -18.31
C GLY C 123 -13.27 46.45 -19.52
N GLY C 124 -14.14 45.45 -19.35
CA GLY C 124 -15.00 45.03 -20.44
C GLY C 124 -15.00 43.52 -20.55
N GLY C 125 -14.98 42.86 -19.40
CA GLY C 125 -14.98 41.41 -19.34
C GLY C 125 -13.91 40.70 -20.13
N LEU C 126 -12.85 41.43 -20.49
CA LEU C 126 -11.75 40.89 -21.30
C LEU C 126 -12.24 40.58 -22.70
N MET C 127 -13.48 41.01 -22.99
CA MET C 127 -14.09 40.78 -24.29
C MET C 127 -14.18 42.07 -25.10
N VAL C 128 -14.34 43.20 -24.43
CA VAL C 128 -14.45 44.47 -25.12
C VAL C 128 -13.75 45.56 -24.32
N GLY C 129 -13.78 46.78 -24.84
CA GLY C 129 -13.16 47.89 -24.14
C GLY C 129 -12.07 48.54 -24.97
N ALA C 130 -11.67 49.75 -24.58
CA ALA C 130 -10.63 50.47 -25.29
C ALA C 130 -9.91 51.45 -24.38
N ALA C 131 -8.69 51.83 -24.76
CA ALA C 131 -7.93 52.77 -23.96
C ALA C 131 -8.43 54.19 -24.22
N SER C 132 -8.75 54.46 -25.49
CA SER C 132 -9.23 55.78 -25.92
C SER C 132 -10.51 56.25 -25.25
N THR C 133 -11.16 55.34 -24.52
CA THR C 133 -12.40 55.65 -23.82
C THR C 133 -12.13 56.63 -22.67
N TYR C 134 -10.95 56.51 -22.06
CA TYR C 134 -10.61 57.34 -20.91
C TYR C 134 -9.65 58.48 -21.18
N ASP C 135 -10.18 59.70 -21.09
CA ASP C 135 -9.41 60.93 -21.30
C ASP C 135 -8.71 61.27 -19.99
N GLY C 136 -7.38 61.21 -20.00
CA GLY C 136 -6.60 61.48 -18.81
C GLY C 136 -6.27 62.95 -18.53
N LEU C 137 -6.72 63.82 -19.43
CA LEU C 137 -6.48 65.25 -19.31
C LEU C 137 -6.69 65.80 -17.89
N ALA C 138 -7.91 65.71 -17.39
CA ALA C 138 -8.24 66.23 -16.07
C ALA C 138 -7.39 65.68 -14.92
N LEU C 139 -7.28 64.35 -14.85
CA LEU C 139 -6.49 63.72 -13.78
C LEU C 139 -5.04 64.16 -13.83
N ALA C 140 -4.48 64.20 -15.05
CA ALA C 140 -3.10 64.61 -15.23
C ALA C 140 -2.87 66.02 -14.70
N ALA C 141 -3.63 66.98 -15.23
CA ALA C 141 -3.50 68.38 -14.85
C ALA C 141 -3.78 68.66 -13.38
N HIS C 142 -4.86 68.07 -12.87
CA HIS C 142 -5.28 68.28 -11.49
C HIS C 142 -4.39 67.71 -10.40
N GLU C 143 -3.79 66.56 -10.64
CA GLU C 143 -2.93 65.95 -9.63
C GLU C 143 -1.49 65.82 -10.05
N ASN C 144 -1.15 66.55 -11.11
CA ASN C 144 0.21 66.58 -11.63
C ASN C 144 0.84 65.20 -11.75
N VAL C 145 0.15 64.29 -12.42
CA VAL C 145 0.66 62.94 -12.65
C VAL C 145 0.50 62.58 -14.13
N VAL C 146 1.35 61.68 -14.61
CA VAL C 146 1.28 61.26 -16.00
C VAL C 146 0.30 60.09 -16.07
N VAL C 147 -0.70 60.20 -16.93
CA VAL C 147 -1.70 59.14 -17.08
C VAL C 147 -1.46 58.38 -18.37
N VAL C 148 -1.41 57.06 -18.26
CA VAL C 148 -1.19 56.20 -19.41
C VAL C 148 -2.36 55.24 -19.51
N THR C 149 -3.09 55.28 -20.62
CA THR C 149 -4.20 54.35 -20.81
C THR C 149 -3.69 53.33 -21.84
N ILE C 150 -3.75 52.05 -21.48
CA ILE C 150 -3.25 51.00 -22.34
C ILE C 150 -4.30 50.06 -22.90
N GLN C 151 -3.92 49.36 -23.97
CA GLN C 151 -4.79 48.38 -24.58
C GLN C 151 -4.12 47.02 -24.56
N TYR C 152 -4.94 45.98 -24.63
CA TYR C 152 -4.45 44.60 -24.60
C TYR C 152 -5.42 43.73 -25.38
N ARG C 153 -4.91 42.67 -25.98
CA ARG C 153 -5.77 41.79 -26.77
C ARG C 153 -6.96 41.25 -25.99
N LEU C 154 -8.12 41.26 -26.64
CA LEU C 154 -9.39 40.83 -26.06
C LEU C 154 -10.00 39.57 -26.66
N GLY C 155 -11.01 39.04 -25.98
CA GLY C 155 -11.71 37.85 -26.44
C GLY C 155 -10.84 36.69 -26.87
N ILE C 156 -11.13 36.16 -28.06
CA ILE C 156 -10.37 35.03 -28.59
C ILE C 156 -8.92 35.42 -28.77
N TRP C 157 -8.71 36.57 -29.40
CA TRP C 157 -7.37 37.09 -29.68
C TRP C 157 -6.47 37.17 -28.45
N GLY C 158 -7.03 37.61 -27.34
CA GLY C 158 -6.22 37.75 -26.14
C GLY C 158 -6.33 36.67 -25.09
N PHE C 159 -7.30 35.77 -25.20
CA PHE C 159 -7.41 34.76 -24.17
C PHE C 159 -7.68 33.32 -24.57
N PHE C 160 -7.65 33.03 -25.87
CA PHE C 160 -7.85 31.66 -26.33
C PHE C 160 -6.78 30.74 -25.76
N SER C 161 -7.19 29.61 -25.21
CA SER C 161 -6.23 28.68 -24.62
C SER C 161 -6.55 27.19 -24.82
N THR C 162 -5.52 26.39 -25.11
CA THR C 162 -5.69 24.96 -25.30
C THR C 162 -5.32 24.19 -24.03
N GLY C 163 -4.85 24.92 -23.02
CA GLY C 163 -4.46 24.29 -21.78
C GLY C 163 -3.08 23.65 -21.84
N ASP C 164 -2.33 23.92 -22.91
CA ASP C 164 -0.98 23.36 -23.04
C ASP C 164 -0.04 24.34 -23.73
N GLU C 165 1.15 23.86 -24.08
CA GLU C 165 2.17 24.69 -24.69
C GLU C 165 1.92 25.17 -26.11
N HIS C 166 0.90 24.66 -26.77
CA HIS C 166 0.63 25.10 -28.13
C HIS C 166 -0.16 26.39 -28.14
N SER C 167 -0.65 26.78 -26.97
CA SER C 167 -1.41 28.01 -26.79
C SER C 167 -1.76 28.15 -25.32
N ARG C 168 -0.77 28.55 -24.51
CA ARG C 168 -1.01 28.70 -23.09
C ARG C 168 -2.17 29.62 -22.78
N GLY C 169 -2.21 30.79 -23.39
CA GLY C 169 -3.29 31.74 -23.14
C GLY C 169 -2.77 32.97 -22.42
N ASN C 170 -3.67 33.78 -21.90
CA ASN C 170 -3.30 35.01 -21.18
C ASN C 170 -2.56 36.02 -22.03
N TRP C 171 -2.73 35.93 -23.35
CA TRP C 171 -2.05 36.85 -24.26
C TRP C 171 -2.29 38.33 -23.90
N GLY C 172 -3.52 38.68 -23.57
CA GLY C 172 -3.84 40.04 -23.19
C GLY C 172 -3.10 40.47 -21.93
N HIS C 173 -2.89 39.54 -21.01
CA HIS C 173 -2.17 39.87 -19.78
C HIS C 173 -0.70 40.12 -20.07
N LEU C 174 -0.14 39.34 -21.00
CA LEU C 174 1.25 39.50 -21.37
C LEU C 174 1.39 40.85 -22.05
N ASP C 175 0.33 41.28 -22.72
CA ASP C 175 0.36 42.59 -23.38
C ASP C 175 0.41 43.66 -22.28
N GLN C 176 -0.44 43.51 -21.28
CA GLN C 176 -0.46 44.47 -20.18
C GLN C 176 0.96 44.57 -19.57
N VAL C 177 1.58 43.43 -19.33
CA VAL C 177 2.92 43.48 -18.76
C VAL C 177 3.89 44.20 -19.70
N ALA C 178 3.81 43.89 -21.00
CA ALA C 178 4.68 44.50 -21.99
C ALA C 178 4.49 46.01 -22.07
N ALA C 179 3.28 46.46 -21.78
CA ALA C 179 3.00 47.89 -21.79
C ALA C 179 3.73 48.48 -20.57
N LEU C 180 3.76 47.72 -19.49
CA LEU C 180 4.45 48.18 -18.27
C LEU C 180 5.95 48.25 -18.53
N ARG C 181 6.48 47.27 -19.27
CA ARG C 181 7.90 47.25 -19.59
C ARG C 181 8.21 48.48 -20.43
N TRP C 182 7.36 48.75 -21.42
CA TRP C 182 7.55 49.91 -22.30
C TRP C 182 7.64 51.19 -21.45
N VAL C 183 6.69 51.33 -20.52
CA VAL C 183 6.64 52.49 -19.64
C VAL C 183 7.94 52.66 -18.87
N GLN C 184 8.51 51.54 -18.43
CA GLN C 184 9.76 51.59 -17.68
C GLN C 184 10.91 52.10 -18.51
N ASP C 185 10.91 51.76 -19.80
CA ASP C 185 11.98 52.19 -20.69
C ASP C 185 11.77 53.55 -21.36
N ASN C 186 10.56 54.11 -21.29
CA ASN C 186 10.29 55.37 -21.99
C ASN C 186 9.60 56.50 -21.26
N ILE C 187 8.87 56.18 -20.20
CA ILE C 187 8.12 57.20 -19.50
C ILE C 187 8.90 58.43 -19.06
N ALA C 188 10.19 58.27 -18.79
CA ALA C 188 10.99 59.42 -18.35
C ALA C 188 10.97 60.55 -19.37
N SER C 189 11.01 60.20 -20.65
CA SER C 189 11.01 61.22 -21.69
C SER C 189 9.64 61.89 -21.83
N PHE C 190 8.72 61.53 -20.96
CA PHE C 190 7.39 62.15 -21.00
C PHE C 190 7.11 62.89 -19.70
N GLY C 191 8.16 63.05 -18.89
CA GLY C 191 8.02 63.75 -17.63
C GLY C 191 7.72 62.89 -16.42
N GLY C 192 7.55 61.59 -16.63
CA GLY C 192 7.24 60.71 -15.52
C GLY C 192 8.43 60.04 -14.87
N ASN C 193 8.23 59.55 -13.65
CA ASN C 193 9.28 58.87 -12.91
C ASN C 193 9.10 57.37 -13.03
N PRO C 194 9.98 56.71 -13.82
CA PRO C 194 9.90 55.25 -14.02
C PRO C 194 9.91 54.48 -12.72
N GLY C 195 10.43 55.09 -11.66
CA GLY C 195 10.48 54.42 -10.38
C GLY C 195 9.21 54.59 -9.55
N SER C 196 8.20 55.20 -10.15
CA SER C 196 6.94 55.45 -9.45
C SER C 196 5.74 55.21 -10.37
N VAL C 197 5.51 53.94 -10.69
CA VAL C 197 4.42 53.57 -11.57
C VAL C 197 3.29 52.89 -10.81
N THR C 198 2.09 53.45 -10.92
CA THR C 198 0.93 52.85 -10.27
C THR C 198 0.01 52.28 -11.32
N ILE C 199 -0.31 51.00 -11.19
CA ILE C 199 -1.24 50.37 -12.13
C ILE C 199 -2.60 50.37 -11.48
N PHE C 200 -3.60 50.80 -12.24
CA PHE C 200 -4.97 50.81 -11.73
C PHE C 200 -5.96 50.57 -12.87
N GLY C 201 -7.14 50.04 -12.52
CA GLY C 201 -8.15 49.76 -13.51
C GLY C 201 -9.41 49.28 -12.83
N GLU C 202 -10.49 49.11 -13.60
CA GLU C 202 -11.73 48.65 -13.00
C GLU C 202 -12.32 47.45 -13.73
N SER C 203 -13.11 46.67 -13.01
CA SER C 203 -13.76 45.47 -13.54
C SER C 203 -12.68 44.49 -14.04
N ALA C 204 -12.76 44.07 -15.30
CA ALA C 204 -11.74 43.17 -15.82
C ALA C 204 -10.38 43.85 -15.66
N GLY C 205 -10.37 45.17 -15.76
CA GLY C 205 -9.15 45.94 -15.61
C GLY C 205 -8.65 45.82 -14.18
N GLY C 206 -9.59 45.75 -13.25
CA GLY C 206 -9.25 45.60 -11.85
C GLY C 206 -8.73 44.20 -11.61
N GLU C 207 -9.39 43.22 -12.23
CA GLU C 207 -8.99 41.82 -12.15
C GLU C 207 -7.60 41.68 -12.74
N SER C 208 -7.30 42.49 -13.75
CA SER C 208 -6.00 42.44 -14.38
C SER C 208 -4.94 42.95 -13.42
N VAL C 209 -5.22 44.07 -12.77
CA VAL C 209 -4.31 44.65 -11.79
C VAL C 209 -4.06 43.60 -10.71
N SER C 210 -5.15 42.99 -10.26
CA SER C 210 -5.12 41.94 -9.24
C SER C 210 -4.24 40.77 -9.70
N VAL C 211 -4.39 40.39 -10.96
CA VAL C 211 -3.61 39.29 -11.50
C VAL C 211 -2.15 39.68 -11.61
N LEU C 212 -1.88 40.88 -12.16
CA LEU C 212 -0.51 41.35 -12.31
C LEU C 212 0.19 41.38 -10.95
N VAL C 213 -0.55 41.72 -9.91
CA VAL C 213 0.00 41.78 -8.55
C VAL C 213 0.47 40.41 -8.04
N LEU C 214 -0.09 39.32 -8.58
CA LEU C 214 0.29 37.97 -8.16
C LEU C 214 1.29 37.35 -9.11
N SER C 215 1.46 37.96 -10.29
CA SER C 215 2.37 37.41 -11.28
C SER C 215 3.83 37.80 -11.15
N PRO C 216 4.72 36.79 -11.12
CA PRO C 216 6.15 37.04 -11.00
C PRO C 216 6.69 37.73 -12.26
N LEU C 217 5.82 37.87 -13.27
CA LEU C 217 6.22 38.51 -14.52
C LEU C 217 6.27 40.03 -14.44
N ALA C 218 5.56 40.61 -13.47
CA ALA C 218 5.53 42.06 -13.33
C ALA C 218 6.17 42.49 -12.02
N LYS C 219 6.83 41.55 -11.34
CA LYS C 219 7.45 41.80 -10.05
C LYS C 219 8.31 43.06 -9.92
N ASN C 220 8.46 43.83 -10.98
CA ASN C 220 9.27 45.03 -10.88
C ASN C 220 8.88 46.09 -11.89
N LEU C 221 7.64 46.01 -12.36
CA LEU C 221 7.16 46.94 -13.36
C LEU C 221 6.21 48.00 -12.79
N PHE C 222 5.85 47.88 -11.52
CA PHE C 222 4.98 48.85 -10.86
C PHE C 222 5.29 48.94 -9.37
N HIS C 223 4.76 49.96 -8.70
CA HIS C 223 5.03 50.17 -7.28
C HIS C 223 3.80 50.34 -6.40
N ARG C 224 2.64 50.48 -7.04
CA ARG C 224 1.38 50.65 -6.32
C ARG C 224 0.28 50.11 -7.23
N ALA C 225 -0.73 49.50 -6.63
CA ALA C 225 -1.81 48.92 -7.41
C ALA C 225 -3.18 49.32 -6.88
N ILE C 226 -4.13 49.52 -7.80
CA ILE C 226 -5.50 49.86 -7.42
C ILE C 226 -6.49 49.03 -8.22
N SER C 227 -7.27 48.19 -7.53
CA SER C 227 -8.28 47.37 -8.19
C SER C 227 -9.62 47.99 -7.91
N GLU C 228 -10.25 48.53 -8.95
CA GLU C 228 -11.57 49.16 -8.81
C GLU C 228 -12.64 48.16 -9.24
N SER C 229 -13.53 47.80 -8.32
CA SER C 229 -14.61 46.87 -8.59
C SER C 229 -14.17 45.63 -9.37
N GLY C 230 -13.23 44.88 -8.84
CA GLY C 230 -12.80 43.68 -9.55
C GLY C 230 -11.44 43.16 -9.13
N VAL C 231 -11.41 41.91 -8.69
CA VAL C 231 -10.16 41.30 -8.25
C VAL C 231 -9.99 39.91 -8.87
N ALA C 232 -8.82 39.31 -8.66
CA ALA C 232 -8.55 37.99 -9.22
C ALA C 232 -9.41 36.88 -8.60
N LEU C 233 -10.24 37.23 -7.61
CA LEU C 233 -11.12 36.23 -6.99
C LEU C 233 -12.51 36.26 -7.61
N THR C 234 -12.74 37.24 -8.50
CA THR C 234 -14.00 37.36 -9.22
C THR C 234 -13.94 36.19 -10.21
N SER C 235 -14.38 35.02 -9.74
CA SER C 235 -14.35 33.77 -10.50
C SER C 235 -14.67 33.83 -11.99
N VAL C 236 -15.78 34.45 -12.35
CA VAL C 236 -16.17 34.52 -13.75
C VAL C 236 -15.01 34.71 -14.74
N LEU C 237 -14.08 35.62 -14.43
CA LEU C 237 -12.96 35.92 -15.32
C LEU C 237 -11.75 35.01 -15.24
N VAL C 238 -11.68 34.15 -14.22
CA VAL C 238 -10.56 33.25 -14.11
C VAL C 238 -11.02 31.80 -14.30
N LYS C 239 -10.30 31.08 -15.14
CA LYS C 239 -10.65 29.70 -15.43
C LYS C 239 -9.99 28.65 -14.56
N LYS C 240 -10.79 27.69 -14.13
CA LYS C 240 -10.33 26.59 -13.30
C LYS C 240 -10.68 25.29 -14.01
N GLY C 241 -9.81 24.30 -13.89
CA GLY C 241 -10.07 23.03 -14.55
C GLY C 241 -9.66 23.02 -16.00
N ASP C 242 -9.97 21.91 -16.68
CA ASP C 242 -9.63 21.71 -18.09
C ASP C 242 -10.30 22.73 -18.99
N VAL C 243 -9.49 23.46 -19.75
CA VAL C 243 -10.00 24.48 -20.66
C VAL C 243 -10.14 23.95 -22.08
N LYS C 244 -9.58 22.76 -22.32
CA LYS C 244 -9.61 22.13 -23.62
C LYS C 244 -10.97 22.15 -24.31
N PRO C 245 -12.05 21.85 -23.58
CA PRO C 245 -13.40 21.84 -24.17
C PRO C 245 -13.79 23.19 -24.79
N LEU C 246 -13.51 24.27 -24.07
CA LEU C 246 -13.83 25.59 -24.59
C LEU C 246 -13.05 25.82 -25.88
N ALA C 247 -11.79 25.42 -25.88
CA ALA C 247 -10.94 25.59 -27.06
C ALA C 247 -11.54 24.88 -28.27
N GLU C 248 -12.00 23.66 -28.03
CA GLU C 248 -12.60 22.86 -29.08
C GLU C 248 -13.91 23.43 -29.57
N GLN C 249 -14.70 23.97 -28.65
CA GLN C 249 -15.98 24.55 -29.00
C GLN C 249 -15.77 25.79 -29.85
N ILE C 250 -14.72 26.55 -29.53
CA ILE C 250 -14.40 27.75 -30.29
C ILE C 250 -13.85 27.37 -31.65
N ALA C 251 -12.98 26.35 -31.65
CA ALA C 251 -12.38 25.86 -32.87
C ALA C 251 -13.44 25.34 -33.84
N ILE C 252 -14.44 24.64 -33.32
CA ILE C 252 -15.50 24.13 -34.17
C ILE C 252 -16.39 25.25 -34.69
N THR C 253 -16.73 26.21 -33.83
CA THR C 253 -17.57 27.34 -34.24
C THR C 253 -16.88 28.14 -35.34
N ALA C 254 -15.55 28.13 -35.35
CA ALA C 254 -14.80 28.86 -36.36
C ALA C 254 -14.61 28.02 -37.61
N GLY C 255 -15.00 26.75 -37.55
CA GLY C 255 -14.85 25.87 -38.69
C GLY C 255 -13.48 25.21 -38.76
N CYS C 256 -12.99 24.76 -37.61
CA CYS C 256 -11.68 24.12 -37.52
C CYS C 256 -11.72 22.69 -37.03
N LYS C 257 -10.72 21.91 -37.47
CA LYS C 257 -10.61 20.54 -37.01
C LYS C 257 -10.20 20.64 -35.54
N THR C 258 -10.25 19.53 -34.82
CA THR C 258 -9.86 19.53 -33.41
C THR C 258 -9.02 18.30 -33.14
N THR C 259 -8.37 17.80 -34.19
CA THR C 259 -7.54 16.61 -34.09
C THR C 259 -6.55 16.67 -32.93
N THR C 260 -5.91 17.82 -32.77
CA THR C 260 -4.94 18.03 -31.71
C THR C 260 -4.88 19.52 -31.37
N SER C 261 -4.17 19.86 -30.31
CA SER C 261 -4.04 21.26 -29.93
C SER C 261 -3.39 22.06 -31.06
N ALA C 262 -2.19 21.63 -31.46
CA ALA C 262 -1.47 22.28 -32.53
C ALA C 262 -2.37 22.52 -33.73
N VAL C 263 -3.18 21.51 -34.06
CA VAL C 263 -4.08 21.62 -35.19
C VAL C 263 -5.03 22.79 -34.99
N MET C 264 -5.68 22.84 -33.84
CA MET C 264 -6.62 23.93 -33.55
C MET C 264 -5.96 25.30 -33.66
N VAL C 265 -4.84 25.47 -32.95
CA VAL C 265 -4.12 26.72 -32.95
C VAL C 265 -3.70 27.12 -34.36
N HIS C 266 -3.20 26.16 -35.11
CA HIS C 266 -2.76 26.41 -36.47
C HIS C 266 -3.91 26.86 -37.35
N CYS C 267 -5.02 26.17 -37.23
CA CYS C 267 -6.20 26.48 -38.02
C CYS C 267 -6.75 27.85 -37.67
N LEU C 268 -6.78 28.16 -36.38
CA LEU C 268 -7.30 29.44 -35.92
C LEU C 268 -6.38 30.59 -36.31
N ARG C 269 -5.11 30.29 -36.57
CA ARG C 269 -4.20 31.34 -37.00
C ARG C 269 -4.48 31.69 -38.46
N GLN C 270 -5.00 30.71 -39.20
CA GLN C 270 -5.32 30.91 -40.62
C GLN C 270 -6.60 31.72 -40.80
N LYS C 271 -7.46 31.74 -39.79
CA LYS C 271 -8.72 32.49 -39.87
C LYS C 271 -8.47 33.98 -39.98
N THR C 272 -9.39 34.68 -40.65
CA THR C 272 -9.26 36.13 -40.81
C THR C 272 -9.94 36.81 -39.63
N GLU C 273 -9.58 38.07 -39.41
CA GLU C 273 -10.15 38.83 -38.30
C GLU C 273 -11.66 38.75 -38.36
N GLU C 274 -12.23 38.97 -39.53
CA GLU C 274 -13.67 38.92 -39.67
C GLU C 274 -14.23 37.56 -39.29
N GLU C 275 -13.54 36.48 -39.69
CA GLU C 275 -14.03 35.16 -39.36
C GLU C 275 -14.05 34.93 -37.86
N LEU C 276 -13.04 35.42 -37.17
CA LEU C 276 -12.98 35.25 -35.72
C LEU C 276 -13.97 36.16 -35.03
N LEU C 277 -14.34 37.24 -35.69
CA LEU C 277 -15.31 38.15 -35.15
C LEU C 277 -16.69 37.49 -35.31
N GLU C 278 -16.87 36.80 -36.43
CA GLU C 278 -18.12 36.10 -36.69
C GLU C 278 -18.24 34.98 -35.66
N THR C 279 -17.10 34.36 -35.34
CA THR C 279 -17.09 33.28 -34.37
C THR C 279 -17.40 33.85 -32.98
N THR C 280 -16.86 35.03 -32.72
CA THR C 280 -17.03 35.74 -31.45
C THR C 280 -18.50 36.01 -31.17
N LEU C 281 -19.20 36.47 -32.19
CA LEU C 281 -20.62 36.78 -32.09
C LEU C 281 -21.47 35.53 -31.94
N LYS C 282 -21.12 34.47 -32.68
CA LYS C 282 -21.86 33.21 -32.61
C LYS C 282 -21.84 32.63 -31.20
N MET C 283 -20.78 32.93 -30.46
CA MET C 283 -20.63 32.42 -29.09
C MET C 283 -21.51 33.10 -28.03
N LYS C 284 -22.01 34.30 -28.32
CA LYS C 284 -22.85 35.03 -27.36
C LYS C 284 -22.12 35.03 -26.00
N PHE C 285 -20.97 35.70 -25.94
CA PHE C 285 -20.14 35.73 -24.73
C PHE C 285 -20.59 36.54 -23.51
N LEU C 286 -21.21 37.69 -23.72
CA LEU C 286 -21.63 38.52 -22.59
C LEU C 286 -23.12 38.48 -22.33
N SER C 287 -23.81 37.52 -22.94
CA SER C 287 -25.25 37.41 -22.75
C SER C 287 -25.58 36.17 -21.93
N LEU C 288 -26.70 36.21 -21.21
CA LEU C 288 -27.12 35.10 -20.37
C LEU C 288 -28.11 34.17 -21.08
N ASP C 289 -27.81 32.87 -21.03
CA ASP C 289 -28.65 31.85 -21.64
C ASP C 289 -29.73 31.39 -20.66
N LEU C 290 -30.99 31.56 -21.04
CA LEU C 290 -32.09 31.18 -20.18
C LEU C 290 -32.57 29.75 -20.41
N GLN C 291 -32.14 29.15 -21.52
CA GLN C 291 -32.55 27.79 -21.87
C GLN C 291 -31.51 26.72 -21.55
N GLY C 292 -32.01 25.57 -21.09
CA GLY C 292 -31.14 24.44 -20.78
C GLY C 292 -30.31 24.52 -19.52
N ASP C 293 -29.51 23.48 -19.30
CA ASP C 293 -28.64 23.36 -18.14
C ASP C 293 -27.62 24.50 -18.11
N PRO C 294 -27.64 25.31 -17.04
CA PRO C 294 -26.74 26.46 -16.85
C PRO C 294 -25.25 26.14 -16.80
N ARG C 295 -24.89 25.00 -16.20
CA ARG C 295 -23.49 24.61 -16.07
C ARG C 295 -22.82 24.46 -17.44
N GLU C 296 -23.62 24.24 -18.47
CA GLU C 296 -23.10 24.08 -19.81
C GLU C 296 -23.15 25.39 -20.59
N SER C 297 -23.30 26.51 -19.88
CA SER C 297 -23.34 27.82 -20.52
C SER C 297 -21.95 28.19 -20.99
N GLN C 298 -21.87 29.04 -22.01
CA GLN C 298 -20.59 29.43 -22.56
C GLN C 298 -19.64 30.05 -21.55
N PRO C 299 -18.58 29.31 -21.17
CA PRO C 299 -17.60 29.81 -20.21
C PRO C 299 -16.83 30.97 -20.83
N LEU C 300 -17.24 32.19 -20.52
CA LEU C 300 -16.58 33.37 -21.07
C LEU C 300 -15.06 33.20 -21.07
N LEU C 301 -14.40 33.66 -22.12
CA LEU C 301 -12.95 33.55 -22.20
C LEU C 301 -12.37 34.30 -21.00
N GLY C 302 -11.19 33.90 -20.54
CA GLY C 302 -10.61 34.59 -19.41
C GLY C 302 -9.20 34.20 -19.03
N THR C 303 -8.83 34.61 -17.83
CA THR C 303 -7.51 34.32 -17.30
C THR C 303 -7.41 32.84 -16.97
N VAL C 304 -6.29 32.20 -17.34
CA VAL C 304 -6.10 30.79 -17.04
C VAL C 304 -4.80 30.62 -16.29
N ILE C 305 -4.58 29.44 -15.74
CA ILE C 305 -3.33 29.18 -15.03
C ILE C 305 -2.40 28.60 -16.09
N ASP C 306 -1.69 29.49 -16.77
CA ASP C 306 -0.79 29.12 -17.87
C ASP C 306 0.57 28.56 -17.48
N GLY C 307 1.09 28.95 -16.33
CA GLY C 307 2.39 28.47 -15.92
C GLY C 307 3.51 29.45 -16.22
N MET C 308 3.14 30.64 -16.70
CA MET C 308 4.11 31.68 -17.02
C MET C 308 3.71 32.93 -16.23
N LEU C 309 2.49 33.40 -16.50
CA LEU C 309 1.95 34.57 -15.82
C LEU C 309 1.56 34.13 -14.41
N LEU C 310 0.70 33.11 -14.33
CA LEU C 310 0.25 32.58 -13.04
C LEU C 310 0.68 31.13 -12.93
N LEU C 311 1.43 30.81 -11.88
CA LEU C 311 1.94 29.47 -11.65
C LEU C 311 0.93 28.53 -10.98
N LYS C 312 -0.18 29.09 -10.50
CA LYS C 312 -1.22 28.32 -9.86
C LYS C 312 -2.41 29.25 -9.61
N THR C 313 -3.53 28.70 -9.16
CA THR C 313 -4.72 29.53 -8.92
C THR C 313 -4.44 30.71 -7.99
N PRO C 314 -5.13 31.84 -8.20
CA PRO C 314 -4.94 33.02 -7.37
C PRO C 314 -5.13 32.74 -5.89
N GLU C 315 -6.16 31.95 -5.58
CA GLU C 315 -6.47 31.58 -4.21
C GLU C 315 -5.30 30.87 -3.55
N GLU C 316 -4.42 30.30 -4.37
CA GLU C 316 -3.26 29.59 -3.86
C GLU C 316 -1.99 30.44 -3.84
N LEU C 317 -2.02 31.58 -4.51
CA LEU C 317 -0.86 32.47 -4.55
C LEU C 317 -0.92 33.52 -3.46
N GLN C 318 -2.12 33.82 -2.98
CA GLN C 318 -2.32 34.82 -1.92
C GLN C 318 -1.98 34.25 -0.56
N ALA C 319 -2.36 33.00 -0.33
CA ALA C 319 -2.09 32.32 0.93
C ALA C 319 -0.60 31.97 0.94
N GLU C 320 -0.07 31.75 -0.25
CA GLU C 320 1.34 31.43 -0.43
C GLU C 320 2.21 32.59 0.03
N ARG C 321 1.58 33.77 0.14
CA ARG C 321 2.28 34.97 0.57
C ARG C 321 3.47 35.24 -0.35
N ASN C 322 3.44 34.61 -1.53
CA ASN C 322 4.50 34.74 -2.51
C ASN C 322 4.20 35.77 -3.60
N PHE C 323 4.67 37.00 -3.38
CA PHE C 323 4.51 38.09 -4.34
C PHE C 323 5.05 39.38 -3.74
N HIS C 324 5.96 40.01 -4.47
CA HIS C 324 6.57 41.28 -4.06
C HIS C 324 5.51 42.14 -3.39
N THR C 325 5.84 42.75 -2.25
CA THR C 325 4.87 43.58 -1.58
C THR C 325 4.88 45.03 -2.03
N VAL C 326 3.71 45.51 -2.45
CA VAL C 326 3.54 46.89 -2.88
C VAL C 326 2.21 47.36 -2.32
N PRO C 327 2.04 48.68 -2.13
CA PRO C 327 0.77 49.15 -1.58
C PRO C 327 -0.37 48.78 -2.55
N TYR C 328 -1.42 48.18 -2.00
CA TYR C 328 -2.55 47.75 -2.82
C TYR C 328 -3.86 48.34 -2.30
N MET C 329 -4.64 48.94 -3.20
CA MET C 329 -5.92 49.53 -2.84
C MET C 329 -7.05 48.79 -3.54
N VAL C 330 -7.90 48.14 -2.76
CA VAL C 330 -9.03 47.39 -3.31
C VAL C 330 -10.32 48.07 -2.92
N GLY C 331 -11.23 48.25 -3.88
CA GLY C 331 -12.48 48.91 -3.55
C GLY C 331 -13.65 48.49 -4.40
N ILE C 332 -14.85 48.68 -3.87
CA ILE C 332 -16.08 48.31 -4.55
C ILE C 332 -17.07 49.47 -4.48
N ASN C 333 -18.18 49.32 -5.19
CA ASN C 333 -19.24 50.33 -5.21
C ASN C 333 -20.47 49.75 -4.52
N LYS C 334 -21.31 50.63 -3.98
CA LYS C 334 -22.53 50.26 -3.26
C LYS C 334 -23.38 49.19 -3.95
N GLN C 335 -23.81 49.48 -5.17
CA GLN C 335 -24.64 48.56 -5.93
C GLN C 335 -23.94 48.10 -7.20
N GLU C 336 -22.99 47.18 -7.06
CA GLU C 336 -22.22 46.65 -8.20
C GLU C 336 -23.04 45.95 -9.26
N PHE C 337 -24.19 45.40 -8.88
CA PHE C 337 -25.03 44.73 -9.85
C PHE C 337 -26.33 45.51 -9.96
N GLY C 338 -26.22 46.79 -9.63
CA GLY C 338 -27.37 47.67 -9.65
C GLY C 338 -28.12 47.71 -10.97
N TRP C 339 -27.51 48.28 -11.99
CA TRP C 339 -28.16 48.39 -13.29
C TRP C 339 -27.32 48.00 -14.51
N LEU C 340 -26.09 48.51 -14.57
CA LEU C 340 -25.19 48.27 -15.70
C LEU C 340 -24.96 46.82 -16.14
N ILE C 341 -24.25 46.04 -15.34
CA ILE C 341 -23.95 44.67 -15.70
C ILE C 341 -25.19 43.86 -16.14
N PRO C 342 -26.32 43.97 -15.40
CA PRO C 342 -27.54 43.24 -15.77
C PRO C 342 -28.11 43.72 -17.09
N MET C 343 -28.20 45.03 -17.23
CA MET C 343 -28.73 45.65 -18.44
C MET C 343 -27.93 45.19 -19.65
N LEU C 344 -26.60 45.14 -19.51
CA LEU C 344 -25.72 44.73 -20.58
C LEU C 344 -25.69 43.23 -20.81
N MET C 345 -26.28 42.47 -19.89
CA MET C 345 -26.31 41.02 -20.03
C MET C 345 -27.72 40.54 -20.36
N SER C 346 -28.64 41.49 -20.46
CA SER C 346 -30.03 41.21 -20.79
C SER C 346 -30.71 40.33 -19.74
N TYR C 347 -30.55 40.70 -18.47
CA TYR C 347 -31.15 39.93 -17.39
C TYR C 347 -32.67 40.01 -17.36
N PRO C 348 -33.33 38.87 -17.11
CA PRO C 348 -34.79 38.79 -17.05
C PRO C 348 -35.33 39.47 -15.79
N LEU C 349 -35.34 40.79 -15.78
CA LEU C 349 -35.82 41.53 -14.62
C LEU C 349 -36.76 42.65 -15.02
N SER C 350 -37.24 42.59 -16.25
CA SER C 350 -38.15 43.61 -16.75
C SER C 350 -39.34 43.69 -15.81
N GLU C 351 -39.54 42.62 -15.05
CA GLU C 351 -40.63 42.52 -14.09
C GLU C 351 -40.63 43.60 -13.00
N GLY C 352 -39.46 43.88 -12.44
CA GLY C 352 -39.39 44.88 -11.39
C GLY C 352 -39.66 44.25 -10.03
N GLN C 353 -40.11 43.01 -10.05
CA GLN C 353 -40.43 42.27 -8.83
C GLN C 353 -39.90 40.85 -9.00
N LEU C 354 -39.66 40.16 -7.89
CA LEU C 354 -39.12 38.81 -7.95
C LEU C 354 -39.46 37.98 -6.72
N ASP C 355 -40.10 36.84 -6.93
CA ASP C 355 -40.45 35.95 -5.82
C ASP C 355 -39.25 35.03 -5.56
N GLN C 356 -39.34 34.20 -4.53
CA GLN C 356 -38.25 33.30 -4.21
C GLN C 356 -38.16 32.10 -5.16
N LYS C 357 -39.21 31.87 -5.92
CA LYS C 357 -39.21 30.77 -6.86
C LYS C 357 -38.43 31.13 -8.12
N THR C 358 -38.74 32.31 -8.66
CA THR C 358 -38.07 32.78 -9.88
C THR C 358 -36.62 33.13 -9.56
N ALA C 359 -36.38 33.60 -8.34
CA ALA C 359 -35.05 33.97 -7.89
C ALA C 359 -34.12 32.77 -7.95
N MET C 360 -34.53 31.68 -7.31
CA MET C 360 -33.71 30.46 -7.29
C MET C 360 -33.49 29.95 -8.70
N SER C 361 -34.51 30.08 -9.54
CA SER C 361 -34.42 29.64 -10.93
C SER C 361 -33.40 30.52 -11.62
N LEU C 362 -33.58 31.83 -11.46
CA LEU C 362 -32.70 32.81 -12.07
C LEU C 362 -31.28 32.68 -11.53
N LEU C 363 -31.14 32.46 -10.23
CA LEU C 363 -29.82 32.32 -9.61
C LEU C 363 -29.11 31.11 -10.20
N TRP C 364 -29.84 30.01 -10.34
CA TRP C 364 -29.28 28.80 -10.91
C TRP C 364 -28.84 29.14 -12.33
N LYS C 365 -29.72 29.79 -13.08
CA LYS C 365 -29.43 30.21 -14.45
C LYS C 365 -28.22 31.14 -14.49
N SER C 366 -27.90 31.74 -13.36
CA SER C 366 -26.78 32.67 -13.27
C SER C 366 -25.46 31.98 -12.96
N TYR C 367 -25.48 30.65 -12.95
CA TYR C 367 -24.29 29.86 -12.65
C TYR C 367 -23.01 30.32 -13.35
N PRO C 368 -23.10 30.66 -14.65
CA PRO C 368 -21.88 31.10 -15.33
C PRO C 368 -21.24 32.35 -14.72
N LEU C 369 -22.01 33.08 -13.90
CA LEU C 369 -21.51 34.28 -13.25
C LEU C 369 -21.14 34.08 -11.79
N VAL C 370 -22.15 33.81 -10.95
CA VAL C 370 -21.90 33.62 -9.53
C VAL C 370 -21.24 32.28 -9.20
N CYS C 371 -21.41 31.29 -10.07
CA CYS C 371 -20.82 29.96 -9.88
C CYS C 371 -21.23 29.37 -8.53
N ILE C 372 -22.53 29.11 -8.37
CA ILE C 372 -23.06 28.55 -7.13
C ILE C 372 -23.73 27.20 -7.35
N ALA C 373 -23.36 26.20 -6.56
CA ALA C 373 -23.94 24.87 -6.68
C ALA C 373 -25.45 24.97 -6.60
N LYS C 374 -26.15 24.07 -7.28
CA LYS C 374 -27.60 24.07 -7.30
C LYS C 374 -28.21 23.71 -5.95
N GLU C 375 -27.49 22.92 -5.17
CA GLU C 375 -27.99 22.51 -3.85
C GLU C 375 -27.82 23.63 -2.83
N LEU C 376 -27.08 24.67 -3.19
CA LEU C 376 -26.86 25.79 -2.29
C LEU C 376 -27.77 26.98 -2.60
N ILE C 377 -28.37 26.97 -3.78
CA ILE C 377 -29.25 28.03 -4.22
C ILE C 377 -30.30 28.42 -3.19
N PRO C 378 -30.96 27.43 -2.57
CA PRO C 378 -31.97 27.75 -1.56
C PRO C 378 -31.42 28.59 -0.41
N GLU C 379 -30.26 28.19 0.12
CA GLU C 379 -29.64 28.93 1.21
C GLU C 379 -29.33 30.34 0.76
N ALA C 380 -28.63 30.46 -0.36
CA ALA C 380 -28.29 31.75 -0.90
C ALA C 380 -29.54 32.63 -0.94
N THR C 381 -30.57 32.16 -1.63
CA THR C 381 -31.81 32.90 -1.73
C THR C 381 -32.41 33.14 -0.35
N GLU C 382 -32.71 32.06 0.36
CA GLU C 382 -33.28 32.17 1.69
C GLU C 382 -32.55 33.20 2.54
N LYS C 383 -31.22 33.16 2.49
CA LYS C 383 -30.39 34.08 3.26
C LYS C 383 -30.57 35.55 2.88
N TYR C 384 -30.71 35.85 1.60
CA TYR C 384 -30.86 37.23 1.16
C TYR C 384 -32.30 37.72 1.01
N LEU C 385 -33.12 36.94 0.32
CA LEU C 385 -34.51 37.31 0.07
C LEU C 385 -35.44 36.85 1.18
N GLY C 386 -35.06 35.76 1.85
CA GLY C 386 -35.87 35.22 2.92
C GLY C 386 -36.17 36.28 3.96
N GLY C 387 -35.34 37.32 4.00
CA GLY C 387 -35.53 38.40 4.96
C GLY C 387 -36.99 38.73 5.18
N THR C 388 -37.66 39.20 4.14
CA THR C 388 -39.08 39.56 4.22
C THR C 388 -39.77 39.21 2.92
N ASP C 389 -40.93 39.83 2.71
CA ASP C 389 -41.70 39.62 1.50
C ASP C 389 -41.42 40.78 0.57
N ASP C 390 -42.45 41.27 -0.12
CA ASP C 390 -42.28 42.38 -1.05
C ASP C 390 -41.34 41.94 -2.16
N THR C 391 -41.86 41.15 -3.10
CA THR C 391 -41.06 40.65 -4.21
C THR C 391 -40.19 41.74 -4.84
N VAL C 392 -40.67 42.98 -4.80
CA VAL C 392 -39.93 44.10 -5.37
C VAL C 392 -38.67 44.34 -4.54
N LYS C 393 -38.84 44.40 -3.22
CA LYS C 393 -37.72 44.62 -2.31
C LYS C 393 -36.78 43.43 -2.36
N LYS C 394 -37.27 42.31 -2.89
CA LYS C 394 -36.46 41.10 -3.01
C LYS C 394 -35.54 41.15 -4.21
N LYS C 395 -36.05 41.64 -5.35
CA LYS C 395 -35.22 41.72 -6.55
C LYS C 395 -33.94 42.49 -6.20
N ASP C 396 -34.08 43.49 -5.32
CA ASP C 396 -32.96 44.30 -4.91
C ASP C 396 -32.00 43.50 -4.04
N LEU C 397 -32.57 42.70 -3.15
CA LEU C 397 -31.77 41.86 -2.26
C LEU C 397 -31.12 40.79 -3.12
N PHE C 398 -31.72 40.54 -4.29
CA PHE C 398 -31.19 39.57 -5.22
C PHE C 398 -29.97 40.21 -5.86
N LEU C 399 -30.08 41.50 -6.19
CA LEU C 399 -28.99 42.23 -6.80
C LEU C 399 -27.83 42.39 -5.82
N ASP C 400 -28.15 42.58 -4.54
CA ASP C 400 -27.10 42.72 -3.54
C ASP C 400 -26.40 41.38 -3.41
N LEU C 401 -27.14 40.33 -3.73
CA LEU C 401 -26.65 38.96 -3.69
C LEU C 401 -25.57 38.78 -4.76
N ILE C 402 -25.93 38.99 -6.02
CA ILE C 402 -24.97 38.85 -7.11
C ILE C 402 -23.74 39.71 -6.85
N ALA C 403 -23.97 40.98 -6.54
CA ALA C 403 -22.90 41.93 -6.28
C ALA C 403 -21.88 41.42 -5.26
N ASP C 404 -22.36 40.93 -4.13
CA ASP C 404 -21.46 40.44 -3.10
C ASP C 404 -20.63 39.23 -3.55
N VAL C 405 -21.23 38.36 -4.36
CA VAL C 405 -20.56 37.16 -4.85
C VAL C 405 -19.53 37.45 -5.94
N MET C 406 -19.78 38.51 -6.71
CA MET C 406 -18.86 38.85 -7.79
C MET C 406 -17.78 39.84 -7.40
N PHE C 407 -18.12 40.80 -6.55
CA PHE C 407 -17.15 41.81 -6.15
C PHE C 407 -16.94 42.01 -4.66
N GLY C 408 -18.04 42.12 -3.92
CA GLY C 408 -17.96 42.33 -2.49
C GLY C 408 -17.10 41.37 -1.70
N VAL C 409 -17.47 40.09 -1.70
CA VAL C 409 -16.71 39.10 -0.95
C VAL C 409 -15.28 38.93 -1.47
N PRO C 410 -15.12 38.67 -2.78
CA PRO C 410 -13.78 38.50 -3.36
C PRO C 410 -12.83 39.64 -2.97
N SER C 411 -13.27 40.87 -3.16
CA SER C 411 -12.47 42.05 -2.84
C SER C 411 -11.92 42.03 -1.41
N VAL C 412 -12.82 42.00 -0.43
CA VAL C 412 -12.41 41.98 0.96
C VAL C 412 -11.45 40.83 1.22
N ILE C 413 -11.81 39.64 0.77
CA ILE C 413 -10.93 38.49 0.95
C ILE C 413 -9.54 38.84 0.43
N VAL C 414 -9.45 39.30 -0.82
CA VAL C 414 -8.16 39.67 -1.41
C VAL C 414 -7.43 40.69 -0.54
N ALA C 415 -8.15 41.73 -0.11
CA ALA C 415 -7.58 42.77 0.73
C ALA C 415 -6.96 42.15 1.99
N ARG C 416 -7.75 41.36 2.70
CA ARG C 416 -7.27 40.72 3.92
C ARG C 416 -6.00 39.89 3.69
N ASN C 417 -5.96 39.11 2.62
CA ASN C 417 -4.79 38.30 2.34
C ASN C 417 -3.59 39.20 2.09
N HIS C 418 -3.83 40.31 1.40
CA HIS C 418 -2.74 41.24 1.10
C HIS C 418 -2.25 41.84 2.41
N ARG C 419 -3.21 42.26 3.25
CA ARG C 419 -2.89 42.85 4.55
C ARG C 419 -2.06 41.87 5.39
N ASP C 420 -2.49 40.60 5.43
CA ASP C 420 -1.79 39.58 6.19
C ASP C 420 -0.42 39.28 5.60
N ALA C 421 -0.21 39.70 4.36
CA ALA C 421 1.08 39.49 3.73
C ALA C 421 2.02 40.59 4.21
N GLY C 422 1.51 41.44 5.10
CA GLY C 422 2.31 42.51 5.65
C GLY C 422 2.59 43.62 4.65
N ALA C 423 1.59 43.97 3.86
CA ALA C 423 1.77 45.01 2.86
C ALA C 423 0.67 46.05 3.01
N PRO C 424 1.01 47.33 2.77
CA PRO C 424 0.02 48.41 2.89
C PRO C 424 -1.23 48.05 2.09
N THR C 425 -2.37 48.08 2.76
CA THR C 425 -3.62 47.74 2.13
C THR C 425 -4.66 48.80 2.49
N TYR C 426 -5.49 49.15 1.50
CA TYR C 426 -6.52 50.16 1.67
C TYR C 426 -7.78 49.73 0.95
N MET C 427 -8.93 49.94 1.58
CA MET C 427 -10.21 49.60 0.96
C MET C 427 -11.16 50.77 0.96
N TYR C 428 -12.17 50.70 0.09
CA TYR C 428 -13.17 51.77 0.00
C TYR C 428 -14.47 51.25 -0.62
N GLU C 429 -15.55 51.98 -0.39
CA GLU C 429 -16.83 51.66 -0.98
C GLU C 429 -17.37 52.96 -1.52
N PHE C 430 -17.60 53.00 -2.83
CA PHE C 430 -18.10 54.19 -3.49
C PHE C 430 -19.61 54.18 -3.54
N GLN C 431 -20.23 55.21 -2.97
CA GLN C 431 -21.67 55.32 -2.95
C GLN C 431 -22.11 56.71 -3.38
N TYR C 432 -22.32 56.88 -4.68
CA TYR C 432 -22.73 58.16 -5.23
C TYR C 432 -23.32 57.90 -6.60
N ARG C 433 -24.25 58.73 -7.04
CA ARG C 433 -24.87 58.55 -8.36
C ARG C 433 -24.49 59.71 -9.28
N PRO C 434 -23.47 59.52 -10.13
CA PRO C 434 -23.02 60.56 -11.05
C PRO C 434 -24.14 61.17 -11.90
N SER C 435 -24.04 62.46 -12.19
CA SER C 435 -25.06 63.11 -12.98
C SER C 435 -24.92 62.71 -14.44
N PHE C 436 -23.83 62.00 -14.75
CA PHE C 436 -23.58 61.55 -16.11
C PHE C 436 -24.17 60.15 -16.34
N SER C 437 -24.97 59.68 -15.39
CA SER C 437 -25.60 58.37 -15.50
C SER C 437 -26.46 58.36 -16.75
N SER C 438 -26.74 57.17 -17.26
CA SER C 438 -27.57 57.00 -18.44
C SER C 438 -29.03 57.37 -18.12
N ASP C 439 -29.79 57.71 -19.14
CA ASP C 439 -31.18 58.09 -18.93
C ASP C 439 -32.04 56.87 -18.57
N MET C 440 -31.63 55.70 -19.05
CA MET C 440 -32.36 54.46 -18.80
C MET C 440 -32.00 53.81 -17.46
N LYS C 441 -31.26 54.54 -16.64
CA LYS C 441 -30.83 54.03 -15.35
C LYS C 441 -31.77 54.54 -14.26
N PRO C 442 -32.30 53.63 -13.44
CA PRO C 442 -33.22 53.96 -12.34
C PRO C 442 -32.61 54.94 -11.34
N LYS C 443 -33.37 55.98 -11.01
CA LYS C 443 -32.91 57.00 -10.07
C LYS C 443 -32.54 56.45 -8.70
N THR C 444 -32.98 55.24 -8.39
CA THR C 444 -32.71 54.63 -7.10
C THR C 444 -31.33 53.96 -7.00
N VAL C 445 -30.71 53.74 -8.16
CA VAL C 445 -29.40 53.10 -8.22
C VAL C 445 -28.28 54.07 -7.87
N ILE C 446 -27.63 53.83 -6.75
CA ILE C 446 -26.51 54.68 -6.32
C ILE C 446 -25.30 53.77 -6.14
N GLY C 447 -24.18 54.16 -6.73
CA GLY C 447 -22.99 53.35 -6.61
C GLY C 447 -23.08 52.12 -7.49
N ASP C 448 -23.49 52.34 -8.73
CA ASP C 448 -23.63 51.27 -9.70
C ASP C 448 -22.25 50.91 -10.27
N HIS C 449 -22.14 49.73 -10.87
CA HIS C 449 -20.88 49.31 -11.47
C HIS C 449 -20.35 50.42 -12.37
N GLY C 450 -19.08 50.81 -12.16
CA GLY C 450 -18.48 51.84 -12.97
C GLY C 450 -18.79 53.28 -12.59
N ASP C 451 -19.51 53.49 -11.49
CA ASP C 451 -19.85 54.84 -11.07
C ASP C 451 -18.69 55.67 -10.54
N GLU C 452 -17.66 55.01 -10.00
CA GLU C 452 -16.51 55.73 -9.44
C GLU C 452 -15.56 56.26 -10.53
N LEU C 453 -15.68 55.72 -11.74
CA LEU C 453 -14.85 56.14 -12.87
C LEU C 453 -14.95 57.64 -13.14
N PHE C 454 -16.16 58.20 -13.01
CA PHE C 454 -16.38 59.62 -13.27
C PHE C 454 -15.65 60.57 -12.33
N SER C 455 -15.41 60.12 -11.10
CA SER C 455 -14.72 60.96 -10.16
C SER C 455 -13.22 60.77 -10.42
N VAL C 456 -12.84 59.51 -10.56
CA VAL C 456 -11.43 59.17 -10.81
C VAL C 456 -10.85 59.86 -12.03
N PHE C 457 -11.60 59.91 -13.12
CA PHE C 457 -11.12 60.55 -14.33
C PHE C 457 -11.63 61.98 -14.52
N GLY C 458 -11.99 62.60 -13.40
CA GLY C 458 -12.47 63.97 -13.41
C GLY C 458 -13.52 64.38 -14.42
N ALA C 459 -14.54 63.54 -14.61
CA ALA C 459 -15.61 63.84 -15.56
C ALA C 459 -16.21 65.23 -15.32
N PRO C 460 -16.33 65.65 -14.05
CA PRO C 460 -16.90 66.97 -13.78
C PRO C 460 -16.14 68.12 -14.43
N PHE C 461 -14.95 67.84 -14.99
CA PHE C 461 -14.18 68.90 -15.65
C PHE C 461 -14.10 68.74 -17.16
N LEU C 462 -14.77 67.71 -17.70
CA LEU C 462 -14.78 67.48 -19.14
C LEU C 462 -16.22 67.55 -19.64
N LYS C 463 -17.13 66.90 -18.91
CA LYS C 463 -18.54 66.94 -19.29
C LYS C 463 -19.12 68.19 -18.64
N GLU C 464 -20.35 68.53 -19.00
CA GLU C 464 -20.98 69.73 -18.44
C GLU C 464 -22.08 69.45 -17.43
N GLY C 465 -22.41 70.47 -16.64
CA GLY C 465 -23.45 70.35 -15.65
C GLY C 465 -23.10 69.78 -14.30
N ALA C 466 -21.83 69.53 -14.03
CA ALA C 466 -21.45 68.98 -12.74
C ALA C 466 -21.74 69.97 -11.62
N SER C 467 -22.50 69.52 -10.63
CA SER C 467 -22.83 70.36 -9.49
C SER C 467 -21.56 70.52 -8.68
N GLU C 468 -21.49 71.57 -7.87
CA GLU C 468 -20.31 71.82 -7.03
C GLU C 468 -19.98 70.61 -6.14
N GLU C 469 -21.02 69.90 -5.72
CA GLU C 469 -20.87 68.72 -4.87
C GLU C 469 -20.18 67.60 -5.64
N GLU C 470 -20.62 67.39 -6.87
CA GLU C 470 -20.06 66.36 -7.75
C GLU C 470 -18.63 66.74 -8.12
N ILE C 471 -18.38 68.04 -8.28
CA ILE C 471 -17.05 68.52 -8.62
C ILE C 471 -16.10 68.26 -7.44
N ARG C 472 -16.54 68.63 -6.24
CA ARG C 472 -15.72 68.42 -5.03
C ARG C 472 -15.44 66.94 -4.79
N LEU C 473 -16.36 66.08 -5.21
CA LEU C 473 -16.19 64.64 -5.04
C LEU C 473 -15.07 64.15 -5.93
N SER C 474 -15.08 64.65 -7.17
CA SER C 474 -14.08 64.28 -8.17
C SER C 474 -12.70 64.80 -7.76
N LYS C 475 -12.64 66.03 -7.24
CA LYS C 475 -11.38 66.59 -6.80
C LYS C 475 -10.77 65.73 -5.71
N MET C 476 -11.61 65.33 -4.76
CA MET C 476 -11.17 64.50 -3.64
C MET C 476 -10.70 63.11 -4.07
N VAL C 477 -11.47 62.41 -4.89
CA VAL C 477 -11.06 61.08 -5.31
C VAL C 477 -9.73 61.13 -6.03
N MET C 478 -9.56 62.11 -6.94
CA MET C 478 -8.31 62.23 -7.67
C MET C 478 -7.17 62.49 -6.70
N LYS C 479 -7.41 63.35 -5.72
CA LYS C 479 -6.41 63.67 -4.71
C LYS C 479 -5.95 62.38 -4.07
N PHE C 480 -6.90 61.61 -3.55
CA PHE C 480 -6.61 60.34 -2.91
C PHE C 480 -5.82 59.41 -3.81
N TRP C 481 -6.30 59.22 -5.05
CA TRP C 481 -5.63 58.34 -6.00
C TRP C 481 -4.19 58.79 -6.30
N ALA C 482 -4.02 60.05 -6.67
CA ALA C 482 -2.68 60.55 -6.97
C ALA C 482 -1.77 60.50 -5.74
N ASN C 483 -2.33 60.82 -4.58
CA ASN C 483 -1.57 60.77 -3.33
C ASN C 483 -1.03 59.38 -3.15
N PHE C 484 -1.90 58.40 -3.35
CA PHE C 484 -1.55 57.00 -3.21
C PHE C 484 -0.50 56.64 -4.24
N ALA C 485 -0.66 57.14 -5.46
CA ALA C 485 0.29 56.86 -6.52
C ALA C 485 1.69 57.37 -6.22
N ARG C 486 1.80 58.37 -5.36
CA ARG C 486 3.12 58.88 -5.06
C ARG C 486 3.67 58.56 -3.67
N ASN C 487 2.85 58.00 -2.79
CA ASN C 487 3.29 57.68 -1.43
C ASN C 487 2.93 56.28 -0.97
N GLY C 488 1.96 55.65 -1.63
CA GLY C 488 1.52 54.34 -1.19
C GLY C 488 0.53 54.58 -0.07
N ASN C 489 0.27 55.86 0.21
CA ASN C 489 -0.67 56.28 1.24
C ASN C 489 -1.58 57.35 0.60
N PRO C 490 -2.90 57.12 0.60
CA PRO C 490 -3.85 58.06 0.01
C PRO C 490 -4.03 59.38 0.75
N ASN C 491 -3.67 59.38 2.02
CA ASN C 491 -3.84 60.58 2.84
C ASN C 491 -2.97 61.77 2.47
N GLY C 492 -3.48 62.96 2.79
CA GLY C 492 -2.79 64.19 2.50
C GLY C 492 -3.49 65.39 3.10
N GLU C 493 -2.99 66.58 2.82
CA GLU C 493 -3.58 67.79 3.34
C GLU C 493 -4.96 67.99 2.71
N GLY C 494 -5.87 68.59 3.47
CA GLY C 494 -7.22 68.84 2.98
C GLY C 494 -8.06 67.61 2.66
N LEU C 495 -7.77 66.49 3.30
CA LEU C 495 -8.53 65.27 3.02
C LEU C 495 -8.95 64.54 4.29
N PRO C 496 -10.16 63.97 4.27
CA PRO C 496 -10.62 63.24 5.45
C PRO C 496 -9.66 62.09 5.64
N HIS C 497 -9.48 61.63 6.87
CA HIS C 497 -8.56 60.54 7.10
C HIS C 497 -9.08 59.22 6.56
N TRP C 498 -8.21 58.53 5.83
CA TRP C 498 -8.52 57.23 5.24
C TRP C 498 -7.64 56.28 6.04
N PRO C 499 -8.24 55.48 6.93
CA PRO C 499 -7.43 54.56 7.72
C PRO C 499 -6.91 53.40 6.87
N GLU C 500 -5.74 52.88 7.23
CA GLU C 500 -5.19 51.76 6.49
C GLU C 500 -6.08 50.55 6.80
N TYR C 501 -6.14 49.59 5.89
CA TYR C 501 -6.96 48.41 6.12
C TYR C 501 -6.19 47.37 6.93
N ASN C 502 -6.05 47.62 8.23
CA ASN C 502 -5.34 46.70 9.12
C ASN C 502 -6.30 45.67 9.73
N GLN C 503 -6.08 45.30 10.98
CA GLN C 503 -6.93 44.32 11.63
C GLN C 503 -8.32 44.86 11.95
N LYS C 504 -8.44 46.17 12.16
CA LYS C 504 -9.73 46.78 12.46
C LYS C 504 -10.55 46.84 11.17
N GLU C 505 -9.89 46.49 10.07
CA GLU C 505 -10.54 46.50 8.76
C GLU C 505 -11.23 47.81 8.51
N GLY C 506 -10.48 48.90 8.61
CA GLY C 506 -11.04 50.19 8.38
C GLY C 506 -10.97 50.52 6.91
N TYR C 507 -12.06 51.05 6.37
CA TYR C 507 -12.12 51.43 4.96
C TYR C 507 -12.79 52.77 4.86
N LEU C 508 -12.64 53.42 3.71
CA LEU C 508 -13.25 54.72 3.49
C LEU C 508 -14.56 54.58 2.73
N GLN C 509 -15.52 55.43 3.08
CA GLN C 509 -16.82 55.44 2.42
C GLN C 509 -16.85 56.72 1.62
N ILE C 510 -16.64 56.60 0.32
CA ILE C 510 -16.62 57.75 -0.57
C ILE C 510 -17.98 58.07 -1.17
N GLY C 511 -18.35 59.34 -1.07
CA GLY C 511 -19.62 59.81 -1.60
C GLY C 511 -19.86 61.24 -1.14
N ALA C 512 -21.10 61.71 -1.24
CA ALA C 512 -21.44 63.06 -0.81
C ALA C 512 -20.84 63.24 0.57
N ASN C 513 -21.00 62.21 1.40
CA ASN C 513 -20.45 62.20 2.75
C ASN C 513 -19.34 61.17 2.75
N THR C 514 -18.12 61.62 3.04
CA THR C 514 -16.98 60.72 3.06
C THR C 514 -16.46 60.57 4.48
N GLN C 515 -16.54 59.35 4.99
CA GLN C 515 -16.10 59.09 6.35
C GLN C 515 -15.55 57.67 6.47
N ALA C 516 -14.72 57.47 7.47
CA ALA C 516 -14.13 56.16 7.71
C ALA C 516 -15.19 55.26 8.35
N ALA C 517 -15.05 53.95 8.14
CA ALA C 517 -15.98 52.97 8.70
C ALA C 517 -15.18 51.71 8.95
N GLN C 518 -15.85 50.60 9.20
CA GLN C 518 -15.15 49.35 9.46
C GLN C 518 -15.88 48.08 9.04
N LYS C 519 -15.13 46.97 9.04
CA LYS C 519 -15.63 45.66 8.66
C LYS C 519 -16.51 45.70 7.42
N LEU C 520 -15.89 45.85 6.25
CA LEU C 520 -16.62 45.92 5.00
C LEU C 520 -17.09 44.54 4.53
N LYS C 521 -18.39 44.40 4.35
CA LYS C 521 -18.99 43.14 3.90
C LYS C 521 -18.61 41.99 4.82
N ASP C 522 -18.08 42.33 5.98
CA ASP C 522 -17.62 41.34 6.95
C ASP C 522 -18.58 40.17 7.19
N LYS C 523 -19.85 40.46 7.39
CA LYS C 523 -20.85 39.41 7.62
C LYS C 523 -20.99 38.57 6.36
N GLU C 524 -21.11 39.24 5.22
CA GLU C 524 -21.25 38.57 3.92
C GLU C 524 -20.09 37.61 3.65
N VAL C 525 -18.87 38.07 3.91
CA VAL C 525 -17.70 37.24 3.67
C VAL C 525 -17.74 36.00 4.54
N ALA C 526 -18.40 36.10 5.69
CA ALA C 526 -18.51 34.96 6.60
C ALA C 526 -19.51 33.99 6.02
N PHE C 527 -20.69 34.49 5.70
CA PHE C 527 -21.73 33.65 5.14
C PHE C 527 -21.24 32.85 3.93
N TRP C 528 -20.64 33.55 2.98
CA TRP C 528 -20.16 32.91 1.76
C TRP C 528 -18.99 31.97 1.93
N THR C 529 -17.92 32.43 2.57
CA THR C 529 -16.75 31.59 2.78
C THR C 529 -17.24 30.25 3.33
N ASN C 530 -18.24 30.33 4.18
CA ASN C 530 -18.85 29.17 4.81
C ASN C 530 -19.71 28.36 3.83
N LEU C 531 -20.75 28.98 3.29
CA LEU C 531 -21.65 28.32 2.35
C LEU C 531 -20.89 27.51 1.30
N PHE C 532 -19.84 28.11 0.74
CA PHE C 532 -19.03 27.45 -0.27
C PHE C 532 -18.18 26.33 0.32
N ALA C 533 -17.84 26.45 1.60
CA ALA C 533 -17.04 25.44 2.27
C ALA C 533 -17.70 24.07 2.17
N LYS C 534 -19.03 24.05 2.31
CA LYS C 534 -19.80 22.81 2.23
C LYS C 534 -19.46 22.01 0.98
N SER D 3 -29.01 -36.55 79.93
CA SER D 3 -27.60 -36.07 79.98
C SER D 3 -26.70 -36.89 79.06
N SER D 4 -27.34 -37.72 78.24
CA SER D 4 -26.61 -38.55 77.30
C SER D 4 -26.30 -37.66 76.09
N PRO D 5 -25.01 -37.49 75.77
CA PRO D 5 -24.55 -36.66 74.65
C PRO D 5 -25.57 -36.56 73.52
N PRO D 6 -25.94 -35.32 73.15
CA PRO D 6 -26.90 -35.07 72.08
C PRO D 6 -26.37 -35.54 70.74
N VAL D 7 -27.16 -36.35 70.04
CA VAL D 7 -26.76 -36.82 68.72
C VAL D 7 -27.83 -36.35 67.75
N VAL D 8 -27.39 -35.67 66.69
CA VAL D 8 -28.31 -35.15 65.69
C VAL D 8 -27.97 -35.71 64.32
N ASP D 9 -29.00 -36.01 63.55
CA ASP D 9 -28.83 -36.56 62.21
C ASP D 9 -28.88 -35.45 61.16
N THR D 10 -27.76 -35.14 60.53
CA THR D 10 -27.75 -34.10 59.50
C THR D 10 -27.66 -34.73 58.12
N VAL D 11 -27.70 -33.88 57.10
CA VAL D 11 -27.64 -34.33 55.72
C VAL D 11 -26.45 -35.23 55.39
N HIS D 12 -25.27 -34.87 55.87
CA HIS D 12 -24.08 -35.65 55.57
C HIS D 12 -23.67 -36.69 56.61
N GLY D 13 -24.48 -36.85 57.65
CA GLY D 13 -24.15 -37.83 58.67
C GLY D 13 -24.46 -37.35 60.07
N LYS D 14 -24.52 -38.29 61.02
CA LYS D 14 -24.81 -37.98 62.41
C LYS D 14 -23.67 -37.27 63.12
N VAL D 15 -23.99 -36.23 63.89
CA VAL D 15 -22.98 -35.50 64.65
C VAL D 15 -23.28 -35.67 66.15
N LEU D 16 -22.23 -35.66 66.96
CA LEU D 16 -22.32 -35.84 68.41
C LEU D 16 -21.86 -34.58 69.15
N GLY D 17 -22.76 -33.98 69.91
CA GLY D 17 -22.42 -32.77 70.64
C GLY D 17 -22.29 -32.99 72.13
N LYS D 18 -22.31 -31.90 72.90
CA LYS D 18 -22.22 -31.96 74.34
C LYS D 18 -23.20 -30.98 75.00
N PHE D 19 -23.73 -31.37 76.15
CA PHE D 19 -24.67 -30.51 76.86
C PHE D 19 -23.96 -29.58 77.81
N VAL D 20 -24.33 -28.30 77.74
CA VAL D 20 -23.72 -27.29 78.60
C VAL D 20 -24.83 -26.45 79.21
N SER D 21 -24.79 -26.31 80.54
CA SER D 21 -25.78 -25.52 81.26
C SER D 21 -25.23 -24.18 81.70
N LEU D 22 -25.99 -23.12 81.45
CA LEU D 22 -25.59 -21.79 81.84
C LEU D 22 -26.18 -21.49 83.20
N GLU D 23 -25.31 -21.12 84.12
CA GLU D 23 -25.67 -20.78 85.49
C GLU D 23 -27.14 -20.42 85.64
N GLY D 24 -27.89 -21.24 86.37
CA GLY D 24 -29.29 -20.96 86.59
C GLY D 24 -30.34 -21.57 85.67
N PHE D 25 -29.96 -21.87 84.43
CA PHE D 25 -30.92 -22.46 83.50
C PHE D 25 -30.95 -23.99 83.56
N ALA D 26 -32.14 -24.55 83.77
CA ALA D 26 -32.30 -26.00 83.84
C ALA D 26 -32.11 -26.57 82.44
N GLN D 27 -32.78 -25.96 81.46
CA GLN D 27 -32.67 -26.38 80.07
C GLN D 27 -31.23 -26.24 79.62
N PRO D 28 -30.56 -27.35 79.32
CA PRO D 28 -29.16 -27.30 78.88
C PRO D 28 -29.02 -26.93 77.40
N VAL D 29 -27.95 -26.23 77.05
CA VAL D 29 -27.75 -25.85 75.66
C VAL D 29 -26.95 -26.96 74.97
N ALA D 30 -27.48 -27.48 73.87
CA ALA D 30 -26.79 -28.52 73.10
C ALA D 30 -25.82 -27.81 72.17
N ILE D 31 -24.53 -28.05 72.37
CA ILE D 31 -23.50 -27.41 71.56
C ILE D 31 -22.69 -28.36 70.69
N PHE D 32 -22.50 -27.95 69.44
CA PHE D 32 -21.72 -28.73 68.48
C PHE D 32 -20.62 -27.84 67.89
N LEU D 33 -19.37 -28.21 68.13
CA LEU D 33 -18.25 -27.43 67.63
C LEU D 33 -17.60 -28.04 66.40
N GLY D 34 -17.26 -27.19 65.44
CA GLY D 34 -16.60 -27.65 64.24
C GLY D 34 -17.38 -28.59 63.33
N ILE D 35 -18.59 -28.20 62.93
CA ILE D 35 -19.36 -29.02 62.02
C ILE D 35 -18.97 -28.53 60.63
N PRO D 36 -18.49 -29.43 59.76
CA PRO D 36 -18.11 -29.06 58.39
C PRO D 36 -19.33 -28.75 57.54
N PHE D 37 -19.26 -27.66 56.77
CA PHE D 37 -20.35 -27.28 55.90
C PHE D 37 -19.89 -27.25 54.46
N ALA D 38 -18.57 -27.38 54.28
CA ALA D 38 -17.97 -27.36 52.96
C ALA D 38 -16.77 -28.31 52.89
N LYS D 39 -16.40 -28.69 51.68
CA LYS D 39 -15.27 -29.56 51.49
C LYS D 39 -14.03 -28.73 51.78
N PRO D 40 -13.04 -29.31 52.50
CA PRO D 40 -11.83 -28.55 52.80
C PRO D 40 -11.26 -27.96 51.51
N PRO D 41 -11.04 -26.64 51.47
CA PRO D 41 -10.50 -26.00 50.26
C PRO D 41 -8.98 -26.13 50.15
N LEU D 42 -8.51 -27.37 50.01
CA LEU D 42 -7.08 -27.62 49.90
C LEU D 42 -6.66 -27.88 48.46
N GLY D 43 -5.36 -27.82 48.20
CA GLY D 43 -4.87 -28.07 46.86
C GLY D 43 -5.60 -27.30 45.78
N PRO D 44 -6.09 -28.00 44.75
CA PRO D 44 -6.80 -27.34 43.65
C PRO D 44 -8.05 -26.56 44.06
N LEU D 45 -8.58 -26.83 45.25
CA LEU D 45 -9.78 -26.15 45.71
C LEU D 45 -9.54 -24.76 46.27
N ARG D 46 -8.29 -24.34 46.31
CA ARG D 46 -7.95 -23.01 46.80
C ARG D 46 -8.30 -21.99 45.72
N PHE D 47 -8.86 -20.86 46.12
CA PHE D 47 -9.23 -19.83 45.16
C PHE D 47 -10.32 -20.35 44.24
N THR D 48 -11.25 -21.11 44.81
CA THR D 48 -12.38 -21.65 44.05
C THR D 48 -13.58 -21.66 44.98
N PRO D 49 -14.80 -21.63 44.41
CA PRO D 49 -16.00 -21.64 45.25
C PRO D 49 -16.07 -22.86 46.17
N PRO D 50 -16.61 -22.70 47.37
CA PRO D 50 -16.72 -23.81 48.31
C PRO D 50 -17.56 -24.94 47.74
N GLN D 51 -17.10 -26.16 47.96
CA GLN D 51 -17.81 -27.33 47.47
C GLN D 51 -18.48 -28.07 48.60
N PRO D 52 -19.61 -28.73 48.32
CA PRO D 52 -20.35 -29.49 49.33
C PRO D 52 -19.45 -30.46 50.07
N ALA D 53 -19.75 -30.72 51.34
CA ALA D 53 -18.94 -31.64 52.13
C ALA D 53 -19.29 -33.08 51.77
N GLU D 54 -18.32 -33.98 51.91
CA GLU D 54 -18.55 -35.39 51.61
C GLU D 54 -19.27 -36.00 52.81
N PRO D 55 -20.26 -36.86 52.56
CA PRO D 55 -21.02 -37.51 53.65
C PRO D 55 -20.10 -38.47 54.40
N TRP D 56 -20.36 -38.64 55.69
CA TRP D 56 -19.53 -39.52 56.51
C TRP D 56 -20.33 -40.62 57.18
N SER D 57 -19.71 -41.78 57.34
CA SER D 57 -20.36 -42.93 57.95
C SER D 57 -20.28 -42.85 59.46
N PHE D 58 -21.19 -43.54 60.13
CA PHE D 58 -21.18 -43.56 61.58
C PHE D 58 -21.41 -42.17 62.18
N VAL D 59 -21.04 -41.98 63.45
CA VAL D 59 -21.25 -40.69 64.10
C VAL D 59 -20.02 -39.81 64.19
N LYS D 60 -20.16 -38.55 63.77
CA LYS D 60 -19.08 -37.60 63.80
C LYS D 60 -19.05 -36.81 65.13
N ASN D 61 -17.88 -36.85 65.76
CA ASN D 61 -17.63 -36.19 67.02
C ASN D 61 -17.46 -34.69 66.81
N ALA D 62 -18.47 -33.91 67.15
CA ALA D 62 -18.39 -32.47 66.98
C ALA D 62 -18.24 -31.83 68.36
N THR D 63 -17.11 -32.07 69.02
CA THR D 63 -16.91 -31.52 70.36
C THR D 63 -15.58 -30.80 70.54
N SER D 64 -14.98 -30.39 69.43
CA SER D 64 -13.71 -29.68 69.46
C SER D 64 -13.77 -28.45 68.56
N TYR D 65 -13.24 -27.34 69.07
CA TYR D 65 -13.24 -26.11 68.30
C TYR D 65 -12.42 -26.35 67.05
N PRO D 66 -12.91 -25.91 65.90
CA PRO D 66 -12.16 -26.12 64.66
C PRO D 66 -11.02 -25.12 64.54
N PRO D 67 -10.10 -25.35 63.59
CA PRO D 67 -8.96 -24.44 63.41
C PRO D 67 -9.52 -23.15 62.83
N MET D 68 -8.83 -22.04 63.04
CA MET D 68 -9.32 -20.80 62.43
C MET D 68 -8.57 -20.68 61.11
N CYS D 69 -9.20 -20.05 60.12
CA CYS D 69 -8.59 -19.91 58.81
C CYS D 69 -7.23 -19.21 58.90
N THR D 70 -6.27 -19.69 58.11
CA THR D 70 -4.95 -19.10 58.13
C THR D 70 -5.02 -17.58 58.18
N GLN D 71 -4.22 -17.02 59.10
CA GLN D 71 -4.15 -15.58 59.30
C GLN D 71 -2.91 -15.31 60.14
N ASP D 72 -2.65 -14.04 60.39
CA ASP D 72 -1.51 -13.64 61.22
C ASP D 72 -1.83 -14.26 62.57
N PRO D 73 -1.06 -15.28 62.99
CA PRO D 73 -1.36 -15.89 64.29
C PRO D 73 -1.34 -14.88 65.43
N LYS D 74 -0.40 -13.94 65.38
CA LYS D 74 -0.29 -12.93 66.42
C LYS D 74 -1.51 -12.01 66.46
N ALA D 75 -1.78 -11.33 65.35
CA ALA D 75 -2.92 -10.42 65.29
C ALA D 75 -4.24 -11.16 65.52
N GLY D 76 -4.32 -12.36 64.96
CA GLY D 76 -5.52 -13.17 65.09
C GLY D 76 -5.77 -13.58 66.53
N GLN D 77 -4.70 -13.82 67.27
CA GLN D 77 -4.82 -14.20 68.68
C GLN D 77 -5.24 -13.00 69.50
N LEU D 78 -4.59 -11.87 69.25
CA LEU D 78 -4.88 -10.63 69.94
C LEU D 78 -6.36 -10.26 69.82
N LEU D 79 -6.84 -10.17 68.59
CA LEU D 79 -8.25 -9.82 68.36
C LEU D 79 -9.18 -10.80 69.07
N SER D 80 -8.83 -12.07 69.09
CA SER D 80 -9.70 -13.05 69.73
C SER D 80 -9.83 -12.69 71.21
N GLU D 81 -8.70 -12.34 71.83
CA GLU D 81 -8.66 -11.97 73.23
C GLU D 81 -9.46 -10.69 73.52
N LEU D 82 -9.36 -9.73 72.62
CA LEU D 82 -10.07 -8.46 72.79
C LEU D 82 -11.58 -8.56 72.61
N PHE D 83 -12.02 -9.42 71.68
CA PHE D 83 -13.45 -9.55 71.37
C PHE D 83 -14.22 -10.69 72.03
N THR D 84 -13.51 -11.69 72.54
CA THR D 84 -14.18 -12.83 73.16
C THR D 84 -15.08 -12.44 74.33
N ASN D 85 -16.17 -13.20 74.47
CA ASN D 85 -17.15 -12.96 75.53
C ASN D 85 -17.09 -14.04 76.60
N ARG D 86 -16.27 -15.07 76.39
CA ARG D 86 -16.14 -16.13 77.38
C ARG D 86 -14.96 -15.72 78.28
N LYS D 87 -15.00 -16.12 79.55
CA LYS D 87 -13.93 -15.74 80.46
C LYS D 87 -12.54 -16.16 80.01
N GLU D 88 -12.38 -17.42 79.64
CA GLU D 88 -11.09 -17.94 79.21
C GLU D 88 -10.94 -17.96 77.70
N ASN D 89 -10.00 -17.18 77.17
CA ASN D 89 -9.77 -17.14 75.73
C ASN D 89 -9.13 -18.44 75.29
N ILE D 90 -9.80 -19.12 74.37
CA ILE D 90 -9.35 -20.40 73.83
C ILE D 90 -8.20 -20.27 72.85
N PRO D 91 -7.22 -21.19 72.92
CA PRO D 91 -6.11 -21.10 71.97
C PRO D 91 -6.61 -21.73 70.67
N LEU D 92 -6.30 -21.11 69.54
CA LEU D 92 -6.74 -21.68 68.28
C LEU D 92 -5.58 -22.12 67.43
N LYS D 93 -5.86 -23.03 66.51
CA LYS D 93 -4.84 -23.51 65.59
C LYS D 93 -5.25 -23.06 64.19
N LEU D 94 -4.26 -22.81 63.35
CA LEU D 94 -4.49 -22.34 62.00
C LEU D 94 -4.51 -23.48 61.01
N SER D 95 -5.30 -23.34 59.97
CA SER D 95 -5.41 -24.34 58.92
C SER D 95 -6.25 -23.83 57.76
N GLU D 96 -6.00 -24.35 56.57
CA GLU D 96 -6.76 -23.96 55.40
C GLU D 96 -8.06 -24.73 55.52
N ASP D 97 -7.98 -25.81 56.29
CA ASP D 97 -9.12 -26.65 56.57
C ASP D 97 -9.82 -25.91 57.70
N CYS D 98 -10.68 -24.96 57.34
CA CYS D 98 -11.36 -24.16 58.35
C CYS D 98 -12.82 -23.85 58.09
N LEU D 99 -13.41 -24.46 57.07
CA LEU D 99 -14.81 -24.19 56.78
C LEU D 99 -15.75 -24.96 57.70
N TYR D 100 -15.77 -24.54 58.97
CA TYR D 100 -16.62 -25.14 59.99
C TYR D 100 -17.50 -24.08 60.63
N LEU D 101 -18.53 -24.53 61.33
CA LEU D 101 -19.43 -23.63 62.03
C LEU D 101 -19.84 -24.28 63.34
N ASN D 102 -20.06 -23.48 64.37
CA ASN D 102 -20.46 -24.01 65.67
C ASN D 102 -21.93 -23.73 65.93
N ILE D 103 -22.63 -24.71 66.50
CA ILE D 103 -24.04 -24.54 66.80
C ILE D 103 -24.30 -24.54 68.31
N TYR D 104 -25.22 -23.67 68.72
CA TYR D 104 -25.62 -23.56 70.13
C TYR D 104 -27.14 -23.56 70.08
N THR D 105 -27.75 -24.63 70.56
CA THR D 105 -29.21 -24.68 70.52
C THR D 105 -29.83 -24.95 71.88
N PRO D 106 -30.73 -24.04 72.32
CA PRO D 106 -31.42 -24.14 73.60
C PRO D 106 -32.58 -25.11 73.47
N ALA D 107 -32.99 -25.37 72.24
CA ALA D 107 -34.11 -26.25 71.98
C ALA D 107 -33.94 -27.63 72.58
N ASP D 108 -35.07 -28.22 72.92
CA ASP D 108 -35.13 -29.57 73.47
C ASP D 108 -35.17 -30.44 72.23
N LEU D 109 -34.04 -31.07 71.92
CA LEU D 109 -33.95 -31.89 70.73
C LEU D 109 -34.85 -33.11 70.66
N THR D 110 -35.40 -33.54 71.79
CA THR D 110 -36.27 -34.72 71.80
C THR D 110 -37.60 -34.44 71.13
N LYS D 111 -37.91 -33.16 70.96
CA LYS D 111 -39.16 -32.75 70.33
C LYS D 111 -38.82 -31.86 69.13
N LYS D 112 -39.83 -31.52 68.33
CA LYS D 112 -39.60 -30.66 67.17
C LYS D 112 -39.76 -29.21 67.58
N ASN D 113 -38.75 -28.42 67.25
CA ASN D 113 -38.74 -27.00 67.55
C ASN D 113 -38.39 -26.22 66.30
N ARG D 114 -38.81 -24.98 66.27
CA ARG D 114 -38.53 -24.10 65.14
C ARG D 114 -38.22 -22.75 65.74
N LEU D 115 -37.14 -22.70 66.52
CA LEU D 115 -36.70 -21.48 67.15
C LEU D 115 -35.97 -20.62 66.13
N PRO D 116 -36.02 -19.29 66.29
CA PRO D 116 -35.33 -18.45 65.32
C PRO D 116 -33.84 -18.74 65.34
N VAL D 117 -33.21 -18.68 64.17
CA VAL D 117 -31.78 -18.95 64.05
C VAL D 117 -31.03 -17.65 63.80
N MET D 118 -29.92 -17.48 64.51
CA MET D 118 -29.08 -16.31 64.36
C MET D 118 -27.69 -16.77 63.96
N VAL D 119 -27.32 -16.48 62.71
CA VAL D 119 -26.01 -16.88 62.22
C VAL D 119 -25.04 -15.71 62.34
N TRP D 120 -24.01 -15.89 63.15
CA TRP D 120 -23.01 -14.86 63.37
C TRP D 120 -21.86 -14.89 62.39
N ILE D 121 -21.51 -13.73 61.85
CA ILE D 121 -20.40 -13.60 60.92
C ILE D 121 -19.38 -12.67 61.57
N HIS D 122 -18.33 -13.24 62.13
CA HIS D 122 -17.29 -12.47 62.81
C HIS D 122 -16.60 -11.46 61.91
N GLY D 123 -16.00 -10.47 62.54
CA GLY D 123 -15.28 -9.44 61.81
C GLY D 123 -13.80 -9.69 61.96
N GLY D 124 -12.99 -8.73 61.48
CA GLY D 124 -11.55 -8.87 61.55
C GLY D 124 -10.92 -8.45 60.23
N GLY D 125 -11.50 -7.43 59.61
CA GLY D 125 -10.99 -6.90 58.35
C GLY D 125 -10.84 -7.87 57.20
N LEU D 126 -11.50 -9.02 57.32
CA LEU D 126 -11.44 -10.07 56.32
C LEU D 126 -10.05 -10.68 56.31
N MET D 127 -9.20 -10.22 57.21
CA MET D 127 -7.82 -10.70 57.32
C MET D 127 -7.63 -11.73 58.43
N VAL D 128 -8.20 -11.44 59.60
CA VAL D 128 -8.12 -12.34 60.74
C VAL D 128 -9.51 -12.55 61.38
N GLY D 129 -9.56 -13.40 62.40
CA GLY D 129 -10.82 -13.66 63.07
C GLY D 129 -11.21 -15.12 63.12
N ALA D 130 -12.22 -15.43 63.93
CA ALA D 130 -12.68 -16.80 64.07
C ALA D 130 -14.06 -16.87 64.73
N ALA D 131 -14.80 -17.92 64.41
CA ALA D 131 -16.14 -18.13 64.93
C ALA D 131 -16.09 -18.52 66.41
N SER D 132 -15.11 -19.35 66.74
CA SER D 132 -14.96 -19.84 68.11
C SER D 132 -14.66 -18.75 69.14
N THR D 133 -14.29 -17.56 68.69
CA THR D 133 -14.03 -16.46 69.59
C THR D 133 -15.33 -16.09 70.30
N TYR D 134 -16.45 -16.28 69.60
CA TYR D 134 -17.78 -15.96 70.13
C TYR D 134 -18.53 -17.19 70.62
N ASP D 135 -18.79 -17.21 71.93
CA ASP D 135 -19.53 -18.31 72.55
C ASP D 135 -21.00 -17.93 72.56
N GLY D 136 -21.83 -18.73 71.89
CA GLY D 136 -23.24 -18.43 71.84
C GLY D 136 -24.06 -19.11 72.92
N LEU D 137 -23.44 -19.42 74.06
CA LEU D 137 -24.15 -20.08 75.15
C LEU D 137 -25.12 -19.15 75.87
N ALA D 138 -24.66 -17.96 76.23
CA ALA D 138 -25.49 -17.00 76.94
C ALA D 138 -26.72 -16.58 76.14
N LEU D 139 -26.50 -16.12 74.90
CA LEU D 139 -27.59 -15.66 74.05
C LEU D 139 -28.62 -16.72 73.73
N ALA D 140 -28.18 -17.97 73.55
CA ALA D 140 -29.11 -19.04 73.23
C ALA D 140 -30.01 -19.33 74.44
N ALA D 141 -29.41 -19.31 75.62
CA ALA D 141 -30.13 -19.58 76.86
C ALA D 141 -31.01 -18.42 77.34
N HIS D 142 -30.61 -17.18 77.06
CA HIS D 142 -31.40 -16.04 77.52
C HIS D 142 -32.53 -15.62 76.59
N GLU D 143 -32.43 -15.95 75.31
CA GLU D 143 -33.49 -15.54 74.38
C GLU D 143 -34.11 -16.69 73.62
N ASN D 144 -33.74 -17.91 74.00
CA ASN D 144 -34.29 -19.10 73.39
C ASN D 144 -34.19 -19.06 71.86
N VAL D 145 -32.99 -18.78 71.37
CA VAL D 145 -32.75 -18.72 69.93
C VAL D 145 -31.59 -19.65 69.65
N VAL D 146 -31.49 -20.14 68.43
CA VAL D 146 -30.37 -21.02 68.09
C VAL D 146 -29.28 -20.10 67.54
N VAL D 147 -28.07 -20.23 68.07
CA VAL D 147 -26.98 -19.39 67.60
C VAL D 147 -25.99 -20.23 66.82
N VAL D 148 -25.58 -19.71 65.68
CA VAL D 148 -24.64 -20.38 64.80
C VAL D 148 -23.49 -19.42 64.43
N THR D 149 -22.27 -19.80 64.77
CA THR D 149 -21.12 -18.96 64.45
C THR D 149 -20.38 -19.63 63.30
N ILE D 150 -20.21 -18.92 62.19
CA ILE D 150 -19.54 -19.49 61.02
C ILE D 150 -18.19 -18.86 60.72
N GLN D 151 -17.36 -19.63 60.02
CA GLN D 151 -16.05 -19.17 59.62
C GLN D 151 -16.02 -19.13 58.11
N TYR D 152 -15.04 -18.44 57.56
CA TYR D 152 -14.93 -18.32 56.11
C TYR D 152 -13.49 -17.96 55.78
N ARG D 153 -13.07 -18.30 54.57
CA ARG D 153 -11.70 -18.03 54.14
C ARG D 153 -11.36 -16.54 54.32
N LEU D 154 -10.14 -16.27 54.79
CA LEU D 154 -9.67 -14.92 55.04
C LEU D 154 -8.44 -14.51 54.23
N GLY D 155 -8.23 -13.21 54.10
CA GLY D 155 -7.09 -12.68 53.38
C GLY D 155 -6.83 -13.31 52.02
N ILE D 156 -5.57 -13.64 51.74
CA ILE D 156 -5.22 -14.23 50.47
C ILE D 156 -6.14 -15.39 50.11
N TRP D 157 -6.23 -16.37 51.01
CA TRP D 157 -7.07 -17.54 50.77
C TRP D 157 -8.52 -17.21 50.40
N GLY D 158 -9.13 -16.27 51.10
CA GLY D 158 -10.52 -15.96 50.80
C GLY D 158 -10.81 -14.78 49.89
N PHE D 159 -9.82 -13.93 49.62
CA PHE D 159 -10.08 -12.76 48.78
C PHE D 159 -9.14 -12.40 47.64
N PHE D 160 -8.33 -13.37 47.19
CA PHE D 160 -7.42 -13.12 46.08
C PHE D 160 -8.20 -13.03 44.78
N SER D 161 -8.05 -11.91 44.09
CA SER D 161 -8.77 -11.68 42.84
C SER D 161 -7.87 -11.19 41.71
N THR D 162 -7.97 -11.84 40.55
CA THR D 162 -7.20 -11.41 39.38
C THR D 162 -8.14 -10.57 38.51
N GLY D 163 -9.32 -10.29 39.03
CA GLY D 163 -10.30 -9.50 38.31
C GLY D 163 -10.91 -10.18 37.09
N ASP D 164 -10.68 -11.47 36.94
CA ASP D 164 -11.24 -12.19 35.79
C ASP D 164 -11.69 -13.60 36.19
N GLU D 165 -12.01 -14.44 35.22
CA GLU D 165 -12.50 -15.78 35.51
C GLU D 165 -11.53 -16.76 36.12
N HIS D 166 -10.24 -16.48 36.07
CA HIS D 166 -9.23 -17.37 36.63
C HIS D 166 -9.17 -17.31 38.15
N SER D 167 -9.73 -16.24 38.70
CA SER D 167 -9.79 -16.03 40.14
C SER D 167 -10.65 -14.80 40.38
N ARG D 168 -11.97 -15.02 40.36
CA ARG D 168 -12.93 -13.95 40.53
C ARG D 168 -12.85 -13.23 41.86
N GLY D 169 -12.72 -13.99 42.95
CA GLY D 169 -12.64 -13.39 44.28
C GLY D 169 -13.85 -13.65 45.15
N ASN D 170 -13.88 -12.99 46.31
CA ASN D 170 -14.97 -13.12 47.27
C ASN D 170 -15.21 -14.57 47.71
N TRP D 171 -14.14 -15.37 47.69
CA TRP D 171 -14.21 -16.77 48.09
C TRP D 171 -14.79 -16.84 49.50
N GLY D 172 -14.37 -15.91 50.36
CA GLY D 172 -14.87 -15.87 51.73
C GLY D 172 -16.36 -15.62 51.79
N HIS D 173 -16.83 -14.67 50.98
CA HIS D 173 -18.26 -14.36 50.97
C HIS D 173 -19.04 -15.58 50.43
N LEU D 174 -18.42 -16.31 49.51
CA LEU D 174 -19.07 -17.48 48.96
C LEU D 174 -19.20 -18.56 50.02
N ASP D 175 -18.23 -18.60 50.94
CA ASP D 175 -18.24 -19.56 52.04
C ASP D 175 -19.40 -19.20 52.97
N GLN D 176 -19.61 -17.90 53.17
CA GLN D 176 -20.70 -17.44 54.04
C GLN D 176 -22.02 -17.90 53.45
N VAL D 177 -22.13 -17.84 52.12
CA VAL D 177 -23.35 -18.25 51.46
C VAL D 177 -23.50 -19.76 51.67
N ALA D 178 -22.42 -20.49 51.43
CA ALA D 178 -22.44 -21.92 51.59
C ALA D 178 -22.94 -22.25 53.00
N ALA D 179 -22.38 -21.56 53.99
CA ALA D 179 -22.77 -21.79 55.38
C ALA D 179 -24.27 -21.57 55.58
N LEU D 180 -24.80 -20.49 55.00
CA LEU D 180 -26.22 -20.19 55.13
C LEU D 180 -27.04 -21.29 54.46
N ARG D 181 -26.55 -21.80 53.35
CA ARG D 181 -27.25 -22.88 52.66
C ARG D 181 -27.29 -24.11 53.55
N TRP D 182 -26.16 -24.39 54.20
CA TRP D 182 -26.10 -25.55 55.09
C TRP D 182 -27.19 -25.43 56.15
N VAL D 183 -27.34 -24.22 56.68
CA VAL D 183 -28.34 -23.96 57.70
C VAL D 183 -29.73 -24.26 57.15
N GLN D 184 -30.02 -23.74 55.96
CA GLN D 184 -31.33 -23.99 55.36
C GLN D 184 -31.62 -25.48 55.24
N ASP D 185 -30.60 -26.29 54.98
CA ASP D 185 -30.80 -27.71 54.80
C ASP D 185 -30.67 -28.55 56.05
N ASN D 186 -30.07 -27.98 57.10
CA ASN D 186 -29.85 -28.75 58.32
C ASN D 186 -30.40 -28.21 59.62
N ILE D 187 -30.32 -26.90 59.81
CA ILE D 187 -30.74 -26.28 61.06
C ILE D 187 -31.98 -26.86 61.76
N ALA D 188 -32.93 -27.36 60.99
CA ALA D 188 -34.14 -27.95 61.58
C ALA D 188 -33.79 -29.05 62.57
N SER D 189 -32.87 -29.93 62.19
CA SER D 189 -32.47 -31.03 63.06
C SER D 189 -31.89 -30.57 64.40
N PHE D 190 -31.65 -29.26 64.52
CA PHE D 190 -31.12 -28.72 65.77
C PHE D 190 -32.16 -27.81 66.42
N GLY D 191 -33.43 -28.06 66.11
CA GLY D 191 -34.51 -27.27 66.67
C GLY D 191 -34.64 -25.88 66.08
N GLY D 192 -34.08 -25.69 64.89
CA GLY D 192 -34.14 -24.39 64.26
C GLY D 192 -35.15 -24.29 63.14
N ASN D 193 -35.68 -23.08 62.94
CA ASN D 193 -36.66 -22.86 61.87
C ASN D 193 -35.99 -22.23 60.66
N PRO D 194 -35.68 -23.05 59.65
CA PRO D 194 -35.02 -22.55 58.44
C PRO D 194 -35.80 -21.44 57.76
N GLY D 195 -36.96 -21.12 58.32
CA GLY D 195 -37.79 -20.08 57.75
C GLY D 195 -37.59 -18.75 58.43
N SER D 196 -36.80 -18.76 59.51
CA SER D 196 -36.51 -17.55 60.24
C SER D 196 -35.02 -17.51 60.58
N VAL D 197 -34.23 -16.98 59.66
CA VAL D 197 -32.79 -16.91 59.85
C VAL D 197 -32.34 -15.45 59.82
N THR D 198 -31.62 -15.07 60.87
CA THR D 198 -31.11 -13.71 60.95
C THR D 198 -29.61 -13.75 60.89
N ILE D 199 -29.04 -12.97 59.97
CA ILE D 199 -27.60 -12.92 59.88
C ILE D 199 -27.17 -11.63 60.55
N PHE D 200 -26.13 -11.71 61.37
CA PHE D 200 -25.60 -10.54 62.05
C PHE D 200 -24.09 -10.66 62.23
N GLY D 201 -23.40 -9.54 62.12
CA GLY D 201 -21.96 -9.54 62.26
C GLY D 201 -21.46 -8.16 62.62
N GLU D 202 -20.26 -8.13 63.21
CA GLU D 202 -19.63 -6.89 63.64
C GLU D 202 -18.45 -6.58 62.73
N SER D 203 -18.20 -5.30 62.49
CA SER D 203 -17.11 -4.85 61.63
C SER D 203 -17.18 -5.53 60.25
N ALA D 204 -16.10 -6.18 59.81
CA ALA D 204 -16.09 -6.85 58.51
C ALA D 204 -17.23 -7.86 58.42
N GLY D 205 -17.63 -8.39 59.58
CA GLY D 205 -18.72 -9.35 59.61
C GLY D 205 -20.01 -8.61 59.30
N GLY D 206 -20.00 -7.31 59.59
CA GLY D 206 -21.17 -6.49 59.33
C GLY D 206 -21.20 -6.08 57.88
N GLU D 207 -20.00 -5.89 57.32
CA GLU D 207 -19.86 -5.52 55.92
C GLU D 207 -20.25 -6.74 55.09
N SER D 208 -20.02 -7.92 55.63
CA SER D 208 -20.36 -9.15 54.94
C SER D 208 -21.87 -9.27 54.85
N VAL D 209 -22.57 -8.94 55.93
CA VAL D 209 -24.03 -8.99 55.97
C VAL D 209 -24.60 -7.98 54.97
N SER D 210 -24.05 -6.77 54.99
CA SER D 210 -24.48 -5.70 54.09
C SER D 210 -24.33 -6.21 52.65
N VAL D 211 -23.20 -6.87 52.39
CA VAL D 211 -22.92 -7.41 51.07
C VAL D 211 -23.91 -8.51 50.68
N LEU D 212 -24.24 -9.40 51.62
CA LEU D 212 -25.17 -10.48 51.34
C LEU D 212 -26.59 -9.92 51.15
N VAL D 213 -26.89 -8.83 51.84
CA VAL D 213 -28.20 -8.20 51.72
C VAL D 213 -28.40 -7.60 50.33
N LEU D 214 -27.29 -7.38 49.61
CA LEU D 214 -27.33 -6.82 48.26
C LEU D 214 -27.11 -7.87 47.19
N SER D 215 -26.70 -9.07 47.59
CA SER D 215 -26.42 -10.14 46.64
C SER D 215 -27.63 -10.98 46.29
N PRO D 216 -27.86 -11.21 45.00
CA PRO D 216 -29.00 -12.03 44.55
C PRO D 216 -28.79 -13.49 44.94
N LEU D 217 -27.53 -13.88 45.08
CA LEU D 217 -27.17 -15.24 45.46
C LEU D 217 -27.69 -15.65 46.82
N ALA D 218 -27.84 -14.70 47.72
CA ALA D 218 -28.29 -15.00 49.07
C ALA D 218 -29.76 -14.72 49.34
N LYS D 219 -30.49 -14.27 48.33
CA LYS D 219 -31.90 -13.94 48.47
C LYS D 219 -32.70 -14.72 49.50
N ASN D 220 -32.86 -16.02 49.30
CA ASN D 220 -33.65 -16.81 50.24
C ASN D 220 -32.87 -17.61 51.25
N LEU D 221 -31.76 -17.04 51.73
CA LEU D 221 -30.91 -17.70 52.70
C LEU D 221 -30.97 -17.09 54.09
N PHE D 222 -31.72 -16.00 54.21
CA PHE D 222 -31.94 -15.33 55.49
C PHE D 222 -33.20 -14.47 55.38
N HIS D 223 -33.79 -14.11 56.51
CA HIS D 223 -35.03 -13.35 56.50
C HIS D 223 -34.99 -12.03 57.25
N ARG D 224 -33.86 -11.77 57.90
CA ARG D 224 -33.63 -10.54 58.66
C ARG D 224 -32.12 -10.33 58.71
N ALA D 225 -31.69 -9.08 58.86
CA ALA D 225 -30.26 -8.80 58.88
C ALA D 225 -29.87 -7.71 59.85
N ILE D 226 -28.70 -7.86 60.45
CA ILE D 226 -28.16 -6.91 61.39
C ILE D 226 -26.69 -6.63 61.08
N SER D 227 -26.37 -5.35 60.86
CA SER D 227 -24.99 -4.95 60.60
C SER D 227 -24.46 -4.11 61.75
N GLU D 228 -23.48 -4.64 62.47
CA GLU D 228 -22.86 -3.96 63.59
C GLU D 228 -21.52 -3.37 63.19
N SER D 229 -21.40 -2.05 63.29
CA SER D 229 -20.15 -1.36 62.97
C SER D 229 -19.48 -1.70 61.63
N GLY D 230 -20.25 -1.63 60.55
CA GLY D 230 -19.67 -1.93 59.25
C GLY D 230 -20.68 -2.36 58.20
N VAL D 231 -20.68 -1.67 57.07
CA VAL D 231 -21.58 -1.97 55.96
C VAL D 231 -20.81 -1.99 54.65
N ALA D 232 -21.50 -2.34 53.56
CA ALA D 232 -20.86 -2.41 52.25
C ALA D 232 -20.31 -1.07 51.76
N LEU D 233 -20.58 0.01 52.47
CA LEU D 233 -20.04 1.31 52.04
C LEU D 233 -18.81 1.75 52.84
N THR D 234 -18.29 0.86 53.68
CA THR D 234 -17.09 1.15 54.46
C THR D 234 -16.01 0.86 53.41
N SER D 235 -15.71 1.87 52.61
CA SER D 235 -14.77 1.79 51.50
C SER D 235 -13.50 0.95 51.61
N VAL D 236 -12.96 0.81 52.83
CA VAL D 236 -11.73 0.04 53.01
C VAL D 236 -11.90 -1.43 52.70
N LEU D 237 -13.09 -1.96 52.93
CA LEU D 237 -13.34 -3.37 52.70
C LEU D 237 -13.81 -3.74 51.29
N VAL D 238 -14.06 -2.73 50.46
CA VAL D 238 -14.52 -2.98 49.10
C VAL D 238 -13.56 -2.39 48.06
N LYS D 239 -12.97 -3.26 47.25
CA LYS D 239 -12.05 -2.84 46.21
C LYS D 239 -12.77 -2.55 44.91
N LYS D 240 -12.86 -1.28 44.55
CA LYS D 240 -13.49 -0.86 43.32
C LYS D 240 -12.37 -0.68 42.28
N GLY D 241 -12.72 -0.84 41.00
CA GLY D 241 -11.71 -0.67 39.97
C GLY D 241 -10.87 -1.93 39.72
N ASP D 242 -9.94 -1.82 38.78
CA ASP D 242 -9.06 -2.91 38.41
C ASP D 242 -8.22 -3.40 39.60
N VAL D 243 -8.43 -4.66 39.98
CA VAL D 243 -7.72 -5.27 41.12
C VAL D 243 -6.47 -6.03 40.71
N LYS D 244 -6.18 -6.03 39.41
CA LYS D 244 -5.03 -6.72 38.85
C LYS D 244 -3.68 -6.34 39.49
N PRO D 245 -3.48 -5.05 39.79
CA PRO D 245 -2.23 -4.59 40.40
C PRO D 245 -1.95 -5.28 41.73
N LEU D 246 -2.98 -5.37 42.56
CA LEU D 246 -2.87 -5.99 43.86
C LEU D 246 -2.53 -7.47 43.68
N ALA D 247 -3.24 -8.13 42.76
CA ALA D 247 -2.99 -9.53 42.50
C ALA D 247 -1.50 -9.74 42.22
N GLU D 248 -0.99 -8.92 41.30
CA GLU D 248 0.40 -8.96 40.89
C GLU D 248 1.39 -8.68 42.02
N GLN D 249 1.08 -7.72 42.87
CA GLN D 249 2.00 -7.42 43.97
C GLN D 249 2.07 -8.63 44.91
N ILE D 250 0.97 -9.36 45.01
CA ILE D 250 0.93 -10.52 45.86
C ILE D 250 1.66 -11.71 45.22
N ALA D 251 1.44 -11.91 43.93
CA ALA D 251 2.08 -13.00 43.20
C ALA D 251 3.59 -12.82 43.29
N ILE D 252 4.04 -11.58 43.10
CA ILE D 252 5.46 -11.26 43.15
C ILE D 252 6.02 -11.51 44.55
N THR D 253 5.36 -10.96 45.56
CA THR D 253 5.81 -11.15 46.94
C THR D 253 5.87 -12.63 47.26
N ALA D 254 4.96 -13.40 46.67
CA ALA D 254 4.89 -14.83 46.89
C ALA D 254 5.94 -15.60 46.06
N GLY D 255 6.64 -14.89 45.18
CA GLY D 255 7.65 -15.54 44.36
C GLY D 255 7.07 -16.11 43.08
N CYS D 256 5.97 -15.52 42.64
CA CYS D 256 5.29 -15.97 41.44
C CYS D 256 5.39 -15.04 40.23
N LYS D 257 5.41 -15.65 39.04
CA LYS D 257 5.46 -14.91 37.78
C LYS D 257 4.09 -14.25 37.62
N THR D 258 4.01 -13.18 36.85
CA THR D 258 2.74 -12.53 36.63
C THR D 258 2.39 -12.50 35.14
N THR D 259 2.99 -13.42 34.39
CA THR D 259 2.78 -13.54 32.95
C THR D 259 1.31 -13.37 32.56
N THR D 260 0.45 -14.17 33.18
CA THR D 260 -0.99 -14.08 32.91
C THR D 260 -1.74 -14.39 34.21
N SER D 261 -3.04 -14.11 34.22
CA SER D 261 -3.85 -14.38 35.39
C SER D 261 -3.75 -15.85 35.80
N ALA D 262 -3.97 -16.74 34.85
CA ALA D 262 -3.93 -18.19 35.12
C ALA D 262 -2.58 -18.63 35.63
N VAL D 263 -1.51 -17.96 35.19
CA VAL D 263 -0.17 -18.31 35.64
C VAL D 263 -0.04 -18.01 37.12
N MET D 264 -0.50 -16.82 37.52
CA MET D 264 -0.47 -16.39 38.91
C MET D 264 -1.27 -17.34 39.78
N VAL D 265 -2.53 -17.56 39.41
CA VAL D 265 -3.40 -18.44 40.17
C VAL D 265 -2.76 -19.82 40.32
N HIS D 266 -2.32 -20.39 39.20
CA HIS D 266 -1.71 -21.71 39.24
C HIS D 266 -0.52 -21.74 40.20
N CYS D 267 0.33 -20.73 40.11
CA CYS D 267 1.52 -20.66 40.96
C CYS D 267 1.15 -20.54 42.43
N LEU D 268 0.22 -19.65 42.75
CA LEU D 268 -0.18 -19.48 44.13
C LEU D 268 -0.76 -20.78 44.69
N ARG D 269 -1.46 -21.55 43.86
CA ARG D 269 -2.01 -22.82 44.35
C ARG D 269 -0.91 -23.83 44.68
N GLN D 270 0.26 -23.66 44.07
CA GLN D 270 1.37 -24.57 44.29
C GLN D 270 2.08 -24.25 45.59
N LYS D 271 1.84 -23.07 46.13
CA LYS D 271 2.48 -22.65 47.37
C LYS D 271 1.86 -23.33 48.58
N THR D 272 2.68 -23.61 49.58
CA THR D 272 2.20 -24.26 50.79
C THR D 272 1.51 -23.22 51.66
N GLU D 273 0.66 -23.68 52.56
CA GLU D 273 -0.06 -22.77 53.45
C GLU D 273 0.88 -21.78 54.12
N GLU D 274 2.00 -22.27 54.63
CA GLU D 274 2.97 -21.44 55.33
C GLU D 274 3.62 -20.40 54.44
N GLU D 275 3.89 -20.75 53.18
CA GLU D 275 4.50 -19.80 52.26
C GLU D 275 3.55 -18.64 52.04
N LEU D 276 2.26 -18.94 51.83
CA LEU D 276 1.29 -17.89 51.61
C LEU D 276 1.10 -17.07 52.89
N LEU D 277 1.32 -17.70 54.04
CA LEU D 277 1.20 -17.01 55.31
C LEU D 277 2.39 -16.06 55.44
N GLU D 278 3.57 -16.49 54.99
CA GLU D 278 4.76 -15.64 55.07
C GLU D 278 4.62 -14.46 54.12
N THR D 279 3.90 -14.67 53.02
CA THR D 279 3.65 -13.61 52.04
C THR D 279 2.74 -12.60 52.75
N THR D 280 1.73 -13.12 53.43
CA THR D 280 0.78 -12.32 54.18
C THR D 280 1.55 -11.39 55.10
N LEU D 281 2.37 -11.97 55.98
CA LEU D 281 3.16 -11.20 56.93
C LEU D 281 4.01 -10.15 56.21
N LYS D 282 4.62 -10.56 55.10
CA LYS D 282 5.44 -9.64 54.34
C LYS D 282 4.66 -8.42 53.85
N MET D 283 3.40 -8.65 53.48
CA MET D 283 2.51 -7.59 52.97
C MET D 283 2.09 -6.58 54.03
N LYS D 284 2.30 -6.90 55.29
CA LYS D 284 1.93 -6.01 56.39
C LYS D 284 0.53 -5.40 56.29
N PHE D 285 -0.47 -6.23 56.06
CA PHE D 285 -1.84 -5.74 55.97
C PHE D 285 -2.28 -5.21 57.34
N LEU D 286 -3.46 -4.59 57.37
CA LEU D 286 -4.04 -4.06 58.58
C LEU D 286 -3.11 -3.18 59.42
N SER D 287 -2.16 -2.52 58.78
CA SER D 287 -1.23 -1.65 59.49
C SER D 287 -0.98 -0.36 58.73
N LEU D 288 -1.10 0.77 59.42
CA LEU D 288 -0.90 2.07 58.78
C LEU D 288 0.51 2.20 58.23
N ASP D 289 0.59 2.44 56.92
CA ASP D 289 1.87 2.59 56.26
C ASP D 289 2.25 4.07 56.23
N LEU D 290 3.22 4.44 57.07
CA LEU D 290 3.68 5.82 57.14
C LEU D 290 4.75 6.13 56.09
N GLN D 291 5.41 5.09 55.60
CA GLN D 291 6.45 5.28 54.59
C GLN D 291 5.95 4.74 53.25
N GLY D 292 5.84 5.63 52.27
CA GLY D 292 5.37 5.21 50.96
C GLY D 292 4.00 5.80 50.68
N ASP D 293 3.86 6.37 49.49
CA ASP D 293 2.60 7.01 49.07
C ASP D 293 1.38 6.23 49.56
N PRO D 294 0.49 6.91 50.30
CA PRO D 294 -0.75 6.37 50.88
C PRO D 294 -1.69 5.72 49.87
N ARG D 295 -1.74 6.28 48.67
CA ARG D 295 -2.62 5.77 47.62
C ARG D 295 -2.23 4.38 47.13
N GLU D 296 -1.00 3.97 47.44
CA GLU D 296 -0.50 2.66 47.03
C GLU D 296 -0.61 1.66 48.17
N SER D 297 -0.90 2.16 49.37
CA SER D 297 -1.03 1.31 50.55
C SER D 297 -2.28 0.45 50.46
N GLN D 298 -2.14 -0.83 50.79
CA GLN D 298 -3.28 -1.74 50.73
C GLN D 298 -3.52 -2.34 52.12
N PRO D 299 -4.35 -1.68 52.93
CA PRO D 299 -4.64 -2.17 54.28
C PRO D 299 -5.10 -3.63 54.31
N LEU D 300 -5.71 -4.08 53.21
CA LEU D 300 -6.19 -5.47 53.18
C LEU D 300 -6.71 -5.93 51.83
N LEU D 301 -7.09 -7.20 51.78
CA LEU D 301 -7.66 -7.83 50.59
C LEU D 301 -9.15 -7.91 50.91
N GLY D 302 -9.97 -7.17 50.18
CA GLY D 302 -11.39 -7.21 50.47
C GLY D 302 -12.33 -7.71 49.39
N THR D 303 -13.56 -7.23 49.46
CA THR D 303 -14.60 -7.59 48.52
C THR D 303 -14.32 -6.93 47.18
N VAL D 304 -14.78 -7.58 46.12
CA VAL D 304 -14.63 -7.05 44.76
C VAL D 304 -15.92 -7.32 44.00
N ILE D 305 -16.08 -6.68 42.85
CA ILE D 305 -17.27 -6.92 42.03
C ILE D 305 -16.88 -8.15 41.21
N ASP D 306 -17.18 -9.32 41.76
CA ASP D 306 -16.82 -10.57 41.14
C ASP D 306 -17.58 -10.98 39.89
N GLY D 307 -18.89 -10.78 39.88
CA GLY D 307 -19.68 -11.17 38.72
C GLY D 307 -20.63 -12.32 39.01
N MET D 308 -20.49 -12.94 40.19
CA MET D 308 -21.34 -14.04 40.63
C MET D 308 -22.10 -13.59 41.87
N LEU D 309 -21.36 -13.07 42.85
CA LEU D 309 -21.93 -12.58 44.10
C LEU D 309 -22.37 -11.12 43.94
N LEU D 310 -21.47 -10.28 43.44
CA LEU D 310 -21.77 -8.85 43.20
C LEU D 310 -21.61 -8.52 41.73
N LEU D 311 -22.71 -8.12 41.10
CA LEU D 311 -22.69 -7.79 39.68
C LEU D 311 -22.29 -6.34 39.43
N LYS D 312 -22.30 -5.55 40.49
CA LYS D 312 -21.89 -4.15 40.41
C LYS D 312 -21.66 -3.58 41.79
N THR D 313 -21.06 -2.39 41.84
CA THR D 313 -20.74 -1.75 43.12
C THR D 313 -21.95 -1.67 44.04
N PRO D 314 -21.72 -1.74 45.35
CA PRO D 314 -22.83 -1.65 46.31
C PRO D 314 -23.63 -0.36 46.07
N GLU D 315 -22.92 0.71 45.70
CA GLU D 315 -23.57 1.99 45.41
C GLU D 315 -24.62 1.75 44.33
N GLU D 316 -24.14 1.39 43.14
CA GLU D 316 -25.02 1.12 42.01
C GLU D 316 -26.11 0.13 42.35
N LEU D 317 -25.81 -0.79 43.25
CA LEU D 317 -26.78 -1.80 43.63
C LEU D 317 -27.94 -1.30 44.48
N GLN D 318 -27.65 -0.50 45.49
CA GLN D 318 -28.74 0.01 46.33
C GLN D 318 -29.62 1.00 45.58
N ALA D 319 -29.37 1.14 44.27
CA ALA D 319 -30.17 2.03 43.43
C ALA D 319 -31.39 1.23 43.00
N GLU D 320 -31.30 -0.08 43.21
CA GLU D 320 -32.36 -1.02 42.88
C GLU D 320 -33.47 -0.98 43.95
N ARG D 321 -34.71 -0.84 43.49
CA ARG D 321 -35.86 -0.78 44.39
C ARG D 321 -36.88 -1.87 44.04
N ASN D 322 -36.44 -2.87 43.30
CA ASN D 322 -37.31 -3.96 42.89
C ASN D 322 -36.69 -5.29 43.29
N PHE D 323 -35.76 -5.22 44.24
CA PHE D 323 -35.05 -6.39 44.74
C PHE D 323 -35.71 -6.94 46.00
N HIS D 324 -35.35 -8.16 46.37
CA HIS D 324 -35.88 -8.78 47.58
C HIS D 324 -35.36 -8.03 48.79
N THR D 325 -36.25 -7.60 49.67
CA THR D 325 -35.87 -6.85 50.85
C THR D 325 -36.25 -7.55 52.16
N VAL D 326 -35.49 -7.31 53.21
CA VAL D 326 -35.77 -7.92 54.50
C VAL D 326 -35.51 -6.94 55.63
N PRO D 327 -36.09 -7.18 56.82
CA PRO D 327 -35.88 -6.26 57.94
C PRO D 327 -34.36 -6.12 58.15
N TYR D 328 -33.88 -4.88 58.20
CA TYR D 328 -32.44 -4.64 58.33
C TYR D 328 -32.07 -3.65 59.42
N MET D 329 -31.31 -4.10 60.42
CA MET D 329 -30.87 -3.25 61.52
C MET D 329 -29.42 -2.84 61.27
N VAL D 330 -29.17 -1.53 61.18
CA VAL D 330 -27.82 -1.02 60.94
C VAL D 330 -27.44 -0.08 62.07
N GLY D 331 -26.40 -0.42 62.81
CA GLY D 331 -26.01 0.44 63.90
C GLY D 331 -24.51 0.70 63.97
N ILE D 332 -24.13 1.68 64.77
CA ILE D 332 -22.72 2.04 64.93
C ILE D 332 -22.44 2.33 66.39
N ASN D 333 -21.17 2.49 66.73
CA ASN D 333 -20.78 2.80 68.10
C ASN D 333 -20.38 4.27 68.21
N LYS D 334 -20.46 4.80 69.43
CA LYS D 334 -20.14 6.19 69.72
C LYS D 334 -18.75 6.65 69.27
N GLN D 335 -17.75 5.78 69.42
CA GLN D 335 -16.37 6.11 69.06
C GLN D 335 -15.69 4.98 68.29
N GLU D 336 -16.20 4.68 67.09
CA GLU D 336 -15.68 3.62 66.24
C GLU D 336 -14.16 3.60 66.09
N PHE D 337 -13.55 4.77 66.11
CA PHE D 337 -12.10 4.84 65.98
C PHE D 337 -11.48 5.29 67.29
N GLY D 338 -12.17 4.95 68.37
CA GLY D 338 -11.71 5.32 69.69
C GLY D 338 -10.33 4.79 70.05
N TRP D 339 -10.21 3.49 70.23
CA TRP D 339 -8.93 2.89 70.61
C TRP D 339 -8.50 1.71 69.76
N LEU D 340 -9.32 0.65 69.82
CA LEU D 340 -9.08 -0.60 69.11
C LEU D 340 -8.36 -0.52 67.77
N ILE D 341 -9.04 0.00 66.75
CA ILE D 341 -8.45 0.08 65.42
C ILE D 341 -7.13 0.84 65.37
N PRO D 342 -7.08 2.10 65.85
CA PRO D 342 -5.82 2.85 65.80
C PRO D 342 -4.69 2.08 66.48
N MET D 343 -5.01 1.52 67.64
CA MET D 343 -4.05 0.77 68.43
C MET D 343 -3.47 -0.40 67.64
N LEU D 344 -4.35 -1.24 67.11
CA LEU D 344 -3.93 -2.38 66.35
C LEU D 344 -3.29 -2.02 65.01
N MET D 345 -3.52 -0.78 64.56
CA MET D 345 -2.95 -0.34 63.29
C MET D 345 -1.70 0.50 63.47
N SER D 346 -1.24 0.63 64.71
CA SER D 346 -0.03 1.39 65.01
C SER D 346 -0.07 2.86 64.64
N TYR D 347 -1.16 3.54 65.01
CA TYR D 347 -1.26 4.96 64.71
C TYR D 347 -0.29 5.72 65.59
N PRO D 348 0.46 6.67 65.01
CA PRO D 348 1.44 7.49 65.73
C PRO D 348 0.69 8.52 66.59
N LEU D 349 0.27 8.10 67.78
CA LEU D 349 -0.48 9.00 68.65
C LEU D 349 -0.12 8.93 70.13
N SER D 350 1.07 8.44 70.44
CA SER D 350 1.51 8.31 71.82
C SER D 350 1.55 9.66 72.56
N GLU D 351 1.61 10.75 71.82
CA GLU D 351 1.63 12.07 72.43
C GLU D 351 0.29 12.36 73.11
N GLY D 352 -0.80 11.96 72.46
CA GLY D 352 -2.13 12.17 73.01
C GLY D 352 -2.69 13.53 72.66
N GLN D 353 -2.05 14.21 71.71
CA GLN D 353 -2.49 15.53 71.29
C GLN D 353 -2.27 15.65 69.78
N LEU D 354 -2.78 16.70 69.17
CA LEU D 354 -2.62 16.85 67.73
C LEU D 354 -2.97 18.27 67.23
N ASP D 355 -2.08 18.85 66.44
CA ASP D 355 -2.32 20.18 65.89
C ASP D 355 -2.95 19.98 64.52
N GLN D 356 -3.21 21.08 63.82
CA GLN D 356 -3.81 21.02 62.49
C GLN D 356 -2.97 20.31 61.43
N LYS D 357 -1.73 20.78 61.25
CA LYS D 357 -0.85 20.21 60.24
C LYS D 357 -0.59 18.72 60.43
N THR D 358 -0.37 18.29 61.67
CA THR D 358 -0.13 16.88 61.93
C THR D 358 -1.39 16.09 61.62
N ALA D 359 -2.54 16.69 61.94
CA ALA D 359 -3.84 16.06 61.69
C ALA D 359 -4.05 15.90 60.19
N MET D 360 -3.77 16.96 59.44
CA MET D 360 -3.93 16.91 57.99
C MET D 360 -2.98 15.86 57.40
N SER D 361 -1.72 15.95 57.81
CA SER D 361 -0.72 15.01 57.34
C SER D 361 -1.16 13.58 57.67
N LEU D 362 -1.62 13.37 58.90
CA LEU D 362 -2.08 12.06 59.31
C LEU D 362 -3.26 11.61 58.47
N LEU D 363 -4.14 12.55 58.14
CA LEU D 363 -5.32 12.23 57.34
C LEU D 363 -4.93 11.70 55.96
N TRP D 364 -3.85 12.23 55.40
CA TRP D 364 -3.39 11.76 54.11
C TRP D 364 -2.92 10.32 54.22
N LYS D 365 -2.10 10.03 55.23
CA LYS D 365 -1.58 8.68 55.47
C LYS D 365 -2.73 7.70 55.68
N SER D 366 -3.83 8.20 56.22
CA SER D 366 -5.01 7.38 56.49
C SER D 366 -5.79 7.14 55.21
N TYR D 367 -5.27 7.61 54.09
CA TYR D 367 -5.92 7.49 52.80
C TYR D 367 -6.59 6.15 52.49
N PRO D 368 -5.84 5.05 52.64
CA PRO D 368 -6.41 3.72 52.36
C PRO D 368 -7.66 3.41 53.18
N LEU D 369 -7.82 4.13 54.28
CA LEU D 369 -8.96 3.94 55.16
C LEU D 369 -10.13 4.89 54.89
N VAL D 370 -9.86 6.14 54.52
CA VAL D 370 -10.94 7.09 54.28
C VAL D 370 -11.03 7.71 52.87
N CYS D 371 -10.10 7.35 52.00
CA CYS D 371 -10.08 7.85 50.63
C CYS D 371 -10.37 9.34 50.44
N ILE D 372 -9.80 10.18 51.31
CA ILE D 372 -10.02 11.63 51.18
C ILE D 372 -8.91 12.27 50.34
N ALA D 373 -9.22 12.63 49.10
CA ALA D 373 -8.25 13.25 48.20
C ALA D 373 -7.45 14.34 48.87
N LYS D 374 -6.16 14.36 48.60
CA LYS D 374 -5.26 15.34 49.19
C LYS D 374 -5.84 16.74 49.11
N GLU D 375 -6.41 17.10 47.96
CA GLU D 375 -6.97 18.44 47.78
C GLU D 375 -8.15 18.77 48.69
N LEU D 376 -8.79 17.75 49.27
CA LEU D 376 -9.92 17.98 50.14
C LEU D 376 -9.56 17.86 51.61
N ILE D 377 -8.34 17.40 51.91
CA ILE D 377 -7.90 17.22 53.28
C ILE D 377 -8.03 18.46 54.18
N PRO D 378 -7.59 19.63 53.70
CA PRO D 378 -7.70 20.86 54.52
C PRO D 378 -9.14 21.14 54.95
N GLU D 379 -10.04 21.10 53.96
CA GLU D 379 -11.46 21.35 54.19
C GLU D 379 -12.06 20.43 55.24
N ALA D 380 -11.69 19.15 55.17
CA ALA D 380 -12.19 18.16 56.12
C ALA D 380 -11.65 18.42 57.52
N THR D 381 -10.34 18.59 57.61
CA THR D 381 -9.69 18.84 58.89
C THR D 381 -10.24 20.08 59.58
N GLU D 382 -10.32 21.18 58.83
CA GLU D 382 -10.83 22.44 59.37
C GLU D 382 -12.25 22.26 59.87
N LYS D 383 -13.03 21.47 59.13
CA LYS D 383 -14.42 21.23 59.50
C LYS D 383 -14.56 20.51 60.83
N TYR D 384 -13.61 19.63 61.13
CA TYR D 384 -13.64 18.87 62.36
C TYR D 384 -12.77 19.44 63.48
N LEU D 385 -11.60 19.96 63.13
CA LEU D 385 -10.67 20.48 64.13
C LEU D 385 -10.68 21.98 64.35
N GLY D 386 -11.09 22.75 63.35
CA GLY D 386 -11.11 24.19 63.51
C GLY D 386 -12.07 24.67 64.59
N GLY D 387 -12.53 23.74 65.42
CA GLY D 387 -13.48 24.10 66.47
C GLY D 387 -12.86 24.52 67.79
N THR D 388 -11.79 23.82 68.21
CA THR D 388 -11.11 24.15 69.46
C THR D 388 -9.63 24.33 69.24
N ASP D 389 -8.97 24.91 70.24
CA ASP D 389 -7.53 25.13 70.17
C ASP D 389 -6.85 24.06 71.02
N ASP D 390 -7.67 23.25 71.70
CA ASP D 390 -7.21 22.16 72.55
C ASP D 390 -6.71 21.04 71.63
N THR D 391 -5.40 20.79 71.68
CA THR D 391 -4.81 19.75 70.83
C THR D 391 -5.32 18.35 71.15
N VAL D 392 -5.76 18.15 72.39
CA VAL D 392 -6.30 16.86 72.81
C VAL D 392 -7.69 16.68 72.20
N LYS D 393 -8.49 17.74 72.20
CA LYS D 393 -9.82 17.67 71.60
C LYS D 393 -9.66 17.49 70.10
N LYS D 394 -8.76 18.27 69.51
CA LYS D 394 -8.52 18.15 68.08
C LYS D 394 -8.23 16.69 67.78
N LYS D 395 -7.50 16.04 68.68
CA LYS D 395 -7.15 14.64 68.50
C LYS D 395 -8.40 13.76 68.53
N ASP D 396 -9.22 13.92 69.56
CA ASP D 396 -10.43 13.12 69.66
C ASP D 396 -11.33 13.41 68.47
N LEU D 397 -11.31 14.68 68.03
CA LEU D 397 -12.10 15.13 66.90
C LEU D 397 -11.56 14.48 65.61
N PHE D 398 -10.25 14.21 65.60
CA PHE D 398 -9.61 13.58 64.45
C PHE D 398 -10.11 12.14 64.34
N LEU D 399 -10.34 11.53 65.50
CA LEU D 399 -10.84 10.17 65.55
C LEU D 399 -12.32 10.14 65.14
N ASP D 400 -13.04 11.22 65.43
CA ASP D 400 -14.46 11.32 65.06
C ASP D 400 -14.53 11.41 63.55
N LEU D 401 -13.60 12.17 62.99
CA LEU D 401 -13.49 12.39 61.56
C LEU D 401 -13.45 11.03 60.84
N ILE D 402 -12.58 10.16 61.32
CA ILE D 402 -12.40 8.85 60.71
C ILE D 402 -13.53 7.87 60.94
N ALA D 403 -14.08 7.86 62.15
CA ALA D 403 -15.18 6.96 62.46
C ALA D 403 -16.36 7.28 61.58
N ASP D 404 -16.58 8.57 61.36
CA ASP D 404 -17.67 9.05 60.52
C ASP D 404 -17.53 8.60 59.08
N VAL D 405 -16.34 8.80 58.51
CA VAL D 405 -16.11 8.42 57.13
C VAL D 405 -16.10 6.91 56.92
N MET D 406 -15.67 6.18 57.95
CA MET D 406 -15.61 4.72 57.85
C MET D 406 -16.88 4.01 58.26
N PHE D 407 -17.55 4.53 59.29
CA PHE D 407 -18.75 3.88 59.77
C PHE D 407 -20.05 4.70 59.81
N GLY D 408 -20.03 5.80 60.56
CA GLY D 408 -21.21 6.62 60.71
C GLY D 408 -21.89 6.97 59.40
N VAL D 409 -21.19 7.70 58.54
CA VAL D 409 -21.77 8.09 57.28
C VAL D 409 -22.21 6.91 56.43
N PRO D 410 -21.31 5.93 56.20
CA PRO D 410 -21.66 4.75 55.39
C PRO D 410 -22.90 4.03 55.93
N SER D 411 -22.88 3.73 57.22
CA SER D 411 -23.99 3.04 57.88
C SER D 411 -25.32 3.76 57.69
N VAL D 412 -25.32 5.08 57.83
CA VAL D 412 -26.54 5.85 57.69
C VAL D 412 -27.05 5.94 56.25
N ILE D 413 -26.16 6.05 55.28
CA ILE D 413 -26.58 6.13 53.88
C ILE D 413 -27.22 4.79 53.52
N VAL D 414 -26.64 3.70 53.99
CA VAL D 414 -27.19 2.38 53.72
C VAL D 414 -28.61 2.32 54.26
N ALA D 415 -28.77 2.60 55.55
CA ALA D 415 -30.09 2.56 56.19
C ALA D 415 -31.11 3.36 55.38
N ARG D 416 -30.76 4.59 55.06
CA ARG D 416 -31.63 5.46 54.29
C ARG D 416 -32.08 4.77 53.01
N ASN D 417 -31.13 4.25 52.24
CA ASN D 417 -31.47 3.56 51.01
C ASN D 417 -32.33 2.33 51.24
N HIS D 418 -31.94 1.50 52.20
CA HIS D 418 -32.70 0.30 52.51
C HIS D 418 -34.15 0.71 52.83
N ARG D 419 -34.28 1.76 53.63
CA ARG D 419 -35.57 2.29 54.04
C ARG D 419 -36.43 2.72 52.85
N ASP D 420 -35.87 3.62 52.05
CA ASP D 420 -36.58 4.13 50.89
C ASP D 420 -36.91 3.04 49.89
N ALA D 421 -36.27 1.88 50.04
CA ALA D 421 -36.55 0.77 49.14
C ALA D 421 -37.82 0.07 49.64
N GLY D 422 -38.34 0.56 50.77
CA GLY D 422 -39.57 0.00 51.31
C GLY D 422 -39.43 -1.18 52.24
N ALA D 423 -38.24 -1.37 52.79
CA ALA D 423 -38.01 -2.48 53.70
C ALA D 423 -37.87 -1.97 55.13
N PRO D 424 -38.30 -2.76 56.10
CA PRO D 424 -38.19 -2.32 57.50
C PRO D 424 -36.72 -2.07 57.83
N THR D 425 -36.42 -0.86 58.31
CA THR D 425 -35.06 -0.49 58.66
C THR D 425 -34.98 0.00 60.11
N TYR D 426 -33.88 -0.29 60.77
CA TYR D 426 -33.66 0.13 62.15
C TYR D 426 -32.22 0.53 62.35
N MET D 427 -32.01 1.57 63.16
CA MET D 427 -30.68 2.05 63.46
C MET D 427 -30.50 2.27 64.95
N TYR D 428 -29.24 2.26 65.39
CA TYR D 428 -28.91 2.48 66.79
C TYR D 428 -27.49 3.01 66.92
N GLU D 429 -27.18 3.58 68.08
CA GLU D 429 -25.86 4.08 68.38
C GLU D 429 -25.57 3.55 69.78
N PHE D 430 -24.49 2.78 69.91
CA PHE D 430 -24.10 2.18 71.18
C PHE D 430 -23.06 3.08 71.87
N GLN D 431 -23.36 3.47 73.09
CA GLN D 431 -22.46 4.33 73.85
C GLN D 431 -22.32 3.80 75.26
N TYR D 432 -21.35 2.90 75.44
CA TYR D 432 -21.11 2.30 76.74
C TYR D 432 -19.69 1.75 76.74
N ARG D 433 -19.06 1.67 77.90
CA ARG D 433 -17.71 1.13 77.98
C ARG D 433 -17.80 -0.17 78.80
N PRO D 434 -17.68 -1.33 78.13
CA PRO D 434 -17.75 -2.58 78.87
C PRO D 434 -16.62 -2.70 79.90
N SER D 435 -16.91 -3.36 81.02
CA SER D 435 -15.91 -3.54 82.06
C SER D 435 -14.87 -4.52 81.56
N PHE D 436 -15.24 -5.23 80.50
CA PHE D 436 -14.35 -6.22 79.90
C PHE D 436 -13.35 -5.62 78.91
N SER D 437 -13.32 -4.29 78.81
CA SER D 437 -12.40 -3.61 77.92
C SER D 437 -10.96 -3.95 78.29
N SER D 438 -10.03 -3.66 77.40
CA SER D 438 -8.61 -3.94 77.67
C SER D 438 -8.07 -2.94 78.70
N ASP D 439 -7.14 -3.38 79.53
CA ASP D 439 -6.57 -2.49 80.53
C ASP D 439 -5.74 -1.38 79.91
N MET D 440 -5.34 -1.57 78.66
CA MET D 440 -4.54 -0.58 77.95
C MET D 440 -5.41 0.45 77.24
N LYS D 441 -6.72 0.30 77.40
CA LYS D 441 -7.69 1.19 76.78
C LYS D 441 -8.04 2.33 77.72
N PRO D 442 -7.71 3.57 77.33
CA PRO D 442 -8.02 4.71 78.21
C PRO D 442 -9.48 4.66 78.67
N LYS D 443 -9.70 4.98 79.93
CA LYS D 443 -11.04 4.94 80.51
C LYS D 443 -12.02 5.92 79.87
N THR D 444 -11.51 6.90 79.14
CA THR D 444 -12.37 7.89 78.50
C THR D 444 -12.93 7.46 77.14
N VAL D 445 -12.62 6.24 76.73
CA VAL D 445 -13.11 5.74 75.45
C VAL D 445 -14.39 4.95 75.69
N ILE D 446 -15.52 5.57 75.38
CA ILE D 446 -16.83 4.93 75.54
C ILE D 446 -17.40 4.60 74.19
N GLY D 447 -17.91 3.38 74.03
CA GLY D 447 -18.47 2.98 72.76
C GLY D 447 -17.39 2.84 71.70
N ASP D 448 -16.36 2.08 72.03
CA ASP D 448 -15.28 1.86 71.08
C ASP D 448 -15.69 0.72 70.14
N HIS D 449 -14.91 0.52 69.08
CA HIS D 449 -15.18 -0.54 68.12
C HIS D 449 -15.35 -1.87 68.86
N GLY D 450 -16.39 -2.61 68.51
CA GLY D 450 -16.62 -3.90 69.15
C GLY D 450 -17.04 -3.89 70.60
N ASP D 451 -17.43 -2.74 71.12
CA ASP D 451 -17.84 -2.64 72.52
C ASP D 451 -19.22 -3.24 72.77
N GLU D 452 -20.08 -3.22 71.75
CA GLU D 452 -21.42 -3.75 71.88
C GLU D 452 -21.42 -5.27 71.89
N LEU D 453 -20.33 -5.86 71.42
CA LEU D 453 -20.22 -7.31 71.37
C LEU D 453 -20.49 -7.95 72.72
N PHE D 454 -19.97 -7.34 73.78
CA PHE D 454 -20.16 -7.88 75.12
C PHE D 454 -21.61 -7.90 75.55
N SER D 455 -22.39 -6.96 75.03
CA SER D 455 -23.81 -6.89 75.37
C SER D 455 -24.56 -7.94 74.58
N VAL D 456 -24.35 -7.95 73.27
CA VAL D 456 -25.01 -8.89 72.38
C VAL D 456 -24.72 -10.34 72.72
N PHE D 457 -23.49 -10.65 73.09
CA PHE D 457 -23.16 -12.04 73.40
C PHE D 457 -23.18 -12.46 74.88
N GLY D 458 -23.77 -11.62 75.72
CA GLY D 458 -23.89 -11.96 77.13
C GLY D 458 -22.61 -12.11 77.93
N ALA D 459 -21.56 -11.38 77.57
CA ALA D 459 -20.31 -11.45 78.32
C ALA D 459 -20.60 -11.38 79.83
N PRO D 460 -21.54 -10.51 80.26
CA PRO D 460 -21.87 -10.38 81.68
C PRO D 460 -22.23 -11.68 82.38
N PHE D 461 -22.68 -12.68 81.62
CA PHE D 461 -23.06 -13.95 82.22
C PHE D 461 -22.05 -15.07 81.97
N LEU D 462 -20.85 -14.71 81.54
CA LEU D 462 -19.81 -15.69 81.29
C LEU D 462 -18.47 -15.25 81.89
N LYS D 463 -18.19 -13.95 81.83
CA LYS D 463 -16.97 -13.43 82.41
C LYS D 463 -17.38 -12.74 83.72
N GLU D 464 -16.41 -12.37 84.54
CA GLU D 464 -16.75 -11.75 85.81
C GLU D 464 -16.54 -10.25 85.92
N GLY D 465 -17.03 -9.69 87.01
CA GLY D 465 -16.89 -8.27 87.27
C GLY D 465 -17.99 -7.34 86.78
N ALA D 466 -18.96 -7.88 86.05
CA ALA D 466 -20.04 -7.05 85.51
C ALA D 466 -20.86 -6.39 86.61
N SER D 467 -21.07 -5.08 86.49
CA SER D 467 -21.86 -4.36 87.47
C SER D 467 -23.30 -4.80 87.27
N GLU D 468 -24.20 -4.27 88.08
CA GLU D 468 -25.60 -4.65 87.96
C GLU D 468 -26.16 -3.95 86.74
N GLU D 469 -25.60 -2.78 86.44
CA GLU D 469 -26.00 -1.97 85.30
C GLU D 469 -25.57 -2.61 83.98
N GLU D 470 -24.34 -3.11 83.93
CA GLU D 470 -23.86 -3.74 82.69
C GLU D 470 -24.69 -4.98 82.42
N ILE D 471 -25.00 -5.72 83.47
CA ILE D 471 -25.79 -6.93 83.33
C ILE D 471 -27.14 -6.64 82.69
N ARG D 472 -27.76 -5.54 83.12
CA ARG D 472 -29.05 -5.14 82.58
C ARG D 472 -28.94 -4.75 81.12
N LEU D 473 -27.89 -4.02 80.78
CA LEU D 473 -27.67 -3.59 79.40
C LEU D 473 -27.65 -4.81 78.48
N SER D 474 -26.88 -5.81 78.87
CA SER D 474 -26.76 -7.04 78.08
C SER D 474 -28.13 -7.72 77.93
N LYS D 475 -28.87 -7.86 79.04
CA LYS D 475 -30.18 -8.49 78.97
C LYS D 475 -31.04 -7.77 77.94
N MET D 476 -31.02 -6.45 77.99
CA MET D 476 -31.81 -5.63 77.08
C MET D 476 -31.38 -5.85 75.63
N VAL D 477 -30.10 -5.62 75.33
CA VAL D 477 -29.64 -5.78 73.97
C VAL D 477 -29.96 -7.16 73.37
N MET D 478 -29.84 -8.22 74.16
CA MET D 478 -30.14 -9.54 73.64
C MET D 478 -31.61 -9.69 73.25
N LYS D 479 -32.53 -9.07 74.02
CA LYS D 479 -33.95 -9.15 73.67
C LYS D 479 -34.22 -8.37 72.40
N PHE D 480 -33.72 -7.15 72.34
CA PHE D 480 -33.88 -6.30 71.16
C PHE D 480 -33.42 -7.12 69.98
N TRP D 481 -32.24 -7.72 70.12
CA TRP D 481 -31.65 -8.54 69.08
C TRP D 481 -32.49 -9.78 68.75
N ALA D 482 -32.90 -10.51 69.78
CA ALA D 482 -33.70 -11.73 69.60
C ALA D 482 -35.13 -11.45 69.13
N ASN D 483 -35.69 -10.32 69.55
CA ASN D 483 -37.05 -9.96 69.15
C ASN D 483 -36.99 -9.62 67.67
N PHE D 484 -35.89 -8.98 67.27
CA PHE D 484 -35.72 -8.61 65.87
C PHE D 484 -35.67 -9.91 65.06
N ALA D 485 -34.87 -10.85 65.53
CA ALA D 485 -34.73 -12.15 64.86
C ALA D 485 -36.09 -12.84 64.74
N ARG D 486 -36.95 -12.63 65.72
CA ARG D 486 -38.26 -13.25 65.70
C ARG D 486 -39.27 -12.54 64.79
N ASN D 487 -39.50 -11.25 65.04
CA ASN D 487 -40.47 -10.49 64.28
C ASN D 487 -39.92 -9.54 63.23
N GLY D 488 -38.65 -9.22 63.31
CA GLY D 488 -38.10 -8.28 62.34
C GLY D 488 -38.41 -6.91 62.90
N ASN D 489 -38.65 -6.89 64.20
CA ASN D 489 -38.95 -5.68 64.94
C ASN D 489 -38.36 -5.90 66.35
N PRO D 490 -37.47 -5.00 66.79
CA PRO D 490 -36.85 -5.12 68.11
C PRO D 490 -37.76 -4.92 69.30
N ASN D 491 -38.71 -3.98 69.19
CA ASN D 491 -39.65 -3.66 70.26
C ASN D 491 -40.35 -4.85 70.88
N GLY D 492 -40.52 -4.77 72.20
CA GLY D 492 -41.17 -5.81 72.96
C GLY D 492 -41.54 -5.23 74.31
N GLU D 493 -42.33 -5.96 75.09
CA GLU D 493 -42.73 -5.44 76.39
C GLU D 493 -41.56 -5.37 77.35
N GLY D 494 -41.51 -4.29 78.12
CA GLY D 494 -40.45 -4.10 79.08
C GLY D 494 -39.18 -3.50 78.49
N LEU D 495 -39.23 -3.17 77.21
CA LEU D 495 -38.07 -2.60 76.55
C LEU D 495 -38.38 -1.19 76.10
N PRO D 496 -37.38 -0.28 76.16
CA PRO D 496 -37.56 1.11 75.74
C PRO D 496 -38.02 1.11 74.29
N HIS D 497 -38.98 1.97 73.94
CA HIS D 497 -39.47 1.99 72.57
C HIS D 497 -38.37 2.34 71.59
N TRP D 498 -38.19 1.48 70.59
CA TRP D 498 -37.18 1.68 69.56
C TRP D 498 -37.96 2.01 68.28
N PRO D 499 -37.91 3.26 67.82
CA PRO D 499 -38.64 3.63 66.61
C PRO D 499 -38.05 3.00 65.36
N GLU D 500 -38.88 2.82 64.35
CA GLU D 500 -38.41 2.26 63.10
C GLU D 500 -37.74 3.41 62.37
N TYR D 501 -36.67 3.10 61.66
CA TYR D 501 -35.94 4.13 60.92
C TYR D 501 -36.70 4.51 59.65
N ASN D 502 -37.65 5.43 59.77
CA ASN D 502 -38.41 5.91 58.63
C ASN D 502 -37.88 7.29 58.23
N GLN D 503 -38.75 8.15 57.72
CA GLN D 503 -38.31 9.48 57.30
C GLN D 503 -37.95 10.41 58.48
N LYS D 504 -38.50 10.16 59.66
CA LYS D 504 -38.18 10.97 60.84
C LYS D 504 -36.76 10.60 61.29
N GLU D 505 -36.30 9.45 60.83
CA GLU D 505 -34.96 8.94 61.15
C GLU D 505 -34.72 8.71 62.63
N GLY D 506 -35.74 8.16 63.30
CA GLY D 506 -35.62 7.87 64.71
C GLY D 506 -34.72 6.65 64.85
N TYR D 507 -33.91 6.64 65.90
CA TYR D 507 -32.99 5.54 66.15
C TYR D 507 -32.80 5.45 67.65
N LEU D 508 -32.34 4.28 68.12
CA LEU D 508 -32.15 4.08 69.54
C LEU D 508 -30.72 4.32 70.01
N GLN D 509 -30.58 5.15 71.04
CA GLN D 509 -29.27 5.41 71.62
C GLN D 509 -29.19 4.36 72.73
N ILE D 510 -28.25 3.44 72.61
CA ILE D 510 -28.12 2.37 73.58
C ILE D 510 -26.94 2.59 74.51
N GLY D 511 -27.23 2.63 75.82
CA GLY D 511 -26.19 2.83 76.82
C GLY D 511 -26.73 2.76 78.23
N ALA D 512 -25.98 3.33 79.19
CA ALA D 512 -26.41 3.35 80.58
C ALA D 512 -27.85 3.80 80.52
N ASN D 513 -28.08 4.84 79.73
CA ASN D 513 -29.40 5.38 79.51
C ASN D 513 -29.74 5.07 78.06
N THR D 514 -30.83 4.34 77.86
CA THR D 514 -31.28 3.96 76.53
C THR D 514 -32.58 4.67 76.22
N GLN D 515 -32.60 5.42 75.12
CA GLN D 515 -33.78 6.15 74.69
C GLN D 515 -33.67 6.55 73.21
N ALA D 516 -34.83 6.66 72.55
CA ALA D 516 -34.87 7.02 71.15
C ALA D 516 -34.42 8.47 70.91
N ALA D 517 -34.01 8.74 69.68
CA ALA D 517 -33.56 10.06 69.25
C ALA D 517 -33.75 10.13 67.73
N GLN D 518 -33.37 11.23 67.10
CA GLN D 518 -33.54 11.33 65.66
C GLN D 518 -32.36 11.93 64.90
N LYS D 519 -32.34 11.68 63.60
CA LYS D 519 -31.32 12.20 62.70
C LYS D 519 -29.86 11.89 63.07
N LEU D 520 -29.53 10.61 63.08
CA LEU D 520 -28.17 10.16 63.38
C LEU D 520 -27.21 10.62 62.28
N LYS D 521 -26.11 11.25 62.70
CA LYS D 521 -25.08 11.76 61.79
C LYS D 521 -25.64 12.50 60.59
N ASP D 522 -26.85 13.04 60.73
CA ASP D 522 -27.52 13.79 59.66
C ASP D 522 -26.61 14.85 59.04
N LYS D 523 -26.09 15.72 59.88
CA LYS D 523 -25.20 16.79 59.41
C LYS D 523 -23.94 16.22 58.75
N GLU D 524 -23.32 15.25 59.42
CA GLU D 524 -22.10 14.61 58.91
C GLU D 524 -22.29 14.07 57.50
N VAL D 525 -23.35 13.27 57.31
CA VAL D 525 -23.62 12.71 56.00
C VAL D 525 -23.72 13.85 54.98
N ALA D 526 -24.41 14.91 55.37
CA ALA D 526 -24.58 16.08 54.51
C ALA D 526 -23.25 16.68 54.10
N PHE D 527 -22.36 16.90 55.08
CA PHE D 527 -21.04 17.46 54.83
C PHE D 527 -20.18 16.58 53.93
N TRP D 528 -20.13 15.30 54.25
CA TRP D 528 -19.32 14.38 53.48
C TRP D 528 -19.88 14.14 52.10
N THR D 529 -21.19 14.21 51.94
CA THR D 529 -21.75 14.00 50.62
C THR D 529 -21.30 15.13 49.71
N ASN D 530 -21.15 16.33 50.27
CA ASN D 530 -20.70 17.47 49.48
C ASN D 530 -19.22 17.40 49.18
N LEU D 531 -18.43 17.29 50.24
CA LEU D 531 -16.98 17.21 50.08
C LEU D 531 -16.61 16.18 49.01
N PHE D 532 -17.28 15.03 49.04
CA PHE D 532 -17.02 13.96 48.08
C PHE D 532 -17.65 14.19 46.71
N ALA D 533 -18.44 15.25 46.60
CA ALA D 533 -19.06 15.58 45.33
C ALA D 533 -17.92 16.24 44.55
N LYS D 534 -16.78 16.37 45.23
CA LYS D 534 -15.56 16.97 44.69
C LYS D 534 -15.74 18.48 44.51
N SER E 4 1.52 -68.17 16.37
CA SER E 4 1.45 -66.71 16.69
C SER E 4 0.88 -66.48 18.09
N PRO E 5 1.44 -65.48 18.81
CA PRO E 5 0.98 -65.16 20.17
C PRO E 5 -0.53 -64.90 20.23
N PRO E 6 -1.17 -65.32 21.33
CA PRO E 6 -2.61 -65.11 21.49
C PRO E 6 -3.00 -63.63 21.69
N VAL E 7 -4.03 -63.20 20.98
CA VAL E 7 -4.51 -61.81 21.06
C VAL E 7 -5.99 -61.78 21.43
N VAL E 8 -6.29 -61.28 22.62
CA VAL E 8 -7.65 -61.19 23.10
C VAL E 8 -8.21 -59.77 23.14
N ASP E 9 -9.51 -59.68 22.86
CA ASP E 9 -10.21 -58.40 22.85
C ASP E 9 -10.96 -58.20 24.16
N THR E 10 -10.68 -57.12 24.87
CA THR E 10 -11.35 -56.85 26.12
C THR E 10 -12.08 -55.53 25.97
N VAL E 11 -12.91 -55.19 26.96
CA VAL E 11 -13.68 -53.96 26.89
C VAL E 11 -12.78 -52.73 26.67
N HIS E 12 -11.69 -52.62 27.42
CA HIS E 12 -10.78 -51.48 27.27
C HIS E 12 -9.82 -51.59 26.09
N GLY E 13 -9.73 -52.76 25.47
CA GLY E 13 -8.84 -52.91 24.34
C GLY E 13 -8.28 -54.31 24.16
N LYS E 14 -7.46 -54.48 23.13
CA LYS E 14 -6.84 -55.77 22.82
C LYS E 14 -5.56 -56.01 23.61
N VAL E 15 -5.34 -57.26 23.99
CA VAL E 15 -4.13 -57.64 24.72
C VAL E 15 -3.40 -58.79 24.04
N LEU E 16 -2.07 -58.71 24.08
CA LEU E 16 -1.19 -59.70 23.45
C LEU E 16 -0.47 -60.50 24.53
N GLY E 17 -0.70 -61.81 24.54
CA GLY E 17 -0.04 -62.68 25.53
C GLY E 17 0.99 -63.60 24.89
N LYS E 18 1.23 -64.75 25.53
CA LYS E 18 2.19 -65.71 25.01
C LYS E 18 1.77 -67.13 25.39
N PHE E 19 2.23 -68.11 24.63
CA PHE E 19 1.93 -69.51 24.91
C PHE E 19 3.04 -70.16 25.70
N VAL E 20 2.67 -71.11 26.53
CA VAL E 20 3.62 -71.85 27.33
C VAL E 20 3.04 -73.22 27.46
N SER E 21 3.83 -74.24 27.14
CA SER E 21 3.36 -75.61 27.20
C SER E 21 3.75 -76.30 28.50
N LEU E 22 2.83 -77.06 29.07
CA LEU E 22 3.12 -77.80 30.27
C LEU E 22 3.11 -79.26 29.87
N GLU E 23 4.19 -79.96 30.19
CA GLU E 23 4.33 -81.38 29.86
C GLU E 23 3.09 -82.19 30.24
N GLY E 24 2.60 -82.97 29.27
CA GLY E 24 1.43 -83.79 29.51
C GLY E 24 0.18 -83.16 28.94
N PHE E 25 0.28 -81.89 28.53
CA PHE E 25 -0.87 -81.18 27.98
C PHE E 25 -0.60 -80.64 26.59
N ALA E 26 -1.41 -81.08 25.63
CA ALA E 26 -1.25 -80.70 24.23
C ALA E 26 -1.54 -79.23 23.95
N GLN E 27 -2.61 -78.70 24.53
CA GLN E 27 -2.98 -77.31 24.34
C GLN E 27 -2.08 -76.38 25.16
N PRO E 28 -1.42 -75.42 24.48
CA PRO E 28 -0.54 -74.49 25.19
C PRO E 28 -1.41 -73.62 26.09
N VAL E 29 -0.90 -73.28 27.27
CA VAL E 29 -1.65 -72.42 28.15
C VAL E 29 -1.37 -70.98 27.67
N ALA E 30 -2.41 -70.16 27.57
CA ALA E 30 -2.25 -68.76 27.14
C ALA E 30 -2.00 -67.95 28.41
N ILE E 31 -0.99 -67.10 28.36
CA ILE E 31 -0.63 -66.30 29.52
C ILE E 31 -0.53 -64.80 29.23
N PHE E 32 -1.19 -64.00 30.06
CA PHE E 32 -1.18 -62.57 29.91
C PHE E 32 -0.71 -61.93 31.20
N LEU E 33 0.40 -61.20 31.13
CA LEU E 33 1.00 -60.57 32.29
C LEU E 33 0.85 -59.06 32.32
N GLY E 34 0.50 -58.53 33.49
CA GLY E 34 0.37 -57.09 33.67
C GLY E 34 -0.77 -56.41 32.96
N ILE E 35 -1.98 -56.91 33.14
CA ILE E 35 -3.14 -56.29 32.53
C ILE E 35 -3.65 -55.31 33.58
N PRO E 36 -4.01 -54.08 33.18
CA PRO E 36 -4.50 -53.11 34.16
C PRO E 36 -6.01 -53.26 34.40
N PHE E 37 -6.44 -53.29 35.66
CA PHE E 37 -7.87 -53.42 35.97
C PHE E 37 -8.38 -52.16 36.64
N ALA E 38 -7.50 -51.18 36.72
CA ALA E 38 -7.81 -49.90 37.35
C ALA E 38 -6.79 -48.87 36.89
N LYS E 39 -7.09 -47.61 37.15
CA LYS E 39 -6.21 -46.50 36.78
C LYS E 39 -5.13 -46.40 37.86
N PRO E 40 -3.86 -46.24 37.45
CA PRO E 40 -2.78 -46.14 38.44
C PRO E 40 -3.17 -45.18 39.55
N PRO E 41 -3.11 -45.63 40.81
CA PRO E 41 -3.48 -44.77 41.92
C PRO E 41 -2.40 -43.75 42.30
N LEU E 42 -2.02 -42.91 41.34
CA LEU E 42 -0.99 -41.90 41.57
C LEU E 42 -1.58 -40.52 41.87
N GLY E 43 -0.74 -39.61 42.37
CA GLY E 43 -1.20 -38.28 42.69
C GLY E 43 -2.38 -38.26 43.65
N PRO E 44 -3.46 -37.54 43.28
CA PRO E 44 -4.68 -37.41 44.09
C PRO E 44 -5.39 -38.74 44.29
N LEU E 45 -5.29 -39.62 43.30
CA LEU E 45 -5.94 -40.91 43.38
C LEU E 45 -5.44 -41.75 44.56
N ARG E 46 -4.40 -41.27 45.22
CA ARG E 46 -3.86 -41.98 46.37
C ARG E 46 -4.85 -41.85 47.53
N PHE E 47 -5.12 -42.98 48.20
CA PHE E 47 -6.05 -43.01 49.31
C PHE E 47 -7.48 -42.77 48.81
N THR E 48 -7.80 -43.30 47.63
CA THR E 48 -9.13 -43.14 47.07
C THR E 48 -9.54 -44.43 46.33
N PRO E 49 -10.84 -44.69 46.23
CA PRO E 49 -11.32 -45.90 45.55
C PRO E 49 -10.72 -46.07 44.16
N PRO E 50 -10.36 -47.32 43.81
CA PRO E 50 -9.77 -47.57 42.49
C PRO E 50 -10.73 -47.11 41.40
N GLN E 51 -10.17 -46.66 40.29
CA GLN E 51 -10.99 -46.21 39.18
C GLN E 51 -10.72 -47.02 37.94
N PRO E 52 -11.71 -47.09 37.05
CA PRO E 52 -11.57 -47.86 35.82
C PRO E 52 -10.33 -47.45 35.04
N ALA E 53 -9.69 -48.44 34.42
CA ALA E 53 -8.51 -48.18 33.63
C ALA E 53 -8.97 -47.51 32.34
N GLU E 54 -8.12 -46.65 31.80
CA GLU E 54 -8.43 -45.96 30.56
C GLU E 54 -8.23 -46.96 29.42
N PRO E 55 -9.16 -47.00 28.45
CA PRO E 55 -9.00 -47.95 27.35
C PRO E 55 -7.86 -47.51 26.44
N TRP E 56 -7.25 -48.47 25.73
CA TRP E 56 -6.13 -48.17 24.83
C TRP E 56 -6.52 -48.36 23.37
N SER E 57 -5.74 -47.77 22.48
CA SER E 57 -6.02 -47.79 21.05
C SER E 57 -5.62 -48.98 20.17
N PHE E 58 -4.54 -49.68 20.49
CA PHE E 58 -4.16 -50.78 19.62
C PHE E 58 -4.05 -52.11 20.37
N VAL E 59 -2.91 -52.77 20.30
CA VAL E 59 -2.75 -54.01 21.04
C VAL E 59 -1.73 -53.80 22.15
N LYS E 60 -2.22 -53.87 23.39
CA LYS E 60 -1.33 -53.71 24.54
C LYS E 60 -0.55 -55.00 24.73
N ASN E 61 0.76 -54.87 24.94
CA ASN E 61 1.64 -56.01 25.13
C ASN E 61 1.63 -56.45 26.59
N ALA E 62 1.06 -57.64 26.83
CA ALA E 62 0.98 -58.18 28.18
C ALA E 62 1.84 -59.45 28.30
N THR E 63 3.15 -59.27 28.17
CA THR E 63 4.07 -60.41 28.25
C THR E 63 5.25 -60.13 29.17
N SER E 64 5.07 -59.21 30.10
CA SER E 64 6.12 -58.89 31.06
C SER E 64 5.47 -58.63 32.40
N TYR E 65 6.08 -59.17 33.45
CA TYR E 65 5.57 -59.02 34.80
C TYR E 65 5.40 -57.57 35.18
N PRO E 66 4.34 -57.26 35.94
CA PRO E 66 4.08 -55.90 36.39
C PRO E 66 4.85 -55.64 37.68
N PRO E 67 4.94 -54.37 38.10
CA PRO E 67 5.67 -54.10 39.34
C PRO E 67 4.79 -54.54 40.50
N MET E 68 5.39 -54.82 41.66
CA MET E 68 4.58 -55.19 42.82
C MET E 68 4.32 -53.87 43.55
N CYS E 69 3.23 -53.79 44.29
CA CYS E 69 2.93 -52.54 45.00
C CYS E 69 4.08 -52.18 45.94
N THR E 70 4.34 -50.88 46.08
CA THR E 70 5.41 -50.41 46.94
C THR E 70 5.40 -51.15 48.28
N GLN E 71 6.54 -51.69 48.67
CA GLN E 71 6.66 -52.42 49.92
C GLN E 71 8.14 -52.54 50.27
N ASP E 72 8.42 -53.04 51.46
CA ASP E 72 9.79 -53.23 51.88
C ASP E 72 10.38 -54.28 50.94
N PRO E 73 11.21 -53.82 49.98
CA PRO E 73 11.88 -54.64 48.96
C PRO E 73 12.44 -55.96 49.47
N LYS E 74 13.20 -55.88 50.57
CA LYS E 74 13.81 -57.05 51.17
C LYS E 74 12.75 -58.07 51.58
N ALA E 75 11.81 -57.63 52.41
CA ALA E 75 10.74 -58.50 52.89
C ALA E 75 9.92 -59.06 51.73
N GLY E 76 9.62 -58.21 50.76
CA GLY E 76 8.83 -58.62 49.62
C GLY E 76 9.46 -59.74 48.83
N GLN E 77 10.73 -59.59 48.48
CA GLN E 77 11.40 -60.62 47.71
C GLN E 77 11.63 -61.90 48.51
N LEU E 78 11.81 -61.76 49.82
CA LEU E 78 12.03 -62.93 50.67
C LEU E 78 10.77 -63.80 50.70
N LEU E 79 9.62 -63.16 50.90
CA LEU E 79 8.36 -63.90 50.92
C LEU E 79 8.08 -64.52 49.55
N SER E 80 8.45 -63.81 48.48
CA SER E 80 8.20 -64.34 47.15
C SER E 80 9.01 -65.62 46.96
N GLU E 81 10.29 -65.54 47.29
CA GLU E 81 11.18 -66.67 47.18
C GLU E 81 10.68 -67.88 47.98
N LEU E 82 10.01 -67.64 49.10
CA LEU E 82 9.52 -68.71 49.97
C LEU E 82 8.17 -69.30 49.58
N PHE E 83 7.31 -68.48 48.97
CA PHE E 83 5.98 -68.93 48.59
C PHE E 83 5.81 -69.32 47.14
N THR E 84 6.68 -68.84 46.27
CA THR E 84 6.55 -69.13 44.84
C THR E 84 6.59 -70.60 44.52
N ASN E 85 5.80 -70.99 43.53
CA ASN E 85 5.73 -72.37 43.09
C ASN E 85 6.57 -72.59 41.84
N ARG E 86 7.05 -71.50 41.24
CA ARG E 86 7.86 -71.66 40.04
C ARG E 86 9.29 -71.99 40.42
N LYS E 87 10.00 -72.67 39.51
CA LYS E 87 11.37 -73.10 39.72
C LYS E 87 12.27 -72.01 40.30
N GLU E 88 12.41 -70.91 39.59
CA GLU E 88 13.24 -69.85 40.12
C GLU E 88 12.40 -68.60 40.34
N ASN E 89 12.62 -67.95 41.48
CA ASN E 89 11.88 -66.73 41.82
C ASN E 89 12.27 -65.65 40.83
N ILE E 90 11.30 -64.82 40.47
CA ILE E 90 11.58 -63.74 39.55
C ILE E 90 11.50 -62.42 40.32
N PRO E 91 12.57 -61.62 40.27
CA PRO E 91 12.67 -60.32 40.95
C PRO E 91 11.69 -59.29 40.41
N LEU E 92 11.11 -58.50 41.32
CA LEU E 92 10.13 -57.50 40.91
C LEU E 92 10.48 -56.08 41.30
N LYS E 93 9.98 -55.14 40.52
CA LYS E 93 10.18 -53.71 40.73
C LYS E 93 9.06 -53.16 41.59
N LEU E 94 9.37 -52.12 42.36
CA LEU E 94 8.36 -51.48 43.20
C LEU E 94 7.70 -50.36 42.41
N SER E 95 6.47 -50.01 42.77
CA SER E 95 5.75 -48.95 42.07
C SER E 95 4.35 -48.74 42.58
N GLU E 96 3.95 -47.49 42.69
CA GLU E 96 2.61 -47.18 43.14
C GLU E 96 1.63 -47.60 42.02
N ASP E 97 2.16 -47.68 40.80
CA ASP E 97 1.38 -48.10 39.64
C ASP E 97 1.51 -49.62 39.64
N CYS E 98 0.66 -50.26 40.44
CA CYS E 98 0.69 -51.71 40.60
C CYS E 98 -0.65 -52.43 40.48
N LEU E 99 -1.71 -51.72 40.12
CA LEU E 99 -3.02 -52.37 40.01
C LEU E 99 -3.19 -53.18 38.72
N TYR E 100 -2.54 -54.34 38.69
CA TYR E 100 -2.62 -55.25 37.56
C TYR E 100 -2.98 -56.67 37.98
N LEU E 101 -3.27 -57.51 37.00
CA LEU E 101 -3.59 -58.91 37.25
C LEU E 101 -2.95 -59.77 36.17
N ASN E 102 -2.75 -61.05 36.47
CA ASN E 102 -2.16 -61.96 35.51
C ASN E 102 -3.15 -63.07 35.24
N ILE E 103 -3.27 -63.46 33.99
CA ILE E 103 -4.19 -64.53 33.62
C ILE E 103 -3.47 -65.74 33.03
N TYR E 104 -3.96 -66.92 33.37
CA TYR E 104 -3.42 -68.17 32.86
C TYR E 104 -4.61 -69.02 32.44
N THR E 105 -4.91 -69.03 31.14
CA THR E 105 -6.05 -69.79 30.61
C THR E 105 -5.63 -70.96 29.74
N PRO E 106 -6.11 -72.16 30.07
CA PRO E 106 -5.79 -73.36 29.31
C PRO E 106 -6.70 -73.57 28.11
N ALA E 107 -7.76 -72.79 28.05
CA ALA E 107 -8.73 -72.90 26.96
C ALA E 107 -8.18 -72.52 25.60
N ASP E 108 -8.66 -73.22 24.58
CA ASP E 108 -8.26 -72.94 23.20
C ASP E 108 -9.00 -71.64 22.88
N LEU E 109 -8.25 -70.54 22.72
CA LEU E 109 -8.85 -69.25 22.46
C LEU E 109 -9.39 -69.09 21.04
N THR E 110 -9.24 -70.12 20.22
CA THR E 110 -9.74 -70.09 18.85
C THR E 110 -11.10 -70.76 18.81
N LYS E 111 -11.61 -71.10 19.99
CA LYS E 111 -12.92 -71.72 20.11
C LYS E 111 -13.64 -71.05 21.24
N LYS E 112 -14.88 -71.44 21.47
CA LYS E 112 -15.63 -70.85 22.56
C LYS E 112 -15.35 -71.72 23.76
N ASN E 113 -15.16 -71.09 24.92
CA ASN E 113 -14.90 -71.82 26.14
C ASN E 113 -15.34 -71.00 27.33
N ARG E 114 -16.02 -71.68 28.24
CA ARG E 114 -16.53 -71.04 29.45
C ARG E 114 -16.10 -71.87 30.65
N LEU E 115 -14.80 -71.84 30.94
CA LEU E 115 -14.22 -72.58 32.06
C LEU E 115 -14.37 -71.86 33.40
N PRO E 116 -14.35 -72.61 34.50
CA PRO E 116 -14.48 -71.96 35.80
C PRO E 116 -13.30 -71.01 36.04
N VAL E 117 -13.53 -69.95 36.82
CA VAL E 117 -12.48 -68.99 37.07
C VAL E 117 -12.04 -68.96 38.53
N MET E 118 -10.74 -69.04 38.73
CA MET E 118 -10.18 -68.99 40.07
C MET E 118 -9.28 -67.76 40.19
N VAL E 119 -9.72 -66.83 41.02
CA VAL E 119 -9.00 -65.60 41.26
C VAL E 119 -8.22 -65.70 42.56
N TRP E 120 -6.91 -65.62 42.46
CA TRP E 120 -6.01 -65.73 43.61
C TRP E 120 -5.61 -64.40 44.24
N ILE E 121 -5.76 -64.31 45.57
CA ILE E 121 -5.41 -63.11 46.32
C ILE E 121 -4.21 -63.44 47.22
N HIS E 122 -3.02 -62.99 46.82
CA HIS E 122 -1.82 -63.29 47.58
C HIS E 122 -1.85 -62.74 48.99
N GLY E 123 -1.06 -63.35 49.88
CA GLY E 123 -0.99 -62.88 51.25
C GLY E 123 0.26 -62.03 51.42
N GLY E 124 0.66 -61.76 52.65
CA GLY E 124 1.83 -60.93 52.89
C GLY E 124 1.57 -59.84 53.92
N GLY E 125 0.61 -60.12 54.81
CA GLY E 125 0.23 -59.21 55.87
C GLY E 125 -0.40 -57.88 55.47
N LEU E 126 -0.84 -57.78 54.22
CA LEU E 126 -1.42 -56.55 53.69
C LEU E 126 -0.30 -55.51 53.58
N MET E 127 0.93 -55.97 53.83
CA MET E 127 2.11 -55.13 53.79
C MET E 127 3.03 -55.42 52.60
N VAL E 128 3.08 -56.68 52.19
CA VAL E 128 3.94 -57.05 51.06
C VAL E 128 3.32 -58.22 50.28
N GLY E 129 4.06 -58.70 49.29
CA GLY E 129 3.57 -59.79 48.47
C GLY E 129 3.34 -59.28 47.06
N ALA E 130 3.19 -60.21 46.12
CA ALA E 130 2.96 -59.84 44.72
C ALA E 130 2.13 -60.93 44.04
N ALA E 131 1.59 -60.63 42.86
CA ALA E 131 0.80 -61.63 42.15
C ALA E 131 1.68 -62.56 41.35
N SER E 132 2.72 -61.99 40.75
CA SER E 132 3.67 -62.74 39.93
C SER E 132 4.41 -63.84 40.69
N THR E 133 4.22 -63.89 42.01
CA THR E 133 4.87 -64.92 42.81
C THR E 133 4.20 -66.26 42.57
N TYR E 134 2.97 -66.22 42.07
CA TYR E 134 2.22 -67.44 41.81
C TYR E 134 1.99 -67.69 40.33
N ASP E 135 2.65 -68.74 39.84
CA ASP E 135 2.56 -69.17 38.45
C ASP E 135 1.34 -70.08 38.35
N GLY E 136 0.32 -69.66 37.60
CA GLY E 136 -0.91 -70.43 37.46
C GLY E 136 -0.92 -71.54 36.43
N LEU E 137 0.13 -71.62 35.63
CA LEU E 137 0.24 -72.63 34.58
C LEU E 137 -0.23 -74.04 34.96
N ALA E 138 0.40 -74.64 35.96
CA ALA E 138 0.05 -76.00 36.36
C ALA E 138 -1.40 -76.22 36.77
N LEU E 139 -1.89 -75.38 37.68
CA LEU E 139 -3.27 -75.51 38.13
C LEU E 139 -4.25 -75.34 36.98
N ALA E 140 -3.93 -74.43 36.07
CA ALA E 140 -4.78 -74.13 34.92
C ALA E 140 -4.91 -75.34 33.98
N ALA E 141 -3.78 -75.85 33.52
CA ALA E 141 -3.77 -76.98 32.59
C ALA E 141 -4.27 -78.27 33.22
N HIS E 142 -3.81 -78.52 34.44
CA HIS E 142 -4.17 -79.74 35.16
C HIS E 142 -5.64 -79.89 35.53
N GLU E 143 -6.31 -78.78 35.81
CA GLU E 143 -7.71 -78.85 36.19
C GLU E 143 -8.62 -78.09 35.25
N ASN E 144 -8.06 -77.65 34.13
CA ASN E 144 -8.81 -76.94 33.10
C ASN E 144 -9.62 -75.79 33.67
N VAL E 145 -8.94 -74.91 34.41
CA VAL E 145 -9.59 -73.75 35.00
C VAL E 145 -8.76 -72.52 34.68
N VAL E 146 -9.40 -71.35 34.63
CA VAL E 146 -8.68 -70.11 34.35
C VAL E 146 -8.21 -69.54 35.68
N VAL E 147 -6.90 -69.39 35.82
CA VAL E 147 -6.34 -68.83 37.04
C VAL E 147 -5.98 -67.37 36.82
N VAL E 148 -6.43 -66.53 37.74
CA VAL E 148 -6.16 -65.09 37.68
C VAL E 148 -5.51 -64.73 39.00
N THR E 149 -4.34 -64.10 38.93
CA THR E 149 -3.66 -63.65 40.13
C THR E 149 -3.78 -62.13 40.11
N ILE E 150 -4.23 -61.56 41.22
CA ILE E 150 -4.45 -60.12 41.29
C ILE E 150 -3.59 -59.41 42.30
N GLN E 151 -3.35 -58.12 42.05
CA GLN E 151 -2.58 -57.32 42.97
C GLN E 151 -3.49 -56.24 43.50
N TYR E 152 -3.19 -55.75 44.70
CA TYR E 152 -3.97 -54.72 45.35
C TYR E 152 -3.02 -53.89 46.22
N ARG E 153 -3.35 -52.62 46.41
CA ARG E 153 -2.52 -51.73 47.22
C ARG E 153 -2.22 -52.26 48.63
N LEU E 154 -0.94 -52.23 48.99
CA LEU E 154 -0.49 -52.73 50.30
C LEU E 154 -0.05 -51.60 51.24
N GLY E 155 0.23 -51.97 52.48
CA GLY E 155 0.68 -51.01 53.47
C GLY E 155 -0.03 -49.68 53.55
N ILE E 156 0.74 -48.62 53.76
CA ILE E 156 0.20 -47.27 53.86
C ILE E 156 -0.70 -46.93 52.68
N TRP E 157 -0.25 -47.31 51.49
CA TRP E 157 -0.97 -47.07 50.25
C TRP E 157 -2.37 -47.69 50.25
N GLY E 158 -2.45 -48.94 50.66
CA GLY E 158 -3.72 -49.63 50.65
C GLY E 158 -4.53 -49.65 51.93
N PHE E 159 -3.97 -49.21 53.05
CA PHE E 159 -4.75 -49.26 54.28
C PHE E 159 -4.72 -48.09 55.25
N PHE E 160 -4.17 -46.96 54.83
CA PHE E 160 -4.11 -45.78 55.70
C PHE E 160 -5.54 -45.30 55.99
N SER E 161 -5.84 -45.03 57.26
CA SER E 161 -7.17 -44.57 57.61
C SER E 161 -7.21 -43.57 58.75
N THR E 162 -7.91 -42.46 58.53
CA THR E 162 -8.06 -41.43 59.56
C THR E 162 -9.30 -41.79 60.37
N GLY E 163 -9.97 -42.86 59.96
CA GLY E 163 -11.18 -43.30 60.63
C GLY E 163 -12.36 -42.41 60.32
N ASP E 164 -12.33 -41.71 59.19
CA ASP E 164 -13.43 -40.84 58.80
C ASP E 164 -13.50 -40.62 57.29
N GLU E 165 -14.42 -39.78 56.84
CA GLU E 165 -14.60 -39.55 55.42
C GLU E 165 -13.41 -39.04 54.65
N HIS E 166 -12.46 -38.40 55.31
CA HIS E 166 -11.30 -37.87 54.59
C HIS E 166 -10.37 -38.98 54.11
N SER E 167 -10.49 -40.16 54.72
CA SER E 167 -9.69 -41.31 54.34
C SER E 167 -10.19 -42.56 55.06
N ARG E 168 -11.36 -43.04 54.66
CA ARG E 168 -11.96 -44.22 55.26
C ARG E 168 -10.96 -45.38 55.40
N GLY E 169 -10.35 -45.76 54.28
CA GLY E 169 -9.40 -46.85 54.30
C GLY E 169 -9.88 -48.03 53.47
N ASN E 170 -9.21 -49.17 53.63
CA ASN E 170 -9.53 -50.39 52.90
C ASN E 170 -9.31 -50.31 51.40
N TRP E 171 -8.50 -49.36 50.96
CA TRP E 171 -8.24 -49.19 49.53
C TRP E 171 -7.83 -50.51 48.85
N GLY E 172 -6.97 -51.28 49.51
CA GLY E 172 -6.53 -52.55 48.95
C GLY E 172 -7.71 -53.50 48.74
N HIS E 173 -8.67 -53.48 49.65
CA HIS E 173 -9.83 -54.35 49.54
C HIS E 173 -10.76 -53.91 48.41
N LEU E 174 -10.80 -52.60 48.16
CA LEU E 174 -11.64 -52.07 47.10
C LEU E 174 -10.99 -52.38 45.75
N ASP E 175 -9.67 -52.49 45.74
CA ASP E 175 -8.98 -52.82 44.49
C ASP E 175 -9.32 -54.27 44.19
N GLN E 176 -9.36 -55.08 45.25
CA GLN E 176 -9.70 -56.49 45.11
C GLN E 176 -11.10 -56.56 44.52
N VAL E 177 -12.01 -55.77 45.04
CA VAL E 177 -13.37 -55.75 44.51
C VAL E 177 -13.34 -55.34 43.03
N ALA E 178 -12.58 -54.29 42.72
CA ALA E 178 -12.44 -53.78 41.36
C ALA E 178 -11.87 -54.84 40.40
N ALA E 179 -10.89 -55.60 40.87
CA ALA E 179 -10.30 -56.65 40.06
C ALA E 179 -11.35 -57.73 39.83
N LEU E 180 -12.21 -57.94 40.82
CA LEU E 180 -13.26 -58.95 40.69
C LEU E 180 -14.29 -58.53 39.64
N ARG E 181 -14.54 -57.22 39.57
CA ARG E 181 -15.50 -56.66 38.63
C ARG E 181 -14.95 -56.70 37.22
N TRP E 182 -13.65 -56.48 37.09
CA TRP E 182 -13.01 -56.51 35.79
C TRP E 182 -13.10 -57.93 35.24
N VAL E 183 -13.05 -58.91 36.14
CA VAL E 183 -13.15 -60.31 35.73
C VAL E 183 -14.54 -60.60 35.19
N GLN E 184 -15.57 -60.07 35.86
CA GLN E 184 -16.94 -60.29 35.42
C GLN E 184 -17.18 -59.68 34.04
N ASP E 185 -16.51 -58.56 33.77
CA ASP E 185 -16.67 -57.86 32.49
C ASP E 185 -15.76 -58.34 31.36
N ASN E 186 -14.67 -59.04 31.69
CA ASN E 186 -13.73 -59.45 30.65
C ASN E 186 -13.29 -60.90 30.60
N ILE E 187 -13.46 -61.61 31.69
CA ILE E 187 -12.99 -62.98 31.73
C ILE E 187 -13.44 -63.88 30.58
N ALA E 188 -14.62 -63.65 30.05
CA ALA E 188 -15.11 -64.48 28.94
C ALA E 188 -14.19 -64.40 27.72
N SER E 189 -13.45 -63.30 27.60
CA SER E 189 -12.54 -63.13 26.47
C SER E 189 -11.36 -64.07 26.59
N PHE E 190 -11.16 -64.60 27.80
CA PHE E 190 -10.06 -65.52 28.04
C PHE E 190 -10.50 -66.96 28.27
N GLY E 191 -11.72 -67.27 27.83
CA GLY E 191 -12.25 -68.62 27.97
C GLY E 191 -12.90 -68.91 29.30
N GLY E 192 -13.03 -67.87 30.13
CA GLY E 192 -13.63 -68.05 31.43
C GLY E 192 -15.13 -67.85 31.48
N ASN E 193 -15.76 -68.39 32.52
CA ASN E 193 -17.20 -68.26 32.71
C ASN E 193 -17.47 -67.29 33.84
N PRO E 194 -17.86 -66.05 33.51
CA PRO E 194 -18.13 -65.04 34.53
C PRO E 194 -19.19 -65.49 35.53
N GLY E 195 -19.91 -66.55 35.20
CA GLY E 195 -20.94 -67.04 36.11
C GLY E 195 -20.42 -68.03 37.13
N SER E 196 -19.10 -68.27 37.11
CA SER E 196 -18.48 -69.20 38.03
C SER E 196 -17.07 -68.71 38.39
N VAL E 197 -17.04 -67.73 39.30
CA VAL E 197 -15.81 -67.12 39.76
C VAL E 197 -15.56 -67.56 41.19
N THR E 198 -14.42 -68.18 41.43
CA THR E 198 -14.09 -68.62 42.78
C THR E 198 -12.91 -67.81 43.28
N ILE E 199 -13.07 -67.15 44.42
CA ILE E 199 -11.97 -66.39 44.99
C ILE E 199 -11.32 -67.25 46.05
N PHE E 200 -9.99 -67.22 46.08
CA PHE E 200 -9.22 -67.95 47.07
C PHE E 200 -7.89 -67.25 47.29
N GLY E 201 -7.32 -67.46 48.48
CA GLY E 201 -6.06 -66.83 48.84
C GLY E 201 -5.60 -67.30 50.19
N GLU E 202 -4.31 -67.13 50.49
CA GLU E 202 -3.79 -67.59 51.76
C GLU E 202 -3.26 -66.44 52.63
N SER E 203 -3.53 -66.52 53.94
CA SER E 203 -3.14 -65.51 54.91
C SER E 203 -4.00 -64.25 54.72
N ALA E 204 -3.34 -63.11 54.60
CA ALA E 204 -4.02 -61.83 54.42
C ALA E 204 -4.93 -62.05 53.24
N GLY E 205 -4.43 -62.84 52.28
CA GLY E 205 -5.21 -63.16 51.11
C GLY E 205 -6.43 -63.94 51.55
N GLY E 206 -6.22 -64.83 52.51
CA GLY E 206 -7.31 -65.62 53.02
C GLY E 206 -8.26 -64.69 53.76
N GLU E 207 -7.71 -63.82 54.59
CA GLU E 207 -8.53 -62.89 55.33
C GLU E 207 -9.30 -62.01 54.35
N SER E 208 -8.65 -61.60 53.27
CA SER E 208 -9.31 -60.76 52.27
C SER E 208 -10.53 -61.49 51.71
N VAL E 209 -10.35 -62.76 51.37
CA VAL E 209 -11.45 -63.59 50.86
C VAL E 209 -12.56 -63.57 51.91
N SER E 210 -12.15 -63.74 53.15
CA SER E 210 -13.08 -63.76 54.27
C SER E 210 -13.82 -62.42 54.39
N VAL E 211 -13.09 -61.32 54.22
CA VAL E 211 -13.69 -60.00 54.30
C VAL E 211 -14.67 -59.75 53.15
N LEU E 212 -14.31 -60.17 51.95
CA LEU E 212 -15.15 -59.99 50.79
C LEU E 212 -16.44 -60.80 50.92
N VAL E 213 -16.31 -61.96 51.57
CA VAL E 213 -17.45 -62.83 51.80
C VAL E 213 -18.47 -62.14 52.71
N LEU E 214 -18.01 -61.14 53.45
CA LEU E 214 -18.89 -60.41 54.36
C LEU E 214 -19.26 -59.04 53.83
N SER E 215 -18.68 -58.65 52.71
CA SER E 215 -18.94 -57.33 52.15
C SER E 215 -20.04 -57.24 51.10
N PRO E 216 -20.94 -56.24 51.26
CA PRO E 216 -22.04 -56.03 50.31
C PRO E 216 -21.53 -55.49 48.98
N LEU E 217 -20.26 -55.09 48.92
CA LEU E 217 -19.68 -54.58 47.69
C LEU E 217 -19.32 -55.69 46.72
N ALA E 218 -19.09 -56.89 47.23
CA ALA E 218 -18.75 -58.01 46.38
C ALA E 218 -19.94 -58.94 46.13
N LYS E 219 -21.11 -58.54 46.62
CA LYS E 219 -22.35 -59.32 46.48
C LYS E 219 -22.44 -60.31 45.32
N ASN E 220 -22.16 -59.89 44.10
CA ASN E 220 -22.25 -60.83 42.99
C ASN E 220 -21.05 -60.81 42.09
N LEU E 221 -19.86 -60.93 42.69
CA LEU E 221 -18.64 -60.90 41.92
C LEU E 221 -17.91 -62.24 41.99
N PHE E 222 -18.40 -63.12 42.85
CA PHE E 222 -17.82 -64.45 43.02
C PHE E 222 -18.88 -65.45 43.45
N HIS E 223 -18.63 -66.73 43.18
CA HIS E 223 -19.61 -67.78 43.50
C HIS E 223 -19.14 -68.88 44.45
N ARG E 224 -17.85 -68.89 44.78
CA ARG E 224 -17.28 -69.85 45.74
C ARG E 224 -16.09 -69.12 46.36
N ALA E 225 -15.82 -69.41 47.62
CA ALA E 225 -14.71 -68.77 48.32
C ALA E 225 -13.87 -69.82 49.05
N ILE E 226 -12.56 -69.56 49.11
CA ILE E 226 -11.63 -70.45 49.81
C ILE E 226 -10.63 -69.59 50.57
N SER E 227 -10.62 -69.72 51.89
CA SER E 227 -9.70 -68.97 52.74
C SER E 227 -8.66 -69.93 53.25
N GLU E 228 -7.43 -69.79 52.76
CA GLU E 228 -6.35 -70.65 53.19
C GLU E 228 -5.57 -69.97 54.31
N SER E 229 -5.63 -70.56 55.50
CA SER E 229 -4.92 -70.05 56.68
C SER E 229 -5.12 -68.55 56.97
N GLY E 230 -6.36 -68.14 57.18
CA GLY E 230 -6.60 -66.73 57.47
C GLY E 230 -8.02 -66.29 57.20
N VAL E 231 -8.68 -65.74 58.22
CA VAL E 231 -10.06 -65.29 58.10
C VAL E 231 -10.23 -63.89 58.68
N ALA E 232 -11.44 -63.34 58.56
CA ALA E 232 -11.72 -62.01 59.08
C ALA E 232 -11.73 -61.96 60.61
N LEU E 233 -11.53 -63.11 61.26
CA LEU E 233 -11.49 -63.14 62.73
C LEU E 233 -10.05 -63.23 63.22
N THR E 234 -9.11 -63.20 62.28
CA THR E 234 -7.69 -63.23 62.60
C THR E 234 -7.41 -61.76 62.94
N SER E 235 -7.85 -61.38 64.14
CA SER E 235 -7.74 -60.02 64.68
C SER E 235 -6.57 -59.15 64.23
N VAL E 236 -5.35 -59.66 64.29
CA VAL E 236 -4.19 -58.87 63.91
C VAL E 236 -4.38 -58.02 62.65
N LEU E 237 -5.02 -58.59 61.62
CA LEU E 237 -5.23 -57.88 60.35
C LEU E 237 -6.45 -56.95 60.33
N VAL E 238 -7.33 -57.08 61.31
CA VAL E 238 -8.51 -56.23 61.33
C VAL E 238 -8.47 -55.28 62.52
N LYS E 239 -8.51 -53.98 62.23
CA LYS E 239 -8.45 -52.95 63.26
C LYS E 239 -9.78 -52.64 63.92
N LYS E 240 -9.74 -52.48 65.24
CA LYS E 240 -10.92 -52.18 66.01
C LYS E 240 -10.70 -50.94 66.87
N GLY E 241 -11.75 -50.16 67.08
CA GLY E 241 -11.61 -48.97 67.91
C GLY E 241 -11.26 -47.71 67.13
N ASP E 242 -10.51 -46.82 67.77
CA ASP E 242 -10.09 -45.57 67.16
C ASP E 242 -8.81 -45.81 66.40
N VAL E 243 -8.81 -45.48 65.11
CA VAL E 243 -7.64 -45.69 64.28
C VAL E 243 -6.84 -44.40 64.15
N LYS E 244 -7.47 -43.30 64.55
CA LYS E 244 -6.89 -41.97 64.47
C LYS E 244 -5.43 -41.86 64.91
N PRO E 245 -5.09 -42.46 66.07
CA PRO E 245 -3.72 -42.43 66.60
C PRO E 245 -2.70 -42.99 65.63
N LEU E 246 -3.03 -44.12 65.02
CA LEU E 246 -2.11 -44.72 64.07
C LEU E 246 -1.91 -43.76 62.90
N ALA E 247 -2.97 -43.08 62.52
CA ALA E 247 -2.91 -42.12 61.41
C ALA E 247 -1.91 -41.02 61.73
N GLU E 248 -2.02 -40.49 62.93
CA GLU E 248 -1.14 -39.44 63.39
C GLU E 248 0.28 -39.94 63.55
N GLN E 249 0.44 -41.12 64.12
CA GLN E 249 1.76 -41.69 64.33
C GLN E 249 2.46 -41.82 62.98
N ILE E 250 1.67 -42.10 61.95
CA ILE E 250 2.21 -42.24 60.59
C ILE E 250 2.46 -40.86 59.98
N ALA E 251 1.47 -39.98 60.11
CA ALA E 251 1.59 -38.63 59.57
C ALA E 251 2.85 -37.95 60.10
N ILE E 252 3.10 -38.13 61.39
CA ILE E 252 4.27 -37.54 62.02
C ILE E 252 5.57 -38.17 61.53
N THR E 253 5.56 -39.48 61.29
CA THR E 253 6.76 -40.15 60.81
C THR E 253 7.13 -39.61 59.43
N ALA E 254 6.12 -39.35 58.61
CA ALA E 254 6.38 -38.85 57.27
C ALA E 254 6.72 -37.37 57.23
N GLY E 255 6.64 -36.71 58.38
CA GLY E 255 6.95 -35.28 58.44
C GLY E 255 5.76 -34.41 58.10
N CYS E 256 4.59 -34.83 58.54
CA CYS E 256 3.35 -34.10 58.28
C CYS E 256 2.75 -33.49 59.53
N LYS E 257 1.82 -32.57 59.32
CA LYS E 257 1.11 -31.94 60.43
C LYS E 257 -0.14 -32.79 60.69
N THR E 258 -0.64 -32.75 61.91
CA THR E 258 -1.83 -33.52 62.27
C THR E 258 -2.96 -32.61 62.69
N THR E 259 -2.89 -31.34 62.29
CA THR E 259 -3.91 -30.37 62.65
C THR E 259 -5.31 -30.95 62.55
N THR E 260 -5.59 -31.60 61.41
CA THR E 260 -6.89 -32.21 61.16
C THR E 260 -6.70 -33.41 60.21
N SER E 261 -7.72 -34.27 60.15
CA SER E 261 -7.64 -35.42 59.27
C SER E 261 -7.37 -35.03 57.82
N ALA E 262 -8.15 -34.09 57.29
CA ALA E 262 -7.96 -33.66 55.90
C ALA E 262 -6.55 -33.14 55.67
N VAL E 263 -5.97 -32.54 56.71
CA VAL E 263 -4.62 -32.01 56.59
C VAL E 263 -3.62 -33.15 56.47
N MET E 264 -3.82 -34.20 57.27
CA MET E 264 -2.92 -35.34 57.22
C MET E 264 -2.96 -35.97 55.84
N VAL E 265 -4.17 -36.26 55.38
CA VAL E 265 -4.34 -36.88 54.07
C VAL E 265 -3.77 -36.01 52.96
N HIS E 266 -4.01 -34.71 53.03
CA HIS E 266 -3.50 -33.81 51.99
C HIS E 266 -1.97 -33.88 51.95
N CYS E 267 -1.36 -33.86 53.13
CA CYS E 267 0.09 -33.90 53.22
C CYS E 267 0.67 -35.21 52.71
N LEU E 268 0.09 -36.32 53.14
CA LEU E 268 0.56 -37.64 52.73
C LEU E 268 0.32 -37.84 51.23
N ARG E 269 -0.72 -37.20 50.69
CA ARG E 269 -1.01 -37.30 49.27
C ARG E 269 0.09 -36.63 48.47
N GLN E 270 0.85 -35.76 49.13
CA GLN E 270 1.92 -35.03 48.49
C GLN E 270 3.32 -35.58 48.73
N LYS E 271 3.44 -36.63 49.54
CA LYS E 271 4.73 -37.23 49.81
C LYS E 271 5.09 -38.12 48.62
N THR E 272 6.37 -38.20 48.28
CA THR E 272 6.80 -39.05 47.18
C THR E 272 6.77 -40.52 47.59
N GLU E 273 6.76 -41.41 46.59
CA GLU E 273 6.74 -42.83 46.86
C GLU E 273 7.88 -43.26 47.76
N GLU E 274 9.07 -42.70 47.53
CA GLU E 274 10.24 -43.03 48.33
C GLU E 274 10.06 -42.56 49.76
N GLU E 275 9.51 -41.35 49.92
CA GLU E 275 9.29 -40.81 51.26
C GLU E 275 8.39 -41.75 52.04
N LEU E 276 7.33 -42.24 51.41
CA LEU E 276 6.40 -43.15 52.07
C LEU E 276 7.05 -44.51 52.29
N LEU E 277 7.91 -44.93 51.38
CA LEU E 277 8.59 -46.20 51.57
C LEU E 277 9.47 -46.05 52.80
N GLU E 278 10.16 -44.92 52.90
CA GLU E 278 11.02 -44.66 54.05
C GLU E 278 10.20 -44.61 55.34
N THR E 279 9.04 -43.97 55.28
CA THR E 279 8.18 -43.88 56.45
C THR E 279 7.80 -45.29 56.88
N THR E 280 7.47 -46.13 55.88
CA THR E 280 7.09 -47.52 56.09
C THR E 280 8.16 -48.30 56.83
N LEU E 281 9.40 -48.19 56.35
CA LEU E 281 10.52 -48.89 56.98
C LEU E 281 10.77 -48.44 58.42
N LYS E 282 10.64 -47.13 58.67
CA LYS E 282 10.85 -46.60 60.02
C LYS E 282 9.79 -47.11 60.96
N MET E 283 8.57 -47.26 60.45
CA MET E 283 7.44 -47.75 61.24
C MET E 283 7.67 -49.19 61.71
N LYS E 284 8.65 -49.85 61.11
CA LYS E 284 9.03 -51.22 61.45
C LYS E 284 7.86 -52.17 61.66
N PHE E 285 6.99 -52.28 60.65
CA PHE E 285 5.84 -53.19 60.72
C PHE E 285 6.37 -54.61 60.50
N LEU E 286 5.54 -55.61 60.79
CA LEU E 286 5.94 -57.01 60.59
C LEU E 286 7.12 -57.46 61.47
N SER E 287 7.54 -56.60 62.40
CA SER E 287 8.64 -56.92 63.31
C SER E 287 8.14 -56.90 64.74
N LEU E 288 8.82 -57.63 65.62
CA LEU E 288 8.40 -57.68 67.01
C LEU E 288 9.27 -56.81 67.91
N ASP E 289 8.61 -55.93 68.67
CA ASP E 289 9.27 -55.02 69.60
C ASP E 289 9.33 -55.72 70.95
N LEU E 290 10.54 -55.97 71.44
CA LEU E 290 10.72 -56.63 72.71
C LEU E 290 10.89 -55.65 73.86
N GLN E 291 11.01 -54.36 73.53
CA GLN E 291 11.19 -53.32 74.55
C GLN E 291 9.92 -52.53 74.86
N GLY E 292 9.79 -52.10 76.11
CA GLY E 292 8.63 -51.32 76.52
C GLY E 292 7.31 -52.06 76.57
N ASP E 293 6.23 -51.29 76.61
CA ASP E 293 4.88 -51.84 76.69
C ASP E 293 4.44 -52.46 75.36
N PRO E 294 3.96 -53.72 75.41
CA PRO E 294 3.51 -54.45 74.22
C PRO E 294 2.29 -53.84 73.54
N ARG E 295 1.41 -53.24 74.33
CA ARG E 295 0.18 -52.63 73.80
C ARG E 295 0.42 -51.35 72.99
N GLU E 296 1.43 -50.57 73.38
CA GLU E 296 1.74 -49.32 72.71
C GLU E 296 2.64 -49.50 71.49
N SER E 297 2.46 -50.60 70.76
CA SER E 297 3.27 -50.84 69.58
C SER E 297 2.42 -51.23 68.38
N GLN E 298 1.71 -50.27 67.81
CA GLN E 298 0.87 -50.54 66.65
C GLN E 298 1.70 -51.25 65.60
N PRO E 299 1.41 -52.55 65.38
CA PRO E 299 2.10 -53.42 64.42
C PRO E 299 1.67 -53.32 62.96
N LEU E 300 0.36 -53.37 62.71
CA LEU E 300 -0.13 -53.33 61.34
C LEU E 300 -1.06 -52.23 60.91
N LEU E 301 -1.25 -52.19 59.59
CA LEU E 301 -2.13 -51.27 58.91
C LEU E 301 -3.05 -52.24 58.19
N GLY E 302 -4.15 -52.61 58.84
CA GLY E 302 -5.04 -53.56 58.20
C GLY E 302 -6.43 -53.09 57.86
N THR E 303 -7.34 -54.05 57.85
CA THR E 303 -8.75 -53.82 57.54
C THR E 303 -9.40 -53.03 58.65
N VAL E 304 -10.25 -52.06 58.30
CA VAL E 304 -10.96 -51.27 59.29
C VAL E 304 -12.43 -51.30 58.97
N ILE E 305 -13.27 -50.83 59.89
CA ILE E 305 -14.70 -50.79 59.65
C ILE E 305 -14.96 -49.39 59.09
N ASP E 306 -14.89 -49.29 57.77
CA ASP E 306 -15.05 -48.04 57.03
C ASP E 306 -16.47 -47.56 56.82
N GLY E 307 -17.43 -48.48 56.77
CA GLY E 307 -18.80 -48.08 56.55
C GLY E 307 -19.21 -48.25 55.09
N MET E 308 -18.24 -48.59 54.24
CA MET E 308 -18.49 -48.82 52.82
C MET E 308 -18.30 -50.31 52.54
N LEU E 309 -17.07 -50.78 52.79
CA LEU E 309 -16.73 -52.19 52.58
C LEU E 309 -17.39 -53.04 53.63
N LEU E 310 -17.07 -52.74 54.89
CA LEU E 310 -17.62 -53.46 56.03
C LEU E 310 -18.43 -52.49 56.88
N LEU E 311 -19.74 -52.72 56.97
CA LEU E 311 -20.63 -51.85 57.74
C LEU E 311 -20.51 -52.08 59.24
N LYS E 312 -20.05 -53.28 59.61
CA LYS E 312 -19.90 -53.63 61.02
C LYS E 312 -18.65 -54.46 61.16
N THR E 313 -18.42 -54.98 62.37
CA THR E 313 -17.25 -55.82 62.58
C THR E 313 -17.54 -57.21 62.05
N PRO E 314 -16.50 -57.93 61.64
CA PRO E 314 -16.69 -59.28 61.12
C PRO E 314 -17.57 -60.11 62.04
N GLU E 315 -17.24 -60.09 63.33
CA GLU E 315 -17.97 -60.84 64.34
C GLU E 315 -19.46 -60.52 64.32
N GLU E 316 -19.78 -59.26 64.05
CA GLU E 316 -21.17 -58.82 64.01
C GLU E 316 -21.88 -59.14 62.70
N LEU E 317 -21.12 -59.22 61.62
CA LEU E 317 -21.67 -59.52 60.29
C LEU E 317 -22.04 -60.99 60.13
N GLN E 318 -21.31 -61.88 60.78
CA GLN E 318 -21.58 -63.31 60.69
C GLN E 318 -22.80 -63.64 61.53
N ALA E 319 -22.99 -62.88 62.61
CA ALA E 319 -24.11 -63.07 63.52
C ALA E 319 -25.41 -62.77 62.78
N GLU E 320 -25.41 -61.70 62.00
CA GLU E 320 -26.60 -61.32 61.26
C GLU E 320 -26.93 -62.38 60.22
N ARG E 321 -25.95 -63.23 59.91
CA ARG E 321 -26.14 -64.24 58.89
C ARG E 321 -26.69 -63.45 57.71
N ASN E 322 -26.26 -62.19 57.64
CA ASN E 322 -26.69 -61.27 56.60
C ASN E 322 -25.68 -61.03 55.49
N PHE E 323 -25.38 -62.09 54.77
CA PHE E 323 -24.47 -62.05 53.63
C PHE E 323 -25.00 -63.15 52.72
N HIS E 324 -25.32 -62.79 51.47
CA HIS E 324 -25.79 -63.83 50.56
C HIS E 324 -24.58 -64.69 50.35
N THR E 325 -24.65 -65.96 50.71
CA THR E 325 -23.48 -66.76 50.53
C THR E 325 -23.44 -67.89 49.55
N VAL E 326 -22.20 -68.17 49.19
CA VAL E 326 -21.81 -69.18 48.25
C VAL E 326 -21.13 -70.26 49.07
N PRO E 327 -20.75 -71.38 48.43
CA PRO E 327 -20.10 -72.40 49.25
C PRO E 327 -18.78 -71.77 49.69
N TYR E 328 -18.41 -71.97 50.95
CA TYR E 328 -17.20 -71.38 51.48
C TYR E 328 -16.35 -72.46 52.13
N MET E 329 -15.10 -72.58 51.68
CA MET E 329 -14.16 -73.57 52.23
C MET E 329 -13.08 -72.89 53.05
N VAL E 330 -13.02 -73.23 54.33
CA VAL E 330 -12.03 -72.65 55.24
C VAL E 330 -11.07 -73.69 55.76
N GLY E 331 -9.77 -73.43 55.66
CA GLY E 331 -8.79 -74.38 56.12
C GLY E 331 -7.56 -73.78 56.79
N ILE E 332 -6.84 -74.64 57.52
CA ILE E 332 -5.62 -74.24 58.23
C ILE E 332 -4.56 -75.32 58.05
N ASN E 333 -3.35 -75.05 58.55
CA ASN E 333 -2.26 -76.01 58.45
C ASN E 333 -1.90 -76.52 59.82
N LYS E 334 -1.32 -77.72 59.86
CA LYS E 334 -0.93 -78.39 61.10
C LYS E 334 -0.14 -77.51 62.06
N GLN E 335 0.93 -76.90 61.57
CA GLN E 335 1.76 -76.02 62.39
C GLN E 335 1.85 -74.61 61.81
N GLU E 336 0.75 -73.86 61.89
CA GLU E 336 0.68 -72.50 61.35
C GLU E 336 1.75 -71.54 61.84
N PHE E 337 2.16 -71.67 63.11
CA PHE E 337 3.19 -70.79 63.63
C PHE E 337 4.47 -71.62 63.71
N GLY E 338 4.52 -72.64 62.85
CA GLY E 338 5.64 -73.55 62.79
C GLY E 338 7.00 -72.89 62.71
N TRP E 339 7.37 -72.40 61.54
CA TRP E 339 8.67 -71.78 61.34
C TRP E 339 8.65 -70.42 60.60
N LEU E 340 7.90 -70.37 59.50
CA LEU E 340 7.81 -69.17 58.66
C LEU E 340 7.48 -67.83 59.30
N ILE E 341 6.27 -67.70 59.84
CA ILE E 341 5.86 -66.44 60.45
C ILE E 341 6.82 -65.95 61.51
N PRO E 342 7.13 -66.79 62.51
CA PRO E 342 8.06 -66.37 63.56
C PRO E 342 9.46 -65.98 63.06
N MET E 343 9.97 -66.72 62.08
CA MET E 343 11.29 -66.43 61.53
C MET E 343 11.31 -65.07 60.86
N LEU E 344 10.19 -64.72 60.21
CA LEU E 344 10.06 -63.46 59.52
C LEU E 344 9.78 -62.27 60.43
N MET E 345 9.33 -62.56 61.65
CA MET E 345 9.06 -61.49 62.60
C MET E 345 10.21 -61.39 63.60
N SER E 346 11.25 -62.18 63.34
CA SER E 346 12.44 -62.20 64.19
C SER E 346 12.10 -62.46 65.65
N TYR E 347 11.65 -63.67 65.95
CA TYR E 347 11.29 -64.04 67.31
C TYR E 347 12.50 -64.47 68.14
N PRO E 348 12.45 -64.22 69.46
CA PRO E 348 13.55 -64.59 70.36
C PRO E 348 13.49 -66.02 70.88
N LEU E 349 13.41 -67.00 69.99
CA LEU E 349 13.37 -68.39 70.41
C LEU E 349 14.61 -69.14 69.92
N SER E 350 15.73 -68.42 69.85
CA SER E 350 16.97 -69.02 69.39
C SER E 350 17.38 -70.16 70.32
N GLU E 351 17.02 -70.02 71.59
CA GLU E 351 17.33 -71.04 72.60
C GLU E 351 16.81 -72.42 72.23
N GLY E 352 15.75 -72.46 71.42
CA GLY E 352 15.16 -73.73 71.03
C GLY E 352 14.39 -74.34 72.17
N GLN E 353 14.47 -73.70 73.33
CA GLN E 353 13.76 -74.17 74.52
C GLN E 353 13.05 -72.98 75.16
N LEU E 354 11.97 -73.27 75.88
CA LEU E 354 11.19 -72.21 76.52
C LEU E 354 10.67 -72.67 77.87
N ASP E 355 10.82 -71.81 78.87
CA ASP E 355 10.36 -72.11 80.22
C ASP E 355 9.04 -71.39 80.49
N GLN E 356 8.30 -71.88 81.47
CA GLN E 356 7.01 -71.33 81.86
C GLN E 356 6.97 -69.80 81.99
N LYS E 357 8.02 -69.20 82.56
CA LYS E 357 8.05 -67.75 82.75
C LYS E 357 8.32 -66.96 81.47
N THR E 358 9.33 -67.36 80.71
CA THR E 358 9.66 -66.66 79.48
C THR E 358 8.48 -66.72 78.52
N ALA E 359 7.71 -67.79 78.60
CA ALA E 359 6.55 -67.97 77.74
C ALA E 359 5.55 -66.85 77.98
N MET E 360 5.18 -66.64 79.23
CA MET E 360 4.24 -65.59 79.57
C MET E 360 4.83 -64.24 79.19
N SER E 361 6.12 -64.07 79.45
CA SER E 361 6.80 -62.82 79.12
C SER E 361 6.71 -62.59 77.62
N LEU E 362 7.02 -63.63 76.86
CA LEU E 362 6.99 -63.55 75.41
C LEU E 362 5.57 -63.35 74.91
N LEU E 363 4.65 -64.21 75.35
CA LEU E 363 3.25 -64.12 74.94
C LEU E 363 2.73 -62.70 75.14
N TRP E 364 3.15 -62.08 76.24
CA TRP E 364 2.76 -60.71 76.56
C TRP E 364 3.30 -59.78 75.45
N LYS E 365 4.59 -59.93 75.15
CA LYS E 365 5.22 -59.13 74.11
C LYS E 365 4.61 -59.44 72.74
N SER E 366 3.74 -60.44 72.69
CA SER E 366 3.10 -60.86 71.46
C SER E 366 1.69 -60.31 71.31
N TYR E 367 1.29 -59.45 72.23
CA TYR E 367 -0.05 -58.86 72.22
C TYR E 367 -0.45 -58.38 70.82
N PRO E 368 0.50 -57.82 70.07
CA PRO E 368 0.21 -57.33 68.71
C PRO E 368 -0.38 -58.40 67.80
N LEU E 369 0.07 -59.64 67.97
CA LEU E 369 -0.39 -60.77 67.15
C LEU E 369 -1.60 -61.51 67.73
N VAL E 370 -1.51 -61.88 69.00
CA VAL E 370 -2.59 -62.62 69.66
C VAL E 370 -3.61 -61.74 70.36
N CYS E 371 -3.18 -60.57 70.83
CA CYS E 371 -4.08 -59.64 71.52
C CYS E 371 -4.71 -60.29 72.76
N ILE E 372 -3.87 -60.81 73.66
CA ILE E 372 -4.34 -61.45 74.88
C ILE E 372 -4.09 -60.58 76.11
N ALA E 373 -5.14 -60.28 76.86
CA ALA E 373 -5.02 -59.46 78.06
C ALA E 373 -4.00 -60.05 79.03
N LYS E 374 -3.04 -59.23 79.41
CA LYS E 374 -1.97 -59.62 80.32
C LYS E 374 -2.44 -60.52 81.47
N GLU E 375 -3.72 -60.41 81.82
CA GLU E 375 -4.28 -61.20 82.90
C GLU E 375 -4.45 -62.67 82.51
N LEU E 376 -4.97 -62.88 81.31
CA LEU E 376 -5.20 -64.23 80.80
C LEU E 376 -3.91 -64.95 80.42
N ILE E 377 -2.82 -64.19 80.31
CA ILE E 377 -1.52 -64.75 79.95
C ILE E 377 -1.20 -66.05 80.71
N PRO E 378 -1.22 -66.00 82.04
CA PRO E 378 -0.92 -67.22 82.80
C PRO E 378 -1.85 -68.39 82.47
N GLU E 379 -3.15 -68.13 82.43
CA GLU E 379 -4.13 -69.17 82.12
C GLU E 379 -3.79 -69.87 80.82
N ALA E 380 -3.54 -69.08 79.78
CA ALA E 380 -3.19 -69.61 78.47
C ALA E 380 -1.89 -70.39 78.53
N THR E 381 -0.85 -69.75 79.04
CA THR E 381 0.47 -70.37 79.16
C THR E 381 0.38 -71.69 79.90
N GLU E 382 -0.25 -71.66 81.07
CA GLU E 382 -0.42 -72.87 81.87
C GLU E 382 -1.12 -73.94 81.06
N LYS E 383 -2.29 -73.59 80.54
CA LYS E 383 -3.08 -74.52 79.74
C LYS E 383 -2.30 -75.27 78.68
N TYR E 384 -1.41 -74.58 77.98
CA TYR E 384 -0.64 -75.22 76.91
C TYR E 384 0.69 -75.86 77.33
N LEU E 385 1.43 -75.20 78.22
CA LEU E 385 2.74 -75.72 78.63
C LEU E 385 2.79 -76.37 80.01
N GLY E 386 1.80 -76.07 80.84
CA GLY E 386 1.77 -76.62 82.18
C GLY E 386 1.73 -78.14 82.26
N GLY E 387 1.31 -78.78 81.17
CA GLY E 387 1.24 -80.24 81.16
C GLY E 387 2.55 -80.97 80.93
N THR E 388 3.65 -80.23 80.85
CA THR E 388 4.96 -80.84 80.64
C THR E 388 6.06 -80.01 81.28
N ASP E 389 7.11 -80.69 81.74
CA ASP E 389 8.24 -80.02 82.36
C ASP E 389 9.34 -79.78 81.33
N ASP E 390 9.26 -80.51 80.22
CA ASP E 390 10.22 -80.39 79.13
C ASP E 390 10.15 -78.96 78.59
N THR E 391 11.24 -78.21 78.69
CA THR E 391 11.26 -76.84 78.19
C THR E 391 11.33 -76.80 76.67
N VAL E 392 11.52 -77.97 76.05
CA VAL E 392 11.57 -78.05 74.60
C VAL E 392 10.15 -78.17 74.08
N LYS E 393 9.39 -79.11 74.67
CA LYS E 393 8.00 -79.33 74.29
C LYS E 393 7.19 -78.07 74.55
N LYS E 394 7.52 -77.38 75.64
CA LYS E 394 6.84 -76.14 75.99
C LYS E 394 7.00 -75.17 74.83
N LYS E 395 8.22 -75.10 74.30
CA LYS E 395 8.54 -74.22 73.19
C LYS E 395 7.76 -74.58 71.91
N ASP E 396 7.15 -75.77 71.89
CA ASP E 396 6.37 -76.18 70.74
C ASP E 396 4.89 -76.01 71.03
N LEU E 397 4.51 -76.29 72.26
CA LEU E 397 3.13 -76.13 72.68
C LEU E 397 2.84 -74.64 72.62
N PHE E 398 3.90 -73.86 72.77
CA PHE E 398 3.82 -72.41 72.71
C PHE E 398 3.44 -72.01 71.27
N LEU E 399 4.10 -72.64 70.31
CA LEU E 399 3.85 -72.37 68.91
C LEU E 399 2.41 -72.80 68.57
N ASP E 400 1.98 -73.94 69.09
CA ASP E 400 0.62 -74.40 68.84
C ASP E 400 -0.35 -73.39 69.47
N LEU E 401 0.15 -72.69 70.48
CA LEU E 401 -0.63 -71.68 71.19
C LEU E 401 -0.89 -70.47 70.31
N ILE E 402 0.16 -69.95 69.68
CA ILE E 402 0.01 -68.80 68.81
C ILE E 402 -0.84 -69.15 67.61
N ALA E 403 -0.54 -70.29 67.00
CA ALA E 403 -1.26 -70.76 65.83
C ALA E 403 -2.76 -70.82 66.06
N ASP E 404 -3.18 -71.36 67.19
CA ASP E 404 -4.60 -71.46 67.46
C ASP E 404 -5.30 -70.12 67.65
N VAL E 405 -4.60 -69.15 68.23
CA VAL E 405 -5.18 -67.83 68.46
C VAL E 405 -5.27 -67.06 67.14
N MET E 406 -4.29 -67.28 66.27
CA MET E 406 -4.26 -66.57 65.00
C MET E 406 -5.01 -67.26 63.87
N PHE E 407 -4.99 -68.59 63.83
CA PHE E 407 -5.66 -69.28 62.74
C PHE E 407 -6.67 -70.35 63.11
N GLY E 408 -6.20 -71.40 63.79
CA GLY E 408 -7.07 -72.50 64.18
C GLY E 408 -8.43 -72.10 64.70
N VAL E 409 -8.46 -71.47 65.87
CA VAL E 409 -9.72 -71.05 66.47
C VAL E 409 -10.51 -70.09 65.58
N PRO E 410 -9.89 -68.97 65.15
CA PRO E 410 -10.61 -68.02 64.29
C PRO E 410 -11.31 -68.73 63.13
N SER E 411 -10.56 -69.57 62.41
CA SER E 411 -11.09 -70.30 61.28
C SER E 411 -12.32 -71.18 61.56
N VAL E 412 -12.23 -72.03 62.59
CA VAL E 412 -13.34 -72.90 62.93
C VAL E 412 -14.59 -72.11 63.28
N ILE E 413 -14.42 -71.03 64.05
CA ILE E 413 -15.58 -70.22 64.39
C ILE E 413 -16.23 -69.73 63.08
N VAL E 414 -15.42 -69.12 62.22
CA VAL E 414 -15.87 -68.60 60.94
C VAL E 414 -16.62 -69.66 60.15
N ALA E 415 -16.10 -70.89 60.16
CA ALA E 415 -16.73 -71.99 59.43
C ALA E 415 -18.09 -72.33 60.03
N ARG E 416 -18.14 -72.43 61.36
CA ARG E 416 -19.38 -72.77 62.07
C ARG E 416 -20.48 -71.76 61.79
N ASN E 417 -20.14 -70.47 61.88
CA ASN E 417 -21.11 -69.42 61.64
C ASN E 417 -21.65 -69.49 60.22
N HIS E 418 -20.74 -69.72 59.27
CA HIS E 418 -21.13 -69.82 57.88
C HIS E 418 -22.06 -71.02 57.74
N ARG E 419 -21.72 -72.11 58.44
CA ARG E 419 -22.52 -73.32 58.41
C ARG E 419 -23.93 -73.00 58.90
N ASP E 420 -24.02 -72.40 60.08
CA ASP E 420 -25.29 -72.05 60.68
C ASP E 420 -26.10 -71.11 59.80
N ALA E 421 -25.42 -70.29 58.99
CA ALA E 421 -26.11 -69.37 58.10
C ALA E 421 -26.77 -70.14 56.95
N GLY E 422 -26.64 -71.46 57.00
CA GLY E 422 -27.24 -72.30 55.98
C GLY E 422 -26.53 -72.32 54.65
N ALA E 423 -25.21 -72.15 54.68
CA ALA E 423 -24.44 -72.16 53.45
C ALA E 423 -23.46 -73.32 53.47
N PRO E 424 -23.21 -73.93 52.30
CA PRO E 424 -22.28 -75.06 52.21
C PRO E 424 -20.92 -74.67 52.81
N THR E 425 -20.39 -75.54 53.66
CA THR E 425 -19.11 -75.24 54.27
C THR E 425 -18.21 -76.47 54.25
N TYR E 426 -16.91 -76.23 54.06
CA TYR E 426 -15.92 -77.29 54.01
C TYR E 426 -14.66 -76.84 54.72
N MET E 427 -14.09 -77.72 55.54
CA MET E 427 -12.85 -77.40 56.24
C MET E 427 -11.84 -78.48 55.97
N TYR E 428 -10.58 -78.15 56.23
CA TYR E 428 -9.50 -79.10 56.03
C TYR E 428 -8.31 -78.70 56.87
N GLU E 429 -7.45 -79.67 57.15
CA GLU E 429 -6.24 -79.40 57.89
C GLU E 429 -5.12 -79.99 57.05
N PHE E 430 -4.31 -79.13 56.46
CA PHE E 430 -3.21 -79.58 55.63
C PHE E 430 -2.06 -79.99 56.52
N GLN E 431 -1.62 -81.23 56.36
CA GLN E 431 -0.53 -81.78 57.16
C GLN E 431 0.51 -82.47 56.30
N TYR E 432 1.49 -81.71 55.84
CA TYR E 432 2.55 -82.24 54.98
C TYR E 432 3.75 -81.29 54.98
N ARG E 433 4.92 -81.81 54.56
CA ARG E 433 6.14 -81.01 54.49
C ARG E 433 6.68 -80.97 53.08
N PRO E 434 6.34 -79.93 52.31
CA PRO E 434 6.84 -79.85 50.93
C PRO E 434 8.36 -79.98 50.86
N SER E 435 8.85 -80.63 49.83
CA SER E 435 10.28 -80.82 49.65
C SER E 435 10.93 -79.51 49.21
N PHE E 436 10.10 -78.53 48.86
CA PHE E 436 10.57 -77.24 48.40
C PHE E 436 10.76 -76.28 49.58
N SER E 437 10.62 -76.82 50.80
CA SER E 437 10.78 -76.03 52.02
C SER E 437 12.17 -75.43 52.09
N SER E 438 12.28 -74.32 52.82
CA SER E 438 13.56 -73.64 52.99
C SER E 438 14.54 -74.56 53.72
N ASP E 439 15.83 -74.35 53.46
CA ASP E 439 16.91 -75.14 54.05
C ASP E 439 17.12 -74.81 55.52
N MET E 440 16.72 -73.60 55.92
CA MET E 440 16.86 -73.13 57.29
C MET E 440 15.63 -73.45 58.13
N LYS E 441 14.82 -74.38 57.64
CA LYS E 441 13.59 -74.79 58.31
C LYS E 441 13.74 -76.20 58.87
N PRO E 442 13.73 -76.32 60.20
CA PRO E 442 13.86 -77.59 60.94
C PRO E 442 12.99 -78.73 60.43
N LYS E 443 13.65 -79.75 59.90
CA LYS E 443 13.01 -80.93 59.33
C LYS E 443 11.80 -81.51 60.07
N THR E 444 11.55 -81.06 61.30
CA THR E 444 10.42 -81.58 62.07
C THR E 444 9.14 -80.75 61.91
N VAL E 445 9.23 -79.69 61.12
CA VAL E 445 8.09 -78.81 60.89
C VAL E 445 7.25 -79.38 59.73
N ILE E 446 6.01 -79.73 60.04
CA ILE E 446 5.10 -80.29 59.05
C ILE E 446 3.83 -79.47 59.04
N GLY E 447 3.44 -78.99 57.86
CA GLY E 447 2.25 -78.19 57.75
C GLY E 447 2.51 -76.80 58.27
N ASP E 448 3.66 -76.24 57.88
CA ASP E 448 4.02 -74.88 58.29
C ASP E 448 3.18 -73.89 57.51
N HIS E 449 3.10 -72.68 58.02
CA HIS E 449 2.33 -71.64 57.37
C HIS E 449 2.79 -71.52 55.92
N GLY E 450 1.85 -71.69 54.99
CA GLY E 450 2.16 -71.59 53.57
C GLY E 450 2.54 -72.89 52.87
N ASP E 451 2.52 -74.01 53.58
CA ASP E 451 2.89 -75.28 52.97
C ASP E 451 1.92 -75.87 51.95
N GLU E 452 0.65 -75.48 52.02
CA GLU E 452 -0.33 -76.00 51.06
C GLU E 452 -0.21 -75.31 49.71
N LEU E 453 0.40 -74.13 49.69
CA LEU E 453 0.58 -73.38 48.46
C LEU E 453 1.27 -74.18 47.36
N PHE E 454 2.22 -75.02 47.74
CA PHE E 454 2.94 -75.85 46.77
C PHE E 454 2.08 -76.95 46.17
N SER E 455 1.05 -77.36 46.89
CA SER E 455 0.15 -78.40 46.40
C SER E 455 -0.92 -77.74 45.52
N VAL E 456 -1.54 -76.68 46.05
CA VAL E 456 -2.58 -75.95 45.34
C VAL E 456 -2.10 -75.40 44.01
N PHE E 457 -0.89 -74.85 43.97
CA PHE E 457 -0.38 -74.29 42.72
C PHE E 457 0.49 -75.22 41.88
N GLY E 458 0.40 -76.52 42.15
CA GLY E 458 1.17 -77.50 41.40
C GLY E 458 2.67 -77.33 41.32
N ALA E 459 3.32 -77.03 42.44
CA ALA E 459 4.76 -76.85 42.46
C ALA E 459 5.48 -78.09 41.90
N PRO E 460 5.00 -79.30 42.26
CA PRO E 460 5.62 -80.52 41.77
C PRO E 460 5.71 -80.65 40.25
N PHE E 461 5.19 -79.69 39.52
CA PHE E 461 5.26 -79.75 38.05
C PHE E 461 6.05 -78.60 37.42
N LEU E 462 6.55 -77.68 38.26
CA LEU E 462 7.34 -76.55 37.79
C LEU E 462 8.72 -76.65 38.44
N LYS E 463 8.75 -76.90 39.74
CA LYS E 463 10.00 -77.04 40.44
C LYS E 463 10.48 -78.46 40.16
N GLU E 464 11.72 -78.76 40.51
CA GLU E 464 12.29 -80.08 40.26
C GLU E 464 12.42 -80.98 41.48
N GLY E 465 12.48 -82.28 41.23
CA GLY E 465 12.67 -83.26 42.28
C GLY E 465 11.52 -83.66 43.20
N ALA E 466 10.28 -83.51 42.75
CA ALA E 466 9.17 -83.89 43.60
C ALA E 466 8.99 -85.40 43.48
N SER E 467 8.78 -86.06 44.63
CA SER E 467 8.58 -87.50 44.65
C SER E 467 7.16 -87.80 44.17
N GLU E 468 6.87 -89.06 43.89
CA GLU E 468 5.53 -89.43 43.42
C GLU E 468 4.45 -89.10 44.45
N GLU E 469 4.79 -89.21 45.73
CA GLU E 469 3.85 -88.92 46.79
C GLU E 469 3.48 -87.43 46.79
N GLU E 470 4.51 -86.60 46.66
CA GLU E 470 4.30 -85.15 46.65
C GLU E 470 3.47 -84.79 45.43
N ILE E 471 3.85 -85.36 44.30
CA ILE E 471 3.16 -85.15 43.04
C ILE E 471 1.68 -85.51 43.16
N ARG E 472 1.40 -86.71 43.67
CA ARG E 472 0.03 -87.17 43.86
C ARG E 472 -0.71 -86.23 44.79
N LEU E 473 -0.06 -85.78 45.86
CA LEU E 473 -0.68 -84.86 46.80
C LEU E 473 -1.14 -83.59 46.10
N SER E 474 -0.31 -83.10 45.17
CA SER E 474 -0.63 -81.90 44.42
C SER E 474 -1.81 -82.15 43.50
N LYS E 475 -1.81 -83.31 42.85
CA LYS E 475 -2.89 -83.67 41.93
C LYS E 475 -4.24 -83.70 42.62
N MET E 476 -4.28 -84.36 43.79
CA MET E 476 -5.50 -84.48 44.57
C MET E 476 -5.99 -83.12 45.07
N VAL E 477 -5.08 -82.29 45.56
CA VAL E 477 -5.47 -80.97 46.06
C VAL E 477 -6.05 -80.13 44.94
N MET E 478 -5.27 -79.93 43.87
CA MET E 478 -5.75 -79.14 42.75
C MET E 478 -7.10 -79.64 42.28
N LYS E 479 -7.23 -80.96 42.16
CA LYS E 479 -8.49 -81.54 41.73
C LYS E 479 -9.59 -81.17 42.72
N PHE E 480 -9.30 -81.31 44.01
CA PHE E 480 -10.27 -80.94 45.05
C PHE E 480 -10.69 -79.47 44.89
N TRP E 481 -9.71 -78.57 44.83
CA TRP E 481 -9.97 -77.13 44.69
C TRP E 481 -10.80 -76.81 43.44
N ALA E 482 -10.39 -77.35 42.30
CA ALA E 482 -11.09 -77.11 41.04
C ALA E 482 -12.52 -77.68 41.07
N ASN E 483 -12.71 -78.83 41.70
CA ASN E 483 -14.06 -79.39 41.79
C ASN E 483 -14.91 -78.39 42.52
N PHE E 484 -14.37 -77.89 43.63
CA PHE E 484 -15.06 -76.92 44.44
C PHE E 484 -15.38 -75.69 43.59
N ALA E 485 -14.43 -75.30 42.73
CA ALA E 485 -14.65 -74.14 41.87
C ALA E 485 -15.78 -74.44 40.91
N ARG E 486 -15.75 -75.63 40.34
CA ARG E 486 -16.77 -76.06 39.40
C ARG E 486 -18.18 -76.22 40.00
N ASN E 487 -18.30 -77.06 41.03
CA ASN E 487 -19.59 -77.36 41.64
C ASN E 487 -19.91 -76.76 43.01
N GLY E 488 -18.91 -76.29 43.74
CA GLY E 488 -19.18 -75.78 45.06
C GLY E 488 -19.11 -76.96 46.03
N ASN E 489 -18.56 -78.05 45.52
CA ASN E 489 -18.37 -79.29 46.27
C ASN E 489 -17.03 -79.88 45.84
N PRO E 490 -16.12 -80.08 46.80
CA PRO E 490 -14.79 -80.63 46.49
C PRO E 490 -14.76 -82.05 45.92
N ASN E 491 -15.74 -82.85 46.29
CA ASN E 491 -15.79 -84.24 45.86
C ASN E 491 -15.88 -84.45 44.35
N GLY E 492 -15.37 -85.59 43.92
CA GLY E 492 -15.37 -85.95 42.52
C GLY E 492 -14.84 -87.37 42.41
N GLU E 493 -14.63 -87.83 41.18
CA GLU E 493 -14.14 -89.17 40.94
C GLU E 493 -12.66 -89.30 41.27
N GLY E 494 -12.27 -90.45 41.80
CA GLY E 494 -10.88 -90.69 42.15
C GLY E 494 -10.36 -89.90 43.32
N LEU E 495 -11.27 -89.47 44.19
CA LEU E 495 -10.87 -88.67 45.35
C LEU E 495 -11.50 -89.20 46.62
N PRO E 496 -10.78 -89.15 47.74
CA PRO E 496 -11.38 -89.64 48.97
C PRO E 496 -12.58 -88.76 49.25
N HIS E 497 -13.53 -89.25 50.04
CA HIS E 497 -14.71 -88.44 50.31
C HIS E 497 -14.42 -87.32 51.30
N TRP E 498 -14.67 -86.10 50.87
CA TRP E 498 -14.48 -84.92 51.71
C TRP E 498 -15.89 -84.59 52.21
N PRO E 499 -16.13 -84.71 53.52
CA PRO E 499 -17.46 -84.41 54.04
C PRO E 499 -17.71 -82.91 54.23
N GLU E 500 -18.96 -82.49 54.06
CA GLU E 500 -19.29 -81.09 54.26
C GLU E 500 -19.22 -80.79 55.75
N TYR E 501 -18.85 -79.55 56.10
CA TYR E 501 -18.73 -79.15 57.49
C TYR E 501 -20.09 -78.81 58.08
N ASN E 502 -20.86 -79.84 58.42
CA ASN E 502 -22.16 -79.64 59.04
C ASN E 502 -22.04 -79.80 60.55
N GLN E 503 -23.16 -80.11 61.21
CA GLN E 503 -23.15 -80.27 62.65
C GLN E 503 -22.16 -81.31 63.15
N LYS E 504 -21.91 -82.35 62.34
CA LYS E 504 -20.96 -83.39 62.74
C LYS E 504 -19.54 -82.84 62.68
N GLU E 505 -19.45 -81.60 62.22
CA GLU E 505 -18.17 -80.91 62.09
C GLU E 505 -17.08 -81.76 61.45
N GLY E 506 -17.35 -82.24 60.24
CA GLY E 506 -16.39 -83.05 59.54
C GLY E 506 -15.44 -82.14 58.77
N TYR E 507 -14.25 -82.65 58.52
CA TYR E 507 -13.24 -81.90 57.79
C TYR E 507 -12.24 -82.90 57.21
N LEU E 508 -11.57 -82.51 56.13
CA LEU E 508 -10.61 -83.40 55.49
C LEU E 508 -9.19 -83.19 56.01
N GLN E 509 -8.49 -84.29 56.25
CA GLN E 509 -7.11 -84.23 56.72
C GLN E 509 -6.23 -84.55 55.53
N ILE E 510 -5.74 -83.49 54.88
CA ILE E 510 -4.92 -83.61 53.69
C ILE E 510 -3.45 -83.79 54.04
N GLY E 511 -2.83 -84.80 53.42
CA GLY E 511 -1.44 -85.10 53.64
C GLY E 511 -1.01 -86.35 52.88
N ALA E 512 0.17 -86.88 53.23
CA ALA E 512 0.67 -88.08 52.58
C ALA E 512 -0.41 -89.12 52.76
N ASN E 513 -1.14 -88.96 53.85
CA ASN E 513 -2.26 -89.84 54.18
C ASN E 513 -3.47 -88.91 54.33
N THR E 514 -4.50 -89.14 53.54
CA THR E 514 -5.67 -88.27 53.55
C THR E 514 -6.99 -88.96 53.90
N GLN E 515 -7.65 -88.48 54.96
CA GLN E 515 -8.93 -89.05 55.38
C GLN E 515 -9.78 -88.00 56.08
N ALA E 516 -11.07 -88.27 56.19
CA ALA E 516 -12.00 -87.37 56.85
C ALA E 516 -11.96 -87.59 58.35
N ALA E 517 -12.10 -86.51 59.10
CA ALA E 517 -12.10 -86.58 60.56
C ALA E 517 -13.18 -85.62 61.06
N GLN E 518 -13.32 -85.49 62.37
CA GLN E 518 -14.35 -84.62 62.90
C GLN E 518 -13.88 -83.70 64.01
N LYS E 519 -14.73 -82.72 64.35
CA LYS E 519 -14.45 -81.76 65.41
C LYS E 519 -13.03 -81.20 65.29
N LEU E 520 -12.87 -80.18 64.44
CA LEU E 520 -11.56 -79.57 64.26
C LEU E 520 -11.31 -78.44 65.26
N LYS E 521 -10.29 -78.63 66.11
CA LYS E 521 -9.92 -77.64 67.13
C LYS E 521 -11.05 -77.41 68.12
N ASP E 522 -12.07 -78.26 68.06
CA ASP E 522 -13.23 -78.16 68.92
C ASP E 522 -12.92 -77.82 70.38
N LYS E 523 -11.92 -78.49 70.95
CA LYS E 523 -11.54 -78.22 72.34
C LYS E 523 -10.83 -76.89 72.51
N GLU E 524 -9.92 -76.57 71.59
CA GLU E 524 -9.18 -75.31 71.65
C GLU E 524 -10.14 -74.12 71.53
N VAL E 525 -11.18 -74.28 70.71
CA VAL E 525 -12.16 -73.23 70.52
C VAL E 525 -12.99 -72.99 71.78
N ALA E 526 -13.26 -74.06 72.51
CA ALA E 526 -14.03 -73.96 73.75
C ALA E 526 -13.20 -73.22 74.79
N PHE E 527 -11.95 -73.65 74.94
CA PHE E 527 -11.04 -73.03 75.89
C PHE E 527 -10.84 -71.54 75.60
N TRP E 528 -10.66 -71.19 74.33
CA TRP E 528 -10.44 -69.79 73.98
C TRP E 528 -11.69 -68.95 74.04
N THR E 529 -12.79 -69.46 73.50
CA THR E 529 -14.05 -68.71 73.51
C THR E 529 -14.41 -68.35 74.95
N ASN E 530 -13.98 -69.20 75.87
CA ASN E 530 -14.22 -69.02 77.29
C ASN E 530 -13.23 -68.06 77.97
N LEU E 531 -11.94 -68.28 77.75
CA LEU E 531 -10.92 -67.44 78.34
C LEU E 531 -11.11 -65.98 77.97
N PHE E 532 -11.51 -65.74 76.72
CA PHE E 532 -11.72 -64.39 76.23
C PHE E 532 -12.99 -63.74 76.79
N ALA E 533 -14.03 -64.56 76.97
CA ALA E 533 -15.29 -64.05 77.50
C ALA E 533 -15.09 -63.33 78.83
N LYS E 534 -13.95 -63.57 79.48
CA LYS E 534 -13.66 -62.94 80.76
C LYS E 534 -13.10 -61.53 80.53
N SER F 4 -15.78 4.22 19.07
CA SER F 4 -15.65 3.33 20.26
C SER F 4 -15.34 1.89 19.85
N PRO F 5 -14.46 1.21 20.60
CA PRO F 5 -14.05 -0.17 20.36
C PRO F 5 -15.20 -1.14 20.14
N PRO F 6 -14.94 -2.23 19.38
CA PRO F 6 -15.93 -3.26 19.10
C PRO F 6 -16.09 -4.18 20.30
N VAL F 7 -17.31 -4.65 20.54
CA VAL F 7 -17.57 -5.56 21.64
C VAL F 7 -18.44 -6.69 21.11
N VAL F 8 -17.86 -7.87 21.01
CA VAL F 8 -18.60 -9.03 20.51
C VAL F 8 -19.00 -9.91 21.68
N ASP F 9 -20.17 -10.53 21.56
CA ASP F 9 -20.63 -11.42 22.61
C ASP F 9 -20.37 -12.83 22.14
N THR F 10 -19.48 -13.54 22.83
CA THR F 10 -19.19 -14.92 22.47
C THR F 10 -19.88 -15.81 23.49
N VAL F 11 -19.92 -17.10 23.23
CA VAL F 11 -20.56 -18.05 24.13
C VAL F 11 -20.06 -17.94 25.57
N HIS F 12 -18.75 -17.74 25.74
CA HIS F 12 -18.18 -17.65 27.07
C HIS F 12 -18.16 -16.24 27.65
N GLY F 13 -18.64 -15.27 26.90
CA GLY F 13 -18.65 -13.89 27.39
C GLY F 13 -18.24 -12.88 26.35
N LYS F 14 -18.38 -11.59 26.68
CA LYS F 14 -18.05 -10.51 25.77
C LYS F 14 -16.55 -10.23 25.68
N VAL F 15 -16.08 -9.93 24.48
CA VAL F 15 -14.67 -9.61 24.26
C VAL F 15 -14.61 -8.20 23.67
N LEU F 16 -13.59 -7.45 24.05
CA LEU F 16 -13.42 -6.09 23.56
C LEU F 16 -12.16 -6.04 22.72
N GLY F 17 -12.29 -5.56 21.50
CA GLY F 17 -11.15 -5.45 20.62
C GLY F 17 -10.86 -3.99 20.31
N LYS F 18 -10.26 -3.75 19.14
CA LYS F 18 -9.94 -2.39 18.70
C LYS F 18 -10.03 -2.30 17.18
N PHE F 19 -10.36 -1.12 16.68
CA PHE F 19 -10.48 -0.90 15.25
C PHE F 19 -9.14 -0.46 14.69
N VAL F 20 -8.84 -0.91 13.46
CA VAL F 20 -7.61 -0.54 12.80
C VAL F 20 -7.92 -0.34 11.33
N SER F 21 -7.37 0.72 10.76
CA SER F 21 -7.61 1.01 9.37
C SER F 21 -6.41 0.69 8.50
N LEU F 22 -6.69 0.39 7.25
CA LEU F 22 -5.66 0.09 6.28
C LEU F 22 -6.03 0.99 5.10
N GLU F 23 -5.07 1.79 4.65
CA GLU F 23 -5.32 2.70 3.53
C GLU F 23 -5.97 1.95 2.39
N GLY F 24 -6.93 2.60 1.75
CA GLY F 24 -7.63 1.98 0.63
C GLY F 24 -8.89 1.28 1.08
N PHE F 25 -9.15 1.31 2.39
CA PHE F 25 -10.33 0.66 2.93
C PHE F 25 -10.99 1.52 4.00
N ALA F 26 -12.24 1.90 3.74
CA ALA F 26 -13.00 2.75 4.67
C ALA F 26 -13.33 2.02 5.98
N GLN F 27 -13.99 0.87 5.87
CA GLN F 27 -14.36 0.09 7.05
C GLN F 27 -13.12 -0.40 7.78
N PRO F 28 -12.94 0.04 9.04
CA PRO F 28 -11.77 -0.41 9.79
C PRO F 28 -11.90 -1.90 10.12
N VAL F 29 -10.78 -2.56 10.32
CA VAL F 29 -10.78 -3.98 10.65
C VAL F 29 -10.92 -4.08 12.17
N ALA F 30 -11.82 -4.95 12.63
CA ALA F 30 -12.02 -5.15 14.06
C ALA F 30 -11.09 -6.29 14.50
N ILE F 31 -10.00 -5.93 15.17
CA ILE F 31 -9.02 -6.91 15.62
C ILE F 31 -9.19 -7.31 17.09
N PHE F 32 -9.14 -8.61 17.36
CA PHE F 32 -9.27 -9.12 18.71
C PHE F 32 -8.05 -9.97 18.98
N LEU F 33 -7.32 -9.63 20.05
CA LEU F 33 -6.10 -10.34 20.40
C LEU F 33 -6.19 -11.20 21.65
N GLY F 34 -5.69 -12.43 21.53
CA GLY F 34 -5.66 -13.34 22.66
C GLY F 34 -6.97 -13.84 23.21
N ILE F 35 -7.91 -14.23 22.35
CA ILE F 35 -9.17 -14.78 22.85
C ILE F 35 -8.85 -16.21 23.21
N PRO F 36 -9.26 -16.66 24.41
CA PRO F 36 -9.00 -18.03 24.87
C PRO F 36 -9.98 -19.05 24.29
N PHE F 37 -9.45 -20.11 23.67
CA PHE F 37 -10.33 -21.12 23.09
C PHE F 37 -10.35 -22.44 23.86
N ALA F 38 -9.61 -22.47 24.96
CA ALA F 38 -9.54 -23.65 25.81
C ALA F 38 -8.92 -23.29 27.16
N LYS F 39 -9.21 -24.10 28.17
CA LYS F 39 -8.69 -23.88 29.50
C LYS F 39 -7.17 -24.01 29.48
N PRO F 40 -6.46 -23.17 30.24
CA PRO F 40 -5.00 -23.29 30.22
C PRO F 40 -4.58 -24.72 30.58
N PRO F 41 -3.70 -25.34 29.78
CA PRO F 41 -3.24 -26.71 30.02
C PRO F 41 -2.20 -26.79 31.14
N LEU F 42 -2.60 -26.34 32.34
CA LEU F 42 -1.70 -26.33 33.47
C LEU F 42 -1.86 -27.50 34.44
N GLY F 43 -0.84 -27.68 35.28
CA GLY F 43 -0.85 -28.75 36.26
C GLY F 43 -1.29 -30.09 35.73
N PRO F 44 -2.40 -30.64 36.24
CA PRO F 44 -2.93 -31.94 35.80
C PRO F 44 -3.42 -31.99 34.36
N LEU F 45 -3.63 -30.83 33.74
CA LEU F 45 -4.11 -30.79 32.36
C LEU F 45 -2.99 -30.92 31.33
N ARG F 46 -1.75 -31.03 31.81
CA ARG F 46 -0.61 -31.20 30.92
C ARG F 46 -0.66 -32.63 30.40
N PHE F 47 -0.42 -32.79 29.09
CA PHE F 47 -0.44 -34.09 28.45
C PHE F 47 -1.83 -34.70 28.42
N THR F 48 -2.85 -33.85 28.28
CA THR F 48 -4.24 -34.31 28.19
C THR F 48 -4.91 -33.43 27.15
N PRO F 49 -5.95 -33.96 26.47
CA PRO F 49 -6.61 -33.14 25.46
C PRO F 49 -7.10 -31.84 26.06
N PRO F 50 -7.21 -30.78 25.24
CA PRO F 50 -7.66 -29.49 25.74
C PRO F 50 -9.11 -29.51 26.19
N GLN F 51 -9.46 -28.62 27.11
CA GLN F 51 -10.82 -28.52 27.64
C GLN F 51 -11.41 -27.15 27.39
N PRO F 52 -12.73 -27.08 27.25
CA PRO F 52 -13.39 -25.80 27.01
C PRO F 52 -12.97 -24.73 28.01
N ALA F 53 -12.89 -23.49 27.54
CA ALA F 53 -12.50 -22.38 28.39
C ALA F 53 -13.64 -21.98 29.33
N GLU F 54 -13.29 -21.53 30.52
CA GLU F 54 -14.27 -21.09 31.51
C GLU F 54 -14.88 -19.76 31.07
N PRO F 55 -16.20 -19.58 31.30
CA PRO F 55 -16.84 -18.33 30.90
C PRO F 55 -16.49 -17.19 31.86
N TRP F 56 -16.40 -15.97 31.34
CA TRP F 56 -16.08 -14.81 32.19
C TRP F 56 -17.30 -13.91 32.41
N SER F 57 -17.25 -13.12 33.48
CA SER F 57 -18.37 -12.27 33.88
C SER F 57 -18.68 -10.97 33.16
N PHE F 58 -17.67 -10.13 32.92
CA PHE F 58 -17.94 -8.85 32.27
C PHE F 58 -17.40 -8.77 30.86
N VAL F 59 -16.62 -7.73 30.58
CA VAL F 59 -16.06 -7.62 29.24
C VAL F 59 -14.57 -7.91 29.23
N LYS F 60 -14.20 -8.99 28.53
CA LYS F 60 -12.81 -9.39 28.41
C LYS F 60 -12.11 -8.45 27.43
N ASN F 61 -11.02 -7.85 27.91
CA ASN F 61 -10.21 -6.92 27.14
C ASN F 61 -9.25 -7.73 26.26
N ALA F 62 -9.64 -8.01 25.02
CA ALA F 62 -8.77 -8.77 24.13
C ALA F 62 -7.93 -7.83 23.27
N THR F 63 -7.11 -7.01 23.90
CA THR F 63 -6.32 -6.05 23.15
C THR F 63 -4.80 -6.16 23.22
N SER F 64 -4.29 -7.19 23.88
CA SER F 64 -2.84 -7.36 23.93
C SER F 64 -2.47 -8.77 23.50
N TYR F 65 -1.32 -8.91 22.86
CA TYR F 65 -0.84 -10.19 22.36
C TYR F 65 -0.69 -11.23 23.45
N PRO F 66 -1.18 -12.45 23.18
CA PRO F 66 -1.08 -13.53 24.17
C PRO F 66 0.32 -14.12 24.15
N PRO F 67 0.71 -14.81 25.22
CA PRO F 67 2.05 -15.40 25.23
C PRO F 67 2.13 -16.53 24.22
N MET F 68 3.36 -16.91 23.84
CA MET F 68 3.53 -18.00 22.90
C MET F 68 3.88 -19.23 23.74
N CYS F 69 3.42 -20.40 23.31
CA CYS F 69 3.67 -21.63 24.04
C CYS F 69 5.16 -21.81 24.35
N THR F 70 5.45 -22.36 25.53
CA THR F 70 6.83 -22.58 25.95
C THR F 70 7.66 -23.17 24.81
N GLN F 71 8.82 -22.56 24.57
CA GLN F 71 9.71 -22.99 23.50
C GLN F 71 11.07 -22.34 23.73
N ASP F 72 11.99 -22.60 22.80
CA ASP F 72 13.32 -22.02 22.83
C ASP F 72 13.05 -20.51 22.55
N PRO F 73 13.22 -19.66 23.57
CA PRO F 73 12.97 -18.22 23.37
C PRO F 73 13.75 -17.56 22.25
N LYS F 74 14.99 -18.03 22.03
CA LYS F 74 15.82 -17.49 20.98
C LYS F 74 15.37 -18.00 19.62
N ALA F 75 15.19 -19.32 19.51
CA ALA F 75 14.73 -19.94 18.27
C ALA F 75 13.35 -19.38 17.93
N GLY F 76 12.52 -19.24 18.96
CA GLY F 76 11.19 -18.71 18.77
C GLY F 76 11.23 -17.30 18.22
N GLN F 77 11.98 -16.42 18.87
CA GLN F 77 12.07 -15.04 18.39
C GLN F 77 12.70 -14.94 17.01
N LEU F 78 13.72 -15.75 16.75
CA LEU F 78 14.37 -15.70 15.46
C LEU F 78 13.41 -16.00 14.33
N LEU F 79 12.74 -17.15 14.40
CA LEU F 79 11.78 -17.53 13.36
C LEU F 79 10.66 -16.51 13.23
N SER F 80 10.21 -15.96 14.34
CA SER F 80 9.15 -14.98 14.30
C SER F 80 9.58 -13.78 13.47
N GLU F 81 10.80 -13.30 13.72
CA GLU F 81 11.33 -12.15 13.00
C GLU F 81 11.49 -12.43 11.50
N LEU F 82 11.92 -13.65 11.18
CA LEU F 82 12.14 -14.08 9.79
C LEU F 82 10.85 -14.31 9.01
N PHE F 83 9.78 -14.66 9.71
CA PHE F 83 8.50 -14.96 9.10
C PHE F 83 7.41 -13.90 9.20
N THR F 84 7.50 -13.01 10.18
CA THR F 84 6.46 -12.01 10.35
C THR F 84 6.23 -11.14 9.12
N ASN F 85 5.00 -10.70 8.94
CA ASN F 85 4.62 -9.87 7.79
C ASN F 85 4.43 -8.43 8.24
N ARG F 86 4.65 -8.16 9.52
CA ARG F 86 4.46 -6.83 10.06
C ARG F 86 5.77 -6.02 10.13
N LYS F 87 5.64 -4.71 9.94
CA LYS F 87 6.77 -3.77 9.97
C LYS F 87 7.88 -4.16 10.94
N GLU F 88 7.52 -4.34 12.19
CA GLU F 88 8.49 -4.71 13.21
C GLU F 88 7.99 -5.93 13.98
N ASN F 89 8.91 -6.78 14.37
CA ASN F 89 8.56 -7.99 15.10
C ASN F 89 8.10 -7.65 16.51
N ILE F 90 7.11 -8.40 16.99
CA ILE F 90 6.58 -8.21 18.33
C ILE F 90 7.21 -9.23 19.28
N PRO F 91 7.90 -8.74 20.31
CA PRO F 91 8.54 -9.64 21.29
C PRO F 91 7.45 -10.36 22.09
N LEU F 92 7.53 -11.68 22.14
CA LEU F 92 6.53 -12.46 22.86
C LEU F 92 7.05 -13.05 24.17
N LYS F 93 6.13 -13.26 25.09
CA LYS F 93 6.44 -13.83 26.39
C LYS F 93 6.15 -15.33 26.30
N LEU F 94 6.82 -16.13 27.12
CA LEU F 94 6.60 -17.56 27.13
C LEU F 94 5.62 -17.96 28.22
N SER F 95 4.82 -18.97 27.95
CA SER F 95 3.87 -19.46 28.93
C SER F 95 3.16 -20.73 28.48
N GLU F 96 2.78 -21.55 29.46
CA GLU F 96 2.06 -22.78 29.17
C GLU F 96 0.61 -22.38 28.90
N ASP F 97 0.21 -21.23 29.43
CA ASP F 97 -1.11 -20.67 29.20
C ASP F 97 -0.96 -19.97 27.85
N CYS F 98 -1.12 -20.75 26.78
CA CYS F 98 -0.93 -20.22 25.43
C CYS F 98 -2.02 -20.62 24.44
N LEU F 99 -3.08 -21.26 24.93
CA LEU F 99 -4.14 -21.66 24.03
C LEU F 99 -5.08 -20.51 23.69
N TYR F 100 -4.56 -19.59 22.87
CA TYR F 100 -5.30 -18.43 22.43
C TYR F 100 -5.33 -18.36 20.93
N LEU F 101 -6.12 -17.44 20.42
CA LEU F 101 -6.25 -17.24 18.99
C LEU F 101 -6.55 -15.76 18.76
N ASN F 102 -6.06 -15.21 17.66
CA ASN F 102 -6.32 -13.81 17.35
C ASN F 102 -7.27 -13.71 16.16
N ILE F 103 -8.11 -12.69 16.16
CA ILE F 103 -9.06 -12.50 15.06
C ILE F 103 -8.95 -11.14 14.38
N TYR F 104 -9.23 -11.13 13.08
CA TYR F 104 -9.21 -9.94 12.25
C TYR F 104 -10.46 -10.07 11.40
N THR F 105 -11.45 -9.24 11.69
CA THR F 105 -12.69 -9.30 10.92
C THR F 105 -12.93 -7.96 10.23
N PRO F 106 -13.06 -7.98 8.90
CA PRO F 106 -13.30 -6.77 8.11
C PRO F 106 -14.78 -6.40 8.05
N ALA F 107 -15.62 -7.26 8.61
CA ALA F 107 -17.05 -7.03 8.61
C ALA F 107 -17.50 -5.89 9.50
N ASP F 108 -18.62 -5.27 9.12
CA ASP F 108 -19.22 -4.20 9.89
C ASP F 108 -20.17 -4.90 10.87
N LEU F 109 -19.60 -5.31 12.00
CA LEU F 109 -20.31 -6.04 13.03
C LEU F 109 -21.66 -5.46 13.43
N THR F 110 -21.91 -4.21 13.06
CA THR F 110 -23.19 -3.58 13.39
C THR F 110 -24.27 -4.24 12.55
N LYS F 111 -23.87 -4.85 11.44
CA LYS F 111 -24.78 -5.54 10.55
C LYS F 111 -24.59 -7.05 10.68
N LYS F 112 -25.26 -7.81 9.83
CA LYS F 112 -25.17 -9.27 9.88
C LYS F 112 -24.28 -9.76 8.75
N ASN F 113 -23.06 -10.15 9.07
CA ASN F 113 -22.15 -10.64 8.05
C ASN F 113 -21.86 -12.13 8.21
N ARG F 114 -21.45 -12.75 7.11
CA ARG F 114 -21.11 -14.16 7.09
C ARG F 114 -20.01 -14.34 6.05
N LEU F 115 -18.90 -13.65 6.28
CA LEU F 115 -17.76 -13.68 5.39
C LEU F 115 -17.04 -15.02 5.52
N PRO F 116 -16.26 -15.41 4.52
CA PRO F 116 -15.54 -16.68 4.61
C PRO F 116 -14.46 -16.62 5.68
N VAL F 117 -14.24 -17.74 6.36
CA VAL F 117 -13.26 -17.78 7.44
C VAL F 117 -11.99 -18.55 7.07
N MET F 118 -10.85 -17.94 7.36
CA MET F 118 -9.55 -18.53 7.10
C MET F 118 -8.77 -18.63 8.42
N VAL F 119 -8.50 -19.86 8.84
CA VAL F 119 -7.79 -20.13 10.10
C VAL F 119 -6.37 -20.55 9.82
N TRP F 120 -5.42 -19.75 10.31
CA TRP F 120 -4.00 -20.00 10.11
C TRP F 120 -3.28 -20.74 11.23
N ILE F 121 -2.62 -21.83 10.85
CA ILE F 121 -1.86 -22.66 11.78
C ILE F 121 -0.39 -22.40 11.46
N HIS F 122 0.32 -21.75 12.37
CA HIS F 122 1.72 -21.44 12.13
C HIS F 122 2.61 -22.66 12.08
N GLY F 123 3.82 -22.48 11.58
CA GLY F 123 4.77 -23.56 11.49
C GLY F 123 5.84 -23.33 12.55
N GLY F 124 6.84 -24.20 12.59
CA GLY F 124 7.90 -24.06 13.57
C GLY F 124 8.39 -25.42 14.02
N GLY F 125 8.20 -26.41 13.15
CA GLY F 125 8.64 -27.77 13.46
C GLY F 125 7.91 -28.38 14.63
N LEU F 126 6.81 -27.74 15.03
CA LEU F 126 6.01 -28.19 16.15
C LEU F 126 6.80 -28.04 17.45
N MET F 127 7.90 -27.29 17.38
CA MET F 127 8.74 -27.04 18.54
C MET F 127 8.71 -25.56 18.94
N VAL F 128 8.48 -24.68 17.96
CA VAL F 128 8.44 -23.24 18.23
C VAL F 128 7.40 -22.57 17.32
N GLY F 129 7.20 -21.27 17.53
CA GLY F 129 6.25 -20.55 16.70
C GLY F 129 5.22 -19.83 17.54
N ALA F 130 4.39 -19.02 16.89
CA ALA F 130 3.35 -18.24 17.57
C ALA F 130 2.35 -17.71 16.57
N ALA F 131 1.16 -17.37 17.03
CA ALA F 131 0.13 -16.83 16.15
C ALA F 131 0.33 -15.34 15.93
N SER F 132 0.83 -14.66 16.95
CA SER F 132 1.02 -13.22 16.86
C SER F 132 2.03 -12.78 15.80
N THR F 133 2.79 -13.75 15.29
CA THR F 133 3.76 -13.46 14.24
C THR F 133 3.03 -12.99 12.98
N TYR F 134 1.83 -13.53 12.78
CA TYR F 134 1.05 -13.23 11.60
C TYR F 134 -0.09 -12.24 11.80
N ASP F 135 0.10 -11.06 11.25
CA ASP F 135 -0.87 -9.97 11.30
C ASP F 135 -1.85 -10.23 10.15
N GLY F 136 -3.11 -10.46 10.48
CA GLY F 136 -4.11 -10.73 9.46
C GLY F 136 -4.81 -9.51 8.89
N LEU F 137 -4.41 -8.32 9.31
CA LEU F 137 -5.00 -7.05 8.87
C LEU F 137 -5.17 -6.96 7.36
N ALA F 138 -4.06 -7.00 6.64
CA ALA F 138 -4.04 -6.91 5.19
C ALA F 138 -4.99 -7.87 4.48
N LEU F 139 -4.77 -9.16 4.69
CA LEU F 139 -5.59 -10.20 4.07
C LEU F 139 -7.07 -10.06 4.37
N ALA F 140 -7.40 -9.66 5.60
CA ALA F 140 -8.79 -9.48 5.97
C ALA F 140 -9.40 -8.35 5.15
N ALA F 141 -8.77 -7.18 5.22
CA ALA F 141 -9.22 -5.99 4.52
C ALA F 141 -9.27 -6.15 3.00
N HIS F 142 -8.20 -6.68 2.42
CA HIS F 142 -8.14 -6.86 0.97
C HIS F 142 -9.12 -7.89 0.39
N GLU F 143 -9.20 -9.08 0.96
CA GLU F 143 -10.10 -10.09 0.42
C GLU F 143 -11.41 -10.23 1.18
N ASN F 144 -11.65 -9.30 2.09
CA ASN F 144 -12.87 -9.29 2.89
C ASN F 144 -13.20 -10.66 3.48
N VAL F 145 -12.27 -11.21 4.22
CA VAL F 145 -12.45 -12.52 4.87
C VAL F 145 -12.09 -12.35 6.35
N VAL F 146 -12.50 -13.30 7.19
CA VAL F 146 -12.16 -13.22 8.60
C VAL F 146 -10.90 -14.05 8.82
N VAL F 147 -9.83 -13.43 9.28
CA VAL F 147 -8.59 -14.16 9.51
C VAL F 147 -8.38 -14.46 10.98
N VAL F 148 -8.27 -15.76 11.27
CA VAL F 148 -8.08 -16.25 12.64
C VAL F 148 -6.74 -16.96 12.76
N THR F 149 -5.83 -16.42 13.57
CA THR F 149 -4.54 -17.07 13.79
C THR F 149 -4.68 -17.77 15.13
N ILE F 150 -4.29 -19.04 15.19
CA ILE F 150 -4.40 -19.83 16.42
C ILE F 150 -3.07 -20.35 16.90
N GLN F 151 -3.04 -20.80 18.16
CA GLN F 151 -1.85 -21.35 18.75
C GLN F 151 -2.15 -22.74 19.27
N TYR F 152 -1.10 -23.54 19.45
CA TYR F 152 -1.26 -24.90 19.90
C TYR F 152 0.02 -25.35 20.61
N ARG F 153 -0.14 -26.14 21.67
CA ARG F 153 0.99 -26.65 22.44
C ARG F 153 2.10 -27.20 21.54
N LEU F 154 3.33 -26.82 21.88
CA LEU F 154 4.50 -27.21 21.12
C LEU F 154 5.43 -28.09 21.94
N GLY F 155 6.32 -28.78 21.23
CA GLY F 155 7.29 -29.65 21.88
C GLY F 155 6.73 -30.62 22.88
N ILE F 156 7.46 -30.78 23.98
CA ILE F 156 7.09 -31.67 25.06
C ILE F 156 5.61 -31.50 25.46
N TRP F 157 5.21 -30.27 25.72
CA TRP F 157 3.84 -29.97 26.12
C TRP F 157 2.79 -30.42 25.11
N GLY F 158 3.10 -30.33 23.83
CA GLY F 158 2.10 -30.71 22.84
C GLY F 158 2.26 -32.02 22.09
N PHE F 159 3.40 -32.70 22.23
CA PHE F 159 3.60 -33.94 21.50
C PHE F 159 4.28 -35.08 22.24
N PHE F 160 4.50 -34.90 23.54
CA PHE F 160 5.12 -35.95 24.34
C PHE F 160 4.19 -37.15 24.32
N SER F 161 4.73 -38.29 23.93
CA SER F 161 3.95 -39.51 23.85
C SER F 161 4.65 -40.71 24.47
N THR F 162 3.86 -41.59 25.08
CA THR F 162 4.40 -42.80 25.69
C THR F 162 4.00 -44.01 24.85
N GLY F 163 3.34 -43.75 23.72
CA GLY F 163 2.91 -44.83 22.85
C GLY F 163 1.67 -45.56 23.31
N ASP F 164 1.16 -45.21 24.50
CA ASP F 164 -0.02 -45.86 25.06
C ASP F 164 -1.03 -44.86 25.64
N GLU F 165 -2.11 -45.38 26.23
CA GLU F 165 -3.17 -44.57 26.79
C GLU F 165 -2.80 -43.57 27.90
N HIS F 166 -1.67 -43.80 28.57
CA HIS F 166 -1.27 -42.90 29.64
C HIS F 166 -0.77 -41.57 29.09
N SER F 167 -0.55 -41.51 27.77
CA SER F 167 -0.10 -40.30 27.10
C SER F 167 0.00 -40.54 25.58
N ARG F 168 -1.15 -40.62 24.93
CA ARG F 168 -1.19 -40.86 23.49
C ARG F 168 -0.32 -39.92 22.68
N GLY F 169 -0.44 -38.61 22.92
CA GLY F 169 0.35 -37.65 22.17
C GLY F 169 -0.53 -36.78 21.30
N ASN F 170 0.06 -36.02 20.38
CA ASN F 170 -0.69 -35.15 19.49
C ASN F 170 -1.51 -34.09 20.22
N TRP F 171 -1.04 -33.68 21.39
CA TRP F 171 -1.78 -32.69 22.16
C TRP F 171 -1.99 -31.42 21.33
N GLY F 172 -0.91 -30.94 20.72
CA GLY F 172 -0.97 -29.74 19.89
C GLY F 172 -2.02 -29.83 18.80
N HIS F 173 -2.16 -31.00 18.21
CA HIS F 173 -3.15 -31.20 17.15
C HIS F 173 -4.55 -31.13 17.74
N LEU F 174 -4.73 -31.69 18.93
CA LEU F 174 -6.04 -31.65 19.56
C LEU F 174 -6.40 -30.20 19.89
N ASP F 175 -5.38 -29.38 20.17
CA ASP F 175 -5.61 -27.98 20.47
C ASP F 175 -6.13 -27.29 19.21
N GLN F 176 -5.60 -27.71 18.07
CA GLN F 176 -5.99 -27.16 16.78
C GLN F 176 -7.44 -27.51 16.47
N VAL F 177 -7.79 -28.76 16.73
CA VAL F 177 -9.15 -29.23 16.52
C VAL F 177 -10.09 -28.45 17.44
N ALA F 178 -9.63 -28.24 18.68
CA ALA F 178 -10.42 -27.50 19.66
C ALA F 178 -10.62 -26.06 19.21
N ALA F 179 -9.65 -25.54 18.46
CA ALA F 179 -9.71 -24.18 17.96
C ALA F 179 -10.75 -24.09 16.85
N LEU F 180 -10.70 -25.06 15.93
CA LEU F 180 -11.66 -25.08 14.83
C LEU F 180 -13.07 -25.19 15.39
N ARG F 181 -13.21 -25.93 16.48
CA ARG F 181 -14.50 -26.13 17.13
C ARG F 181 -14.97 -24.80 17.73
N TRP F 182 -14.03 -24.02 18.25
CA TRP F 182 -14.36 -22.71 18.81
C TRP F 182 -14.88 -21.84 17.69
N VAL F 183 -14.20 -21.88 16.56
CA VAL F 183 -14.60 -21.09 15.40
C VAL F 183 -16.01 -21.47 14.99
N GLN F 184 -16.30 -22.76 14.96
CA GLN F 184 -17.64 -23.21 14.57
C GLN F 184 -18.71 -22.64 15.49
N ASP F 185 -18.47 -22.68 16.79
CA ASP F 185 -19.42 -22.18 17.78
C ASP F 185 -19.45 -20.68 17.99
N ASN F 186 -18.42 -19.95 17.58
CA ASN F 186 -18.39 -18.50 17.82
C ASN F 186 -18.10 -17.57 16.65
N ILE F 187 -17.49 -18.07 15.59
CA ILE F 187 -17.12 -17.19 14.49
C ILE F 187 -18.25 -16.38 13.86
N ALA F 188 -19.49 -16.81 14.02
CA ALA F 188 -20.60 -16.05 13.45
C ALA F 188 -20.70 -14.67 14.08
N SER F 189 -20.67 -14.62 15.40
CA SER F 189 -20.77 -13.34 16.10
C SER F 189 -19.68 -12.33 15.71
N PHE F 190 -18.68 -12.78 14.95
CA PHE F 190 -17.62 -11.89 14.51
C PHE F 190 -17.77 -11.58 13.03
N GLY F 191 -18.91 -11.97 12.46
CA GLY F 191 -19.18 -11.71 11.07
C GLY F 191 -18.68 -12.79 10.13
N GLY F 192 -18.23 -13.91 10.68
CA GLY F 192 -17.73 -15.00 9.87
C GLY F 192 -18.79 -16.05 9.58
N ASN F 193 -18.51 -16.92 8.62
CA ASN F 193 -19.44 -17.98 8.25
C ASN F 193 -18.92 -19.35 8.63
N PRO F 194 -19.40 -19.89 9.77
CA PRO F 194 -18.98 -21.21 10.24
C PRO F 194 -19.20 -22.26 9.16
N GLY F 195 -20.09 -21.94 8.24
CA GLY F 195 -20.38 -22.85 7.14
C GLY F 195 -19.32 -22.82 6.05
N SER F 196 -18.32 -21.95 6.19
CA SER F 196 -17.26 -21.85 5.20
C SER F 196 -15.93 -21.50 5.87
N VAL F 197 -15.26 -22.51 6.41
CA VAL F 197 -14.00 -22.30 7.10
C VAL F 197 -12.85 -23.02 6.39
N THR F 198 -11.81 -22.26 6.06
CA THR F 198 -10.64 -22.81 5.38
C THR F 198 -9.45 -22.84 6.35
N ILE F 199 -8.81 -24.00 6.47
CA ILE F 199 -7.65 -24.12 7.33
C ILE F 199 -6.41 -24.06 6.43
N PHE F 200 -5.39 -23.33 6.87
CA PHE F 200 -4.16 -23.23 6.09
C PHE F 200 -2.98 -22.92 6.98
N GLY F 201 -1.80 -23.43 6.61
CA GLY F 201 -0.59 -23.19 7.38
C GLY F 201 0.62 -23.65 6.58
N GLU F 202 1.80 -23.16 6.93
CA GLU F 202 2.98 -23.58 6.20
C GLU F 202 3.97 -24.33 7.09
N SER F 203 4.77 -25.20 6.50
CA SER F 203 5.75 -26.00 7.23
C SER F 203 5.01 -26.93 8.22
N ALA F 204 5.41 -26.89 9.50
CA ALA F 204 4.74 -27.73 10.48
C ALA F 204 3.24 -27.42 10.45
N GLY F 205 2.89 -26.19 10.07
CA GLY F 205 1.51 -25.79 9.99
C GLY F 205 0.84 -26.43 8.79
N GLY F 206 1.65 -26.66 7.75
CA GLY F 206 1.14 -27.28 6.54
C GLY F 206 0.85 -28.74 6.86
N GLU F 207 1.78 -29.36 7.59
CA GLU F 207 1.65 -30.75 8.01
C GLU F 207 0.43 -30.93 8.94
N SER F 208 0.18 -29.93 9.79
CA SER F 208 -0.96 -30.00 10.70
C SER F 208 -2.25 -30.00 9.87
N VAL F 209 -2.29 -29.13 8.87
CA VAL F 209 -3.45 -29.05 7.98
C VAL F 209 -3.66 -30.40 7.31
N SER F 210 -2.59 -30.91 6.73
CA SER F 210 -2.60 -32.20 6.06
C SER F 210 -3.10 -33.30 7.00
N VAL F 211 -2.72 -33.21 8.28
CA VAL F 211 -3.14 -34.20 9.26
C VAL F 211 -4.65 -34.09 9.58
N LEU F 212 -5.13 -32.87 9.79
CA LEU F 212 -6.55 -32.67 10.08
C LEU F 212 -7.39 -33.21 8.94
N VAL F 213 -6.86 -33.13 7.73
CA VAL F 213 -7.56 -33.61 6.55
C VAL F 213 -7.77 -35.13 6.62
N LEU F 214 -6.94 -35.81 7.40
CA LEU F 214 -7.04 -37.28 7.54
C LEU F 214 -7.66 -37.71 8.86
N SER F 215 -7.91 -36.76 9.77
CA SER F 215 -8.47 -37.09 11.07
C SER F 215 -9.99 -36.96 11.17
N PRO F 216 -10.65 -38.05 11.61
CA PRO F 216 -12.11 -38.03 11.76
C PRO F 216 -12.56 -37.07 12.86
N LEU F 217 -11.64 -36.69 13.75
CA LEU F 217 -11.99 -35.77 14.82
C LEU F 217 -12.36 -34.40 14.29
N ALA F 218 -11.91 -34.09 13.07
CA ALA F 218 -12.20 -32.79 12.50
C ALA F 218 -13.13 -32.81 11.27
N LYS F 219 -13.76 -33.95 10.99
CA LYS F 219 -14.62 -34.11 9.81
C LYS F 219 -15.57 -32.96 9.41
N ASN F 220 -16.07 -32.19 10.36
CA ASN F 220 -16.97 -31.12 9.95
C ASN F 220 -16.60 -29.74 10.49
N LEU F 221 -15.32 -29.60 10.82
CA LEU F 221 -14.81 -28.35 11.38
C LEU F 221 -14.21 -27.42 10.33
N PHE F 222 -14.07 -27.93 9.10
CA PHE F 222 -13.54 -27.12 8.01
C PHE F 222 -14.09 -27.61 6.67
N HIS F 223 -14.00 -26.75 5.66
CA HIS F 223 -14.54 -27.07 4.34
C HIS F 223 -13.54 -26.95 3.21
N ARG F 224 -12.34 -26.45 3.50
CA ARG F 224 -11.29 -26.32 2.48
C ARG F 224 -9.92 -26.28 3.17
N ALA F 225 -8.91 -26.81 2.51
CA ALA F 225 -7.60 -26.85 3.13
C ALA F 225 -6.44 -26.40 2.23
N ILE F 226 -5.41 -25.82 2.85
CA ILE F 226 -4.24 -25.36 2.14
C ILE F 226 -2.98 -25.68 2.94
N SER F 227 -2.08 -26.46 2.36
CA SER F 227 -0.84 -26.80 3.02
C SER F 227 0.32 -26.17 2.26
N GLU F 228 1.07 -25.29 2.93
CA GLU F 228 2.19 -24.62 2.30
C GLU F 228 3.51 -25.21 2.79
N SER F 229 4.26 -25.82 1.89
CA SER F 229 5.55 -26.41 2.19
C SER F 229 5.50 -27.30 3.43
N GLY F 230 4.70 -28.37 3.34
CA GLY F 230 4.56 -29.30 4.45
C GLY F 230 3.32 -30.17 4.35
N VAL F 231 3.51 -31.48 4.50
CA VAL F 231 2.39 -32.43 4.44
C VAL F 231 2.59 -33.60 5.39
N ALA F 232 1.56 -34.42 5.54
CA ALA F 232 1.59 -35.58 6.42
C ALA F 232 2.73 -36.56 6.06
N LEU F 233 3.18 -36.51 4.81
CA LEU F 233 4.26 -37.39 4.37
C LEU F 233 5.66 -36.79 4.55
N THR F 234 5.74 -35.59 5.13
CA THR F 234 7.03 -34.97 5.41
C THR F 234 7.46 -35.76 6.66
N SER F 235 8.07 -36.92 6.44
CA SER F 235 8.48 -37.84 7.51
C SER F 235 9.09 -37.24 8.79
N VAL F 236 9.91 -36.21 8.66
CA VAL F 236 10.53 -35.60 9.84
C VAL F 236 9.52 -35.24 10.95
N LEU F 237 8.29 -34.91 10.55
CA LEU F 237 7.27 -34.52 11.51
C LEU F 237 6.34 -35.62 12.02
N VAL F 238 6.35 -36.78 11.37
CA VAL F 238 5.50 -37.87 11.81
C VAL F 238 6.35 -39.03 12.32
N LYS F 239 6.01 -39.53 13.50
CA LYS F 239 6.76 -40.61 14.11
C LYS F 239 6.14 -41.96 13.81
N LYS F 240 6.91 -42.81 13.14
CA LYS F 240 6.49 -44.14 12.76
C LYS F 240 7.19 -45.16 13.64
N GLY F 241 6.45 -46.10 14.20
CA GLY F 241 7.09 -47.10 15.03
C GLY F 241 6.94 -46.87 16.52
N ASP F 242 7.92 -47.35 17.29
CA ASP F 242 7.88 -47.22 18.74
C ASP F 242 8.41 -45.89 19.24
N VAL F 243 7.54 -45.16 19.93
CA VAL F 243 7.87 -43.86 20.46
C VAL F 243 8.39 -43.91 21.89
N LYS F 244 8.17 -45.04 22.55
CA LYS F 244 8.59 -45.23 23.94
C LYS F 244 10.03 -44.79 24.21
N PRO F 245 10.95 -45.10 23.31
CA PRO F 245 12.35 -44.70 23.53
C PRO F 245 12.54 -43.20 23.70
N LEU F 246 11.89 -42.42 22.84
CA LEU F 246 12.00 -40.98 22.92
C LEU F 246 11.45 -40.54 24.28
N ALA F 247 10.31 -41.09 24.66
CA ALA F 247 9.66 -40.76 25.93
C ALA F 247 10.61 -40.95 27.11
N GLU F 248 11.16 -42.15 27.23
CA GLU F 248 12.07 -42.49 28.31
C GLU F 248 13.26 -41.54 28.31
N GLN F 249 13.78 -41.29 27.11
CA GLN F 249 14.93 -40.40 26.95
C GLN F 249 14.61 -39.01 27.50
N ILE F 250 13.39 -38.54 27.24
CA ILE F 250 12.96 -37.23 27.70
C ILE F 250 12.80 -37.27 29.22
N ALA F 251 12.14 -38.32 29.70
CA ALA F 251 11.90 -38.50 31.13
C ALA F 251 13.22 -38.53 31.89
N ILE F 252 14.18 -39.30 31.39
CA ILE F 252 15.48 -39.41 32.04
C ILE F 252 16.22 -38.08 32.09
N THR F 253 16.16 -37.34 31.00
CA THR F 253 16.83 -36.04 30.93
C THR F 253 16.24 -35.06 31.93
N ALA F 254 14.97 -35.26 32.27
CA ALA F 254 14.27 -34.38 33.20
C ALA F 254 14.36 -34.86 34.65
N GLY F 255 15.03 -35.98 34.87
CA GLY F 255 15.15 -36.50 36.21
C GLY F 255 13.96 -37.32 36.66
N CYS F 256 13.40 -38.09 35.73
CA CYS F 256 12.24 -38.91 36.02
C CYS F 256 12.56 -40.36 35.85
N LYS F 257 11.88 -41.22 36.61
CA LYS F 257 12.11 -42.65 36.49
C LYS F 257 11.29 -43.12 35.30
N THR F 258 11.62 -44.30 34.79
CA THR F 258 10.90 -44.86 33.66
C THR F 258 10.31 -46.22 34.01
N THR F 259 9.97 -46.40 35.28
CA THR F 259 9.40 -47.65 35.75
C THR F 259 8.21 -48.12 34.90
N THR F 260 7.32 -47.20 34.57
CA THR F 260 6.16 -47.50 33.74
C THR F 260 5.75 -46.21 33.05
N SER F 261 4.80 -46.30 32.13
CA SER F 261 4.33 -45.12 31.41
C SER F 261 3.66 -44.13 32.36
N ALA F 262 2.75 -44.63 33.19
CA ALA F 262 2.04 -43.79 34.15
C ALA F 262 3.03 -43.06 35.04
N VAL F 263 4.06 -43.78 35.50
CA VAL F 263 5.05 -43.15 36.37
C VAL F 263 5.77 -42.00 35.67
N MET F 264 6.26 -42.25 34.44
CA MET F 264 6.92 -41.22 33.66
C MET F 264 6.05 -39.97 33.54
N VAL F 265 4.82 -40.17 33.05
CA VAL F 265 3.86 -39.09 32.86
C VAL F 265 3.55 -38.34 34.15
N HIS F 266 3.43 -39.07 35.25
CA HIS F 266 3.14 -38.43 36.53
C HIS F 266 4.31 -37.57 36.97
N CYS F 267 5.52 -38.07 36.78
CA CYS F 267 6.72 -37.34 37.17
C CYS F 267 6.90 -36.08 36.30
N LEU F 268 6.61 -36.21 35.01
CA LEU F 268 6.75 -35.07 34.12
C LEU F 268 5.75 -33.97 34.43
N ARG F 269 4.58 -34.33 34.98
CA ARG F 269 3.58 -33.32 35.30
C ARG F 269 3.98 -32.52 36.52
N GLN F 270 4.84 -33.10 37.35
CA GLN F 270 5.30 -32.42 38.56
C GLN F 270 6.37 -31.40 38.20
N LYS F 271 7.01 -31.59 37.05
CA LYS F 271 8.06 -30.68 36.63
C LYS F 271 7.52 -29.29 36.36
N THR F 272 8.33 -28.28 36.65
CA THR F 272 7.92 -26.91 36.42
C THR F 272 8.12 -26.63 34.93
N GLU F 273 7.62 -25.49 34.48
CA GLU F 273 7.77 -25.10 33.08
C GLU F 273 9.27 -24.92 32.82
N GLU F 274 9.93 -24.18 33.70
CA GLU F 274 11.37 -23.93 33.58
C GLU F 274 12.12 -25.24 33.47
N GLU F 275 11.69 -26.23 34.23
CA GLU F 275 12.32 -27.54 34.21
C GLU F 275 12.15 -28.22 32.85
N LEU F 276 10.97 -28.15 32.28
CA LEU F 276 10.75 -28.77 30.98
C LEU F 276 11.38 -27.94 29.86
N LEU F 277 11.64 -26.66 30.11
CA LEU F 277 12.27 -25.84 29.09
C LEU F 277 13.78 -26.15 29.10
N GLU F 278 14.31 -26.45 30.28
CA GLU F 278 15.72 -26.80 30.38
C GLU F 278 15.91 -28.14 29.70
N THR F 279 14.96 -29.05 29.88
CA THR F 279 15.04 -30.35 29.23
C THR F 279 14.95 -30.13 27.73
N THR F 280 14.03 -29.28 27.32
CA THR F 280 13.85 -28.98 25.90
C THR F 280 15.17 -28.49 25.30
N LEU F 281 15.86 -27.63 26.05
CA LEU F 281 17.12 -27.10 25.57
C LEU F 281 18.23 -28.15 25.47
N LYS F 282 18.34 -29.00 26.51
CA LYS F 282 19.35 -30.04 26.53
C LYS F 282 19.22 -31.03 25.38
N MET F 283 17.98 -31.32 25.00
CA MET F 283 17.71 -32.25 23.90
C MET F 283 18.18 -31.70 22.55
N LYS F 284 18.52 -30.40 22.53
CA LYS F 284 18.99 -29.73 21.32
C LYS F 284 18.15 -30.12 20.11
N PHE F 285 16.89 -29.70 20.09
CA PHE F 285 16.00 -30.02 18.97
C PHE F 285 16.18 -29.05 17.81
N LEU F 286 15.60 -29.41 16.66
CA LEU F 286 15.70 -28.57 15.47
C LEU F 286 17.13 -28.15 15.20
N SER F 287 18.05 -29.08 15.42
CA SER F 287 19.46 -28.85 15.21
C SER F 287 20.02 -30.17 14.68
N LEU F 288 20.81 -30.09 13.61
CA LEU F 288 21.37 -31.29 13.00
C LEU F 288 22.47 -31.91 13.86
N ASP F 289 22.16 -33.05 14.48
CA ASP F 289 23.12 -33.76 15.32
C ASP F 289 24.22 -34.33 14.45
N LEU F 290 25.47 -34.00 14.77
CA LEU F 290 26.61 -34.46 13.99
C LEU F 290 27.39 -35.61 14.64
N GLN F 291 27.66 -35.50 15.94
CA GLN F 291 28.39 -36.56 16.66
C GLN F 291 27.47 -37.69 17.10
N GLY F 292 27.67 -38.88 16.52
CA GLY F 292 26.85 -40.01 16.88
C GLY F 292 26.18 -40.67 15.69
N ASP F 293 25.24 -41.56 15.97
CA ASP F 293 24.50 -42.26 14.93
C ASP F 293 23.25 -41.48 14.54
N PRO F 294 23.14 -41.10 13.26
CA PRO F 294 22.01 -40.34 12.72
C PRO F 294 20.65 -41.01 12.96
N ARG F 295 20.64 -42.33 12.97
CA ARG F 295 19.40 -43.06 13.18
C ARG F 295 18.83 -42.95 14.59
N GLU F 296 19.62 -42.45 15.53
CA GLU F 296 19.15 -42.32 16.90
C GLU F 296 18.78 -40.90 17.32
N SER F 297 19.45 -39.90 16.72
CA SER F 297 19.19 -38.51 17.05
C SER F 297 17.74 -38.12 16.70
N GLN F 298 17.05 -37.54 17.67
CA GLN F 298 15.67 -37.12 17.47
C GLN F 298 15.61 -35.62 17.22
N PRO F 299 15.31 -35.20 15.97
CA PRO F 299 15.22 -33.81 15.55
C PRO F 299 14.14 -33.01 16.28
N LEU F 300 13.06 -33.70 16.65
CA LEU F 300 11.96 -33.06 17.35
C LEU F 300 10.87 -34.06 17.73
N LEU F 301 9.96 -33.62 18.58
CA LEU F 301 8.84 -34.45 18.99
C LEU F 301 7.78 -34.08 17.96
N GLY F 302 6.90 -35.01 17.61
CA GLY F 302 5.89 -34.67 16.63
C GLY F 302 4.66 -35.55 16.57
N THR F 303 3.95 -35.44 15.46
CA THR F 303 2.74 -36.21 15.24
C THR F 303 2.98 -37.71 15.38
N VAL F 304 2.09 -38.40 16.09
CA VAL F 304 2.17 -39.84 16.27
C VAL F 304 0.84 -40.44 15.89
N ILE F 305 0.80 -41.75 15.74
CA ILE F 305 -0.44 -42.45 15.41
C ILE F 305 -1.04 -42.78 16.77
N ASP F 306 -1.94 -41.92 17.25
CA ASP F 306 -2.54 -42.11 18.58
C ASP F 306 -3.84 -42.92 18.68
N GLY F 307 -4.46 -43.25 17.55
CA GLY F 307 -5.70 -44.00 17.62
C GLY F 307 -6.88 -43.14 18.05
N MET F 308 -6.74 -41.83 17.93
CA MET F 308 -7.81 -40.90 18.26
C MET F 308 -7.88 -39.86 17.15
N LEU F 309 -6.77 -39.15 16.97
CA LEU F 309 -6.64 -38.13 15.93
C LEU F 309 -6.35 -38.87 14.63
N LEU F 310 -5.32 -39.71 14.67
CA LEU F 310 -4.92 -40.50 13.51
C LEU F 310 -5.05 -41.99 13.81
N LEU F 311 -6.03 -42.64 13.19
CA LEU F 311 -6.26 -44.06 13.40
C LEU F 311 -5.09 -44.92 12.93
N LYS F 312 -4.45 -44.51 11.84
CA LYS F 312 -3.29 -45.21 11.31
C LYS F 312 -2.38 -44.25 10.55
N THR F 313 -1.27 -44.74 10.00
CA THR F 313 -0.35 -43.87 9.29
C THR F 313 -1.01 -43.12 8.14
N PRO F 314 -0.52 -41.90 7.87
CA PRO F 314 -1.03 -41.03 6.80
C PRO F 314 -1.04 -41.78 5.48
N GLU F 315 0.03 -42.53 5.23
CA GLU F 315 0.15 -43.32 4.01
C GLU F 315 -1.03 -44.26 3.89
N GLU F 316 -1.30 -45.00 4.94
CA GLU F 316 -2.43 -45.93 4.95
C GLU F 316 -3.74 -45.18 4.78
N LEU F 317 -3.92 -44.10 5.54
CA LEU F 317 -5.14 -43.32 5.49
C LEU F 317 -5.44 -42.71 4.11
N GLN F 318 -4.40 -42.49 3.31
CA GLN F 318 -4.57 -41.92 1.99
C GLN F 318 -5.12 -42.91 0.99
N ALA F 319 -4.41 -44.03 0.83
CA ALA F 319 -4.84 -45.07 -0.09
C ALA F 319 -6.17 -45.62 0.38
N GLU F 320 -6.36 -45.63 1.69
CA GLU F 320 -7.59 -46.15 2.30
C GLU F 320 -8.79 -45.40 1.69
N ARG F 321 -8.49 -44.27 1.06
CA ARG F 321 -9.53 -43.45 0.44
C ARG F 321 -10.62 -43.22 1.48
N ASN F 322 -10.18 -42.97 2.71
CA ASN F 322 -11.09 -42.72 3.83
C ASN F 322 -10.77 -41.40 4.53
N PHE F 323 -11.56 -40.38 4.22
CA PHE F 323 -11.42 -39.04 4.78
C PHE F 323 -12.36 -38.10 4.02
N HIS F 324 -13.34 -37.52 4.72
CA HIS F 324 -14.29 -36.61 4.09
C HIS F 324 -13.57 -35.73 3.08
N THR F 325 -14.04 -35.73 1.84
CA THR F 325 -13.41 -34.96 0.79
C THR F 325 -13.66 -33.45 0.83
N VAL F 326 -12.58 -32.68 0.68
CA VAL F 326 -12.66 -31.21 0.67
C VAL F 326 -11.64 -30.67 -0.34
N PRO F 327 -11.91 -29.48 -0.90
CA PRO F 327 -10.97 -28.89 -1.85
C PRO F 327 -9.67 -28.72 -1.10
N TYR F 328 -8.60 -29.26 -1.66
CA TYR F 328 -7.32 -29.21 -0.99
C TYR F 328 -6.25 -28.58 -1.89
N MET F 329 -5.58 -27.55 -1.38
CA MET F 329 -4.53 -26.89 -2.12
C MET F 329 -3.19 -27.26 -1.47
N VAL F 330 -2.29 -27.84 -2.24
CA VAL F 330 -0.98 -28.25 -1.73
C VAL F 330 0.10 -27.61 -2.56
N GLY F 331 1.00 -26.85 -1.93
CA GLY F 331 2.06 -26.22 -2.70
C GLY F 331 3.41 -26.23 -2.04
N ILE F 332 4.44 -25.86 -2.80
CA ILE F 332 5.82 -25.80 -2.32
C ILE F 332 6.52 -24.59 -2.92
N ASN F 333 7.73 -24.32 -2.43
CA ASN F 333 8.54 -23.22 -2.90
C ASN F 333 9.71 -23.80 -3.70
N LYS F 334 10.19 -23.04 -4.68
CA LYS F 334 11.30 -23.48 -5.54
C LYS F 334 12.47 -24.13 -4.80
N GLN F 335 13.01 -23.43 -3.80
CA GLN F 335 14.14 -23.96 -3.04
C GLN F 335 13.81 -24.12 -1.55
N GLU F 336 12.94 -25.08 -1.22
CA GLU F 336 12.54 -25.33 0.16
C GLU F 336 13.69 -25.41 1.13
N PHE F 337 14.84 -25.90 0.66
CA PHE F 337 16.00 -26.04 1.52
C PHE F 337 17.13 -25.13 1.07
N GLY F 338 16.76 -23.96 0.54
CA GLY F 338 17.74 -23.01 0.06
C GLY F 338 18.59 -22.33 1.13
N TRP F 339 17.95 -21.73 2.13
CA TRP F 339 18.66 -21.02 3.18
C TRP F 339 18.07 -21.18 4.60
N LEU F 340 16.82 -20.75 4.74
CA LEU F 340 16.11 -20.79 6.02
C LEU F 340 16.34 -21.99 6.93
N ILE F 341 15.88 -23.16 6.52
CA ILE F 341 15.99 -24.37 7.33
C ILE F 341 17.43 -24.77 7.69
N PRO F 342 18.34 -24.81 6.70
CA PRO F 342 19.73 -25.19 6.99
C PRO F 342 20.35 -24.22 8.00
N MET F 343 20.08 -22.94 7.80
CA MET F 343 20.60 -21.90 8.67
C MET F 343 20.20 -22.11 10.12
N LEU F 344 18.92 -22.34 10.32
CA LEU F 344 18.39 -22.54 11.66
C LEU F 344 18.79 -23.87 12.32
N MET F 345 19.04 -24.89 11.51
CA MET F 345 19.45 -26.19 12.04
C MET F 345 20.96 -26.31 12.04
N SER F 346 21.62 -25.16 11.89
CA SER F 346 23.09 -25.09 11.88
C SER F 346 23.72 -26.14 10.96
N TYR F 347 23.25 -26.18 9.72
CA TYR F 347 23.80 -27.15 8.76
C TYR F 347 25.25 -26.83 8.44
N PRO F 348 26.11 -27.85 8.50
CA PRO F 348 27.55 -27.74 8.22
C PRO F 348 27.83 -27.42 6.76
N LEU F 349 27.74 -26.15 6.38
CA LEU F 349 27.99 -25.76 5.01
C LEU F 349 28.66 -24.39 4.92
N SER F 350 29.83 -24.26 5.54
CA SER F 350 30.55 -23.00 5.51
C SER F 350 31.58 -23.01 4.38
N GLU F 351 31.38 -23.90 3.42
CA GLU F 351 32.28 -24.03 2.29
C GLU F 351 31.65 -23.54 0.98
N GLY F 352 30.32 -23.49 0.95
CA GLY F 352 29.65 -23.05 -0.26
C GLY F 352 29.94 -24.02 -1.39
N GLN F 353 30.67 -25.08 -1.07
CA GLN F 353 31.06 -26.11 -2.03
C GLN F 353 30.76 -27.46 -1.38
N LEU F 354 30.79 -28.52 -2.18
CA LEU F 354 30.52 -29.85 -1.65
C LEU F 354 30.77 -30.93 -2.69
N ASP F 355 31.65 -31.87 -2.35
CA ASP F 355 31.95 -32.97 -3.26
C ASP F 355 31.11 -34.17 -2.86
N GLN F 356 30.91 -35.12 -3.77
CA GLN F 356 30.12 -36.29 -3.45
C GLN F 356 30.65 -36.97 -2.20
N LYS F 357 31.94 -36.81 -1.95
CA LYS F 357 32.58 -37.39 -0.78
C LYS F 357 31.82 -36.94 0.47
N THR F 358 31.90 -35.64 0.75
CA THR F 358 31.25 -35.06 1.91
C THR F 358 29.73 -35.14 1.77
N ALA F 359 29.25 -34.91 0.55
CA ALA F 359 27.81 -34.95 0.28
C ALA F 359 27.18 -36.19 0.90
N MET F 360 27.66 -37.37 0.52
CA MET F 360 27.12 -38.63 1.05
C MET F 360 27.23 -38.69 2.57
N SER F 361 28.14 -37.90 3.13
CA SER F 361 28.34 -37.88 4.57
C SER F 361 27.28 -37.04 5.26
N LEU F 362 26.93 -35.92 4.65
CA LEU F 362 25.91 -35.04 5.21
C LEU F 362 24.55 -35.71 5.05
N LEU F 363 24.31 -36.28 3.88
CA LEU F 363 23.05 -36.94 3.60
C LEU F 363 22.77 -38.01 4.66
N TRP F 364 23.83 -38.70 5.08
CA TRP F 364 23.69 -39.72 6.11
C TRP F 364 23.32 -39.06 7.43
N LYS F 365 24.13 -38.08 7.85
CA LYS F 365 23.89 -37.35 9.09
C LYS F 365 22.49 -36.73 9.07
N SER F 366 22.01 -36.42 7.87
CA SER F 366 20.70 -35.82 7.69
C SER F 366 19.61 -36.88 7.73
N TYR F 367 19.97 -38.07 8.18
CA TYR F 367 19.02 -39.17 8.24
C TYR F 367 17.69 -38.81 8.90
N PRO F 368 17.72 -38.12 10.06
CA PRO F 368 16.48 -37.73 10.74
C PRO F 368 15.55 -36.78 9.97
N LEU F 369 16.03 -36.20 8.87
CA LEU F 369 15.22 -35.29 8.08
C LEU F 369 14.71 -35.96 6.81
N VAL F 370 15.58 -36.73 6.16
CA VAL F 370 15.26 -37.43 4.93
C VAL F 370 14.92 -38.89 5.14
N CYS F 371 15.69 -39.55 6.02
CA CYS F 371 15.48 -40.96 6.34
C CYS F 371 15.92 -41.90 5.21
N ILE F 372 17.07 -41.61 4.61
CA ILE F 372 17.60 -42.43 3.53
C ILE F 372 18.58 -43.45 4.10
N ALA F 373 18.34 -44.73 3.83
CA ALA F 373 19.20 -45.81 4.30
C ALA F 373 20.63 -45.57 3.82
N LYS F 374 21.60 -45.94 4.66
CA LYS F 374 23.01 -45.74 4.35
C LYS F 374 23.44 -46.40 3.04
N GLU F 375 22.77 -47.49 2.67
CA GLU F 375 23.10 -48.19 1.44
C GLU F 375 22.50 -47.52 0.21
N LEU F 376 21.46 -46.71 0.42
CA LEU F 376 20.81 -46.02 -0.69
C LEU F 376 21.45 -44.66 -0.95
N ILE F 377 22.21 -44.17 0.04
CA ILE F 377 22.89 -42.88 -0.05
C ILE F 377 23.62 -42.71 -1.38
N PRO F 378 24.38 -43.74 -1.80
CA PRO F 378 25.11 -43.65 -3.07
C PRO F 378 24.21 -43.24 -4.24
N GLU F 379 23.30 -44.11 -4.63
CA GLU F 379 22.38 -43.83 -5.74
C GLU F 379 21.82 -42.41 -5.66
N ALA F 380 21.30 -42.06 -4.49
CA ALA F 380 20.72 -40.76 -4.27
C ALA F 380 21.71 -39.65 -4.62
N THR F 381 22.80 -39.58 -3.88
CA THR F 381 23.82 -38.55 -4.12
C THR F 381 24.27 -38.53 -5.57
N GLU F 382 24.39 -39.72 -6.16
CA GLU F 382 24.82 -39.84 -7.55
C GLU F 382 23.77 -39.29 -8.51
N LYS F 383 22.52 -39.66 -8.28
CA LYS F 383 21.41 -39.21 -9.11
C LYS F 383 21.34 -37.69 -9.21
N TYR F 384 21.83 -37.00 -8.17
CA TYR F 384 21.79 -35.55 -8.14
C TYR F 384 23.09 -34.81 -8.44
N LEU F 385 24.21 -35.27 -7.87
CA LEU F 385 25.49 -34.58 -8.06
C LEU F 385 26.48 -35.13 -9.10
N GLY F 386 26.28 -36.37 -9.53
CA GLY F 386 27.19 -36.96 -10.49
C GLY F 386 27.22 -36.33 -11.87
N GLY F 387 26.20 -35.53 -12.19
CA GLY F 387 26.13 -34.90 -13.49
C GLY F 387 27.13 -33.79 -13.79
N THR F 388 27.72 -33.18 -12.76
CA THR F 388 28.68 -32.12 -12.97
C THR F 388 29.87 -32.22 -12.03
N ASP F 389 30.82 -31.30 -12.19
CA ASP F 389 32.03 -31.29 -11.37
C ASP F 389 32.26 -29.94 -10.72
N ASP F 390 31.17 -29.22 -10.45
CA ASP F 390 31.28 -27.93 -9.81
C ASP F 390 30.84 -28.08 -8.36
N THR F 391 31.80 -28.32 -7.48
CA THR F 391 31.50 -28.50 -6.05
C THR F 391 30.45 -27.51 -5.58
N VAL F 392 30.55 -26.27 -6.06
CA VAL F 392 29.62 -25.22 -5.69
C VAL F 392 28.25 -25.55 -6.27
N LYS F 393 28.23 -25.93 -7.55
CA LYS F 393 27.00 -26.28 -8.24
C LYS F 393 26.44 -27.59 -7.69
N LYS F 394 27.27 -28.31 -6.92
CA LYS F 394 26.84 -29.57 -6.34
C LYS F 394 26.04 -29.37 -5.06
N LYS F 395 26.56 -28.55 -4.15
CA LYS F 395 25.85 -28.30 -2.90
C LYS F 395 24.45 -27.80 -3.23
N ASP F 396 24.32 -27.09 -4.35
CA ASP F 396 23.02 -26.58 -4.75
C ASP F 396 22.10 -27.75 -5.09
N LEU F 397 22.62 -28.69 -5.87
CA LEU F 397 21.87 -29.87 -6.26
C LEU F 397 21.60 -30.74 -5.05
N PHE F 398 22.40 -30.52 -4.00
CA PHE F 398 22.28 -31.25 -2.74
C PHE F 398 21.09 -30.68 -1.98
N LEU F 399 21.02 -29.36 -1.93
CA LEU F 399 19.93 -28.67 -1.26
C LEU F 399 18.62 -29.02 -1.96
N ASP F 400 18.70 -29.33 -3.25
CA ASP F 400 17.51 -29.72 -4.01
C ASP F 400 17.16 -31.13 -3.57
N LEU F 401 18.19 -31.93 -3.34
CA LEU F 401 18.03 -33.31 -2.92
C LEU F 401 17.13 -33.35 -1.68
N ILE F 402 17.51 -32.61 -0.65
CA ILE F 402 16.76 -32.56 0.60
C ILE F 402 15.33 -32.08 0.38
N ALA F 403 15.19 -30.91 -0.25
CA ALA F 403 13.87 -30.32 -0.51
C ALA F 403 12.87 -31.26 -1.15
N ASP F 404 13.30 -31.98 -2.18
CA ASP F 404 12.43 -32.92 -2.88
C ASP F 404 11.91 -33.98 -1.92
N VAL F 405 12.83 -34.55 -1.14
CA VAL F 405 12.52 -35.59 -0.16
C VAL F 405 11.59 -35.06 0.93
N MET F 406 11.98 -33.95 1.54
CA MET F 406 11.21 -33.34 2.61
C MET F 406 9.88 -32.70 2.20
N PHE F 407 9.86 -32.00 1.07
CA PHE F 407 8.62 -31.36 0.66
C PHE F 407 8.13 -31.70 -0.74
N GLY F 408 9.02 -31.52 -1.72
CA GLY F 408 8.67 -31.78 -3.10
C GLY F 408 7.85 -33.02 -3.36
N VAL F 409 8.48 -34.18 -3.19
CA VAL F 409 7.82 -35.47 -3.42
C VAL F 409 6.61 -35.71 -2.52
N PRO F 410 6.79 -35.59 -1.20
CA PRO F 410 5.67 -35.81 -0.27
C PRO F 410 4.44 -35.01 -0.67
N SER F 411 4.66 -33.76 -1.07
CA SER F 411 3.57 -32.87 -1.48
C SER F 411 2.84 -33.40 -2.71
N VAL F 412 3.61 -33.73 -3.74
CA VAL F 412 3.05 -34.25 -4.98
C VAL F 412 2.32 -35.58 -4.73
N ILE F 413 2.93 -36.44 -3.92
CA ILE F 413 2.34 -37.72 -3.62
C ILE F 413 0.99 -37.52 -2.94
N VAL F 414 0.95 -36.65 -1.93
CA VAL F 414 -0.28 -36.37 -1.20
C VAL F 414 -1.32 -35.75 -2.14
N ALA F 415 -0.86 -34.84 -3.00
CA ALA F 415 -1.74 -34.18 -3.96
C ALA F 415 -2.37 -35.18 -4.91
N ARG F 416 -1.59 -36.15 -5.35
CA ARG F 416 -2.07 -37.18 -6.26
C ARG F 416 -3.13 -38.03 -5.60
N ASN F 417 -2.85 -38.48 -4.37
CA ASN F 417 -3.80 -39.31 -3.63
C ASN F 417 -5.11 -38.59 -3.40
N HIS F 418 -5.03 -37.32 -2.97
CA HIS F 418 -6.24 -36.55 -2.72
C HIS F 418 -7.05 -36.50 -4.01
N ARG F 419 -6.34 -36.30 -5.12
CA ARG F 419 -6.97 -36.24 -6.44
C ARG F 419 -7.66 -37.57 -6.75
N ASP F 420 -6.94 -38.67 -6.52
CA ASP F 420 -7.49 -39.99 -6.78
C ASP F 420 -8.67 -40.34 -5.89
N ALA F 421 -8.79 -39.63 -4.77
CA ALA F 421 -9.89 -39.88 -3.86
C ALA F 421 -11.16 -39.16 -4.32
N GLY F 422 -11.11 -38.59 -5.53
CA GLY F 422 -12.25 -37.89 -6.09
C GLY F 422 -12.54 -36.51 -5.51
N ALA F 423 -11.56 -35.91 -4.86
CA ALA F 423 -11.73 -34.59 -4.28
C ALA F 423 -10.97 -33.51 -5.07
N PRO F 424 -11.56 -32.30 -5.20
CA PRO F 424 -10.92 -31.20 -5.92
C PRO F 424 -9.51 -30.92 -5.39
N THR F 425 -8.50 -30.95 -6.25
CA THR F 425 -7.13 -30.70 -5.81
C THR F 425 -6.38 -29.67 -6.65
N TYR F 426 -5.53 -28.88 -5.99
CA TYR F 426 -4.75 -27.85 -6.66
C TYR F 426 -3.32 -27.84 -6.14
N MET F 427 -2.38 -27.46 -6.98
CA MET F 427 -0.98 -27.39 -6.59
C MET F 427 -0.33 -26.12 -7.10
N TYR F 428 0.80 -25.75 -6.49
CA TYR F 428 1.51 -24.57 -6.89
C TYR F 428 2.97 -24.63 -6.47
N GLU F 429 3.82 -23.97 -7.22
CA GLU F 429 5.24 -23.90 -6.91
C GLU F 429 5.55 -22.41 -6.84
N PHE F 430 5.94 -21.93 -5.67
CA PHE F 430 6.24 -20.52 -5.47
C PHE F 430 7.71 -20.23 -5.74
N GLN F 431 7.96 -19.22 -6.56
CA GLN F 431 9.32 -18.85 -6.94
C GLN F 431 9.50 -17.34 -6.96
N TYR F 432 10.01 -16.77 -5.87
CA TYR F 432 10.21 -15.34 -5.79
C TYR F 432 11.04 -14.99 -4.57
N ARG F 433 11.99 -14.08 -4.71
CA ARG F 433 12.82 -13.69 -3.59
C ARG F 433 12.26 -12.44 -2.94
N PRO F 434 11.50 -12.59 -1.85
CA PRO F 434 10.92 -11.42 -1.19
C PRO F 434 11.99 -10.40 -0.77
N SER F 435 11.62 -9.12 -0.87
CA SER F 435 12.52 -8.03 -0.52
C SER F 435 12.68 -7.96 1.00
N PHE F 436 11.86 -8.73 1.70
CA PHE F 436 11.90 -8.76 3.14
C PHE F 436 12.83 -9.85 3.64
N SER F 437 13.53 -10.50 2.71
CA SER F 437 14.45 -11.57 3.06
C SER F 437 15.47 -11.12 4.11
N SER F 438 16.18 -12.07 4.70
CA SER F 438 17.19 -11.73 5.69
C SER F 438 18.37 -11.17 4.92
N ASP F 439 19.20 -10.36 5.59
CA ASP F 439 20.35 -9.78 4.93
C ASP F 439 21.45 -10.83 4.80
N MET F 440 21.38 -11.86 5.63
CA MET F 440 22.36 -12.94 5.61
C MET F 440 21.98 -14.03 4.61
N LYS F 441 20.82 -13.86 3.98
CA LYS F 441 20.32 -14.81 3.00
C LYS F 441 20.86 -14.54 1.60
N PRO F 442 21.65 -15.48 1.05
CA PRO F 442 22.23 -15.33 -0.28
C PRO F 442 21.25 -14.76 -1.29
N LYS F 443 21.74 -13.84 -2.12
CA LYS F 443 20.93 -13.18 -3.14
C LYS F 443 20.41 -14.12 -4.20
N THR F 444 21.13 -15.21 -4.46
CA THR F 444 20.72 -16.16 -5.46
C THR F 444 19.64 -17.12 -5.01
N VAL F 445 19.30 -17.07 -3.71
CA VAL F 445 18.25 -17.94 -3.19
C VAL F 445 16.87 -17.34 -3.47
N ILE F 446 16.07 -18.08 -4.23
CA ILE F 446 14.74 -17.63 -4.59
C ILE F 446 13.71 -18.73 -4.35
N GLY F 447 12.61 -18.38 -3.68
CA GLY F 447 11.59 -19.36 -3.38
C GLY F 447 12.05 -20.25 -2.23
N ASP F 448 12.69 -19.63 -1.26
CA ASP F 448 13.18 -20.35 -0.08
C ASP F 448 12.00 -20.79 0.77
N HIS F 449 12.29 -21.47 1.87
CA HIS F 449 11.23 -21.93 2.74
C HIS F 449 10.53 -20.75 3.43
N GLY F 450 9.22 -20.64 3.22
CA GLY F 450 8.47 -19.57 3.84
C GLY F 450 8.43 -18.25 3.08
N ASP F 451 8.95 -18.23 1.86
CA ASP F 451 8.95 -16.99 1.10
C ASP F 451 7.54 -16.59 0.65
N GLU F 452 6.67 -17.57 0.45
CA GLU F 452 5.32 -17.27 0.01
C GLU F 452 4.51 -16.58 1.12
N LEU F 453 5.00 -16.67 2.35
CA LEU F 453 4.30 -16.08 3.48
C LEU F 453 4.01 -14.60 3.25
N PHE F 454 5.02 -13.87 2.78
CA PHE F 454 4.87 -12.44 2.55
C PHE F 454 3.83 -12.03 1.51
N SER F 455 3.52 -12.92 0.57
CA SER F 455 2.50 -12.60 -0.42
C SER F 455 1.15 -12.98 0.17
N VAL F 456 1.12 -14.10 0.87
CA VAL F 456 -0.12 -14.58 1.47
C VAL F 456 -0.68 -13.64 2.53
N PHE F 457 0.18 -13.08 3.39
CA PHE F 457 -0.30 -12.19 4.43
C PHE F 457 -0.20 -10.70 4.13
N GLY F 458 0.00 -10.35 2.87
CA GLY F 458 0.10 -8.96 2.46
C GLY F 458 1.20 -8.14 3.10
N ALA F 459 2.39 -8.72 3.22
CA ALA F 459 3.52 -8.00 3.82
C ALA F 459 3.79 -6.66 3.13
N PRO F 460 3.57 -6.59 1.81
CA PRO F 460 3.79 -5.35 1.05
C PRO F 460 2.94 -4.17 1.55
N PHE F 461 1.84 -4.48 2.23
CA PHE F 461 0.96 -3.42 2.71
C PHE F 461 1.19 -3.07 4.18
N LEU F 462 2.18 -3.70 4.81
CA LEU F 462 2.48 -3.44 6.21
C LEU F 462 3.93 -2.99 6.33
N LYS F 463 4.82 -3.74 5.69
CA LYS F 463 6.24 -3.39 5.69
C LYS F 463 6.47 -2.30 4.64
N GLU F 464 7.72 -2.06 4.29
CA GLU F 464 8.02 -1.02 3.30
C GLU F 464 9.05 -1.44 2.26
N GLY F 465 9.16 -0.65 1.20
CA GLY F 465 10.11 -0.96 0.14
C GLY F 465 9.48 -1.80 -0.95
N ALA F 466 8.40 -2.48 -0.61
CA ALA F 466 7.69 -3.33 -1.57
C ALA F 466 7.55 -2.61 -2.90
N SER F 467 8.23 -3.15 -3.91
CA SER F 467 8.15 -2.57 -5.25
C SER F 467 6.77 -2.86 -5.80
N GLU F 468 6.37 -2.14 -6.83
CA GLU F 468 5.06 -2.33 -7.42
C GLU F 468 4.87 -3.80 -7.84
N GLU F 469 5.96 -4.44 -8.26
CA GLU F 469 5.90 -5.84 -8.69
C GLU F 469 5.50 -6.72 -7.52
N GLU F 470 6.19 -6.53 -6.40
CA GLU F 470 5.94 -7.29 -5.19
C GLU F 470 4.51 -7.08 -4.70
N ILE F 471 4.06 -5.83 -4.70
CA ILE F 471 2.71 -5.50 -4.26
C ILE F 471 1.65 -6.31 -5.02
N ARG F 472 1.73 -6.28 -6.34
CA ARG F 472 0.77 -6.98 -7.18
C ARG F 472 0.85 -8.48 -6.95
N LEU F 473 2.06 -9.01 -6.82
CA LEU F 473 2.21 -10.45 -6.58
C LEU F 473 1.35 -10.79 -5.37
N SER F 474 1.55 -10.05 -4.29
CA SER F 474 0.80 -10.26 -3.06
C SER F 474 -0.70 -10.10 -3.29
N LYS F 475 -1.09 -9.10 -4.07
CA LYS F 475 -2.51 -8.91 -4.34
C LYS F 475 -3.06 -10.13 -5.03
N MET F 476 -2.30 -10.66 -5.98
CA MET F 476 -2.72 -11.83 -6.72
C MET F 476 -2.83 -13.07 -5.83
N VAL F 477 -1.80 -13.32 -5.02
CA VAL F 477 -1.81 -14.48 -4.14
C VAL F 477 -2.98 -14.47 -3.19
N MET F 478 -3.21 -13.33 -2.53
CA MET F 478 -4.32 -13.24 -1.59
C MET F 478 -5.65 -13.48 -2.29
N LYS F 479 -5.74 -13.09 -3.56
CA LYS F 479 -6.96 -13.28 -4.35
C LYS F 479 -7.21 -14.79 -4.50
N PHE F 480 -6.17 -15.50 -4.92
CA PHE F 480 -6.25 -16.95 -5.10
C PHE F 480 -6.70 -17.61 -3.80
N TRP F 481 -5.91 -17.47 -2.75
CA TRP F 481 -6.24 -18.04 -1.46
C TRP F 481 -7.70 -17.73 -1.10
N ALA F 482 -8.05 -16.45 -1.09
CA ALA F 482 -9.42 -16.03 -0.77
C ALA F 482 -10.49 -16.64 -1.69
N ASN F 483 -10.22 -16.65 -3.00
CA ASN F 483 -11.19 -17.21 -3.92
C ASN F 483 -11.37 -18.66 -3.55
N PHE F 484 -10.25 -19.30 -3.25
CA PHE F 484 -10.25 -20.71 -2.88
C PHE F 484 -11.10 -20.90 -1.64
N ALA F 485 -10.88 -20.03 -0.65
CA ALA F 485 -11.62 -20.09 0.60
C ALA F 485 -13.13 -20.05 0.38
N ARG F 486 -13.59 -19.14 -0.48
CA ARG F 486 -15.02 -19.04 -0.72
C ARG F 486 -15.58 -19.99 -1.79
N ASN F 487 -14.73 -20.51 -2.67
CA ASN F 487 -15.24 -21.42 -3.70
C ASN F 487 -14.65 -22.83 -3.72
N GLY F 488 -13.47 -23.03 -3.14
CA GLY F 488 -12.87 -24.34 -3.19
C GLY F 488 -12.22 -24.46 -4.57
N ASN F 489 -12.05 -23.30 -5.20
CA ASN F 489 -11.44 -23.13 -6.51
C ASN F 489 -10.78 -21.74 -6.47
N PRO F 490 -9.46 -21.66 -6.69
CA PRO F 490 -8.75 -20.39 -6.64
C PRO F 490 -9.00 -19.41 -7.77
N ASN F 491 -9.60 -19.89 -8.85
CA ASN F 491 -9.85 -19.07 -10.03
C ASN F 491 -10.84 -17.93 -9.86
N GLY F 492 -10.67 -16.93 -10.73
CA GLY F 492 -11.51 -15.75 -10.72
C GLY F 492 -11.15 -14.82 -11.86
N GLU F 493 -11.88 -13.71 -11.98
CA GLU F 493 -11.63 -12.74 -13.03
C GLU F 493 -10.44 -11.83 -12.73
N GLY F 494 -9.51 -11.75 -13.67
CA GLY F 494 -8.34 -10.90 -13.49
C GLY F 494 -7.13 -11.65 -12.98
N LEU F 495 -7.29 -12.94 -12.71
CA LEU F 495 -6.22 -13.77 -12.21
C LEU F 495 -5.90 -14.82 -13.26
N PRO F 496 -4.61 -15.09 -13.50
CA PRO F 496 -4.25 -16.11 -14.50
C PRO F 496 -4.92 -17.43 -14.15
N HIS F 497 -5.23 -18.24 -15.16
CA HIS F 497 -5.89 -19.52 -14.92
C HIS F 497 -5.08 -20.51 -14.09
N TRP F 498 -5.75 -21.14 -13.14
CA TRP F 498 -5.13 -22.13 -12.29
C TRP F 498 -5.91 -23.42 -12.56
N PRO F 499 -5.27 -24.40 -13.22
CA PRO F 499 -5.90 -25.68 -13.54
C PRO F 499 -6.07 -26.59 -12.33
N GLU F 500 -7.09 -27.43 -12.38
CA GLU F 500 -7.32 -28.38 -11.29
C GLU F 500 -6.26 -29.47 -11.44
N TYR F 501 -5.70 -29.92 -10.32
CA TYR F 501 -4.68 -30.96 -10.37
C TYR F 501 -5.32 -32.31 -10.66
N ASN F 502 -5.62 -32.57 -11.93
CA ASN F 502 -6.24 -33.85 -12.29
C ASN F 502 -5.21 -34.77 -12.92
N GLN F 503 -5.67 -35.62 -13.84
CA GLN F 503 -4.79 -36.57 -14.49
C GLN F 503 -3.68 -35.90 -15.29
N LYS F 504 -3.91 -34.67 -15.73
CA LYS F 504 -2.89 -33.97 -16.49
C LYS F 504 -1.84 -33.38 -15.57
N GLU F 505 -2.15 -33.37 -14.28
CA GLU F 505 -1.25 -32.85 -13.26
C GLU F 505 -0.85 -31.39 -13.48
N GLY F 506 -1.84 -30.56 -13.81
CA GLY F 506 -1.56 -29.15 -14.02
C GLY F 506 -1.44 -28.40 -12.70
N TYR F 507 -0.51 -27.47 -12.65
CA TYR F 507 -0.30 -26.69 -11.45
C TYR F 507 0.06 -25.25 -11.81
N LEU F 508 0.05 -24.37 -10.83
CA LEU F 508 0.37 -22.98 -11.09
C LEU F 508 1.73 -22.60 -10.53
N GLN F 509 2.54 -21.95 -11.35
CA GLN F 509 3.86 -21.49 -10.90
C GLN F 509 3.66 -20.01 -10.57
N ILE F 510 3.75 -19.69 -9.29
CA ILE F 510 3.57 -18.33 -8.83
C ILE F 510 4.92 -17.62 -8.68
N GLY F 511 5.07 -16.50 -9.37
CA GLY F 511 6.31 -15.75 -9.30
C GLY F 511 6.27 -14.47 -10.12
N ALA F 512 7.43 -14.08 -10.65
CA ALA F 512 7.51 -12.88 -11.46
C ALA F 512 6.49 -13.03 -12.59
N ASN F 513 6.46 -14.22 -13.18
CA ASN F 513 5.52 -14.52 -14.25
C ASN F 513 4.75 -15.75 -13.79
N THR F 514 3.44 -15.60 -13.65
CA THR F 514 2.60 -16.69 -13.18
C THR F 514 1.79 -17.34 -14.30
N GLN F 515 2.07 -18.62 -14.55
CA GLN F 515 1.34 -19.38 -15.56
C GLN F 515 1.21 -20.84 -15.16
N ALA F 516 0.24 -21.53 -15.74
CA ALA F 516 0.05 -22.93 -15.43
C ALA F 516 1.24 -23.72 -15.97
N ALA F 517 1.31 -24.99 -15.59
CA ALA F 517 2.37 -25.88 -16.02
C ALA F 517 1.89 -27.28 -15.68
N GLN F 518 2.75 -28.27 -15.92
CA GLN F 518 2.35 -29.65 -15.65
C GLN F 518 3.43 -30.57 -15.08
N LYS F 519 2.96 -31.63 -14.44
CA LYS F 519 3.81 -32.66 -13.83
C LYS F 519 4.87 -32.16 -12.87
N LEU F 520 4.43 -31.43 -11.84
CA LEU F 520 5.35 -30.90 -10.83
C LEU F 520 6.11 -32.03 -10.15
N LYS F 521 7.44 -31.94 -10.16
CA LYS F 521 8.30 -32.94 -9.53
C LYS F 521 8.03 -34.36 -9.98
N ASP F 522 7.46 -34.51 -11.16
CA ASP F 522 7.12 -35.82 -11.69
C ASP F 522 8.28 -36.83 -11.72
N LYS F 523 9.35 -36.51 -12.44
CA LYS F 523 10.50 -37.40 -12.52
C LYS F 523 11.07 -37.73 -11.13
N GLU F 524 11.02 -36.77 -10.22
CA GLU F 524 11.52 -36.98 -8.87
C GLU F 524 10.69 -38.00 -8.11
N VAL F 525 9.38 -37.84 -8.12
CA VAL F 525 8.52 -38.77 -7.42
C VAL F 525 8.89 -40.19 -7.84
N ALA F 526 9.00 -40.42 -9.14
CA ALA F 526 9.36 -41.73 -9.66
C ALA F 526 10.68 -42.23 -9.10
N PHE F 527 11.74 -41.43 -9.24
CA PHE F 527 13.05 -41.82 -8.73
C PHE F 527 13.00 -42.23 -7.25
N TRP F 528 12.57 -41.33 -6.39
CA TRP F 528 12.50 -41.61 -4.97
C TRP F 528 11.54 -42.75 -4.65
N THR F 529 10.35 -42.72 -5.23
CA THR F 529 9.38 -43.78 -5.01
C THR F 529 10.08 -45.12 -5.16
N ASN F 530 10.84 -45.26 -6.25
CA ASN F 530 11.54 -46.48 -6.51
C ASN F 530 12.67 -46.72 -5.52
N LEU F 531 13.55 -45.73 -5.38
CA LEU F 531 14.68 -45.84 -4.47
C LEU F 531 14.26 -46.32 -3.09
N PHE F 532 13.21 -45.73 -2.54
CA PHE F 532 12.72 -46.10 -1.21
C PHE F 532 12.13 -47.50 -1.15
N ALA F 533 11.46 -47.92 -2.21
CA ALA F 533 10.85 -49.24 -2.25
C ALA F 533 11.92 -50.32 -2.00
N LYS F 534 13.11 -50.10 -2.56
CA LYS F 534 14.21 -51.05 -2.40
C LYS F 534 14.28 -51.59 -0.97
#